data_8ED8
#
_entry.id   8ED8
#
_cell.length_a   1.00
_cell.length_b   1.00
_cell.length_c   1.00
_cell.angle_alpha   90.00
_cell.angle_beta   90.00
_cell.angle_gamma   90.00
#
_symmetry.space_group_name_H-M   'P 1'
#
loop_
_entity.id
_entity.type
_entity.pdbx_description
1 polymer 'Transient receptor potential cation channel, subfamily M, member 3'
2 polymer 'Unidentified segment at the N-terminus of TRPM3'
3 non-polymer 1,2-DIACYL-GLYCEROL-3-SN-PHOSPHATE
4 non-polymer (3beta,14beta,17beta,25R)-3-[4-methoxy-3-(methoxymethyl)butoxy]spirost-5-en
5 non-polymer '[(2R)-2-octanoyloxy-3-[oxidanyl-[(1R,2R,3S,4R,5R,6S)-2,3,6-tris(oxidanyl)-4,5-diphosphonooxy-cyclohexyl]oxy-phosphoryl]oxy-propyl] octanoate'
6 non-polymer 'SODIUM ION'
#
loop_
_entity_poly.entity_id
_entity_poly.type
_entity_poly.pdbx_seq_one_letter_code
_entity_poly.pdbx_strand_id
1 'polypeptide(L)'
;MGKKWRDAGELERGCSDREDSAESRRRSRSASRGRFAESWKRLSSKQGSTKRSGLPAQQTPAQKSWIERAFYKRECVHII
PSTKDPHRCCCGRLIGQHVGLTPSISVLQNEKNESRLSRNDIQSEKWSISKHTQLSPTDAFGTIEFQGGGHSNKAMYVRV
SFDTKPDLLLHLMTKEWQLELPKLLISVHGGLQNFELQPKLKQVFGKGLIKAAMTTGAWIFTGGVNTGVIRHVGDALKDH
ASKSRGKICTIGIAPWGIVENQEDLIGRDVVRPYQTMSNPMSKLTVLNSMHSHFILADNGTTGKYGAEVKLRRQLEKHIS
LQKINTRIGQGVPVVALIVEGGPNVISIVLEYLRDTPPVPVVVCDGSGRASDILAFGHKYSEEGGLINESLRDQLLVTIQ
KTFTYTRTQAQHLFIILMECMKKKELITVFRMGSEGHQDIDLAILTALLKGANASAPDQLSLALAWNRVDIARSQIFIYG
QQWPVGSLEQAMLDALVLDRVDFVKLLIENGVSMHRFLTISRLEELYNTRHGPSNTLYHLVRDVKKGNLPPDYRISLIDI
GLVIEYLMGGAYRCNYTRKRFRTLYHNLFGPKRPKALKLLGMEDDIPLRRGRKTTKKREEEVDIDLDDPEINHFPFPFHE
LMVWAVLMKRQKMALFFWQHGEEAMAKALVACKLCKAMAHEASENDMVDDISQELNHNSRDFGQLAVELLDQSYKQDEQL
AMKLLTYELKNWSNATCLQLAVAAKHRDFIAHTCSQMLLTDMWMGRLRMRKNSGLKVILGILLPPSILSLEFKNKDDMPY
MTQAQEIHLQEKEPEEPEKPTKEKDEEDMELTAMLGRSNGESSRKKDEEEVQSRHRLIPVGRKIYEFYNAPIVKFWFYTL
AYIGYLMLFNYIVLVKMERWPSTQEWIVISYIFTLGIEKMREILMSEPGKLLQKVKVWLQEYWNVTDLIAILLFSVGMIL
RLQDQPFRSDGRVIYCVNIIYWYIRLLDIFGVNKYLGPYVMMIGKMMIDMMYFVIIMLVVLMSFGVARQAILFPNEEPSW
KLAKNIFYMPYWMIYGEVFADQIDPPCGQNETREDGKTIQLPPCKTGAWIVPAIMACYLLVANILLVNLLIAVFNNTFFE
VKSISNQVWKFQRYQLIMTFHERPVLPPPLIIFSHMTMIFQHVCCRWRKHESDQDERDYGLKLFITDDELKKVHDFEEQC
IEEYFREKDDRFNSSNDERIRVTSERVENMSMRLEEVNEREHSMKASLQTVDIRLAQLEDLIGRMATALERLTGLERAES
NKIRSRTSSDCTDAAYIVRQSSFNSQEGNTFKLQESIDPAGEETISPTSPTLMPRMRSHSFYSV
;
A,B,C,D
2 'polypeptide(L)'
;(UNK)(UNK)(UNK)(UNK)(UNK)(UNK)(UNK)(UNK)(UNK)(UNK)(UNK)(UNK)(UNK)(UNK)(UNK)(UNK)
(UNK)
;
E,F,G,H
#
# COMPACT_ATOMS: atom_id res chain seq x y z
N ILE A 129 -34.19 -35.52 63.16
CA ILE A 129 -34.18 -36.96 63.39
C ILE A 129 -32.75 -37.48 63.39
N SER A 130 -32.59 -38.78 63.66
CA SER A 130 -31.27 -39.40 63.72
C SER A 130 -30.86 -39.99 62.38
N LYS A 131 -30.91 -39.14 61.35
CA LYS A 131 -30.51 -39.51 59.98
C LYS A 131 -31.29 -40.74 59.50
N HIS A 132 -32.61 -40.65 59.54
CA HIS A 132 -33.51 -41.71 59.09
C HIS A 132 -34.01 -41.32 57.71
N THR A 133 -33.25 -41.71 56.68
CA THR A 133 -33.51 -41.30 55.30
C THR A 133 -33.75 -42.53 54.43
N GLN A 134 -34.69 -42.42 53.51
CA GLN A 134 -34.97 -43.50 52.57
C GLN A 134 -33.87 -43.55 51.52
N LEU A 135 -33.32 -44.74 51.28
CA LEU A 135 -32.20 -44.91 50.37
C LEU A 135 -32.69 -45.29 48.97
N SER A 136 -33.48 -44.39 48.39
CA SER A 136 -33.98 -44.60 47.04
C SER A 136 -32.89 -44.38 46.01
N PRO A 137 -32.99 -44.98 44.83
CA PRO A 137 -32.00 -44.71 43.77
C PRO A 137 -32.13 -43.30 43.24
N THR A 138 -31.09 -42.88 42.51
CA THR A 138 -31.04 -41.53 41.97
C THR A 138 -32.14 -41.31 40.93
N ASP A 139 -32.67 -40.09 40.92
CA ASP A 139 -33.73 -39.72 40.00
C ASP A 139 -33.50 -38.34 39.40
N ALA A 140 -32.23 -37.94 39.25
CA ALA A 140 -31.91 -36.63 38.69
C ALA A 140 -30.51 -36.70 38.11
N PHE A 141 -30.41 -36.82 36.78
CA PHE A 141 -29.14 -36.76 36.10
C PHE A 141 -29.38 -36.48 34.62
N GLY A 142 -28.50 -35.67 34.03
CA GLY A 142 -28.63 -35.31 32.64
C GLY A 142 -27.77 -34.12 32.26
N THR A 143 -28.34 -33.21 31.47
CA THR A 143 -27.66 -32.00 31.05
C THR A 143 -28.61 -30.83 31.24
N ILE A 144 -28.09 -29.68 31.66
CA ILE A 144 -28.89 -28.49 31.84
C ILE A 144 -28.27 -27.35 31.06
N GLU A 145 -29.11 -26.62 30.33
CA GLU A 145 -28.69 -25.41 29.62
C GLU A 145 -29.20 -24.21 30.42
N PHE A 146 -28.29 -23.32 30.78
CA PHE A 146 -28.62 -22.20 31.66
C PHE A 146 -29.27 -21.10 30.82
N GLN A 147 -30.58 -20.99 30.90
CA GLN A 147 -31.30 -19.89 30.28
C GLN A 147 -31.26 -18.66 31.16
N GLY A 148 -31.26 -17.49 30.53
CA GLY A 148 -31.23 -16.24 31.24
C GLY A 148 -29.86 -15.63 31.44
N GLY A 149 -28.81 -16.25 30.90
CA GLY A 149 -27.48 -15.70 31.00
C GLY A 149 -26.98 -15.14 29.67
N GLY A 150 -25.81 -14.51 29.74
CA GLY A 150 -25.20 -13.97 28.53
C GLY A 150 -24.77 -15.04 27.56
N HIS A 151 -24.32 -16.19 28.08
CA HIS A 151 -23.85 -17.30 27.25
C HIS A 151 -24.68 -18.53 27.51
N SER A 152 -24.81 -19.38 26.49
CA SER A 152 -25.46 -20.67 26.62
C SER A 152 -24.42 -21.72 26.94
N ASN A 153 -24.48 -22.29 28.14
CA ASN A 153 -23.49 -23.26 28.60
C ASN A 153 -24.21 -24.53 29.05
N LYS A 154 -23.74 -25.67 28.58
CA LYS A 154 -24.30 -26.97 28.96
C LYS A 154 -23.47 -27.56 30.08
N ALA A 155 -24.14 -28.04 31.13
CA ALA A 155 -23.47 -28.57 32.31
C ALA A 155 -24.06 -29.92 32.65
N MET A 156 -23.25 -30.98 32.49
CA MET A 156 -23.67 -32.31 32.90
C MET A 156 -23.76 -32.36 34.42
N TYR A 157 -24.80 -33.03 34.92
CA TYR A 157 -25.04 -33.10 36.36
C TYR A 157 -25.57 -34.47 36.73
N VAL A 158 -25.29 -34.87 37.97
CA VAL A 158 -25.86 -36.07 38.58
C VAL A 158 -26.19 -35.75 40.03
N ARG A 159 -27.04 -36.57 40.62
CA ARG A 159 -27.24 -36.56 42.07
C ARG A 159 -26.79 -37.90 42.62
N VAL A 160 -26.02 -37.86 43.72
CA VAL A 160 -25.47 -39.04 44.34
C VAL A 160 -25.55 -38.86 45.85
N SER A 161 -25.55 -39.98 46.56
CA SER A 161 -25.58 -39.94 48.01
C SER A 161 -24.28 -39.34 48.54
N PHE A 162 -24.36 -38.79 49.76
CA PHE A 162 -23.19 -38.24 50.43
C PHE A 162 -22.27 -39.31 50.99
N ASP A 163 -22.53 -40.58 50.67
CA ASP A 163 -21.68 -41.69 51.08
C ASP A 163 -21.13 -42.45 49.88
N THR A 164 -21.09 -41.82 48.71
CA THR A 164 -20.69 -42.50 47.49
C THR A 164 -19.19 -42.83 47.53
N LYS A 165 -18.85 -44.03 47.05
CA LYS A 165 -17.46 -44.44 46.99
C LYS A 165 -16.74 -43.64 45.92
N PRO A 166 -15.58 -43.04 46.23
CA PRO A 166 -14.91 -42.18 45.24
C PRO A 166 -14.46 -42.91 43.99
N ASP A 167 -14.28 -44.23 44.04
CA ASP A 167 -13.93 -44.98 42.85
C ASP A 167 -15.02 -44.88 41.79
N LEU A 168 -16.28 -44.99 42.22
CA LEU A 168 -17.40 -44.87 41.29
C LEU A 168 -17.50 -43.45 40.73
N LEU A 169 -17.26 -42.44 41.56
CA LEU A 169 -17.27 -41.06 41.09
C LEU A 169 -16.18 -40.84 40.05
N LEU A 170 -14.98 -41.36 40.30
CA LEU A 170 -13.90 -41.21 39.32
C LEU A 170 -14.21 -41.95 38.03
N HIS A 171 -14.81 -43.15 38.14
CA HIS A 171 -15.19 -43.89 36.94
C HIS A 171 -16.24 -43.14 36.12
N LEU A 172 -17.23 -42.56 36.79
CA LEU A 172 -18.25 -41.76 36.11
C LEU A 172 -17.62 -40.54 35.45
N MET A 173 -16.76 -39.84 36.18
CA MET A 173 -16.16 -38.61 35.67
C MET A 173 -15.14 -38.87 34.57
N THR A 174 -14.60 -40.08 34.49
CA THR A 174 -13.60 -40.41 33.49
C THR A 174 -14.22 -41.02 32.23
N LYS A 175 -15.17 -41.94 32.38
CA LYS A 175 -15.70 -42.66 31.23
C LYS A 175 -17.05 -42.13 30.76
N GLU A 176 -18.00 -41.93 31.68
CA GLU A 176 -19.31 -41.45 31.28
C GLU A 176 -19.28 -40.00 30.79
N TRP A 177 -18.50 -39.14 31.45
CA TRP A 177 -18.42 -37.74 31.09
C TRP A 177 -17.30 -37.43 30.11
N GLN A 178 -16.56 -38.46 29.66
CA GLN A 178 -15.54 -38.32 28.62
C GLN A 178 -14.44 -37.34 29.02
N LEU A 179 -14.03 -37.37 30.27
CA LEU A 179 -12.96 -36.51 30.78
C LEU A 179 -11.73 -37.34 31.09
N GLU A 180 -10.59 -36.93 30.58
CA GLU A 180 -9.33 -37.57 30.91
C GLU A 180 -8.86 -37.12 32.30
N LEU A 181 -7.97 -37.91 32.89
CA LEU A 181 -7.45 -37.59 34.20
C LEU A 181 -6.63 -36.30 34.14
N PRO A 182 -6.64 -35.50 35.21
CA PRO A 182 -5.97 -34.21 35.18
C PRO A 182 -4.49 -34.32 35.51
N LYS A 183 -3.74 -33.34 35.00
CA LYS A 183 -2.35 -33.16 35.40
C LYS A 183 -2.21 -32.25 36.61
N LEU A 184 -3.32 -31.71 37.11
CA LEU A 184 -3.32 -30.76 38.21
C LEU A 184 -4.73 -30.69 38.78
N LEU A 185 -4.82 -30.47 40.09
CA LEU A 185 -6.10 -30.29 40.75
C LEU A 185 -6.03 -29.06 41.63
N ILE A 186 -7.07 -28.22 41.55
CA ILE A 186 -7.11 -26.97 42.31
C ILE A 186 -8.38 -26.97 43.16
N SER A 187 -8.23 -26.65 44.44
CA SER A 187 -9.35 -26.47 45.35
C SER A 187 -9.47 -24.99 45.69
N VAL A 188 -10.69 -24.47 45.62
CA VAL A 188 -10.93 -23.02 45.69
C VAL A 188 -11.75 -22.70 46.93
N HIS A 189 -11.48 -23.39 48.03
CA HIS A 189 -12.13 -23.13 49.31
C HIS A 189 -12.14 -21.63 49.64
N GLY A 190 -13.24 -21.19 50.24
CA GLY A 190 -13.38 -19.78 50.54
C GLY A 190 -14.62 -19.52 51.37
N GLY A 191 -14.98 -18.24 51.46
CA GLY A 191 -16.14 -17.85 52.23
C GLY A 191 -17.44 -18.14 51.50
N LEU A 192 -18.49 -18.37 52.29
CA LEU A 192 -19.81 -18.68 51.74
C LEU A 192 -20.70 -17.47 51.58
N GLN A 193 -20.29 -16.31 52.09
CA GLN A 193 -21.08 -15.10 51.99
C GLN A 193 -20.64 -14.27 50.79
N ASN A 194 -21.59 -13.57 50.19
CA ASN A 194 -21.33 -12.82 48.95
C ASN A 194 -20.54 -11.56 49.27
N PHE A 195 -19.23 -11.76 49.46
CA PHE A 195 -18.34 -10.63 49.67
C PHE A 195 -18.02 -9.95 48.34
N GLU A 196 -17.58 -8.70 48.42
CA GLU A 196 -17.20 -7.92 47.26
C GLU A 196 -15.69 -7.71 47.27
N LEU A 197 -15.02 -8.14 46.19
CA LEU A 197 -13.59 -7.93 46.07
C LEU A 197 -13.30 -6.55 45.48
N GLN A 198 -12.21 -5.94 45.94
CA GLN A 198 -11.82 -4.65 45.43
C GLN A 198 -11.35 -4.78 43.98
N PRO A 199 -11.50 -3.72 43.19
CA PRO A 199 -10.98 -3.74 41.82
C PRO A 199 -9.46 -3.83 41.81
N LYS A 200 -8.94 -4.27 40.66
CA LYS A 200 -7.52 -4.46 40.36
C LYS A 200 -6.91 -5.63 41.12
N LEU A 201 -7.64 -6.28 42.01
CA LEU A 201 -7.25 -7.54 42.61
C LEU A 201 -8.05 -8.72 42.08
N LYS A 202 -9.36 -8.54 41.89
CA LYS A 202 -10.18 -9.63 41.35
C LYS A 202 -9.80 -9.94 39.91
N GLN A 203 -9.41 -8.94 39.13
CA GLN A 203 -9.05 -9.19 37.74
C GLN A 203 -7.76 -9.99 37.62
N VAL A 204 -6.73 -9.60 38.40
CA VAL A 204 -5.46 -10.33 38.32
C VAL A 204 -5.61 -11.74 38.90
N PHE A 205 -6.39 -11.88 39.97
CA PHE A 205 -6.66 -13.20 40.52
C PHE A 205 -7.39 -14.08 39.51
N GLY A 206 -8.41 -13.53 38.85
CA GLY A 206 -9.13 -14.30 37.86
C GLY A 206 -8.26 -14.69 36.67
N LYS A 207 -7.46 -13.76 36.16
CA LYS A 207 -6.59 -14.07 35.04
C LYS A 207 -5.53 -15.10 35.41
N GLY A 208 -4.98 -15.00 36.63
CA GLY A 208 -4.01 -15.98 37.07
C GLY A 208 -4.59 -17.37 37.21
N LEU A 209 -5.78 -17.46 37.84
CA LEU A 209 -6.43 -18.76 37.98
C LEU A 209 -6.78 -19.36 36.62
N ILE A 210 -7.28 -18.53 35.71
CA ILE A 210 -7.66 -19.02 34.38
C ILE A 210 -6.43 -19.49 33.62
N LYS A 211 -5.34 -18.72 33.68
CA LYS A 211 -4.11 -19.14 32.99
C LYS A 211 -3.56 -20.43 33.56
N ALA A 212 -3.58 -20.57 34.89
CA ALA A 212 -3.09 -21.79 35.52
C ALA A 212 -3.94 -23.00 35.12
N ALA A 213 -5.25 -22.82 35.05
CA ALA A 213 -6.12 -23.94 34.70
C ALA A 213 -6.21 -24.20 33.22
N MET A 214 -5.78 -23.26 32.38
CA MET A 214 -5.86 -23.42 30.94
C MET A 214 -4.55 -23.96 30.35
N THR A 215 -3.42 -23.35 30.71
CA THR A 215 -2.14 -23.83 30.20
C THR A 215 -1.82 -25.23 30.69
N THR A 216 -2.43 -25.66 31.79
CA THR A 216 -2.26 -26.99 32.34
C THR A 216 -3.58 -27.73 32.27
N GLY A 217 -3.54 -28.99 31.85
CA GLY A 217 -4.75 -29.78 31.93
C GLY A 217 -5.11 -30.02 33.38
N ALA A 218 -6.12 -29.33 33.87
CA ALA A 218 -6.41 -29.30 35.29
C ALA A 218 -7.90 -29.36 35.54
N TRP A 219 -8.27 -29.87 36.72
CA TRP A 219 -9.64 -29.85 37.20
C TRP A 219 -9.76 -28.86 38.34
N ILE A 220 -10.83 -28.08 38.33
CA ILE A 220 -11.11 -27.10 39.36
C ILE A 220 -12.28 -27.59 40.18
N PHE A 221 -12.13 -27.60 41.50
CA PHE A 221 -13.20 -27.97 42.41
C PHE A 221 -13.74 -26.72 43.09
N THR A 222 -15.05 -26.52 43.04
CA THR A 222 -15.68 -25.36 43.64
C THR A 222 -16.94 -25.79 44.37
N GLY A 223 -17.50 -24.85 45.14
CA GLY A 223 -18.74 -25.13 45.83
C GLY A 223 -19.92 -25.31 44.89
N GLY A 224 -19.98 -24.51 43.83
CA GLY A 224 -21.00 -24.69 42.81
C GLY A 224 -22.15 -23.71 42.89
N VAL A 225 -22.64 -23.44 44.09
CA VAL A 225 -23.72 -22.46 44.25
C VAL A 225 -23.18 -21.06 44.05
N ASN A 226 -24.03 -20.18 43.53
CA ASN A 226 -23.59 -18.84 43.12
C ASN A 226 -23.47 -17.89 44.31
N THR A 227 -22.66 -18.27 45.30
CA THR A 227 -22.43 -17.45 46.48
C THR A 227 -20.96 -17.48 46.85
N GLY A 228 -20.42 -16.32 47.23
CA GLY A 228 -19.07 -16.25 47.75
C GLY A 228 -17.99 -16.30 46.70
N VAL A 229 -16.93 -17.08 46.98
CA VAL A 229 -15.81 -17.20 46.05
C VAL A 229 -16.25 -17.87 44.75
N ILE A 230 -17.30 -18.69 44.81
CA ILE A 230 -17.78 -19.39 43.61
C ILE A 230 -18.30 -18.39 42.59
N ARG A 231 -18.93 -17.31 43.05
CA ARG A 231 -19.38 -16.26 42.13
C ARG A 231 -18.18 -15.60 41.44
N HIS A 232 -17.10 -15.38 42.19
CA HIS A 232 -15.90 -14.80 41.60
C HIS A 232 -15.27 -15.73 40.57
N VAL A 233 -15.22 -17.04 40.87
CA VAL A 233 -14.74 -18.00 39.89
C VAL A 233 -15.64 -18.01 38.67
N GLY A 234 -16.95 -17.87 38.88
CA GLY A 234 -17.88 -17.85 37.77
C GLY A 234 -17.68 -16.67 36.85
N ASP A 235 -17.50 -15.47 37.42
CA ASP A 235 -17.28 -14.31 36.56
C ASP A 235 -15.89 -14.32 35.95
N ALA A 236 -14.91 -14.95 36.62
CA ALA A 236 -13.61 -15.13 36.00
C ALA A 236 -13.69 -16.03 34.78
N LEU A 237 -14.48 -17.11 34.89
CA LEU A 237 -14.71 -17.97 33.72
C LEU A 237 -15.51 -17.24 32.65
N LYS A 238 -16.43 -16.36 33.06
CA LYS A 238 -17.21 -15.59 32.10
C LYS A 238 -16.33 -14.64 31.29
N ASP A 239 -15.37 -13.99 31.96
CA ASP A 239 -14.48 -13.07 31.26
C ASP A 239 -13.49 -13.79 30.36
N HIS A 240 -13.13 -15.03 30.68
CA HIS A 240 -12.19 -15.78 29.85
C HIS A 240 -12.85 -16.31 28.59
N ALA A 241 -14.10 -16.74 28.68
CA ALA A 241 -14.78 -17.34 27.54
C ALA A 241 -15.02 -16.34 26.41
N SER A 242 -15.10 -15.06 26.72
CA SER A 242 -15.36 -14.04 25.71
C SER A 242 -14.09 -13.54 25.03
N LYS A 243 -12.92 -14.05 25.41
CA LYS A 243 -11.67 -13.59 24.82
C LYS A 243 -10.76 -14.70 24.31
N SER A 244 -10.90 -15.93 24.79
CA SER A 244 -9.99 -17.00 24.38
C SER A 244 -10.79 -18.27 24.11
N ARG A 245 -10.19 -19.15 23.31
CA ARG A 245 -10.79 -20.43 22.97
C ARG A 245 -10.55 -21.42 24.10
N GLY A 246 -10.88 -22.69 23.85
CA GLY A 246 -10.67 -23.73 24.84
C GLY A 246 -11.75 -23.74 25.90
N LYS A 247 -11.70 -24.78 26.73
CA LYS A 247 -12.65 -24.96 27.81
C LYS A 247 -11.91 -25.32 29.09
N ILE A 248 -12.48 -24.90 30.22
CA ILE A 248 -11.93 -25.16 31.54
C ILE A 248 -12.85 -26.14 32.24
N CYS A 249 -12.29 -27.25 32.74
CA CYS A 249 -13.08 -28.29 33.38
C CYS A 249 -13.34 -27.88 34.83
N THR A 250 -14.31 -26.98 35.00
CA THR A 250 -14.74 -26.55 36.32
C THR A 250 -15.81 -27.51 36.83
N ILE A 251 -15.60 -28.05 38.02
CA ILE A 251 -16.47 -29.07 38.59
C ILE A 251 -17.07 -28.51 39.87
N GLY A 252 -18.39 -28.52 39.97
CA GLY A 252 -19.10 -27.98 41.11
C GLY A 252 -19.68 -29.10 41.97
N ILE A 253 -19.37 -29.04 43.26
CA ILE A 253 -19.83 -30.03 44.22
C ILE A 253 -20.69 -29.28 45.23
N ALA A 254 -22.00 -29.24 45.00
CA ALA A 254 -22.93 -28.52 45.85
C ALA A 254 -23.92 -29.49 46.48
N PRO A 255 -24.36 -29.22 47.70
CA PRO A 255 -25.43 -30.02 48.29
C PRO A 255 -26.72 -29.86 47.52
N TRP A 256 -27.48 -30.96 47.42
CA TRP A 256 -28.72 -30.95 46.66
C TRP A 256 -29.81 -30.12 47.33
N GLY A 257 -29.70 -29.88 48.63
CA GLY A 257 -30.76 -29.17 49.33
C GLY A 257 -30.74 -27.66 49.17
N ILE A 258 -29.68 -27.08 48.63
CA ILE A 258 -29.55 -25.63 48.53
C ILE A 258 -29.77 -25.12 47.12
N VAL A 259 -30.05 -26.00 46.16
CA VAL A 259 -30.42 -25.53 44.84
C VAL A 259 -31.78 -24.85 44.90
N GLU A 260 -31.96 -23.82 44.06
CA GLU A 260 -33.22 -23.08 44.09
C GLU A 260 -34.37 -23.88 43.51
N ASN A 261 -34.08 -24.92 42.73
CA ASN A 261 -35.10 -25.77 42.13
C ASN A 261 -34.66 -27.22 42.30
N GLN A 262 -35.13 -27.87 43.35
CA GLN A 262 -34.96 -29.32 43.44
C GLN A 262 -35.73 -30.02 42.33
N GLU A 263 -36.90 -29.49 41.97
CA GLU A 263 -37.56 -29.87 40.73
C GLU A 263 -36.84 -29.21 39.55
N ASP A 264 -37.38 -29.41 38.35
CA ASP A 264 -36.77 -28.92 37.11
C ASP A 264 -35.36 -29.47 36.91
N LEU A 265 -35.04 -30.58 37.58
CA LEU A 265 -33.78 -31.30 37.39
C LEU A 265 -33.98 -32.80 37.40
N ILE A 266 -35.23 -33.28 37.48
CA ILE A 266 -35.51 -34.69 37.68
C ILE A 266 -35.33 -35.53 36.41
N GLY A 267 -35.46 -34.92 35.23
CA GLY A 267 -35.41 -35.65 33.99
C GLY A 267 -34.13 -36.42 33.74
N ARG A 268 -34.26 -37.73 33.54
CA ARG A 268 -33.11 -38.62 33.40
C ARG A 268 -32.59 -38.56 31.96
N ASP A 269 -31.31 -38.18 31.82
CA ASP A 269 -30.60 -38.18 30.53
C ASP A 269 -31.32 -37.36 29.47
N VAL A 270 -31.85 -36.21 29.86
CA VAL A 270 -32.54 -35.32 28.95
C VAL A 270 -32.12 -33.89 29.25
N VAL A 271 -31.94 -33.09 28.20
CA VAL A 271 -31.56 -31.70 28.36
C VAL A 271 -32.72 -30.96 29.01
N ARG A 272 -32.47 -30.35 30.16
CA ARG A 272 -33.50 -29.71 30.96
C ARG A 272 -33.15 -28.23 31.14
N PRO A 273 -33.97 -27.30 30.65
CA PRO A 273 -33.66 -25.88 30.80
C PRO A 273 -33.61 -25.44 32.25
N TYR A 274 -32.71 -24.51 32.53
CA TYR A 274 -32.52 -23.99 33.89
C TYR A 274 -32.38 -22.48 33.84
N GLN A 275 -32.87 -21.82 34.88
CA GLN A 275 -32.98 -20.37 34.93
C GLN A 275 -31.95 -19.80 35.88
N THR A 276 -31.20 -18.80 35.41
CA THR A 276 -30.15 -18.18 36.20
C THR A 276 -30.64 -16.97 37.00
N MET A 277 -31.88 -16.54 36.82
CA MET A 277 -32.38 -15.39 37.55
C MET A 277 -32.53 -15.74 39.04
N SER A 278 -32.08 -14.83 39.90
CA SER A 278 -32.03 -15.07 41.33
C SER A 278 -33.09 -14.23 42.04
N ASN A 279 -33.88 -14.89 42.90
CA ASN A 279 -34.85 -14.20 43.72
C ASN A 279 -34.33 -14.12 45.15
N PRO A 280 -33.98 -12.93 45.64
CA PRO A 280 -33.40 -12.85 47.00
C PRO A 280 -34.37 -13.24 48.11
N MET A 281 -35.66 -13.24 47.85
CA MET A 281 -36.65 -13.56 48.87
C MET A 281 -36.89 -15.06 49.03
N SER A 282 -36.25 -15.89 48.22
CA SER A 282 -36.50 -17.33 48.25
C SER A 282 -35.72 -18.05 49.34
N LYS A 283 -34.76 -17.38 49.98
CA LYS A 283 -33.93 -17.96 51.05
C LYS A 283 -33.14 -19.18 50.58
N LEU A 284 -32.87 -19.26 49.27
CA LEU A 284 -32.02 -20.30 48.71
C LEU A 284 -31.05 -19.67 47.72
N THR A 285 -30.28 -20.47 47.00
CA THR A 285 -29.34 -19.96 46.03
C THR A 285 -29.39 -20.80 44.76
N VAL A 286 -29.02 -20.19 43.66
CA VAL A 286 -29.09 -20.81 42.34
C VAL A 286 -27.71 -21.34 41.96
N LEU A 287 -27.68 -22.37 41.13
CA LEU A 287 -26.42 -22.92 40.67
C LEU A 287 -25.68 -21.91 39.81
N ASN A 288 -24.37 -21.83 40.02
CA ASN A 288 -23.55 -20.91 39.23
C ASN A 288 -23.35 -21.46 37.83
N SER A 289 -23.61 -20.63 36.83
CA SER A 289 -23.36 -21.03 35.45
C SER A 289 -21.85 -21.01 35.19
N MET A 290 -21.48 -21.25 33.93
CA MET A 290 -20.09 -21.36 33.50
C MET A 290 -19.35 -22.51 34.16
N HIS A 291 -20.08 -23.45 34.75
CA HIS A 291 -19.50 -24.66 35.33
C HIS A 291 -19.71 -25.81 34.38
N SER A 292 -18.65 -26.59 34.13
CA SER A 292 -18.73 -27.66 33.14
C SER A 292 -19.53 -28.84 33.66
N HIS A 293 -19.33 -29.23 34.92
CA HIS A 293 -20.00 -30.39 35.48
C HIS A 293 -20.42 -30.11 36.91
N PHE A 294 -21.47 -30.81 37.34
CA PHE A 294 -21.99 -30.70 38.70
C PHE A 294 -22.11 -32.08 39.31
N ILE A 295 -21.84 -32.17 40.60
CA ILE A 295 -22.09 -33.37 41.39
C ILE A 295 -22.91 -32.92 42.59
N LEU A 296 -24.22 -33.19 42.55
CA LEU A 296 -25.15 -32.70 43.56
C LEU A 296 -25.33 -33.77 44.62
N ALA A 297 -24.53 -33.70 45.67
CA ALA A 297 -24.60 -34.65 46.76
C ALA A 297 -25.83 -34.37 47.62
N ASP A 298 -26.50 -35.43 48.05
CA ASP A 298 -27.70 -35.32 48.87
C ASP A 298 -27.58 -36.23 50.09
N ASN A 299 -28.23 -35.82 51.17
CA ASN A 299 -28.32 -36.61 52.39
C ASN A 299 -29.72 -36.76 52.93
N GLY A 300 -30.67 -35.91 52.54
CA GLY A 300 -32.03 -35.99 53.03
C GLY A 300 -32.61 -34.66 53.44
N THR A 301 -31.75 -33.73 53.83
CA THR A 301 -32.22 -32.42 54.26
C THR A 301 -32.65 -31.57 53.06
N THR A 302 -33.27 -30.44 53.35
CA THR A 302 -33.92 -29.60 52.36
C THR A 302 -33.56 -28.14 52.58
N GLY A 303 -32.26 -27.83 52.63
CA GLY A 303 -31.85 -26.45 52.80
C GLY A 303 -30.87 -26.15 53.92
N LYS A 304 -30.05 -27.13 54.28
CA LYS A 304 -28.89 -26.88 55.13
C LYS A 304 -27.66 -27.49 54.49
N TYR A 305 -26.50 -26.91 54.79
CA TYR A 305 -25.24 -27.31 54.18
C TYR A 305 -24.69 -28.57 54.86
N GLY A 306 -23.45 -28.92 54.55
CA GLY A 306 -22.77 -30.01 55.21
C GLY A 306 -22.90 -31.36 54.56
N ALA A 307 -23.46 -31.45 53.35
CA ALA A 307 -23.64 -32.72 52.68
C ALA A 307 -22.62 -32.97 51.57
N GLU A 308 -21.58 -32.15 51.48
CA GLU A 308 -20.61 -32.32 50.40
C GLU A 308 -19.15 -32.22 50.82
N VAL A 309 -18.83 -31.74 52.03
CA VAL A 309 -17.44 -31.59 52.43
C VAL A 309 -16.74 -32.95 52.51
N LYS A 310 -17.40 -33.94 53.10
CA LYS A 310 -16.83 -35.28 53.20
C LYS A 310 -16.63 -35.87 51.81
N LEU A 311 -17.64 -35.76 50.95
CA LEU A 311 -17.53 -36.31 49.60
C LEU A 311 -16.45 -35.61 48.79
N ARG A 312 -16.38 -34.28 48.88
CA ARG A 312 -15.38 -33.52 48.14
C ARG A 312 -13.97 -33.89 48.60
N ARG A 313 -13.75 -33.96 49.92
CA ARG A 313 -12.43 -34.30 50.41
C ARG A 313 -12.05 -35.73 50.06
N GLN A 314 -13.01 -36.66 50.13
CA GLN A 314 -12.73 -38.04 49.75
C GLN A 314 -12.38 -38.16 48.28
N LEU A 315 -13.09 -37.43 47.42
CA LEU A 315 -12.78 -37.45 46.00
C LEU A 315 -11.40 -36.86 45.73
N GLU A 316 -11.05 -35.77 46.42
CA GLU A 316 -9.73 -35.18 46.25
C GLU A 316 -8.63 -36.14 46.71
N LYS A 317 -8.83 -36.80 47.84
CA LYS A 317 -7.85 -37.76 48.33
C LYS A 317 -7.69 -38.93 47.37
N HIS A 318 -8.82 -39.44 46.84
CA HIS A 318 -8.75 -40.58 45.95
C HIS A 318 -8.10 -40.23 44.62
N ILE A 319 -8.37 -39.02 44.09
CA ILE A 319 -7.74 -38.63 42.84
C ILE A 319 -6.29 -38.21 43.03
N SER A 320 -5.91 -37.82 44.25
CA SER A 320 -4.49 -37.56 44.52
C SER A 320 -3.68 -38.84 44.48
N LEU A 321 -4.25 -39.95 44.96
CA LEU A 321 -3.58 -41.24 44.89
C LEU A 321 -3.57 -41.82 43.48
N GLN A 322 -4.35 -41.27 42.57
CA GLN A 322 -4.33 -41.74 41.19
C GLN A 322 -2.99 -41.42 40.54
N LYS A 323 -2.54 -42.31 39.67
CA LYS A 323 -1.22 -42.20 39.06
C LYS A 323 -1.29 -41.41 37.77
N ILE A 324 -0.40 -40.44 37.62
CA ILE A 324 -0.27 -39.66 36.39
C ILE A 324 0.45 -40.53 35.37
N ASN A 325 0.46 -40.09 34.10
CA ASN A 325 1.02 -40.90 33.03
C ASN A 325 2.52 -41.13 33.17
N THR A 326 3.22 -40.28 33.92
CA THR A 326 4.66 -40.46 34.09
C THR A 326 4.94 -41.70 34.94
N ARG A 327 5.95 -42.45 34.55
CA ARG A 327 6.29 -43.71 35.20
C ARG A 327 7.27 -43.54 36.36
N ILE A 328 7.53 -42.29 36.77
CA ILE A 328 8.36 -42.08 37.96
C ILE A 328 7.67 -42.63 39.20
N GLY A 329 6.36 -42.39 39.31
CA GLY A 329 5.58 -42.80 40.47
C GLY A 329 4.84 -41.68 41.14
N GLN A 330 4.98 -40.44 40.67
CA GLN A 330 4.30 -39.30 41.26
C GLN A 330 2.81 -39.31 40.91
N GLY A 331 1.99 -38.88 41.85
CA GLY A 331 0.57 -38.76 41.62
C GLY A 331 0.18 -37.39 41.12
N VAL A 332 -1.12 -37.16 41.07
CA VAL A 332 -1.64 -35.86 40.62
C VAL A 332 -1.39 -34.82 41.71
N PRO A 333 -0.73 -33.71 41.42
CA PRO A 333 -0.54 -32.67 42.43
C PRO A 333 -1.85 -31.96 42.77
N VAL A 334 -1.98 -31.55 44.02
CA VAL A 334 -3.15 -30.87 44.53
C VAL A 334 -2.71 -29.59 45.21
N VAL A 335 -3.35 -28.47 44.86
CA VAL A 335 -3.07 -27.17 45.47
C VAL A 335 -4.39 -26.56 45.92
N ALA A 336 -4.39 -25.97 47.11
CA ALA A 336 -5.56 -25.33 47.67
C ALA A 336 -5.41 -23.83 47.59
N LEU A 337 -6.44 -23.16 47.07
CA LEU A 337 -6.46 -21.71 46.92
C LEU A 337 -7.54 -21.14 47.82
N ILE A 338 -7.18 -20.15 48.63
CA ILE A 338 -8.07 -19.60 49.65
C ILE A 338 -8.33 -18.13 49.34
N VAL A 339 -9.60 -17.77 49.20
CA VAL A 339 -10.03 -16.38 49.04
C VAL A 339 -11.09 -16.11 50.09
N GLU A 340 -10.95 -14.99 50.80
CA GLU A 340 -11.83 -14.62 51.93
C GLU A 340 -11.76 -15.76 52.94
N GLY A 341 -12.88 -16.19 53.51
CA GLY A 341 -12.87 -17.36 54.35
C GLY A 341 -13.80 -17.20 55.52
N GLY A 342 -13.54 -18.00 56.56
CA GLY A 342 -14.33 -18.01 57.76
C GLY A 342 -13.64 -18.78 58.86
N PRO A 343 -14.35 -19.02 59.96
CA PRO A 343 -13.75 -19.81 61.05
C PRO A 343 -13.38 -21.23 60.64
N ASN A 344 -14.13 -21.84 59.73
CA ASN A 344 -13.83 -23.19 59.28
C ASN A 344 -12.73 -23.24 58.24
N VAL A 345 -12.38 -22.11 57.62
CA VAL A 345 -11.30 -22.10 56.63
C VAL A 345 -9.97 -22.43 57.29
N ILE A 346 -9.75 -21.92 58.50
CA ILE A 346 -8.55 -22.30 59.25
C ILE A 346 -8.53 -23.79 59.52
N SER A 347 -9.70 -24.36 59.84
CA SER A 347 -9.78 -25.80 60.11
C SER A 347 -9.45 -26.62 58.88
N ILE A 348 -9.99 -26.24 57.71
CA ILE A 348 -9.71 -27.04 56.50
C ILE A 348 -8.27 -26.82 56.05
N VAL A 349 -7.70 -25.64 56.29
CA VAL A 349 -6.28 -25.42 56.00
C VAL A 349 -5.42 -26.34 56.85
N LEU A 350 -5.72 -26.43 58.15
CA LEU A 350 -4.97 -27.32 59.01
C LEU A 350 -5.18 -28.78 58.62
N GLU A 351 -6.37 -29.13 58.16
CA GLU A 351 -6.60 -30.49 57.66
C GLU A 351 -5.76 -30.78 56.43
N TYR A 352 -5.63 -29.79 55.54
CA TYR A 352 -4.77 -29.96 54.37
C TYR A 352 -3.31 -30.15 54.76
N LEU A 353 -2.83 -29.35 55.72
CA LEU A 353 -1.43 -29.46 56.12
C LEU A 353 -1.14 -30.72 56.92
N ARG A 354 -2.14 -31.29 57.59
CA ARG A 354 -1.93 -32.46 58.45
C ARG A 354 -2.17 -33.77 57.73
N ASP A 355 -2.52 -33.75 56.45
CA ASP A 355 -2.66 -34.98 55.70
C ASP A 355 -1.30 -35.67 55.55
N THR A 356 -1.33 -36.99 55.36
CA THR A 356 -0.09 -37.73 55.20
C THR A 356 0.72 -37.26 53.99
N PRO A 357 0.14 -37.03 52.81
CA PRO A 357 0.82 -36.17 51.84
C PRO A 357 0.44 -34.71 52.08
N PRO A 358 1.41 -33.87 52.43
CA PRO A 358 1.10 -32.45 52.61
C PRO A 358 0.62 -31.82 51.31
N VAL A 359 -0.36 -30.93 51.44
CA VAL A 359 -0.98 -30.25 50.31
C VAL A 359 -0.64 -28.76 50.43
N PRO A 360 0.10 -28.19 49.48
CA PRO A 360 0.41 -26.76 49.55
C PRO A 360 -0.83 -25.90 49.47
N VAL A 361 -0.80 -24.76 50.17
CA VAL A 361 -1.94 -23.87 50.30
C VAL A 361 -1.52 -22.47 49.89
N VAL A 362 -2.30 -21.84 49.01
CA VAL A 362 -2.05 -20.48 48.56
C VAL A 362 -3.20 -19.60 49.03
N VAL A 363 -2.87 -18.52 49.74
CA VAL A 363 -3.89 -17.62 50.27
C VAL A 363 -3.71 -16.24 49.66
N CYS A 364 -4.60 -15.31 50.02
CA CYS A 364 -4.56 -13.95 49.52
C CYS A 364 -4.72 -12.98 50.69
N ASP A 365 -4.23 -11.76 50.50
CA ASP A 365 -4.23 -10.76 51.56
C ASP A 365 -5.37 -9.77 51.46
N GLY A 366 -5.75 -9.35 50.26
CA GLY A 366 -6.77 -8.33 50.09
C GLY A 366 -8.18 -8.87 50.18
N SER A 367 -8.52 -9.52 51.29
CA SER A 367 -9.83 -10.10 51.46
C SER A 367 -10.49 -9.64 52.75
N GLY A 368 -9.67 -9.31 53.75
CA GLY A 368 -10.20 -8.89 55.03
C GLY A 368 -10.96 -9.97 55.76
N ARG A 369 -10.43 -11.18 55.79
CA ARG A 369 -11.09 -12.32 56.41
C ARG A 369 -10.02 -13.27 56.93
N ALA A 370 -10.39 -14.53 57.15
CA ALA A 370 -9.45 -15.50 57.70
C ALA A 370 -8.20 -15.66 56.83
N SER A 371 -8.33 -15.43 55.52
CA SER A 371 -7.15 -15.40 54.66
C SER A 371 -6.23 -14.25 55.04
N ASP A 372 -6.81 -13.08 55.33
CA ASP A 372 -6.01 -11.96 55.80
C ASP A 372 -5.40 -12.24 57.17
N ILE A 373 -6.10 -13.00 58.01
CA ILE A 373 -5.54 -13.42 59.29
C ILE A 373 -4.30 -14.30 59.07
N LEU A 374 -4.40 -15.25 58.14
CA LEU A 374 -3.26 -16.09 57.82
C LEU A 374 -2.11 -15.28 57.23
N ALA A 375 -2.43 -14.30 56.38
CA ALA A 375 -1.39 -13.44 55.81
C ALA A 375 -0.69 -12.61 56.88
N PHE A 376 -1.45 -12.09 57.84
CA PHE A 376 -0.85 -11.33 58.93
C PHE A 376 -0.02 -12.23 59.85
N GLY A 377 -0.48 -13.46 60.07
CA GLY A 377 0.30 -14.41 60.85
C GLY A 377 1.52 -14.93 60.13
N HIS A 378 1.56 -14.80 58.81
CA HIS A 378 2.78 -15.13 58.06
C HIS A 378 3.91 -14.19 58.44
N LYS A 379 3.63 -12.91 58.56
CA LYS A 379 4.62 -11.96 59.05
C LYS A 379 4.80 -12.09 60.56
N TYR A 380 6.05 -12.06 60.99
CA TYR A 380 6.42 -12.20 62.41
C TYR A 380 5.88 -13.51 62.99
N SER A 381 6.32 -14.61 62.39
CA SER A 381 5.96 -15.94 62.86
C SER A 381 7.08 -16.49 63.74
N GLU A 382 6.97 -17.76 64.12
CA GLU A 382 7.97 -18.39 64.97
C GLU A 382 8.81 -19.39 64.17
N VAL A 397 2.18 -11.43 70.94
CA VAL A 397 1.15 -10.86 70.09
C VAL A 397 -0.09 -11.74 70.14
N THR A 398 -0.64 -11.91 71.34
CA THR A 398 -1.86 -12.68 71.54
C THR A 398 -3.06 -11.84 71.92
N ILE A 399 -2.86 -10.60 72.37
CA ILE A 399 -3.97 -9.72 72.72
C ILE A 399 -4.64 -9.12 71.50
N GLN A 400 -4.12 -9.38 70.29
CA GLN A 400 -4.72 -8.89 69.07
C GLN A 400 -5.87 -9.77 68.58
N LYS A 401 -6.18 -10.84 69.28
CA LYS A 401 -7.21 -11.78 68.85
C LYS A 401 -8.62 -11.18 68.90
N THR A 402 -8.82 -10.04 69.55
CA THR A 402 -10.12 -9.40 69.58
C THR A 402 -10.36 -8.69 68.25
N PHE A 403 -11.23 -9.26 67.42
CA PHE A 403 -11.56 -8.68 66.13
C PHE A 403 -13.06 -8.45 65.97
N THR A 404 -13.86 -8.68 67.01
CA THR A 404 -15.32 -8.73 66.92
C THR A 404 -15.75 -9.70 65.83
N TYR A 405 -15.04 -10.82 65.74
CA TYR A 405 -15.22 -11.82 64.70
C TYR A 405 -15.75 -13.14 65.22
N THR A 406 -15.38 -13.52 66.45
CA THR A 406 -15.85 -14.75 67.07
C THR A 406 -16.46 -14.42 68.43
N ARG A 407 -16.69 -15.44 69.26
CA ARG A 407 -17.32 -15.24 70.57
C ARG A 407 -16.31 -14.56 71.50
N THR A 408 -16.14 -13.25 71.28
CA THR A 408 -15.28 -12.38 72.08
C THR A 408 -13.86 -12.92 72.22
N GLN A 409 -13.16 -12.50 73.25
CA GLN A 409 -11.86 -13.06 73.58
C GLN A 409 -11.98 -14.39 74.31
N ALA A 410 -13.18 -14.75 74.75
CA ALA A 410 -13.39 -16.03 75.43
C ALA A 410 -13.19 -17.21 74.48
N GLN A 411 -13.66 -17.07 73.24
CA GLN A 411 -13.48 -18.11 72.23
C GLN A 411 -12.50 -17.62 71.17
N HIS A 412 -11.49 -18.43 70.88
CA HIS A 412 -10.45 -18.05 69.94
C HIS A 412 -9.90 -19.29 69.25
N LEU A 413 -9.59 -19.14 67.96
CA LEU A 413 -8.92 -20.19 67.20
C LEU A 413 -7.43 -19.93 67.07
N PHE A 414 -6.83 -19.25 68.08
CA PHE A 414 -5.40 -18.96 68.02
C PHE A 414 -4.57 -20.24 68.11
N ILE A 415 -5.05 -21.23 68.86
CA ILE A 415 -4.33 -22.50 68.92
C ILE A 415 -4.30 -23.17 67.56
N ILE A 416 -5.43 -23.16 66.84
CA ILE A 416 -5.47 -23.75 65.50
C ILE A 416 -4.61 -22.93 64.54
N LEU A 417 -4.64 -21.60 64.67
CA LEU A 417 -3.82 -20.76 63.81
C LEU A 417 -2.33 -21.04 64.02
N MET A 418 -1.90 -21.17 65.28
CA MET A 418 -0.51 -21.48 65.55
C MET A 418 -0.14 -22.88 65.09
N GLU A 419 -1.07 -23.84 65.19
CA GLU A 419 -0.81 -25.17 64.67
C GLU A 419 -0.68 -25.16 63.15
N CYS A 420 -1.43 -24.28 62.48
CA CYS A 420 -1.24 -24.09 61.05
C CYS A 420 0.13 -23.50 60.76
N MET A 421 0.50 -22.43 61.45
CA MET A 421 1.74 -21.73 61.16
C MET A 421 2.98 -22.49 61.61
N LYS A 422 2.82 -23.53 62.42
CA LYS A 422 3.97 -24.37 62.76
C LYS A 422 4.51 -25.12 61.55
N LYS A 423 3.69 -25.29 60.52
CA LYS A 423 4.12 -25.81 59.21
C LYS A 423 3.93 -24.67 58.22
N LYS A 424 4.93 -23.80 58.13
CA LYS A 424 4.84 -22.59 57.33
C LYS A 424 5.54 -22.72 55.98
N GLU A 425 6.31 -23.79 55.77
CA GLU A 425 6.97 -23.98 54.48
C GLU A 425 6.00 -24.39 53.38
N LEU A 426 4.79 -24.82 53.74
CA LEU A 426 3.77 -25.20 52.76
C LEU A 426 2.84 -24.04 52.42
N ILE A 427 2.48 -23.23 53.41
CA ILE A 427 1.58 -22.11 53.17
C ILE A 427 2.30 -21.04 52.37
N THR A 428 1.70 -20.63 51.26
CA THR A 428 2.19 -19.53 50.46
C THR A 428 1.30 -18.31 50.74
N VAL A 429 1.61 -17.20 50.07
CA VAL A 429 0.81 -15.99 50.20
C VAL A 429 1.00 -15.18 48.92
N PHE A 430 0.02 -14.34 48.61
CA PHE A 430 0.06 -13.49 47.43
C PHE A 430 -0.23 -12.06 47.85
N ARG A 431 0.63 -11.13 47.44
CA ARG A 431 0.47 -9.72 47.77
C ARG A 431 0.71 -8.90 46.52
N MET A 432 -0.20 -7.97 46.25
CA MET A 432 -0.05 -7.07 45.10
C MET A 432 1.05 -6.05 45.37
N GLY A 433 1.83 -5.74 44.34
CA GLY A 433 2.90 -4.77 44.46
C GLY A 433 3.97 -5.17 45.43
N SER A 434 4.40 -6.43 45.36
CA SER A 434 5.34 -7.01 46.31
C SER A 434 6.64 -7.38 45.59
N GLU A 435 7.52 -8.09 46.31
CA GLU A 435 8.82 -8.43 45.77
C GLU A 435 8.71 -9.39 44.58
N GLY A 436 8.12 -10.57 44.80
CA GLY A 436 8.00 -11.56 43.77
C GLY A 436 6.64 -12.20 43.77
N HIS A 437 6.42 -13.06 42.77
CA HIS A 437 5.16 -13.78 42.57
C HIS A 437 3.98 -12.81 42.48
N GLN A 438 4.04 -11.96 41.46
CA GLN A 438 2.96 -11.02 41.17
C GLN A 438 1.85 -11.63 40.33
N ASP A 439 1.95 -12.92 39.99
CA ASP A 439 0.94 -13.61 39.21
C ASP A 439 0.46 -14.85 39.96
N ILE A 440 -0.85 -15.06 39.94
CA ILE A 440 -1.43 -16.18 40.67
C ILE A 440 -0.98 -17.51 40.10
N ASP A 441 -0.97 -17.63 38.76
CA ASP A 441 -0.56 -18.89 38.14
C ASP A 441 0.90 -19.22 38.44
N LEU A 442 1.74 -18.19 38.51
CA LEU A 442 3.11 -18.41 38.98
C LEU A 442 3.13 -18.84 40.44
N ALA A 443 2.28 -18.23 41.27
CA ALA A 443 2.21 -18.62 42.67
C ALA A 443 1.69 -20.04 42.84
N ILE A 444 0.69 -20.42 42.05
CA ILE A 444 0.13 -21.76 42.16
C ILE A 444 1.14 -22.81 41.71
N LEU A 445 1.77 -22.58 40.56
CA LEU A 445 2.64 -23.60 39.98
C LEU A 445 3.92 -23.78 40.80
N THR A 446 4.49 -22.69 41.30
CA THR A 446 5.69 -22.80 42.11
C THR A 446 5.40 -23.46 43.46
N ALA A 447 4.16 -23.36 43.94
CA ALA A 447 3.82 -24.01 45.20
C ALA A 447 3.77 -25.52 45.06
N LEU A 448 3.42 -26.02 43.88
CA LEU A 448 3.36 -27.46 43.67
C LEU A 448 4.75 -28.08 43.62
N LEU A 449 5.71 -27.38 43.02
CA LEU A 449 7.07 -27.89 42.94
C LEU A 449 7.69 -27.96 44.34
N LYS A 450 7.53 -26.90 45.13
CA LYS A 450 8.08 -26.90 46.48
C LYS A 450 7.29 -27.82 47.40
N GLY A 451 5.97 -27.85 47.25
CA GLY A 451 5.15 -28.66 48.14
C GLY A 451 5.27 -30.15 47.93
N ALA A 452 5.75 -30.57 46.76
CA ALA A 452 5.95 -31.99 46.52
C ALA A 452 7.15 -32.53 47.29
N ASN A 453 8.13 -31.66 47.57
CA ASN A 453 9.37 -32.04 48.26
C ASN A 453 10.07 -33.19 47.55
N ALA A 454 10.08 -33.13 46.23
CA ALA A 454 10.64 -34.19 45.38
C ALA A 454 11.98 -33.74 44.81
N SER A 455 12.58 -34.61 44.02
CA SER A 455 13.88 -34.35 43.42
C SER A 455 13.73 -33.52 42.15
N ALA A 456 14.87 -33.05 41.65
CA ALA A 456 14.90 -32.29 40.40
C ALA A 456 14.37 -33.09 39.21
N PRO A 457 14.67 -34.39 39.03
CA PRO A 457 14.00 -35.12 37.94
C PRO A 457 12.48 -35.11 38.03
N ASP A 458 11.92 -35.21 39.24
CA ASP A 458 10.46 -35.19 39.37
C ASP A 458 9.89 -33.81 39.07
N GLN A 459 10.57 -32.75 39.48
CA GLN A 459 10.13 -31.41 39.14
C GLN A 459 10.18 -31.19 37.64
N LEU A 460 11.24 -31.67 36.98
CA LEU A 460 11.33 -31.56 35.52
C LEU A 460 10.23 -32.36 34.84
N SER A 461 9.92 -33.55 35.35
CA SER A 461 8.83 -34.33 34.80
C SER A 461 7.50 -33.62 34.94
N LEU A 462 7.27 -32.99 36.09
CA LEU A 462 6.03 -32.25 36.29
C LEU A 462 5.92 -31.07 35.34
N ALA A 463 7.00 -30.29 35.22
CA ALA A 463 6.98 -29.14 34.32
C ALA A 463 6.87 -29.56 32.86
N LEU A 464 7.36 -30.75 32.53
CA LEU A 464 7.23 -31.26 31.18
C LEU A 464 5.80 -31.73 30.90
N ALA A 465 5.17 -32.36 31.91
CA ALA A 465 3.78 -32.78 31.75
C ALA A 465 2.85 -31.58 31.62
N TRP A 466 3.09 -30.52 32.38
CA TRP A 466 2.28 -29.32 32.25
C TRP A 466 2.61 -28.52 30.99
N ASN A 467 3.68 -28.87 30.28
CA ASN A 467 4.14 -28.14 29.09
C ASN A 467 4.41 -26.68 29.43
N ARG A 468 5.05 -26.44 30.56
CA ARG A 468 5.43 -25.10 31.00
C ARG A 468 6.95 -25.03 31.05
N VAL A 469 7.54 -24.34 30.08
CA VAL A 469 8.99 -24.29 29.97
C VAL A 469 9.58 -23.13 30.78
N ASP A 470 8.83 -22.04 30.98
CA ASP A 470 9.34 -20.94 31.79
C ASP A 470 9.43 -21.34 33.26
N ILE A 471 8.52 -22.19 33.73
CA ILE A 471 8.60 -22.71 35.08
C ILE A 471 9.88 -23.51 35.27
N ALA A 472 10.22 -24.36 34.30
CA ALA A 472 11.46 -25.13 34.40
C ALA A 472 12.67 -24.23 34.24
N ARG A 473 12.55 -23.15 33.46
CA ARG A 473 13.71 -22.29 33.21
C ARG A 473 14.04 -21.43 34.42
N SER A 474 13.03 -20.93 35.12
CA SER A 474 13.27 -20.00 36.22
C SER A 474 13.33 -20.68 37.58
N GLN A 475 12.85 -21.90 37.71
CA GLN A 475 12.82 -22.58 38.99
C GLN A 475 13.68 -23.85 39.03
N ILE A 476 13.64 -24.66 37.98
CA ILE A 476 14.33 -25.94 38.02
C ILE A 476 15.77 -25.83 37.54
N PHE A 477 16.04 -24.99 36.53
CA PHE A 477 17.38 -24.85 35.98
C PHE A 477 18.03 -23.61 36.59
N ILE A 478 18.56 -23.78 37.80
CA ILE A 478 19.31 -22.75 38.50
C ILE A 478 20.62 -23.34 38.99
N TYR A 479 21.37 -22.55 39.75
CA TYR A 479 22.71 -22.92 40.17
C TYR A 479 22.68 -24.12 41.11
N GLY A 480 23.49 -25.14 40.79
CA GLY A 480 23.71 -26.26 41.67
C GLY A 480 22.49 -27.12 41.95
N GLN A 481 22.00 -27.84 40.93
CA GLN A 481 20.84 -28.70 41.10
C GLN A 481 21.20 -30.16 41.30
N GLN A 482 22.37 -30.59 40.83
CA GLN A 482 22.90 -31.94 41.07
C GLN A 482 21.93 -33.01 40.56
N TRP A 483 21.77 -33.02 39.24
CA TRP A 483 20.98 -34.06 38.61
C TRP A 483 21.69 -35.40 38.74
N PRO A 484 20.95 -36.49 38.95
CA PRO A 484 21.56 -37.82 38.91
C PRO A 484 22.05 -38.14 37.51
N VAL A 485 23.01 -39.07 37.45
CA VAL A 485 23.57 -39.48 36.17
C VAL A 485 22.51 -40.20 35.36
N GLY A 486 22.32 -39.76 34.11
CA GLY A 486 21.31 -40.34 33.25
C GLY A 486 19.92 -39.79 33.44
N SER A 487 19.75 -38.70 34.18
CA SER A 487 18.42 -38.11 34.37
C SER A 487 18.08 -37.13 33.25
N LEU A 488 19.04 -36.27 32.87
CA LEU A 488 18.81 -35.37 31.75
C LEU A 488 18.63 -36.13 30.45
N GLU A 489 19.32 -37.27 30.30
CA GLU A 489 19.12 -38.11 29.11
C GLU A 489 17.71 -38.67 29.06
N GLN A 490 17.20 -39.14 30.19
CA GLN A 490 15.83 -39.65 30.24
C GLN A 490 14.82 -38.53 30.00
N ALA A 491 15.08 -37.34 30.53
CA ALA A 491 14.20 -36.21 30.28
C ALA A 491 14.21 -35.82 28.81
N MET A 492 15.36 -35.91 28.15
CA MET A 492 15.43 -35.65 26.72
C MET A 492 14.63 -36.69 25.93
N LEU A 493 14.72 -37.95 26.33
CA LEU A 493 13.92 -38.97 25.64
C LEU A 493 12.43 -38.71 25.84
N ASP A 494 12.01 -38.35 27.05
CA ASP A 494 10.60 -38.09 27.32
C ASP A 494 10.10 -36.88 26.55
N ALA A 495 10.92 -35.82 26.48
CA ALA A 495 10.53 -34.64 25.72
C ALA A 495 10.50 -34.92 24.23
N LEU A 496 11.38 -35.79 23.75
CA LEU A 496 11.36 -36.17 22.34
C LEU A 496 10.10 -36.95 22.00
N VAL A 497 9.67 -37.85 22.89
CA VAL A 497 8.47 -38.64 22.62
C VAL A 497 7.24 -37.76 22.58
N LEU A 498 7.09 -36.85 23.53
CA LEU A 498 5.86 -36.10 23.73
C LEU A 498 5.76 -34.85 22.87
N ASP A 499 6.68 -34.65 21.93
CA ASP A 499 6.70 -33.48 21.05
C ASP A 499 6.77 -32.19 21.86
N ARG A 500 7.86 -32.05 22.61
CA ARG A 500 8.13 -30.86 23.42
C ARG A 500 9.38 -30.20 22.84
N VAL A 501 9.19 -29.35 21.83
CA VAL A 501 10.34 -28.71 21.18
C VAL A 501 11.04 -27.76 22.12
N ASP A 502 10.28 -27.00 22.91
CA ASP A 502 10.88 -26.04 23.84
C ASP A 502 11.71 -26.74 24.90
N PHE A 503 11.24 -27.89 25.39
CA PHE A 503 12.00 -28.62 26.39
C PHE A 503 13.23 -29.29 25.80
N VAL A 504 13.14 -29.74 24.55
CA VAL A 504 14.33 -30.28 23.88
C VAL A 504 15.39 -29.19 23.72
N LYS A 505 14.97 -28.01 23.30
CA LYS A 505 15.91 -26.89 23.19
C LYS A 505 16.49 -26.51 24.54
N LEU A 506 15.66 -26.47 25.57
CA LEU A 506 16.13 -26.11 26.90
C LEU A 506 17.13 -27.13 27.44
N LEU A 507 16.88 -28.42 27.22
CA LEU A 507 17.81 -29.44 27.66
C LEU A 507 19.11 -29.38 26.87
N ILE A 508 19.04 -29.15 25.55
CA ILE A 508 20.24 -29.02 24.74
C ILE A 508 21.09 -27.85 25.22
N GLU A 509 20.45 -26.72 25.54
CA GLU A 509 21.19 -25.59 26.09
C GLU A 509 21.76 -25.88 27.47
N ASN A 510 21.25 -26.90 28.17
CA ASN A 510 21.67 -27.19 29.53
C ASN A 510 22.46 -28.49 29.64
N GLY A 511 23.27 -28.79 28.64
CA GLY A 511 24.28 -29.82 28.82
C GLY A 511 24.22 -31.05 27.92
N VAL A 512 23.04 -31.60 27.68
CA VAL A 512 22.96 -32.87 26.96
C VAL A 512 23.29 -32.63 25.50
N SER A 513 24.19 -33.47 24.96
CA SER A 513 24.58 -33.43 23.57
C SER A 513 23.95 -34.60 22.84
N MET A 514 23.38 -34.33 21.67
CA MET A 514 22.63 -35.34 20.94
C MET A 514 23.51 -36.47 20.43
N HIS A 515 24.83 -36.25 20.34
CA HIS A 515 25.72 -37.29 19.84
C HIS A 515 25.81 -38.46 20.80
N ARG A 516 25.77 -38.18 22.11
CA ARG A 516 25.84 -39.25 23.10
C ARG A 516 24.47 -39.82 23.42
N PHE A 517 23.43 -38.99 23.36
CA PHE A 517 22.08 -39.45 23.69
C PHE A 517 21.59 -40.47 22.67
N LEU A 518 21.70 -40.15 21.39
CA LEU A 518 21.05 -40.94 20.35
C LEU A 518 21.80 -42.24 20.10
N THR A 519 21.17 -43.36 20.40
CA THR A 519 21.68 -44.69 20.11
C THR A 519 20.72 -45.40 19.17
N ILE A 520 21.06 -46.64 18.81
CA ILE A 520 20.15 -47.44 17.99
C ILE A 520 18.91 -47.81 18.78
N SER A 521 19.09 -48.20 20.05
CA SER A 521 17.95 -48.58 20.89
C SER A 521 17.03 -47.40 21.13
N ARG A 522 17.59 -46.22 21.39
CA ARG A 522 16.76 -45.04 21.64
C ARG A 522 16.01 -44.63 20.38
N LEU A 523 16.64 -44.75 19.22
CA LEU A 523 15.94 -44.44 17.96
C LEU A 523 14.81 -45.46 17.72
N GLU A 524 15.06 -46.72 18.04
CA GLU A 524 14.02 -47.74 17.93
C GLU A 524 12.84 -47.41 18.85
N GLU A 525 13.13 -46.96 20.07
CA GLU A 525 12.07 -46.55 20.98
C GLU A 525 11.33 -45.34 20.44
N LEU A 526 12.05 -44.40 19.82
CA LEU A 526 11.41 -43.21 19.27
C LEU A 526 10.46 -43.56 18.13
N TYR A 527 10.83 -44.52 17.29
CA TYR A 527 9.97 -44.88 16.17
C TYR A 527 8.72 -45.63 16.59
N ASN A 528 8.69 -46.18 17.82
CA ASN A 528 7.58 -46.98 18.30
C ASN A 528 6.85 -46.29 19.46
N THR A 529 6.67 -44.99 19.38
CA THR A 529 5.94 -44.26 20.41
C THR A 529 4.47 -44.21 20.07
N ARG A 530 3.65 -44.11 21.12
CA ARG A 530 2.21 -43.97 20.97
C ARG A 530 1.68 -42.64 21.46
N HIS A 531 2.49 -41.85 22.15
CA HIS A 531 2.08 -40.55 22.67
C HIS A 531 2.57 -39.46 21.72
N GLY A 532 1.65 -38.72 21.15
CA GLY A 532 1.99 -37.65 20.23
C GLY A 532 0.96 -37.49 19.15
N PRO A 533 1.20 -36.57 18.22
CA PRO A 533 0.26 -36.37 17.11
C PRO A 533 0.18 -37.59 16.21
N SER A 534 -0.99 -37.78 15.61
CA SER A 534 -1.22 -38.91 14.74
C SER A 534 -0.40 -38.81 13.46
N ASN A 535 0.01 -39.97 12.95
CA ASN A 535 0.82 -40.05 11.74
C ASN A 535 0.35 -41.23 10.90
N THR A 536 1.03 -41.45 9.78
CA THR A 536 0.69 -42.51 8.85
C THR A 536 1.83 -43.50 8.64
N LEU A 537 2.73 -43.62 9.61
CA LEU A 537 3.89 -44.49 9.45
C LEU A 537 3.49 -45.96 9.44
N TYR A 538 2.52 -46.33 10.27
CA TYR A 538 2.10 -47.73 10.35
C TYR A 538 1.53 -48.22 9.03
N HIS A 539 0.75 -47.38 8.35
CA HIS A 539 0.21 -47.75 7.05
C HIS A 539 1.33 -47.92 6.02
N LEU A 540 2.33 -47.05 6.07
CA LEU A 540 3.47 -47.18 5.15
C LEU A 540 4.23 -48.48 5.40
N VAL A 541 4.44 -48.82 6.68
CA VAL A 541 5.13 -50.07 7.00
C VAL A 541 4.32 -51.27 6.54
N ARG A 542 3.00 -51.23 6.74
CA ARG A 542 2.14 -52.31 6.28
C ARG A 542 2.18 -52.45 4.76
N ASP A 543 2.17 -51.32 4.06
CA ASP A 543 2.20 -51.36 2.60
C ASP A 543 3.53 -51.90 2.07
N VAL A 544 4.64 -51.43 2.63
CA VAL A 544 5.95 -51.88 2.17
C VAL A 544 6.16 -53.36 2.48
N LYS A 545 5.79 -53.78 3.70
CA LYS A 545 5.96 -55.18 4.09
C LYS A 545 4.96 -56.10 3.41
N LYS A 546 3.97 -55.55 2.69
CA LYS A 546 2.97 -56.32 1.96
C LYS A 546 2.15 -57.21 2.89
N GLY A 547 1.47 -56.56 3.85
CA GLY A 547 0.64 -57.27 4.78
C GLY A 547 1.46 -58.15 5.72
N ASN A 548 0.82 -59.20 6.21
CA ASN A 548 1.43 -60.18 7.12
C ASN A 548 1.99 -59.52 8.37
N LEU A 549 1.31 -58.48 8.85
CA LEU A 549 1.80 -57.70 9.98
C LEU A 549 0.94 -57.96 11.21
N PRO A 550 1.40 -58.74 12.18
CA PRO A 550 0.60 -58.98 13.38
C PRO A 550 0.56 -57.75 14.27
N PRO A 551 -0.43 -57.64 15.15
CA PRO A 551 -0.46 -56.53 16.10
C PRO A 551 0.70 -56.59 17.08
N ASP A 552 0.99 -55.42 17.66
CA ASP A 552 2.14 -55.24 18.57
C ASP A 552 3.46 -55.58 17.87
N TYR A 553 3.56 -55.19 16.60
CA TYR A 553 4.78 -55.40 15.84
C TYR A 553 5.78 -54.28 16.14
N ARG A 554 7.03 -54.67 16.34
CA ARG A 554 8.11 -53.70 16.60
C ARG A 554 8.71 -53.27 15.28
N ILE A 555 8.59 -51.98 14.96
CA ILE A 555 9.06 -51.43 13.70
C ILE A 555 10.58 -51.28 13.81
N SER A 556 11.31 -52.23 13.22
CA SER A 556 12.76 -52.18 13.25
C SER A 556 13.27 -51.09 12.30
N LEU A 557 14.53 -50.70 12.49
CA LEU A 557 15.13 -49.68 11.63
C LEU A 557 15.28 -50.17 10.19
N ILE A 558 15.36 -51.48 9.99
CA ILE A 558 15.42 -52.02 8.63
C ILE A 558 14.13 -51.69 7.88
N ASP A 559 12.99 -51.84 8.55
CA ASP A 559 11.72 -51.51 7.91
C ASP A 559 11.63 -50.02 7.59
N ILE A 560 12.16 -49.17 8.46
CA ILE A 560 12.18 -47.75 8.17
C ILE A 560 13.09 -47.44 6.99
N GLY A 561 14.22 -48.14 6.89
CA GLY A 561 15.05 -47.99 5.70
C GLY A 561 14.32 -48.41 4.44
N LEU A 562 13.53 -49.49 4.52
CA LEU A 562 12.76 -49.95 3.37
C LEU A 562 11.72 -48.91 2.97
N VAL A 563 11.01 -48.32 3.93
CA VAL A 563 9.99 -47.34 3.56
C VAL A 563 10.64 -46.06 3.05
N ILE A 564 11.84 -45.72 3.53
CA ILE A 564 12.56 -44.57 2.99
C ILE A 564 12.95 -44.82 1.54
N GLU A 565 13.47 -46.02 1.23
CA GLU A 565 13.79 -46.35 -0.15
C GLU A 565 12.54 -46.36 -1.02
N TYR A 566 11.40 -46.79 -0.47
CA TYR A 566 10.15 -46.76 -1.24
C TYR A 566 9.71 -45.34 -1.51
N LEU A 567 9.83 -44.45 -0.52
CA LEU A 567 9.33 -43.09 -0.70
C LEU A 567 10.24 -42.27 -1.61
N MET A 568 11.56 -42.47 -1.52
CA MET A 568 12.48 -41.58 -2.24
C MET A 568 12.44 -41.83 -3.74
N GLY A 569 12.79 -43.04 -4.17
CA GLY A 569 12.81 -43.32 -5.59
C GLY A 569 13.42 -44.68 -5.87
N GLY A 570 13.58 -44.95 -7.17
CA GLY A 570 14.10 -46.25 -7.57
C GLY A 570 15.55 -46.47 -7.21
N ALA A 571 16.38 -45.44 -7.38
CA ALA A 571 17.82 -45.59 -7.21
C ALA A 571 18.30 -45.36 -5.78
N TYR A 572 17.48 -44.77 -4.92
CA TYR A 572 17.92 -44.43 -3.58
C TYR A 572 18.15 -45.69 -2.76
N ARG A 573 19.21 -45.68 -1.95
CA ARG A 573 19.55 -46.78 -1.06
C ARG A 573 19.90 -46.21 0.32
N CYS A 574 19.07 -46.49 1.31
CA CYS A 574 19.28 -45.95 2.64
C CYS A 574 20.43 -46.65 3.34
N ASN A 575 20.93 -45.99 4.40
CA ASN A 575 22.04 -46.56 5.16
C ASN A 575 21.62 -47.74 6.02
N TYR A 576 20.32 -47.86 6.34
CA TYR A 576 19.86 -48.94 7.19
C TYR A 576 19.94 -50.28 6.48
N THR A 577 19.64 -50.31 5.18
CA THR A 577 19.61 -51.54 4.43
C THR A 577 20.98 -51.96 3.90
N ARG A 578 22.02 -51.18 4.15
CA ARG A 578 23.37 -51.58 3.77
C ARG A 578 23.80 -52.80 4.58
N LYS A 579 24.74 -53.56 4.01
CA LYS A 579 25.15 -54.80 4.66
C LYS A 579 25.90 -54.55 5.97
N ARG A 580 26.61 -53.43 6.06
CA ARG A 580 27.33 -53.13 7.30
C ARG A 580 26.37 -52.87 8.44
N PHE A 581 25.35 -52.04 8.21
CA PHE A 581 24.36 -51.77 9.25
C PHE A 581 23.53 -53.00 9.55
N ARG A 582 23.23 -53.82 8.54
CA ARG A 582 22.48 -55.04 8.80
C ARG A 582 23.27 -56.01 9.67
N THR A 583 24.58 -56.15 9.42
CA THR A 583 25.40 -57.00 10.27
C THR A 583 25.56 -56.41 11.66
N LEU A 584 25.63 -55.09 11.78
CA LEU A 584 25.72 -54.46 13.09
C LEU A 584 24.41 -54.62 13.87
N TYR A 585 23.28 -54.63 13.18
CA TYR A 585 21.98 -54.72 13.83
C TYR A 585 21.53 -56.16 14.08
N HIS A 586 22.11 -57.13 13.38
CA HIS A 586 21.74 -58.52 13.62
C HIS A 586 22.19 -58.99 15.00
N ASN A 587 23.37 -58.56 15.44
CA ASN A 587 23.92 -58.97 16.73
C ASN A 587 23.69 -57.92 17.82
N LEU A 588 22.56 -57.23 17.77
CA LEU A 588 22.23 -56.24 18.79
C LEU A 588 20.83 -56.48 19.34
N ASN A 632 25.24 -49.18 19.06
CA ASN A 632 26.29 -48.20 18.85
C ASN A 632 25.67 -46.81 18.70
N HIS A 633 26.45 -45.87 18.17
CA HIS A 633 26.03 -44.49 18.01
C HIS A 633 26.00 -44.12 16.53
N PHE A 634 25.60 -42.88 16.25
CA PHE A 634 25.51 -42.37 14.90
C PHE A 634 26.47 -41.19 14.73
N PRO A 635 27.29 -41.18 13.68
CA PRO A 635 28.20 -40.04 13.48
C PRO A 635 27.47 -38.72 13.26
N PHE A 636 26.33 -38.75 12.59
CA PHE A 636 25.50 -37.56 12.35
C PHE A 636 24.12 -37.84 12.96
N PRO A 637 23.89 -37.42 14.21
CA PRO A 637 22.61 -37.78 14.85
C PRO A 637 21.43 -37.00 14.30
N PHE A 638 21.63 -35.73 13.95
CA PHE A 638 20.52 -34.92 13.45
C PHE A 638 20.06 -35.40 12.07
N HIS A 639 20.94 -36.07 11.33
CA HIS A 639 20.51 -36.71 10.08
C HIS A 639 19.41 -37.73 10.34
N GLU A 640 19.57 -38.54 11.40
CA GLU A 640 18.54 -39.50 11.75
C GLU A 640 17.33 -38.84 12.38
N LEU A 641 17.54 -37.85 13.24
CA LEU A 641 16.42 -37.24 13.95
C LEU A 641 15.53 -36.40 13.03
N MET A 642 16.11 -35.72 12.04
CA MET A 642 15.28 -34.98 11.09
C MET A 642 14.41 -35.92 10.26
N VAL A 643 14.95 -37.07 9.85
CA VAL A 643 14.14 -38.03 9.11
C VAL A 643 13.06 -38.62 10.00
N TRP A 644 13.37 -38.86 11.27
CA TRP A 644 12.35 -39.33 12.20
C TRP A 644 11.22 -38.31 12.34
N ALA A 645 11.58 -37.04 12.52
CA ALA A 645 10.55 -36.01 12.69
C ALA A 645 9.76 -35.81 11.40
N VAL A 646 10.37 -36.01 10.24
CA VAL A 646 9.64 -35.89 8.98
C VAL A 646 8.67 -37.06 8.81
N LEU A 647 9.12 -38.29 9.10
CA LEU A 647 8.26 -39.45 8.88
C LEU A 647 7.12 -39.52 9.89
N MET A 648 7.30 -38.96 11.09
CA MET A 648 6.26 -38.94 12.10
C MET A 648 5.35 -37.72 11.98
N LYS A 649 5.56 -36.88 10.97
CA LYS A 649 4.71 -35.72 10.68
C LYS A 649 4.68 -34.75 11.86
N ARG A 650 5.88 -34.32 12.28
CA ARG A 650 6.05 -33.31 13.32
C ARG A 650 6.87 -32.18 12.71
N GLN A 651 6.18 -31.11 12.30
CA GLN A 651 6.86 -30.08 11.52
C GLN A 651 7.76 -29.21 12.38
N LYS A 652 7.33 -28.84 13.58
CA LYS A 652 8.16 -28.01 14.44
C LYS A 652 9.44 -28.74 14.82
N MET A 653 9.35 -30.03 15.14
CA MET A 653 10.53 -30.81 15.48
C MET A 653 11.47 -30.93 14.29
N ALA A 654 10.92 -31.13 13.09
CA ALA A 654 11.76 -31.22 11.89
C ALA A 654 12.47 -29.91 11.62
N LEU A 655 11.77 -28.79 11.76
CA LEU A 655 12.40 -27.50 11.55
C LEU A 655 13.46 -27.21 12.61
N PHE A 656 13.27 -27.69 13.83
CA PHE A 656 14.32 -27.53 14.83
C PHE A 656 15.54 -28.37 14.51
N PHE A 657 15.33 -29.62 14.10
CA PHE A 657 16.46 -30.49 13.80
C PHE A 657 17.15 -30.12 12.48
N TRP A 658 16.49 -29.33 11.63
CA TRP A 658 17.10 -28.96 10.35
C TRP A 658 18.30 -28.06 10.54
N GLN A 659 18.20 -27.05 11.40
CA GLN A 659 19.24 -26.04 11.51
C GLN A 659 20.43 -26.49 12.36
N HIS A 660 20.36 -27.68 12.96
CA HIS A 660 21.46 -28.22 13.74
C HIS A 660 22.10 -29.36 12.98
N GLY A 661 23.41 -29.27 12.77
CA GLY A 661 24.15 -30.28 12.05
C GLY A 661 24.65 -29.77 10.70
N GLU A 662 25.31 -30.66 9.98
CA GLU A 662 25.85 -30.36 8.68
C GLU A 662 24.91 -30.81 7.57
N GLU A 663 25.21 -30.37 6.34
CA GLU A 663 24.44 -30.71 5.15
C GLU A 663 22.97 -30.31 5.30
N ALA A 664 22.74 -29.02 5.48
CA ALA A 664 21.38 -28.53 5.69
C ALA A 664 20.57 -28.56 4.40
N MET A 665 21.19 -28.21 3.26
CA MET A 665 20.45 -28.17 2.01
C MET A 665 20.03 -29.56 1.56
N ALA A 666 20.90 -30.55 1.73
CA ALA A 666 20.53 -31.92 1.41
C ALA A 666 19.38 -32.40 2.28
N LYS A 667 19.40 -32.05 3.57
CA LYS A 667 18.30 -32.42 4.46
C LYS A 667 17.01 -31.75 4.02
N ALA A 668 17.07 -30.49 3.59
CA ALA A 668 15.87 -29.81 3.12
C ALA A 668 15.30 -30.48 1.87
N LEU A 669 16.16 -30.83 0.92
CA LEU A 669 15.68 -31.45 -0.31
C LEU A 669 15.11 -32.84 -0.05
N VAL A 670 15.77 -33.63 0.80
CA VAL A 670 15.28 -34.96 1.14
C VAL A 670 13.95 -34.86 1.88
N ALA A 671 13.83 -33.89 2.78
CA ALA A 671 12.57 -33.70 3.49
C ALA A 671 11.45 -33.29 2.56
N CYS A 672 11.74 -32.43 1.59
CA CYS A 672 10.73 -32.05 0.61
C CYS A 672 10.25 -33.25 -0.19
N LYS A 673 11.19 -34.09 -0.65
CA LYS A 673 10.80 -35.28 -1.41
C LYS A 673 10.01 -36.26 -0.55
N LEU A 674 10.44 -36.48 0.70
CA LEU A 674 9.72 -37.41 1.57
C LEU A 674 8.32 -36.92 1.87
N CYS A 675 8.15 -35.63 2.13
CA CYS A 675 6.82 -35.10 2.41
C CYS A 675 5.92 -35.20 1.18
N LYS A 676 6.47 -34.93 -0.01
CA LYS A 676 5.68 -35.06 -1.23
C LYS A 676 5.24 -36.51 -1.44
N ALA A 677 6.15 -37.46 -1.24
CA ALA A 677 5.81 -38.87 -1.42
C ALA A 677 4.77 -39.32 -0.40
N MET A 678 4.90 -38.88 0.85
CA MET A 678 3.93 -39.24 1.88
C MET A 678 2.56 -38.64 1.56
N ALA A 679 2.53 -37.40 1.05
CA ALA A 679 1.26 -36.81 0.66
C ALA A 679 0.61 -37.59 -0.47
N HIS A 680 1.41 -37.99 -1.47
CA HIS A 680 0.84 -38.78 -2.57
C HIS A 680 0.30 -40.11 -2.08
N GLU A 681 1.04 -40.79 -1.19
CA GLU A 681 0.58 -42.07 -0.67
C GLU A 681 -0.69 -41.91 0.16
N ALA A 682 -0.76 -40.85 0.97
CA ALA A 682 -1.96 -40.62 1.77
C ALA A 682 -3.17 -40.29 0.90
N SER A 683 -2.96 -39.51 -0.16
CA SER A 683 -4.05 -39.20 -1.08
C SER A 683 -4.48 -40.44 -1.87
N GLU A 684 -3.56 -41.36 -2.12
CA GLU A 684 -3.90 -42.56 -2.87
C GLU A 684 -4.83 -43.47 -2.07
N ASN A 685 -4.71 -43.48 -0.75
CA ASN A 685 -5.55 -44.32 0.10
C ASN A 685 -6.85 -43.64 0.51
N ASP A 686 -7.09 -42.40 0.04
CA ASP A 686 -8.32 -41.65 0.32
C ASP A 686 -8.57 -41.50 1.82
N MET A 687 -7.63 -40.81 2.47
CA MET A 687 -7.77 -40.46 3.88
C MET A 687 -8.64 -39.22 4.02
N VAL A 688 -8.64 -38.61 5.21
CA VAL A 688 -9.46 -37.42 5.45
C VAL A 688 -9.05 -36.22 4.62
N ASP A 689 -7.95 -36.32 3.86
CA ASP A 689 -7.50 -35.33 2.89
C ASP A 689 -7.01 -34.05 3.54
N ASP A 690 -7.13 -33.95 4.87
CA ASP A 690 -6.40 -32.91 5.59
C ASP A 690 -4.94 -33.29 5.77
N ILE A 691 -4.67 -34.59 5.89
CA ILE A 691 -3.30 -35.07 6.00
C ILE A 691 -2.53 -34.74 4.73
N SER A 692 -3.15 -34.93 3.57
CA SER A 692 -2.47 -34.61 2.31
C SER A 692 -2.16 -33.12 2.21
N GLN A 693 -3.09 -32.26 2.62
CA GLN A 693 -2.82 -30.82 2.59
C GLN A 693 -1.70 -30.45 3.56
N GLU A 694 -1.71 -31.03 4.76
CA GLU A 694 -0.63 -30.74 5.71
C GLU A 694 0.72 -31.19 5.18
N LEU A 695 0.77 -32.38 4.58
CA LEU A 695 2.04 -32.88 4.06
C LEU A 695 2.51 -32.05 2.86
N ASN A 696 1.59 -31.59 2.01
CA ASN A 696 1.99 -30.71 0.92
C ASN A 696 2.50 -29.37 1.43
N HIS A 697 1.89 -28.84 2.49
CA HIS A 697 2.38 -27.59 3.07
C HIS A 697 3.77 -27.79 3.67
N ASN A 698 4.00 -28.94 4.31
CA ASN A 698 5.34 -29.23 4.84
C ASN A 698 6.37 -29.31 3.71
N SER A 699 6.00 -29.98 2.60
CA SER A 699 6.89 -30.07 1.45
C SER A 699 7.21 -28.68 0.89
N ARG A 700 6.19 -27.82 0.77
CA ARG A 700 6.43 -26.46 0.28
C ARG A 700 7.35 -25.68 1.21
N ASP A 701 7.15 -25.83 2.53
CA ASP A 701 8.00 -25.13 3.49
C ASP A 701 9.45 -25.57 3.36
N PHE A 702 9.69 -26.88 3.25
CA PHE A 702 11.06 -27.36 3.11
C PHE A 702 11.69 -26.91 1.79
N GLY A 703 10.91 -26.92 0.71
CA GLY A 703 11.42 -26.43 -0.55
C GLY A 703 11.80 -24.95 -0.50
N GLN A 704 10.97 -24.14 0.15
CA GLN A 704 11.29 -22.72 0.29
C GLN A 704 12.54 -22.53 1.14
N LEU A 705 12.71 -23.34 2.19
CA LEU A 705 13.93 -23.28 2.98
C LEU A 705 15.16 -23.58 2.13
N ALA A 706 15.08 -24.62 1.29
CA ALA A 706 16.21 -24.95 0.44
C ALA A 706 16.52 -23.83 -0.54
N VAL A 707 15.49 -23.23 -1.14
CA VAL A 707 15.72 -22.16 -2.11
C VAL A 707 16.36 -20.95 -1.43
N GLU A 708 15.86 -20.58 -0.24
CA GLU A 708 16.43 -19.43 0.47
C GLU A 708 17.87 -19.69 0.89
N LEU A 709 18.17 -20.92 1.33
CA LEU A 709 19.55 -21.24 1.70
C LEU A 709 20.47 -21.17 0.48
N LEU A 710 20.00 -21.66 -0.67
CA LEU A 710 20.81 -21.55 -1.89
C LEU A 710 21.02 -20.09 -2.27
N ASP A 711 19.98 -19.27 -2.12
CA ASP A 711 20.10 -17.85 -2.44
C ASP A 711 21.15 -17.18 -1.57
N GLN A 712 21.11 -17.45 -0.26
CA GLN A 712 22.11 -16.87 0.64
C GLN A 712 23.51 -17.36 0.31
N SER A 713 23.65 -18.66 0.03
CA SER A 713 24.97 -19.20 -0.27
C SER A 713 25.55 -18.61 -1.55
N TYR A 714 24.73 -18.46 -2.59
CA TYR A 714 25.22 -17.86 -3.83
C TYR A 714 25.51 -16.38 -3.65
N LYS A 715 24.73 -15.69 -2.82
CA LYS A 715 25.00 -14.28 -2.57
C LYS A 715 26.30 -14.08 -1.82
N GLN A 716 26.66 -15.02 -0.93
CA GLN A 716 27.91 -14.87 -0.19
C GLN A 716 29.11 -15.18 -1.07
N ASP A 717 29.20 -16.40 -1.58
CA ASP A 717 30.30 -16.82 -2.43
C ASP A 717 29.77 -17.65 -3.59
N GLU A 718 30.34 -17.45 -4.77
CA GLU A 718 29.84 -18.12 -5.97
C GLU A 718 30.47 -19.51 -6.17
N GLN A 719 31.80 -19.59 -6.12
CA GLN A 719 32.47 -20.85 -6.40
C GLN A 719 32.15 -21.90 -5.35
N LEU A 720 32.12 -21.52 -4.08
CA LEU A 720 31.76 -22.48 -3.04
C LEU A 720 30.30 -22.88 -3.13
N ALA A 721 29.42 -21.97 -3.57
CA ALA A 721 28.02 -22.34 -3.77
C ALA A 721 27.88 -23.35 -4.89
N MET A 722 28.63 -23.18 -5.98
CA MET A 722 28.56 -24.16 -7.06
C MET A 722 29.24 -25.46 -6.67
N LYS A 723 30.21 -25.41 -5.75
CA LYS A 723 30.78 -26.64 -5.20
C LYS A 723 29.85 -27.33 -4.22
N LEU A 724 28.92 -26.59 -3.64
CA LEU A 724 27.96 -27.16 -2.69
C LEU A 724 26.89 -27.99 -3.39
N LEU A 725 26.59 -27.70 -4.65
CA LEU A 725 25.54 -28.38 -5.39
C LEU A 725 26.04 -29.58 -6.18
N THR A 726 27.34 -29.87 -6.18
CA THR A 726 27.88 -30.92 -7.02
C THR A 726 28.73 -31.95 -6.29
N TYR A 727 29.04 -31.78 -5.02
CA TYR A 727 29.85 -32.77 -4.33
C TYR A 727 28.99 -33.95 -3.93
N GLU A 728 29.57 -35.14 -4.02
CA GLU A 728 28.84 -36.37 -3.72
C GLU A 728 28.46 -36.43 -2.25
N LEU A 729 27.23 -36.84 -1.97
CA LEU A 729 26.72 -36.96 -0.62
C LEU A 729 26.83 -38.41 -0.18
N LYS A 730 27.79 -38.70 0.69
CA LYS A 730 27.99 -40.07 1.14
C LYS A 730 26.80 -40.59 1.94
N ASN A 731 26.24 -39.75 2.81
CA ASN A 731 25.15 -40.17 3.68
C ASN A 731 23.80 -40.20 2.98
N TRP A 732 23.70 -39.65 1.77
CA TRP A 732 22.42 -39.59 1.07
C TRP A 732 22.48 -40.34 -0.24
N SER A 733 23.03 -41.56 -0.20
CA SER A 733 23.00 -42.51 -1.32
C SER A 733 23.74 -42.02 -2.54
N ASN A 734 24.81 -41.25 -2.34
CA ASN A 734 25.71 -40.81 -3.40
C ASN A 734 24.97 -40.06 -4.50
N ALA A 735 24.34 -38.95 -4.11
CA ALA A 735 23.57 -38.14 -5.03
C ALA A 735 23.78 -36.68 -4.69
N THR A 736 24.15 -35.88 -5.69
CA THR A 736 24.39 -34.46 -5.46
C THR A 736 23.07 -33.74 -5.17
N CYS A 737 23.19 -32.47 -4.78
CA CYS A 737 21.98 -31.69 -4.49
C CYS A 737 21.15 -31.45 -5.75
N LEU A 738 21.80 -31.40 -6.92
CA LEU A 738 21.04 -31.27 -8.16
C LEU A 738 20.16 -32.48 -8.40
N GLN A 739 20.69 -33.68 -8.17
CA GLN A 739 19.89 -34.89 -8.37
C GLN A 739 18.71 -34.95 -7.42
N LEU A 740 18.92 -34.57 -6.15
CA LEU A 740 17.83 -34.55 -5.19
C LEU A 740 16.78 -33.50 -5.56
N ALA A 741 17.22 -32.34 -6.04
CA ALA A 741 16.27 -31.29 -6.39
C ALA A 741 15.47 -31.65 -7.64
N VAL A 742 16.11 -32.35 -8.59
CA VAL A 742 15.39 -32.80 -9.78
C VAL A 742 14.42 -33.91 -9.41
N ALA A 743 14.84 -34.84 -8.55
CA ALA A 743 13.96 -35.93 -8.15
C ALA A 743 12.73 -35.43 -7.39
N ALA A 744 12.85 -34.30 -6.72
CA ALA A 744 11.74 -33.68 -6.03
C ALA A 744 10.92 -32.76 -6.93
N LYS A 745 11.28 -32.67 -8.21
CA LYS A 745 10.60 -31.82 -9.18
C LYS A 745 10.53 -30.37 -8.69
N HIS A 746 11.62 -29.91 -8.11
CA HIS A 746 11.70 -28.57 -7.54
C HIS A 746 12.12 -27.60 -8.66
N ARG A 747 11.13 -27.00 -9.31
CA ARG A 747 11.43 -26.13 -10.43
C ARG A 747 12.05 -24.82 -9.98
N ASP A 748 11.70 -24.34 -8.79
CA ASP A 748 12.25 -23.07 -8.32
C ASP A 748 13.71 -23.16 -7.91
N PHE A 749 14.24 -24.37 -7.72
CA PHE A 749 15.63 -24.58 -7.36
C PHE A 749 16.54 -24.67 -8.59
N ILE A 750 16.12 -25.43 -9.60
CA ILE A 750 16.89 -25.53 -10.83
C ILE A 750 16.83 -24.24 -11.65
N ALA A 751 15.79 -23.43 -11.45
CA ALA A 751 15.67 -22.17 -12.17
C ALA A 751 16.45 -21.04 -11.51
N HIS A 752 17.11 -21.29 -10.38
CA HIS A 752 17.89 -20.26 -9.73
C HIS A 752 19.13 -19.94 -10.58
N THR A 753 19.70 -18.75 -10.32
CA THR A 753 20.84 -18.29 -11.10
C THR A 753 22.05 -19.21 -10.93
N CYS A 754 22.32 -19.65 -9.69
CA CYS A 754 23.48 -20.49 -9.44
C CYS A 754 23.35 -21.84 -10.14
N SER A 755 22.17 -22.44 -10.11
CA SER A 755 21.95 -23.71 -10.79
C SER A 755 22.10 -23.54 -12.30
N GLN A 756 21.64 -22.41 -12.84
CA GLN A 756 21.77 -22.17 -14.27
C GLN A 756 23.22 -21.99 -14.67
N MET A 757 24.01 -21.27 -13.86
CA MET A 757 25.43 -21.13 -14.16
C MET A 757 26.15 -22.47 -14.08
N LEU A 758 25.79 -23.29 -13.10
CA LEU A 758 26.37 -24.62 -12.99
C LEU A 758 26.03 -25.49 -14.19
N LEU A 759 24.77 -25.42 -14.64
CA LEU A 759 24.37 -26.17 -15.83
C LEU A 759 25.09 -25.67 -17.07
N THR A 760 25.29 -24.36 -17.19
CA THR A 760 26.05 -23.83 -18.31
C THR A 760 27.49 -24.34 -18.29
N ASP A 761 28.12 -24.36 -17.12
CA ASP A 761 29.48 -24.89 -17.02
C ASP A 761 29.53 -26.37 -17.39
N MET A 762 28.55 -27.15 -16.94
CA MET A 762 28.51 -28.56 -17.31
C MET A 762 28.23 -28.75 -18.79
N TRP A 763 27.48 -27.83 -19.40
CA TRP A 763 27.14 -27.94 -20.81
C TRP A 763 28.33 -27.59 -21.69
N MET A 764 29.09 -26.57 -21.32
CA MET A 764 30.22 -26.13 -22.12
C MET A 764 31.37 -27.13 -22.11
N GLY A 765 31.36 -28.10 -21.21
CA GLY A 765 32.41 -29.10 -21.17
C GLY A 765 33.72 -28.57 -20.64
N ARG A 766 34.82 -28.92 -21.30
CA ARG A 766 36.16 -28.48 -20.91
C ARG A 766 36.68 -27.37 -21.82
N LEU A 767 35.81 -26.46 -22.26
CA LEU A 767 36.20 -25.34 -23.09
C LEU A 767 35.87 -24.04 -22.38
N ARG A 768 36.71 -23.03 -22.59
CA ARG A 768 36.59 -21.77 -21.86
C ARG A 768 35.85 -20.69 -22.63
N MET A 769 35.54 -20.90 -23.90
CA MET A 769 34.93 -19.84 -24.70
C MET A 769 33.51 -19.57 -24.22
N ARG A 770 33.22 -18.29 -23.97
CA ARG A 770 31.89 -17.87 -23.52
C ARG A 770 31.35 -16.65 -24.25
N LYS A 771 32.18 -15.92 -24.99
CA LYS A 771 31.72 -14.69 -25.62
C LYS A 771 30.86 -14.98 -26.85
N ASN A 772 31.44 -15.66 -27.84
CA ASN A 772 30.74 -15.98 -29.08
C ASN A 772 31.01 -17.45 -29.40
N SER A 773 30.17 -18.33 -28.88
CA SER A 773 30.27 -19.76 -29.13
C SER A 773 29.31 -20.16 -30.25
N GLY A 774 29.22 -21.46 -30.50
CA GLY A 774 28.34 -21.95 -31.55
C GLY A 774 29.03 -22.02 -32.90
N LEU A 775 29.43 -20.87 -33.44
CA LEU A 775 30.15 -20.86 -34.71
C LEU A 775 31.51 -21.53 -34.57
N LYS A 776 32.18 -21.32 -33.44
CA LYS A 776 33.48 -21.95 -33.23
C LYS A 776 33.36 -23.47 -33.13
N VAL A 777 32.29 -23.95 -32.52
CA VAL A 777 32.07 -25.40 -32.43
C VAL A 777 31.81 -26.00 -33.80
N ILE A 778 31.01 -25.32 -34.62
CA ILE A 778 30.75 -25.79 -35.98
C ILE A 778 32.03 -25.79 -36.79
N LEU A 779 32.85 -24.74 -36.64
CA LEU A 779 34.14 -24.68 -37.33
C LEU A 779 35.06 -25.81 -36.90
N GLY A 780 35.08 -26.13 -35.60
CA GLY A 780 35.88 -27.25 -35.13
C GLY A 780 35.39 -28.59 -35.62
N ILE A 781 34.08 -28.78 -35.71
CA ILE A 781 33.53 -30.03 -36.22
C ILE A 781 33.85 -30.19 -37.70
N LEU A 782 33.65 -29.13 -38.48
CA LEU A 782 33.89 -29.20 -39.91
C LEU A 782 35.37 -29.16 -40.24
N LEU A 783 36.16 -28.38 -39.50
CA LEU A 783 37.60 -28.29 -39.71
C LEU A 783 38.33 -28.80 -38.48
N PRO A 784 38.79 -30.05 -38.49
CA PRO A 784 39.52 -30.61 -37.33
C PRO A 784 40.79 -29.85 -36.96
N PRO A 785 41.52 -29.25 -37.91
CA PRO A 785 42.66 -28.42 -37.47
C PRO A 785 42.30 -27.27 -36.55
N SER A 786 41.07 -26.74 -36.63
CA SER A 786 40.69 -25.63 -35.76
C SER A 786 40.48 -26.05 -34.32
N ILE A 787 40.45 -27.36 -34.03
CA ILE A 787 40.26 -27.81 -32.66
C ILE A 787 41.44 -27.40 -31.79
N LEU A 788 42.66 -27.52 -32.30
CA LEU A 788 43.87 -27.25 -31.56
C LEU A 788 44.17 -25.76 -31.41
N SER A 789 43.22 -24.89 -31.75
CA SER A 789 43.38 -23.45 -31.60
C SER A 789 42.41 -22.87 -30.58
N LEU A 790 41.87 -23.70 -29.70
CA LEU A 790 40.92 -23.28 -28.68
C LEU A 790 41.54 -23.44 -27.30
N GLU A 791 41.14 -22.56 -26.39
CA GLU A 791 41.61 -22.63 -25.01
C GLU A 791 40.82 -23.67 -24.24
N PHE A 792 41.50 -24.41 -23.38
CA PHE A 792 40.90 -25.51 -22.63
C PHE A 792 41.17 -25.33 -21.15
N LYS A 793 40.24 -25.84 -20.34
CA LYS A 793 40.39 -25.78 -18.89
C LYS A 793 41.44 -26.79 -18.42
N ASN A 794 41.99 -26.53 -17.25
CA ASN A 794 43.01 -27.40 -16.67
C ASN A 794 42.41 -28.71 -16.17
N GLY A 861 46.86 -34.35 -28.61
CA GLY A 861 46.37 -35.71 -28.54
C GLY A 861 45.13 -35.84 -27.68
N ARG A 862 45.29 -35.59 -26.38
CA ARG A 862 44.17 -35.65 -25.46
C ARG A 862 43.19 -34.51 -25.66
N LYS A 863 43.62 -33.43 -26.32
CA LYS A 863 42.75 -32.29 -26.55
C LYS A 863 41.57 -32.66 -27.46
N ILE A 864 41.79 -33.55 -28.42
CA ILE A 864 40.70 -34.00 -29.29
C ILE A 864 39.65 -34.74 -28.46
N TYR A 865 40.09 -35.61 -27.55
CA TYR A 865 39.14 -36.34 -26.71
C TYR A 865 38.37 -35.40 -25.79
N GLU A 866 39.03 -34.36 -25.28
CA GLU A 866 38.34 -33.39 -24.45
C GLU A 866 37.32 -32.60 -25.27
N PHE A 867 37.65 -32.28 -26.52
CA PHE A 867 36.74 -31.51 -27.37
C PHE A 867 35.51 -32.33 -27.74
N TYR A 868 35.71 -33.57 -28.20
CA TYR A 868 34.60 -34.33 -28.75
C TYR A 868 33.70 -34.94 -27.69
N ASN A 869 34.03 -34.83 -26.42
CA ASN A 869 33.18 -35.34 -25.36
C ASN A 869 32.39 -34.25 -24.64
N ALA A 870 32.53 -33.00 -25.06
CA ALA A 870 31.70 -31.95 -24.49
C ALA A 870 30.26 -32.13 -24.96
N PRO A 871 29.27 -31.82 -24.11
CA PRO A 871 27.87 -31.93 -24.56
C PRO A 871 27.54 -31.02 -25.72
N ILE A 872 28.13 -29.84 -25.79
CA ILE A 872 27.78 -28.89 -26.85
C ILE A 872 28.27 -29.40 -28.21
N VAL A 873 29.44 -30.02 -28.24
CA VAL A 873 29.96 -30.56 -29.48
C VAL A 873 29.11 -31.73 -29.96
N LYS A 874 28.68 -32.60 -29.04
CA LYS A 874 27.77 -33.68 -29.41
C LYS A 874 26.46 -33.13 -29.94
N PHE A 875 25.94 -32.07 -29.31
CA PHE A 875 24.69 -31.48 -29.76
C PHE A 875 24.81 -30.93 -31.18
N TRP A 876 25.91 -30.22 -31.46
CA TRP A 876 26.07 -29.66 -32.81
C TRP A 876 26.32 -30.75 -33.85
N PHE A 877 27.03 -31.82 -33.48
CA PHE A 877 27.19 -32.96 -34.38
C PHE A 877 25.83 -33.58 -34.72
N TYR A 878 25.00 -33.79 -33.70
CA TYR A 878 23.66 -34.34 -33.94
C TYR A 878 22.82 -33.40 -34.79
N THR A 879 22.92 -32.09 -34.55
CA THR A 879 22.15 -31.12 -35.33
C THR A 879 22.55 -31.16 -36.80
N LEU A 880 23.85 -31.18 -37.08
CA LEU A 880 24.30 -31.23 -38.47
C LEU A 880 23.88 -32.53 -39.15
N ALA A 881 23.97 -33.65 -38.43
CA ALA A 881 23.52 -34.91 -39.00
C ALA A 881 22.03 -34.89 -39.30
N TYR A 882 21.23 -34.31 -38.41
CA TYR A 882 19.79 -34.24 -38.64
C TYR A 882 19.47 -33.34 -39.83
N ILE A 883 20.20 -32.23 -39.99
CA ILE A 883 19.97 -31.36 -41.13
C ILE A 883 20.29 -32.10 -42.44
N GLY A 884 21.42 -32.83 -42.46
CA GLY A 884 21.74 -33.60 -43.65
C GLY A 884 20.71 -34.67 -43.95
N TYR A 885 20.20 -35.33 -42.91
CA TYR A 885 19.16 -36.34 -43.11
C TYR A 885 17.88 -35.73 -43.67
N LEU A 886 17.49 -34.56 -43.17
CA LEU A 886 16.31 -33.88 -43.70
C LEU A 886 16.51 -33.52 -45.16
N MET A 887 17.71 -33.05 -45.51
CA MET A 887 17.99 -32.72 -46.91
C MET A 887 17.86 -33.95 -47.81
N LEU A 888 18.41 -35.08 -47.37
CA LEU A 888 18.32 -36.30 -48.18
C LEU A 888 16.88 -36.79 -48.29
N PHE A 889 16.11 -36.69 -47.21
CA PHE A 889 14.71 -37.11 -47.25
C PHE A 889 13.93 -36.26 -48.24
N ASN A 890 14.13 -34.93 -48.21
CA ASN A 890 13.47 -34.07 -49.18
C ASN A 890 13.85 -34.41 -50.60
N TYR A 891 15.14 -34.69 -50.84
CA TYR A 891 15.57 -35.05 -52.19
C TYR A 891 14.88 -36.32 -52.66
N ILE A 892 14.83 -37.35 -51.80
CA ILE A 892 14.27 -38.62 -52.26
C ILE A 892 12.76 -38.57 -52.41
N VAL A 893 12.06 -37.66 -51.71
CA VAL A 893 10.61 -37.58 -51.91
C VAL A 893 10.22 -36.62 -53.04
N LEU A 894 11.07 -35.65 -53.37
CA LEU A 894 10.70 -34.69 -54.41
C LEU A 894 10.93 -35.23 -55.81
N VAL A 895 12.10 -35.82 -56.06
CA VAL A 895 12.45 -36.31 -57.39
C VAL A 895 11.85 -37.68 -57.64
N LYS A 896 11.92 -38.13 -58.89
CA LYS A 896 11.27 -39.37 -59.30
C LYS A 896 11.88 -40.58 -58.60
N MET A 897 11.02 -41.49 -58.15
CA MET A 897 11.43 -42.67 -57.41
C MET A 897 11.49 -43.88 -58.33
N GLU A 898 12.60 -44.60 -58.30
CA GLU A 898 12.84 -45.71 -59.20
C GLU A 898 12.39 -47.03 -58.56
N ARG A 899 12.74 -48.14 -59.18
CA ARG A 899 12.33 -49.46 -58.67
C ARG A 899 13.11 -49.85 -57.43
N TRP A 900 14.41 -49.57 -57.40
CA TRP A 900 15.22 -49.88 -56.24
C TRP A 900 15.74 -48.59 -55.60
N PRO A 901 15.96 -48.60 -54.29
CA PRO A 901 16.41 -47.37 -53.61
C PRO A 901 17.77 -46.90 -54.13
N SER A 902 17.91 -45.58 -54.22
CA SER A 902 19.17 -44.98 -54.64
C SER A 902 20.09 -44.84 -53.44
N THR A 903 21.23 -44.17 -53.62
CA THR A 903 22.18 -44.00 -52.53
C THR A 903 21.59 -43.14 -51.41
N GLN A 904 20.94 -42.03 -51.77
CA GLN A 904 20.34 -41.17 -50.76
C GLN A 904 19.23 -41.88 -49.99
N GLU A 905 18.44 -42.69 -50.69
CA GLU A 905 17.39 -43.45 -50.03
C GLU A 905 17.98 -44.47 -49.05
N TRP A 906 19.09 -45.10 -49.44
CA TRP A 906 19.75 -46.03 -48.53
C TRP A 906 20.32 -45.31 -47.31
N ILE A 907 20.83 -44.09 -47.49
CA ILE A 907 21.32 -43.34 -46.34
C ILE A 907 20.17 -42.98 -45.41
N VAL A 908 19.02 -42.59 -45.96
CA VAL A 908 17.86 -42.28 -45.12
C VAL A 908 17.39 -43.52 -44.37
N ILE A 909 17.35 -44.66 -45.04
CA ILE A 909 16.93 -45.91 -44.40
C ILE A 909 17.90 -46.28 -43.29
N SER A 910 19.20 -46.13 -43.54
CA SER A 910 20.19 -46.42 -42.50
C SER A 910 20.04 -45.49 -41.31
N TYR A 911 19.73 -44.21 -41.55
CA TYR A 911 19.51 -43.29 -40.45
C TYR A 911 18.32 -43.72 -39.60
N ILE A 912 17.22 -44.10 -40.25
CA ILE A 912 16.03 -44.53 -39.49
C ILE A 912 16.33 -45.80 -38.70
N PHE A 913 17.02 -46.75 -39.33
CA PHE A 913 17.33 -48.01 -38.65
C PHE A 913 18.24 -47.80 -37.45
N THR A 914 19.29 -46.99 -37.61
CA THR A 914 20.19 -46.73 -36.50
C THR A 914 19.52 -45.92 -35.40
N LEU A 915 18.60 -45.01 -35.76
CA LEU A 915 17.84 -44.30 -34.74
C LEU A 915 16.96 -45.25 -33.95
N GLY A 916 16.34 -46.22 -34.63
CA GLY A 916 15.57 -47.22 -33.92
C GLY A 916 16.42 -48.07 -32.99
N ILE A 917 17.62 -48.44 -33.45
CA ILE A 917 18.54 -49.20 -32.59
C ILE A 917 18.94 -48.38 -31.38
N GLU A 918 19.18 -47.09 -31.57
CA GLU A 918 19.53 -46.21 -30.45
C GLU A 918 18.37 -46.09 -29.47
N LYS A 919 17.14 -46.00 -29.97
CA LYS A 919 15.98 -45.96 -29.08
C LYS A 919 15.86 -47.24 -28.27
N MET A 920 16.08 -48.40 -28.91
CA MET A 920 16.04 -49.67 -28.18
C MET A 920 17.12 -49.73 -27.11
N ARG A 921 18.32 -49.26 -27.44
CA ARG A 921 19.41 -49.24 -26.46
C ARG A 921 19.06 -48.31 -25.28
N GLU A 922 18.46 -47.16 -25.57
CA GLU A 922 18.08 -46.24 -24.51
C GLU A 922 17.01 -46.83 -23.61
N ILE A 923 16.06 -47.57 -24.20
CA ILE A 923 15.06 -48.26 -23.39
C ILE A 923 15.71 -49.32 -22.51
N LEU A 924 16.64 -50.10 -23.08
CA LEU A 924 17.24 -51.20 -22.34
C LEU A 924 18.08 -50.73 -21.16
N MET A 925 18.76 -49.60 -21.29
CA MET A 925 19.65 -49.10 -20.25
C MET A 925 18.98 -48.05 -19.37
N SER A 926 17.69 -48.20 -19.11
CA SER A 926 16.94 -47.24 -18.32
C SER A 926 17.23 -47.46 -16.83
N GLU A 927 16.51 -46.75 -15.97
CA GLU A 927 16.72 -46.79 -14.53
C GLU A 927 16.14 -48.02 -13.84
N PRO A 928 14.87 -48.40 -14.07
CA PRO A 928 14.33 -49.57 -13.37
C PRO A 928 14.98 -50.86 -13.84
N GLY A 929 14.73 -51.92 -13.07
CA GLY A 929 15.28 -53.23 -13.39
C GLY A 929 14.32 -54.14 -14.11
N LYS A 930 13.04 -53.76 -14.18
CA LYS A 930 12.03 -54.55 -14.85
C LYS A 930 11.87 -54.08 -16.29
N LEU A 931 11.75 -55.04 -17.21
CA LEU A 931 11.64 -54.70 -18.63
C LEU A 931 10.38 -53.90 -18.92
N LEU A 932 9.25 -54.33 -18.36
CA LEU A 932 8.00 -53.62 -18.60
C LEU A 932 7.89 -52.32 -17.80
N GLN A 933 8.67 -52.18 -16.74
CA GLN A 933 8.68 -50.92 -15.99
C GLN A 933 9.47 -49.85 -16.74
N LYS A 934 10.55 -50.25 -17.41
CA LYS A 934 11.35 -49.28 -18.17
C LYS A 934 10.59 -48.75 -19.38
N VAL A 935 9.76 -49.59 -20.00
CA VAL A 935 9.03 -49.17 -21.19
C VAL A 935 8.08 -48.02 -20.87
N LYS A 936 7.35 -48.13 -19.75
CA LYS A 936 6.40 -47.07 -19.41
C LYS A 936 7.10 -45.77 -19.04
N VAL A 937 8.19 -45.84 -18.26
CA VAL A 937 8.91 -44.64 -17.90
C VAL A 937 9.60 -44.02 -19.11
N TRP A 938 9.92 -44.82 -20.13
CA TRP A 938 10.39 -44.23 -21.38
C TRP A 938 9.26 -43.62 -22.18
N LEU A 939 8.07 -44.21 -22.13
CA LEU A 939 6.91 -43.72 -22.87
C LEU A 939 6.20 -42.58 -22.16
N GLN A 940 6.68 -42.15 -20.99
CA GLN A 940 6.08 -40.98 -20.35
C GLN A 940 6.19 -39.74 -21.22
N GLU A 941 7.36 -39.54 -21.85
CA GLU A 941 7.55 -38.38 -22.71
C GLU A 941 6.81 -38.58 -24.04
N TYR A 942 6.23 -37.49 -24.53
CA TYR A 942 5.44 -37.56 -25.76
C TYR A 942 6.32 -37.65 -27.00
N TRP A 943 7.51 -37.05 -26.96
CA TRP A 943 8.40 -37.12 -28.12
C TRP A 943 8.82 -38.56 -28.41
N ASN A 944 9.05 -39.35 -27.35
CA ASN A 944 9.42 -40.74 -27.56
C ASN A 944 8.29 -41.54 -28.20
N VAL A 945 7.05 -41.31 -27.76
CA VAL A 945 5.90 -42.01 -28.35
C VAL A 945 5.76 -41.62 -29.82
N THR A 946 5.87 -40.33 -30.12
CA THR A 946 5.74 -39.89 -31.51
C THR A 946 6.87 -40.45 -32.37
N ASP A 947 8.09 -40.51 -31.83
CA ASP A 947 9.20 -41.09 -32.58
C ASP A 947 8.97 -42.57 -32.85
N LEU A 948 8.45 -43.31 -31.86
CA LEU A 948 8.16 -44.72 -32.07
C LEU A 948 7.12 -44.91 -33.16
N ILE A 949 6.05 -44.12 -33.11
CA ILE A 949 4.99 -44.22 -34.12
C ILE A 949 5.54 -43.88 -35.50
N ALA A 950 6.38 -42.84 -35.59
CA ALA A 950 6.92 -42.42 -36.88
C ALA A 950 7.87 -43.47 -37.44
N ILE A 951 8.70 -44.09 -36.60
CA ILE A 951 9.62 -45.12 -37.08
C ILE A 951 8.85 -46.33 -37.57
N LEU A 952 7.80 -46.73 -36.84
CA LEU A 952 6.98 -47.85 -37.30
C LEU A 952 6.29 -47.53 -38.64
N LEU A 953 5.77 -46.31 -38.77
CA LEU A 953 5.11 -45.91 -40.02
C LEU A 953 6.09 -45.88 -41.18
N PHE A 954 7.32 -45.40 -40.93
CA PHE A 954 8.33 -45.39 -41.98
C PHE A 954 8.72 -46.80 -42.38
N SER A 955 8.81 -47.71 -41.42
CA SER A 955 9.10 -49.11 -41.75
C SER A 955 7.99 -49.72 -42.60
N VAL A 956 6.74 -49.43 -42.26
CA VAL A 956 5.62 -49.93 -43.07
C VAL A 956 5.68 -49.35 -44.48
N GLY A 957 5.96 -48.05 -44.60
CA GLY A 957 6.05 -47.44 -45.91
C GLY A 957 7.20 -47.99 -46.74
N MET A 958 8.33 -48.28 -46.10
CA MET A 958 9.44 -48.90 -46.82
C MET A 958 9.10 -50.31 -47.25
N ILE A 959 8.39 -51.07 -46.42
CA ILE A 959 7.96 -52.41 -46.79
C ILE A 959 7.05 -52.36 -48.01
N LEU A 960 6.10 -51.44 -48.02
CA LEU A 960 5.23 -51.29 -49.18
C LEU A 960 5.97 -50.73 -50.39
N ARG A 961 7.08 -50.01 -50.17
CA ARG A 961 7.76 -49.35 -51.29
C ARG A 961 8.46 -50.34 -52.20
N LEU A 962 9.02 -51.42 -51.65
CA LEU A 962 9.76 -52.41 -52.43
C LEU A 962 8.82 -53.45 -53.05
N GLN A 963 7.80 -52.99 -53.74
CA GLN A 963 6.79 -53.87 -54.34
C GLN A 963 6.45 -53.31 -55.72
N ASP A 964 5.31 -53.73 -56.27
CA ASP A 964 4.86 -53.27 -57.57
C ASP A 964 4.38 -51.82 -57.48
N GLN A 965 3.84 -51.30 -58.60
CA GLN A 965 3.55 -49.88 -58.71
C GLN A 965 2.53 -49.35 -57.70
N PRO A 966 1.37 -49.99 -57.47
CA PRO A 966 0.43 -49.41 -56.48
C PRO A 966 0.98 -49.39 -55.07
N PHE A 967 1.59 -50.49 -54.62
CA PHE A 967 2.20 -50.48 -53.30
C PHE A 967 3.38 -49.51 -53.24
N ARG A 968 4.08 -49.32 -54.35
CA ARG A 968 5.16 -48.34 -54.38
C ARG A 968 4.61 -46.93 -54.19
N SER A 969 3.49 -46.60 -54.83
CA SER A 969 2.87 -45.30 -54.62
C SER A 969 2.38 -45.13 -53.19
N ASP A 970 1.82 -46.19 -52.60
CA ASP A 970 1.39 -46.12 -51.21
C ASP A 970 2.58 -45.87 -50.28
N GLY A 971 3.71 -46.55 -50.52
CA GLY A 971 4.90 -46.29 -49.74
C GLY A 971 5.41 -44.88 -49.92
N ARG A 972 5.31 -44.34 -51.12
CA ARG A 972 5.72 -42.96 -51.35
C ARG A 972 4.84 -41.98 -50.57
N VAL A 973 3.54 -42.27 -50.50
CA VAL A 973 2.64 -41.40 -49.72
C VAL A 973 2.99 -41.48 -48.23
N ILE A 974 3.30 -42.67 -47.74
CA ILE A 974 3.76 -42.80 -46.35
C ILE A 974 5.04 -42.01 -46.14
N TYR A 975 5.93 -42.01 -47.14
CA TYR A 975 7.14 -41.19 -47.05
C TYR A 975 6.81 -39.70 -46.93
N CYS A 976 5.81 -39.24 -47.67
CA CYS A 976 5.43 -37.83 -47.58
C CYS A 976 4.88 -37.47 -46.20
N VAL A 977 4.05 -38.33 -45.63
CA VAL A 977 3.55 -38.07 -44.28
C VAL A 977 4.71 -38.05 -43.28
N ASN A 978 5.65 -38.98 -43.44
CA ASN A 978 6.79 -39.01 -42.54
C ASN A 978 7.66 -37.75 -42.69
N ILE A 979 7.79 -37.22 -43.91
CA ILE A 979 8.59 -36.01 -44.05
C ILE A 979 7.90 -34.83 -43.39
N ILE A 980 6.56 -34.84 -43.37
CA ILE A 980 5.84 -33.84 -42.57
C ILE A 980 6.26 -33.94 -41.11
N TYR A 981 6.24 -35.16 -40.56
CA TYR A 981 6.58 -35.30 -39.14
C TYR A 981 8.02 -34.90 -38.85
N TRP A 982 8.95 -35.31 -39.71
CA TRP A 982 10.36 -35.01 -39.44
C TRP A 982 10.66 -33.54 -39.63
N TYR A 983 9.89 -32.84 -40.48
CA TYR A 983 9.99 -31.39 -40.52
C TYR A 983 9.49 -30.77 -39.22
N ILE A 984 8.39 -31.27 -38.68
CA ILE A 984 7.85 -30.73 -37.44
C ILE A 984 8.83 -30.94 -36.29
N ARG A 985 9.56 -32.06 -36.30
CA ARG A 985 10.45 -32.37 -35.18
C ARG A 985 11.68 -31.47 -35.07
N LEU A 986 11.82 -30.43 -35.90
CA LEU A 986 12.91 -29.48 -35.73
C LEU A 986 12.71 -28.56 -34.54
N LEU A 987 11.50 -28.48 -33.99
CA LEU A 987 11.26 -27.61 -32.84
C LEU A 987 11.96 -28.13 -31.59
N ASP A 988 12.16 -29.45 -31.50
CA ASP A 988 12.94 -30.01 -30.40
C ASP A 988 14.39 -29.52 -30.45
N ILE A 989 14.97 -29.45 -31.63
CA ILE A 989 16.30 -28.86 -31.78
C ILE A 989 16.27 -27.37 -31.48
N PHE A 990 15.22 -26.68 -31.93
CA PHE A 990 15.11 -25.25 -31.66
C PHE A 990 14.99 -24.96 -30.17
N GLY A 991 14.47 -25.91 -29.39
CA GLY A 991 14.25 -25.69 -27.97
C GLY A 991 15.50 -25.43 -27.15
N VAL A 992 16.68 -25.72 -27.69
CA VAL A 992 17.92 -25.41 -26.98
C VAL A 992 18.13 -23.90 -26.89
N ASN A 993 17.66 -23.15 -27.88
CA ASN A 993 17.82 -21.70 -27.87
C ASN A 993 17.04 -21.10 -26.71
N LYS A 994 17.54 -19.97 -26.18
CA LYS A 994 16.95 -19.36 -25.00
C LYS A 994 15.58 -18.78 -25.29
N TYR A 995 15.35 -18.26 -26.49
CA TYR A 995 14.11 -17.58 -26.83
C TYR A 995 13.15 -18.42 -27.65
N LEU A 996 13.63 -19.48 -28.30
CA LEU A 996 12.80 -20.33 -29.12
C LEU A 996 12.24 -21.54 -28.39
N GLY A 997 12.57 -21.71 -27.10
CA GLY A 997 12.01 -22.78 -26.30
C GLY A 997 10.72 -22.39 -25.62
N PRO A 998 10.75 -21.30 -24.85
CA PRO A 998 9.50 -20.80 -24.26
C PRO A 998 8.42 -20.49 -25.27
N TYR A 999 8.77 -20.05 -26.48
CA TYR A 999 7.74 -19.77 -27.48
C TYR A 999 7.00 -21.03 -27.88
N VAL A 1000 7.73 -22.13 -28.10
CA VAL A 1000 7.07 -23.40 -28.44
C VAL A 1000 6.23 -23.90 -27.27
N MET A 1001 6.76 -23.78 -26.05
CA MET A 1001 5.99 -24.25 -24.91
C MET A 1001 4.78 -23.37 -24.62
N MET A 1002 4.76 -22.12 -25.08
CA MET A 1002 3.54 -21.32 -25.08
C MET A 1002 2.59 -21.76 -26.18
N ILE A 1003 3.15 -22.13 -27.33
CA ILE A 1003 2.34 -22.55 -28.47
C ILE A 1003 1.49 -23.75 -28.11
N GLY A 1004 2.04 -24.67 -27.31
CA GLY A 1004 1.25 -25.83 -26.91
C GLY A 1004 -0.03 -25.47 -26.14
N LYS A 1005 0.11 -24.63 -25.12
CA LYS A 1005 -1.04 -24.26 -24.30
C LYS A 1005 -2.03 -23.42 -25.10
N MET A 1006 -1.52 -22.49 -25.91
CA MET A 1006 -2.42 -21.74 -26.78
C MET A 1006 -3.15 -22.64 -27.75
N MET A 1007 -2.53 -23.74 -28.16
CA MET A 1007 -3.20 -24.69 -29.04
C MET A 1007 -4.34 -25.40 -28.32
N ILE A 1008 -4.15 -25.70 -27.04
CA ILE A 1008 -5.25 -26.27 -26.25
C ILE A 1008 -6.45 -25.32 -26.24
N ASP A 1009 -6.20 -24.05 -25.93
CA ASP A 1009 -7.29 -23.07 -25.94
C ASP A 1009 -7.90 -22.91 -27.33
N MET A 1010 -7.05 -23.00 -28.36
CA MET A 1010 -7.53 -22.86 -29.74
C MET A 1010 -8.49 -23.98 -30.10
N MET A 1011 -8.21 -25.21 -29.68
CA MET A 1011 -9.14 -26.31 -29.94
C MET A 1011 -10.46 -26.10 -29.20
N TYR A 1012 -10.38 -25.67 -27.93
CA TYR A 1012 -11.60 -25.38 -27.18
C TYR A 1012 -12.45 -24.34 -27.87
N PHE A 1013 -11.83 -23.39 -28.58
CA PHE A 1013 -12.60 -22.41 -29.33
C PHE A 1013 -12.97 -22.86 -30.74
N VAL A 1014 -12.26 -23.85 -31.30
CA VAL A 1014 -12.56 -24.28 -32.66
C VAL A 1014 -13.75 -25.22 -32.71
N ILE A 1015 -14.11 -25.84 -31.58
CA ILE A 1015 -15.32 -26.68 -31.56
C ILE A 1015 -16.55 -25.87 -31.98
N ILE A 1016 -16.69 -24.66 -31.42
CA ILE A 1016 -17.86 -23.82 -31.70
C ILE A 1016 -17.87 -23.38 -33.16
N MET A 1017 -16.72 -23.00 -33.69
CA MET A 1017 -16.64 -22.61 -35.09
C MET A 1017 -17.00 -23.78 -36.00
N LEU A 1018 -16.61 -25.00 -35.61
CA LEU A 1018 -17.00 -26.17 -36.38
C LEU A 1018 -18.51 -26.34 -36.38
N VAL A 1019 -19.15 -26.09 -35.24
CA VAL A 1019 -20.62 -26.17 -35.17
C VAL A 1019 -21.27 -25.19 -36.14
N VAL A 1020 -20.81 -23.93 -36.11
CA VAL A 1020 -21.40 -22.90 -36.96
C VAL A 1020 -21.16 -23.21 -38.44
N LEU A 1021 -19.95 -23.66 -38.77
CA LEU A 1021 -19.61 -24.01 -40.15
C LEU A 1021 -20.49 -25.15 -40.65
N MET A 1022 -20.70 -26.18 -39.83
CA MET A 1022 -21.56 -27.29 -40.24
C MET A 1022 -22.98 -26.81 -40.46
N SER A 1023 -23.47 -25.92 -39.59
CA SER A 1023 -24.82 -25.38 -39.75
C SER A 1023 -24.99 -24.70 -41.10
N PHE A 1024 -24.08 -23.76 -41.42
CA PHE A 1024 -24.19 -23.04 -42.68
C PHE A 1024 -24.04 -23.97 -43.88
N GLY A 1025 -23.09 -24.91 -43.81
CA GLY A 1025 -22.87 -25.79 -44.94
C GLY A 1025 -24.06 -26.67 -45.23
N VAL A 1026 -24.64 -27.26 -44.18
CA VAL A 1026 -25.81 -28.13 -44.38
C VAL A 1026 -26.97 -27.32 -44.95
N ALA A 1027 -27.22 -26.12 -44.40
CA ALA A 1027 -28.32 -25.31 -44.87
C ALA A 1027 -28.16 -24.94 -46.34
N ARG A 1028 -26.96 -24.48 -46.73
CA ARG A 1028 -26.74 -24.06 -48.11
C ARG A 1028 -26.83 -25.23 -49.08
N GLN A 1029 -26.17 -26.34 -48.76
CA GLN A 1029 -26.20 -27.51 -49.64
C GLN A 1029 -27.60 -28.06 -49.78
N ALA A 1030 -28.41 -28.02 -48.72
CA ALA A 1030 -29.78 -28.49 -48.82
C ALA A 1030 -30.65 -27.55 -49.62
N ILE A 1031 -30.41 -26.23 -49.51
CA ILE A 1031 -31.20 -25.26 -50.25
C ILE A 1031 -30.92 -25.37 -51.75
N LEU A 1032 -29.63 -25.38 -52.13
CA LEU A 1032 -29.28 -25.21 -53.53
C LEU A 1032 -29.45 -26.49 -54.35
N PHE A 1033 -29.26 -27.66 -53.75
CA PHE A 1033 -29.23 -28.93 -54.48
C PHE A 1033 -30.26 -29.88 -53.90
N PRO A 1034 -31.51 -29.82 -54.36
CA PRO A 1034 -32.58 -30.66 -53.79
C PRO A 1034 -32.86 -31.95 -54.54
N ASN A 1035 -32.06 -32.31 -55.54
CA ASN A 1035 -32.28 -33.49 -56.36
C ASN A 1035 -31.02 -34.36 -56.38
N GLU A 1036 -30.46 -34.61 -55.20
CA GLU A 1036 -29.21 -35.36 -55.07
C GLU A 1036 -29.49 -36.74 -54.48
N GLU A 1037 -28.97 -37.76 -55.14
CA GLU A 1037 -28.97 -39.10 -54.57
C GLU A 1037 -27.99 -39.17 -53.41
N PRO A 1038 -28.20 -40.07 -52.45
CA PRO A 1038 -27.27 -40.15 -51.32
C PRO A 1038 -25.90 -40.66 -51.72
N SER A 1039 -24.91 -39.78 -51.68
CA SER A 1039 -23.53 -40.13 -51.99
C SER A 1039 -22.63 -39.45 -50.98
N TRP A 1040 -21.41 -39.99 -50.82
CA TRP A 1040 -20.48 -39.44 -49.84
C TRP A 1040 -20.00 -38.05 -50.19
N LYS A 1041 -20.24 -37.56 -51.41
CA LYS A 1041 -19.94 -36.19 -51.74
C LYS A 1041 -20.83 -35.20 -50.99
N LEU A 1042 -21.96 -35.66 -50.46
CA LEU A 1042 -22.80 -34.79 -49.64
C LEU A 1042 -22.09 -34.37 -48.37
N ALA A 1043 -21.33 -35.29 -47.77
CA ALA A 1043 -20.57 -34.97 -46.56
C ALA A 1043 -19.35 -34.11 -46.85
N LYS A 1044 -18.81 -34.16 -48.07
CA LYS A 1044 -17.66 -33.33 -48.41
C LYS A 1044 -18.07 -31.89 -48.68
N ASN A 1045 -19.22 -31.68 -49.32
CA ASN A 1045 -19.66 -30.33 -49.67
C ASN A 1045 -20.03 -29.50 -48.46
N ILE A 1046 -20.34 -30.13 -47.32
CA ILE A 1046 -20.69 -29.39 -46.12
C ILE A 1046 -19.47 -28.69 -45.54
N PHE A 1047 -18.32 -29.36 -45.53
CA PHE A 1047 -17.15 -28.87 -44.82
C PHE A 1047 -16.19 -28.09 -45.71
N TYR A 1048 -16.13 -28.41 -47.01
CA TYR A 1048 -15.11 -27.88 -47.90
C TYR A 1048 -15.18 -26.36 -48.07
N MET A 1049 -16.24 -25.89 -48.70
CA MET A 1049 -16.32 -24.48 -49.10
C MET A 1049 -16.66 -23.54 -47.94
N PRO A 1050 -17.52 -23.92 -46.99
CA PRO A 1050 -17.62 -23.11 -45.77
C PRO A 1050 -16.32 -22.96 -45.02
N TYR A 1051 -15.41 -23.94 -45.10
CA TYR A 1051 -14.12 -23.78 -44.47
C TYR A 1051 -13.21 -22.87 -45.27
N TRP A 1052 -13.19 -23.01 -46.61
CA TRP A 1052 -12.35 -22.10 -47.38
C TRP A 1052 -12.86 -20.67 -47.38
N MET A 1053 -14.15 -20.47 -47.08
CA MET A 1053 -14.72 -19.13 -47.12
C MET A 1053 -14.09 -18.19 -46.10
N ILE A 1054 -13.70 -18.71 -44.94
CA ILE A 1054 -13.27 -17.85 -43.84
C ILE A 1054 -11.77 -17.64 -43.87
N TYR A 1055 -11.12 -18.02 -44.97
CA TYR A 1055 -9.69 -17.83 -45.13
C TYR A 1055 -9.35 -17.02 -46.38
N GLY A 1056 -10.34 -16.34 -46.95
CA GLY A 1056 -10.11 -15.48 -48.08
C GLY A 1056 -10.55 -16.02 -49.43
N GLU A 1057 -11.53 -16.92 -49.47
CA GLU A 1057 -12.11 -17.41 -50.72
C GLU A 1057 -13.62 -17.28 -50.58
N VAL A 1058 -14.14 -16.09 -50.87
CA VAL A 1058 -15.53 -15.74 -50.57
C VAL A 1058 -16.28 -15.52 -51.88
N PHE A 1059 -15.93 -16.31 -52.90
CA PHE A 1059 -16.50 -16.13 -54.23
C PHE A 1059 -18.01 -16.20 -54.20
N ALA A 1060 -18.66 -15.20 -54.80
CA ALA A 1060 -20.11 -15.06 -54.78
C ALA A 1060 -20.77 -15.59 -56.04
N ASP A 1061 -20.01 -16.18 -56.95
CA ASP A 1061 -20.57 -16.90 -58.08
C ASP A 1061 -20.67 -18.40 -57.83
N GLN A 1062 -19.65 -18.97 -57.19
CA GLN A 1062 -19.71 -20.37 -56.78
C GLN A 1062 -20.68 -20.58 -55.64
N ILE A 1063 -21.01 -19.54 -54.88
CA ILE A 1063 -21.98 -19.59 -53.80
C ILE A 1063 -23.07 -18.59 -54.10
N ASP A 1064 -24.32 -19.04 -54.02
CA ASP A 1064 -25.49 -18.30 -54.51
C ASP A 1064 -25.28 -17.93 -55.97
N PRO A 1065 -25.35 -18.89 -56.89
CA PRO A 1065 -25.09 -18.61 -58.30
C PRO A 1065 -26.22 -17.78 -58.90
N PRO A 1066 -25.95 -17.08 -60.01
CA PRO A 1066 -27.01 -16.27 -60.63
C PRO A 1066 -28.05 -17.10 -61.34
N CYS A 1067 -29.02 -17.61 -60.60
CA CYS A 1067 -30.11 -18.39 -61.18
C CYS A 1067 -31.44 -17.66 -61.02
N GLN A 1080 -32.47 -17.67 -70.76
CA GLN A 1080 -31.03 -17.88 -70.85
C GLN A 1080 -30.48 -18.46 -69.55
N LEU A 1081 -30.85 -17.83 -68.44
CA LEU A 1081 -30.41 -18.31 -67.14
C LEU A 1081 -31.19 -19.56 -66.73
N PRO A 1082 -30.56 -20.47 -65.99
CA PRO A 1082 -31.29 -21.60 -65.45
C PRO A 1082 -32.33 -21.14 -64.45
N PRO A 1083 -33.41 -21.89 -64.26
CA PRO A 1083 -34.46 -21.46 -63.33
C PRO A 1083 -33.93 -21.35 -61.91
N CYS A 1084 -34.46 -20.37 -61.18
CA CYS A 1084 -34.02 -20.11 -59.82
C CYS A 1084 -34.62 -21.13 -58.87
N LYS A 1085 -33.80 -21.61 -57.94
CA LYS A 1085 -34.27 -22.56 -56.95
C LYS A 1085 -35.21 -21.89 -55.96
N THR A 1086 -36.12 -22.68 -55.40
CA THR A 1086 -37.05 -22.17 -54.42
C THR A 1086 -36.32 -21.80 -53.14
N GLY A 1087 -36.52 -20.57 -52.68
CA GLY A 1087 -35.84 -20.12 -51.48
C GLY A 1087 -34.35 -19.95 -51.61
N ALA A 1088 -33.85 -19.68 -52.81
CA ALA A 1088 -32.41 -19.54 -53.02
C ALA A 1088 -31.87 -18.19 -52.59
N TRP A 1089 -32.74 -17.25 -52.22
CA TRP A 1089 -32.27 -15.95 -51.75
C TRP A 1089 -31.80 -15.97 -50.30
N ILE A 1090 -32.07 -17.05 -49.57
CA ILE A 1090 -31.64 -17.13 -48.18
C ILE A 1090 -30.14 -17.35 -48.08
N VAL A 1091 -29.52 -17.90 -49.13
CA VAL A 1091 -28.10 -18.26 -49.05
C VAL A 1091 -27.20 -17.05 -48.82
N PRO A 1092 -27.33 -15.93 -49.55
CA PRO A 1092 -26.46 -14.79 -49.21
C PRO A 1092 -26.72 -14.20 -47.83
N ALA A 1093 -27.96 -14.22 -47.34
CA ALA A 1093 -28.23 -13.71 -45.99
C ALA A 1093 -27.56 -14.59 -44.93
N ILE A 1094 -27.67 -15.91 -45.08
CA ILE A 1094 -26.99 -16.81 -44.15
C ILE A 1094 -25.48 -16.67 -44.28
N MET A 1095 -24.99 -16.42 -45.49
CA MET A 1095 -23.56 -16.20 -45.69
C MET A 1095 -23.09 -14.96 -44.96
N ALA A 1096 -23.86 -13.88 -45.03
CA ALA A 1096 -23.51 -12.65 -44.32
C ALA A 1096 -23.48 -12.87 -42.81
N CYS A 1097 -24.50 -13.53 -42.27
CA CYS A 1097 -24.54 -13.80 -40.84
C CYS A 1097 -23.39 -14.70 -40.41
N TYR A 1098 -23.10 -15.74 -41.20
CA TYR A 1098 -22.04 -16.68 -40.87
C TYR A 1098 -20.68 -16.01 -40.90
N LEU A 1099 -20.42 -15.16 -41.90
CA LEU A 1099 -19.16 -14.44 -41.95
C LEU A 1099 -19.02 -13.48 -40.79
N LEU A 1100 -20.10 -12.78 -40.43
CA LEU A 1100 -20.04 -11.86 -39.30
C LEU A 1100 -19.75 -12.59 -38.00
N VAL A 1101 -20.34 -13.77 -37.81
CA VAL A 1101 -20.10 -14.53 -36.60
C VAL A 1101 -18.68 -15.10 -36.57
N ALA A 1102 -18.23 -15.67 -37.69
CA ALA A 1102 -16.96 -16.40 -37.69
C ALA A 1102 -15.75 -15.47 -37.70
N ASN A 1103 -15.83 -14.34 -38.40
CA ASN A 1103 -14.66 -13.50 -38.63
C ASN A 1103 -14.61 -12.24 -37.79
N ILE A 1104 -15.64 -11.93 -37.01
CA ILE A 1104 -15.63 -10.70 -36.23
C ILE A 1104 -15.79 -11.02 -34.75
N LEU A 1105 -16.51 -12.09 -34.44
CA LEU A 1105 -16.83 -12.40 -33.06
C LEU A 1105 -15.90 -13.44 -32.46
N LEU A 1106 -15.83 -14.63 -33.06
CA LEU A 1106 -15.08 -15.72 -32.45
C LEU A 1106 -13.57 -15.47 -32.52
N VAL A 1107 -13.08 -14.95 -33.65
CA VAL A 1107 -11.64 -14.73 -33.78
C VAL A 1107 -11.18 -13.60 -32.87
N ASN A 1108 -12.00 -12.55 -32.71
CA ASN A 1108 -11.62 -11.47 -31.81
C ASN A 1108 -11.70 -11.90 -30.36
N LEU A 1109 -12.67 -12.75 -30.02
CA LEU A 1109 -12.71 -13.30 -28.66
C LEU A 1109 -11.52 -14.20 -28.39
N LEU A 1110 -11.09 -14.97 -29.40
CA LEU A 1110 -9.90 -15.80 -29.24
C LEU A 1110 -8.65 -14.94 -29.08
N ILE A 1111 -8.58 -13.82 -29.81
CA ILE A 1111 -7.46 -12.89 -29.63
C ILE A 1111 -7.44 -12.36 -28.21
N ALA A 1112 -8.62 -11.98 -27.69
CA ALA A 1112 -8.69 -11.49 -26.32
C ALA A 1112 -8.27 -12.57 -25.31
N VAL A 1113 -8.67 -13.82 -25.55
CA VAL A 1113 -8.30 -14.91 -24.64
C VAL A 1113 -6.79 -15.11 -24.65
N PHE A 1114 -6.18 -15.12 -25.84
CA PHE A 1114 -4.72 -15.25 -25.93
C PHE A 1114 -4.03 -14.06 -25.27
N ASN A 1115 -4.64 -12.88 -25.35
CA ASN A 1115 -4.01 -11.67 -24.83
C ASN A 1115 -4.02 -11.66 -23.31
N ASN A 1116 -5.15 -12.01 -22.70
CA ASN A 1116 -5.29 -11.88 -21.26
C ASN A 1116 -4.70 -13.05 -20.48
N THR A 1117 -4.30 -14.13 -21.14
CA THR A 1117 -3.69 -15.29 -20.49
C THR A 1117 -2.29 -15.53 -21.02
N PHE A 1118 -1.50 -14.47 -21.17
CA PHE A 1118 -0.16 -14.57 -21.73
C PHE A 1118 0.94 -14.43 -20.69
N PHE A 1119 0.74 -13.61 -19.66
CA PHE A 1119 1.78 -13.40 -18.66
C PHE A 1119 2.05 -14.68 -17.86
N GLU A 1120 0.99 -15.33 -17.39
CA GLU A 1120 1.14 -16.56 -16.62
C GLU A 1120 1.76 -17.66 -17.47
N VAL A 1121 1.29 -17.81 -18.72
CA VAL A 1121 1.84 -18.83 -19.60
C VAL A 1121 3.32 -18.56 -19.88
N LYS A 1122 3.67 -17.29 -20.08
CA LYS A 1122 5.07 -16.94 -20.34
C LYS A 1122 5.97 -17.28 -19.15
N SER A 1123 5.53 -16.92 -17.93
CA SER A 1123 6.35 -17.20 -16.75
C SER A 1123 6.48 -18.70 -16.52
N ILE A 1124 5.38 -19.44 -16.65
CA ILE A 1124 5.42 -20.89 -16.48
C ILE A 1124 6.34 -21.53 -17.50
N SER A 1125 6.28 -21.07 -18.76
CA SER A 1125 7.13 -21.63 -19.80
C SER A 1125 8.60 -21.34 -19.52
N ASN A 1126 8.92 -20.13 -19.05
CA ASN A 1126 10.31 -19.84 -18.70
C ASN A 1126 10.80 -20.77 -17.60
N GLN A 1127 10.00 -20.96 -16.55
CA GLN A 1127 10.42 -21.82 -15.45
C GLN A 1127 10.60 -23.27 -15.91
N VAL A 1128 9.68 -23.77 -16.73
CA VAL A 1128 9.75 -25.17 -17.16
C VAL A 1128 10.93 -25.38 -18.10
N TRP A 1129 11.22 -24.41 -18.97
CA TRP A 1129 12.38 -24.53 -19.84
C TRP A 1129 13.68 -24.52 -19.03
N LYS A 1130 13.76 -23.63 -18.04
CA LYS A 1130 14.94 -23.63 -17.17
C LYS A 1130 15.08 -24.94 -16.42
N PHE A 1131 13.97 -25.58 -16.05
CA PHE A 1131 14.05 -26.89 -15.41
C PHE A 1131 14.54 -27.95 -16.37
N GLN A 1132 14.00 -27.98 -17.59
CA GLN A 1132 14.31 -29.04 -18.54
C GLN A 1132 15.69 -28.91 -19.16
N ARG A 1133 16.35 -27.77 -18.97
CA ARG A 1133 17.76 -27.66 -19.35
C ARG A 1133 18.61 -28.76 -18.72
N TYR A 1134 18.30 -29.14 -17.47
CA TYR A 1134 19.05 -30.20 -16.81
C TYR A 1134 18.89 -31.52 -17.53
N GLN A 1135 17.67 -31.86 -17.93
CA GLN A 1135 17.45 -33.11 -18.66
C GLN A 1135 18.15 -33.09 -20.01
N LEU A 1136 18.13 -31.95 -20.69
CA LEU A 1136 18.86 -31.84 -21.95
C LEU A 1136 20.35 -32.10 -21.77
N ILE A 1137 20.95 -31.44 -20.78
CA ILE A 1137 22.39 -31.58 -20.56
C ILE A 1137 22.73 -33.00 -20.14
N MET A 1138 21.90 -33.61 -19.28
CA MET A 1138 22.19 -34.95 -18.81
C MET A 1138 21.95 -36.02 -19.88
N THR A 1139 21.05 -35.78 -20.83
CA THR A 1139 20.88 -36.73 -21.91
C THR A 1139 21.89 -36.54 -23.03
N PHE A 1140 22.54 -35.37 -23.12
CA PHE A 1140 23.64 -35.24 -24.07
C PHE A 1140 25.00 -35.55 -23.46
N HIS A 1141 25.10 -35.64 -22.13
CA HIS A 1141 26.32 -36.12 -21.52
C HIS A 1141 26.48 -37.62 -21.65
N GLU A 1142 25.39 -38.35 -21.87
CA GLU A 1142 25.41 -39.81 -21.89
C GLU A 1142 25.45 -40.41 -23.28
N ARG A 1143 24.97 -39.68 -24.30
CA ARG A 1143 24.87 -40.24 -25.63
C ARG A 1143 26.26 -40.49 -26.23
N PRO A 1144 26.37 -41.45 -27.15
CA PRO A 1144 27.64 -41.65 -27.86
C PRO A 1144 28.02 -40.43 -28.68
N VAL A 1145 29.33 -40.26 -28.89
CA VAL A 1145 29.82 -39.08 -29.59
C VAL A 1145 29.39 -39.09 -31.05
N LEU A 1146 29.36 -40.26 -31.68
CA LEU A 1146 29.04 -40.34 -33.09
C LEU A 1146 27.55 -40.08 -33.32
N PRO A 1147 27.18 -39.33 -34.35
CA PRO A 1147 25.78 -39.04 -34.64
C PRO A 1147 25.06 -40.28 -35.12
N PRO A 1148 23.72 -40.25 -35.16
CA PRO A 1148 22.94 -41.48 -35.47
C PRO A 1148 23.27 -42.13 -36.80
N PRO A 1149 23.53 -41.40 -37.90
CA PRO A 1149 23.80 -42.13 -39.17
C PRO A 1149 25.01 -43.04 -39.10
N LEU A 1150 26.02 -42.69 -38.33
CA LEU A 1150 27.20 -43.52 -38.14
C LEU A 1150 27.39 -43.90 -36.68
N ILE A 1151 26.28 -44.02 -35.94
CA ILE A 1151 26.33 -44.45 -34.54
C ILE A 1151 26.49 -45.96 -34.42
N ILE A 1152 26.36 -46.70 -35.51
CA ILE A 1152 26.49 -48.16 -35.47
C ILE A 1152 27.90 -48.56 -35.05
N PHE A 1153 28.90 -47.72 -35.35
CA PHE A 1153 30.26 -48.00 -34.89
C PHE A 1153 30.35 -47.95 -33.36
N SER A 1154 29.70 -46.97 -32.75
CA SER A 1154 29.75 -46.86 -31.29
C SER A 1154 28.97 -47.99 -30.62
N HIS A 1155 27.93 -48.51 -31.26
CA HIS A 1155 27.22 -49.66 -30.70
C HIS A 1155 28.07 -50.91 -30.76
N MET A 1156 28.86 -51.08 -31.83
CA MET A 1156 29.76 -52.22 -31.91
C MET A 1156 30.89 -52.12 -30.89
N THR A 1157 31.30 -50.91 -30.55
CA THR A 1157 32.29 -50.75 -29.48
C THR A 1157 31.71 -51.19 -28.14
N MET A 1158 30.44 -50.87 -27.88
CA MET A 1158 29.79 -51.32 -26.65
C MET A 1158 29.68 -52.84 -26.58
N ILE A 1159 29.58 -53.50 -27.74
CA ILE A 1159 29.55 -54.96 -27.76
C ILE A 1159 30.90 -55.52 -27.28
N PHE A 1160 32.00 -54.92 -27.74
CA PHE A 1160 33.32 -55.37 -27.30
C PHE A 1160 33.53 -55.11 -25.81
N GLN A 1161 33.09 -53.96 -25.32
CA GLN A 1161 33.21 -53.65 -23.90
C GLN A 1161 32.24 -54.44 -23.04
N HIS A 1162 31.25 -55.10 -23.64
CA HIS A 1162 30.32 -55.92 -22.87
C HIS A 1162 31.02 -57.16 -22.30
N VAL A 1163 31.94 -57.74 -23.08
CA VAL A 1163 32.69 -58.91 -22.61
C VAL A 1163 33.99 -58.53 -21.90
N CYS A 1164 34.30 -57.23 -21.79
CA CYS A 1164 35.50 -56.79 -21.11
C CYS A 1164 35.24 -56.58 -19.62
N ARG A 1177 32.20 -41.09 -13.34
CA ARG A 1177 31.66 -39.74 -13.45
C ARG A 1177 32.54 -38.74 -12.71
N ASP A 1178 33.73 -38.46 -13.27
CA ASP A 1178 34.61 -37.48 -12.67
C ASP A 1178 33.97 -36.10 -12.66
N TYR A 1179 33.29 -35.73 -13.75
CA TYR A 1179 32.45 -34.55 -13.78
C TYR A 1179 31.36 -34.77 -14.82
N GLY A 1180 30.31 -33.96 -14.72
CA GLY A 1180 29.13 -34.16 -15.54
C GLY A 1180 27.95 -34.53 -14.68
N LEU A 1181 28.21 -35.29 -13.62
CA LEU A 1181 27.23 -35.54 -12.57
C LEU A 1181 27.69 -35.04 -11.21
N LYS A 1182 28.86 -35.46 -10.75
CA LYS A 1182 29.31 -35.24 -9.38
C LYS A 1182 30.68 -34.56 -9.40
N LEU A 1183 31.18 -34.28 -8.20
CA LEU A 1183 32.48 -33.64 -8.03
C LEU A 1183 33.06 -34.12 -6.71
N PHE A 1184 33.91 -35.14 -6.77
CA PHE A 1184 34.47 -35.74 -5.58
C PHE A 1184 35.55 -34.84 -4.99
N ILE A 1185 35.51 -34.67 -3.66
CA ILE A 1185 36.46 -33.82 -2.96
C ILE A 1185 37.03 -34.58 -1.76
N THR A 1186 38.15 -34.08 -1.26
CA THR A 1186 38.84 -34.71 -0.14
C THR A 1186 38.14 -34.35 1.17
N ASP A 1187 38.73 -34.77 2.29
CA ASP A 1187 38.13 -34.51 3.60
C ASP A 1187 38.32 -33.07 4.04
N ASP A 1188 39.47 -32.47 3.72
CA ASP A 1188 39.69 -31.08 4.09
C ASP A 1188 38.76 -30.15 3.33
N GLU A 1189 38.58 -30.39 2.03
CA GLU A 1189 37.62 -29.60 1.25
C GLU A 1189 36.21 -29.84 1.74
N LEU A 1190 35.90 -31.07 2.15
CA LEU A 1190 34.58 -31.36 2.70
C LEU A 1190 34.33 -30.57 3.98
N LYS A 1191 35.33 -30.50 4.85
CA LYS A 1191 35.19 -29.72 6.07
C LYS A 1191 35.05 -28.24 5.77
N LYS A 1192 35.79 -27.74 4.77
CA LYS A 1192 35.66 -26.34 4.38
C LYS A 1192 34.25 -26.04 3.86
N VAL A 1193 33.70 -26.95 3.05
CA VAL A 1193 32.35 -26.77 2.54
C VAL A 1193 31.33 -26.80 3.67
N HIS A 1194 31.52 -27.71 4.64
CA HIS A 1194 30.62 -27.78 5.78
C HIS A 1194 30.65 -26.49 6.59
N ASP A 1195 31.84 -25.95 6.83
CA ASP A 1195 31.96 -24.69 7.58
C ASP A 1195 31.31 -23.54 6.81
N PHE A 1196 31.50 -23.49 5.49
CA PHE A 1196 30.87 -22.47 4.69
C PHE A 1196 29.35 -22.55 4.76
N GLU A 1197 28.81 -23.76 4.69
CA GLU A 1197 27.36 -23.93 4.76
C GLU A 1197 26.81 -23.54 6.12
N GLU A 1198 27.52 -23.90 7.20
CA GLU A 1198 27.08 -23.49 8.54
C GLU A 1198 27.09 -21.98 8.69
N GLN A 1199 28.14 -21.32 8.20
CA GLN A 1199 28.18 -19.87 8.23
C GLN A 1199 27.02 -19.26 7.46
N CYS A 1200 26.71 -19.81 6.27
CA CYS A 1200 25.62 -19.30 5.46
C CYS A 1200 24.28 -19.46 6.16
N ILE A 1201 24.03 -20.61 6.78
CA ILE A 1201 22.72 -20.82 7.40
C ILE A 1201 22.57 -19.95 8.65
N GLU A 1202 23.66 -19.77 9.42
CA GLU A 1202 23.59 -18.87 10.56
C GLU A 1202 23.32 -17.44 10.12
N GLU A 1203 23.99 -16.99 9.05
CA GLU A 1203 23.76 -15.65 8.53
C GLU A 1203 22.33 -15.50 8.04
N TYR A 1204 21.79 -16.54 7.40
CA TYR A 1204 20.42 -16.49 6.92
C TYR A 1204 19.42 -16.32 8.06
N PHE A 1205 19.57 -17.11 9.13
CA PHE A 1205 18.65 -16.99 10.25
C PHE A 1205 18.80 -15.64 10.95
N ARG A 1206 20.03 -15.16 11.12
CA ARG A 1206 20.23 -13.88 11.78
C ARG A 1206 19.63 -12.73 10.96
N GLU A 1207 19.84 -12.75 9.64
CA GLU A 1207 19.27 -11.72 8.79
C GLU A 1207 17.75 -11.77 8.78
N LYS A 1208 17.17 -12.98 8.77
CA LYS A 1208 15.72 -13.10 8.82
C LYS A 1208 15.15 -12.54 10.12
N ASP A 1209 15.79 -12.83 11.25
CA ASP A 1209 15.33 -12.29 12.52
C ASP A 1209 15.47 -10.78 12.56
N ASP A 1210 16.56 -10.24 12.01
CA ASP A 1210 16.74 -8.79 11.97
C ASP A 1210 15.68 -8.12 11.11
N ARG A 1211 15.33 -8.75 9.98
CA ARG A 1211 14.26 -8.21 9.15
C ARG A 1211 12.92 -8.24 9.89
N PHE A 1212 12.65 -9.32 10.61
CA PHE A 1212 11.38 -9.43 11.32
C PHE A 1212 11.27 -8.40 12.43
N ASN A 1213 12.35 -8.19 13.19
CA ASN A 1213 12.29 -7.30 14.34
C ASN A 1213 12.12 -5.84 13.97
N SER A 1214 12.53 -5.44 12.76
CA SER A 1214 12.50 -4.04 12.35
C SER A 1214 11.33 -3.72 11.44
N SER A 1215 10.37 -4.63 11.28
CA SER A 1215 9.20 -4.33 10.49
C SER A 1215 8.30 -3.35 11.24
N ASN A 1216 7.44 -2.66 10.48
CA ASN A 1216 6.55 -1.67 11.09
C ASN A 1216 5.50 -2.34 11.97
N ASP A 1217 5.01 -3.52 11.57
CA ASP A 1217 3.98 -4.20 12.35
C ASP A 1217 4.51 -4.61 13.71
N GLU A 1218 5.72 -5.16 13.76
CA GLU A 1218 6.30 -5.59 15.03
C GLU A 1218 6.61 -4.39 15.92
N ARG A 1219 7.12 -3.30 15.32
CA ARG A 1219 7.38 -2.09 16.10
C ARG A 1219 6.10 -1.53 16.69
N ILE A 1220 5.03 -1.50 15.90
CA ILE A 1220 3.75 -1.00 16.40
C ILE A 1220 3.22 -1.88 17.52
N ARG A 1221 3.32 -3.20 17.37
CA ARG A 1221 2.82 -4.11 18.40
C ARG A 1221 3.59 -3.95 19.70
N VAL A 1222 4.92 -3.91 19.61
CA VAL A 1222 5.74 -3.77 20.81
C VAL A 1222 5.51 -2.43 21.48
N THR A 1223 5.40 -1.36 20.67
CA THR A 1223 5.13 -0.04 21.23
C THR A 1223 3.79 0.00 21.93
N SER A 1224 2.77 -0.62 21.35
CA SER A 1224 1.45 -0.64 21.98
C SER A 1224 1.47 -1.38 23.30
N GLU A 1225 2.14 -2.55 23.34
CA GLU A 1225 2.21 -3.30 24.59
C GLU A 1225 2.97 -2.53 25.66
N ARG A 1226 4.09 -1.92 25.30
CA ARG A 1226 4.87 -1.17 26.27
C ARG A 1226 4.12 0.07 26.74
N VAL A 1227 3.37 0.71 25.86
CA VAL A 1227 2.57 1.87 26.26
C VAL A 1227 1.47 1.44 27.23
N GLU A 1228 0.83 0.30 26.98
CA GLU A 1228 -0.20 -0.19 27.90
C GLU A 1228 0.39 -0.49 29.28
N ASN A 1229 1.53 -1.18 29.32
CA ASN A 1229 2.15 -1.48 30.61
C ASN A 1229 2.61 -0.21 31.31
N MET A 1230 3.15 0.74 30.56
CA MET A 1230 3.60 2.00 31.14
C MET A 1230 2.43 2.79 31.71
N SER A 1231 1.29 2.78 31.01
CA SER A 1231 0.10 3.46 31.51
C SER A 1231 -0.39 2.82 32.80
N MET A 1232 -0.40 1.49 32.85
CA MET A 1232 -0.79 0.80 34.08
C MET A 1232 0.13 1.17 35.23
N ARG A 1233 1.45 1.18 34.98
CA ARG A 1233 2.41 1.49 36.03
C ARG A 1233 2.28 2.93 36.49
N LEU A 1234 2.07 3.87 35.56
CA LEU A 1234 1.95 5.27 35.94
C LEU A 1234 0.65 5.52 36.71
N GLU A 1235 -0.44 4.83 36.33
CA GLU A 1235 -1.67 4.95 37.10
C GLU A 1235 -1.49 4.40 38.51
N GLU A 1236 -0.75 3.29 38.64
CA GLU A 1236 -0.44 2.76 39.97
C GLU A 1236 0.38 3.75 40.79
N VAL A 1237 1.36 4.39 40.16
CA VAL A 1237 2.19 5.38 40.85
C VAL A 1237 1.34 6.56 41.30
N ASN A 1238 0.48 7.07 40.42
CA ASN A 1238 -0.36 8.21 40.77
C ASN A 1238 -1.34 7.85 41.88
N GLU A 1239 -1.89 6.63 41.84
CA GLU A 1239 -2.78 6.19 42.91
C GLU A 1239 -2.06 5.91 44.22
N ARG A 1240 -0.73 5.85 44.20
CA ARG A 1240 0.08 5.50 45.37
C ARG A 1240 0.83 6.72 45.91
N GLU A 1241 0.17 7.88 45.91
CA GLU A 1241 0.76 9.06 46.51
C GLU A 1241 0.68 8.97 48.04
N HIS A 1242 1.53 9.75 48.70
CA HIS A 1242 1.56 9.81 50.16
C HIS A 1242 1.41 11.21 50.72
N SER A 1243 1.51 12.25 49.89
CA SER A 1243 1.37 13.62 50.36
C SER A 1243 0.18 14.30 49.70
N UNK B 1 -28.49 -47.59 31.13
CA UNK B 1 -27.11 -47.10 31.18
C UNK B 1 -26.51 -47.38 32.56
N UNK B 2 -25.29 -46.90 32.77
CA UNK B 2 -24.59 -47.10 34.03
C UNK B 2 -24.85 -45.94 35.00
N UNK B 3 -26.01 -45.31 34.86
CA UNK B 3 -26.37 -44.18 35.70
C UNK B 3 -27.11 -44.65 36.94
N UNK B 4 -27.70 -45.84 36.86
CA UNK B 4 -28.36 -46.45 38.01
C UNK B 4 -27.36 -47.25 38.84
N UNK B 5 -26.30 -46.58 39.29
CA UNK B 5 -25.25 -47.22 40.06
C UNK B 5 -25.08 -46.55 41.42
N UNK B 6 -25.91 -45.54 41.69
CA UNK B 6 -25.86 -44.83 42.97
C UNK B 6 -27.25 -44.79 43.60
N UNK B 7 -27.42 -43.88 44.55
CA UNK B 7 -28.70 -43.75 45.25
C UNK B 7 -28.95 -42.32 45.70
N UNK B 8 -30.18 -42.03 46.10
CA UNK B 8 -30.53 -40.72 46.64
C UNK B 8 -30.87 -40.85 48.12
N UNK B 9 -31.52 -39.83 48.68
CA UNK B 9 -31.90 -39.86 50.09
C UNK B 9 -33.11 -38.98 50.37
N UNK B 10 -34.25 -39.61 50.63
CA UNK B 10 -35.48 -38.88 50.95
C UNK B 10 -35.84 -39.03 52.42
N UNK B 11 -36.34 -37.97 53.03
CA UNK B 11 -36.69 -37.99 54.45
C UNK B 11 -37.98 -38.79 54.67
N UNK B 12 -37.86 -39.87 55.44
CA UNK B 12 -39.01 -40.73 55.74
C UNK B 12 -39.80 -40.17 56.93
N UNK B 13 -39.95 -40.97 57.96
CA UNK B 13 -40.71 -40.58 59.15
C UNK B 13 -39.98 -39.49 59.92
N UNK B 14 -40.43 -38.24 59.75
CA UNK B 14 -39.79 -37.11 60.42
C UNK B 14 -40.81 -36.28 61.19
N UNK B 15 -40.36 -35.69 62.29
CA UNK B 15 -41.21 -34.84 63.12
C UNK B 15 -40.37 -33.81 63.87
N UNK B 16 -40.60 -32.54 63.59
CA UNK B 16 -39.83 -31.47 64.20
C UNK B 16 -40.65 -30.20 64.35
N UNK B 17 -39.96 -29.08 64.58
CA UNK B 17 -40.57 -27.76 64.75
C UNK B 17 -41.63 -27.75 65.85
N ILE C 129 -41.70 54.36 41.60
CA ILE C 129 -43.16 54.33 41.67
C ILE C 129 -43.65 52.99 42.23
N SER C 130 -44.95 52.89 42.44
CA SER C 130 -45.55 51.67 42.99
C SER C 130 -46.01 50.73 41.89
N LYS C 131 -45.09 50.40 40.99
CA LYS C 131 -45.33 49.48 39.88
C LYS C 131 -46.52 49.93 39.02
N HIS C 132 -46.42 51.17 38.53
CA HIS C 132 -47.45 51.76 37.68
C HIS C 132 -46.95 51.65 36.23
N THR C 133 -47.25 50.52 35.61
CA THR C 133 -46.73 50.20 34.28
C THR C 133 -47.88 50.01 33.31
N GLN C 134 -47.70 50.51 32.08
CA GLN C 134 -48.69 50.32 31.03
C GLN C 134 -48.65 48.89 30.52
N LEU C 135 -49.81 48.24 30.46
CA LEU C 135 -49.89 46.84 30.07
C LEU C 135 -50.19 46.70 28.57
N SER C 136 -49.30 47.26 27.77
CA SER C 136 -49.40 47.19 26.33
C SER C 136 -49.03 45.79 25.82
N PRO C 137 -49.57 45.37 24.67
CA PRO C 137 -49.17 44.08 24.10
C PRO C 137 -47.72 44.11 23.61
N THR C 138 -47.17 42.92 23.44
CA THR C 138 -45.78 42.80 23.03
C THR C 138 -45.57 43.31 21.61
N ASP C 139 -44.37 43.85 21.37
CA ASP C 139 -44.01 44.39 20.07
C ASP C 139 -42.69 43.84 19.55
N ALA C 140 -42.01 43.00 20.32
CA ALA C 140 -40.68 42.49 19.97
C ALA C 140 -40.69 40.97 20.03
N PHE C 141 -40.70 40.33 18.87
CA PHE C 141 -40.56 38.88 18.79
C PHE C 141 -40.14 38.52 17.37
N GLY C 142 -39.22 37.58 17.25
CA GLY C 142 -38.73 37.15 15.96
C GLY C 142 -37.48 36.30 16.04
N THR C 143 -36.54 36.51 15.14
CA THR C 143 -35.27 35.80 15.12
C THR C 143 -34.15 36.81 14.97
N ILE C 144 -33.02 36.55 15.63
CA ILE C 144 -31.86 37.44 15.55
C ILE C 144 -30.64 36.63 15.16
N GLU C 145 -29.88 37.13 14.19
CA GLU C 145 -28.60 36.56 13.81
C GLU C 145 -27.49 37.41 14.43
N PHE C 146 -26.61 36.76 15.19
CA PHE C 146 -25.59 37.47 15.94
C PHE C 146 -24.43 37.80 15.01
N GLN C 147 -24.40 39.03 14.51
CA GLN C 147 -23.27 39.50 13.74
C GLN C 147 -22.11 39.87 14.65
N GLY C 148 -20.89 39.72 14.14
CA GLY C 148 -19.71 40.04 14.90
C GLY C 148 -19.09 38.90 15.67
N GLY C 149 -19.64 37.69 15.55
CA GLY C 149 -19.09 36.54 16.22
C GLY C 149 -18.36 35.61 15.26
N GLY C 150 -17.69 34.62 15.85
CA GLY C 150 -17.00 33.62 15.04
C GLY C 150 -17.96 32.76 14.24
N HIS C 151 -19.12 32.46 14.80
CA HIS C 151 -20.13 31.63 14.16
C HIS C 151 -21.41 32.44 13.97
N SER C 152 -22.16 32.08 12.93
CA SER C 152 -23.48 32.67 12.69
C SER C 152 -24.52 31.76 13.32
N ASN C 153 -25.16 32.23 14.39
CA ASN C 153 -26.14 31.45 15.12
C ASN C 153 -27.46 32.22 15.16
N LYS C 154 -28.55 31.53 14.83
CA LYS C 154 -29.89 32.11 14.84
C LYS C 154 -30.57 31.77 16.14
N ALA C 155 -31.06 32.77 16.85
CA ALA C 155 -31.75 32.58 18.12
C ALA C 155 -33.12 33.24 18.06
N MET C 156 -34.16 32.47 18.36
CA MET C 156 -35.52 32.99 18.36
C MET C 156 -35.85 33.55 19.73
N TYR C 157 -36.49 34.72 19.74
CA TYR C 157 -36.75 35.45 20.97
C TYR C 157 -38.18 35.96 20.97
N VAL C 158 -38.70 36.17 22.18
CA VAL C 158 -39.97 36.87 22.40
C VAL C 158 -39.79 37.77 23.61
N ARG C 159 -40.67 38.76 23.73
CA ARG C 159 -40.78 39.53 24.96
C ARG C 159 -42.15 39.27 25.56
N VAL C 160 -42.17 38.98 26.86
CA VAL C 160 -43.39 38.67 27.59
C VAL C 160 -43.32 39.36 28.94
N SER C 161 -44.50 39.64 29.51
CA SER C 161 -44.54 40.26 30.82
C SER C 161 -44.04 39.29 31.88
N PHE C 162 -43.58 39.84 33.00
CA PHE C 162 -43.04 39.06 34.10
C PHE C 162 -44.13 38.38 34.92
N ASP C 163 -45.38 38.38 34.45
CA ASP C 163 -46.49 37.75 35.14
C ASP C 163 -47.24 36.77 34.24
N THR C 164 -46.61 36.30 33.17
CA THR C 164 -47.29 35.44 32.21
C THR C 164 -47.49 34.04 32.78
N LYS C 165 -48.51 33.36 32.28
CA LYS C 165 -48.85 32.03 32.76
C LYS C 165 -47.91 31.00 32.14
N PRO C 166 -47.30 30.13 32.94
CA PRO C 166 -46.32 29.17 32.38
C PRO C 166 -46.91 28.20 31.37
N ASP C 167 -48.23 27.97 31.40
CA ASP C 167 -48.84 27.11 30.39
C ASP C 167 -48.66 27.70 29.00
N LEU C 168 -48.84 29.02 28.87
CA LEU C 168 -48.64 29.68 27.58
C LEU C 168 -47.19 29.60 27.14
N LEU C 169 -46.24 29.76 28.08
CA LEU C 169 -44.83 29.64 27.73
C LEU C 169 -44.48 28.23 27.27
N LEU C 170 -45.02 27.21 27.95
CA LEU C 170 -44.77 25.84 27.53
C LEU C 170 -45.38 25.57 26.16
N HIS C 171 -46.57 26.10 25.89
CA HIS C 171 -47.18 25.95 24.58
C HIS C 171 -46.34 26.62 23.50
N LEU C 172 -45.80 27.81 23.81
CA LEU C 172 -44.92 28.50 22.87
C LEU C 172 -43.66 27.69 22.59
N MET C 173 -43.02 27.17 23.64
CA MET C 173 -41.79 26.42 23.48
C MET C 173 -42.01 25.05 22.84
N THR C 174 -43.22 24.51 22.94
CA THR C 174 -43.48 23.18 22.40
C THR C 174 -43.99 23.22 20.96
N LYS C 175 -44.95 24.09 20.67
CA LYS C 175 -45.60 24.10 19.36
C LYS C 175 -45.15 25.26 18.49
N GLU C 176 -45.09 26.48 19.03
CA GLU C 176 -44.71 27.63 18.22
C GLU C 176 -43.24 27.57 17.82
N TRP C 177 -42.35 27.24 18.76
CA TRP C 177 -40.93 27.08 18.46
C TRP C 177 -40.57 25.67 18.02
N GLN C 178 -41.51 24.72 18.11
CA GLN C 178 -41.33 23.35 17.63
C GLN C 178 -40.16 22.65 18.32
N LEU C 179 -40.25 22.57 19.64
CA LEU C 179 -39.29 21.84 20.46
C LEU C 179 -40.00 20.72 21.19
N GLU C 180 -39.44 19.52 21.14
CA GLU C 180 -39.98 18.40 21.88
C GLU C 180 -39.76 18.62 23.38
N LEU C 181 -40.64 18.04 24.19
CA LEU C 181 -40.50 18.15 25.64
C LEU C 181 -39.21 17.46 26.08
N PRO C 182 -38.53 17.99 27.09
CA PRO C 182 -37.22 17.45 27.46
C PRO C 182 -37.33 16.20 28.32
N LYS C 183 -36.30 15.37 28.23
CA LYS C 183 -36.11 14.25 29.15
C LYS C 183 -35.31 14.67 30.38
N LEU C 184 -34.86 15.92 30.42
CA LEU C 184 -34.00 16.41 31.50
C LEU C 184 -34.01 17.93 31.45
N LEU C 185 -33.91 18.56 32.62
CA LEU C 185 -33.83 20.00 32.73
C LEU C 185 -32.67 20.36 33.64
N ILE C 186 -31.85 21.33 33.22
CA ILE C 186 -30.67 21.74 33.97
C ILE C 186 -30.78 23.24 34.23
N SER C 187 -30.57 23.63 35.49
CA SER C 187 -30.49 25.03 35.87
C SER C 187 -29.05 25.36 36.23
N VAL C 188 -28.55 26.48 35.71
CA VAL C 188 -27.13 26.80 35.78
C VAL C 188 -26.91 28.06 36.61
N HIS C 189 -27.71 28.21 37.68
CA HIS C 189 -27.56 29.33 38.60
C HIS C 189 -26.10 29.56 38.99
N GLY C 190 -25.69 30.81 38.98
CA GLY C 190 -24.32 31.17 39.32
C GLY C 190 -24.26 32.62 39.78
N GLY C 191 -23.15 33.27 39.47
CA GLY C 191 -22.93 34.65 39.86
C GLY C 191 -23.08 35.59 38.68
N LEU C 192 -23.67 36.77 38.95
CA LEU C 192 -23.89 37.76 37.91
C LEU C 192 -22.61 38.47 37.50
N GLN C 193 -21.69 38.70 38.43
CA GLN C 193 -20.43 39.37 38.14
C GLN C 193 -19.50 38.41 37.41
N ASN C 194 -18.69 38.98 36.51
CA ASN C 194 -17.77 38.16 35.73
C ASN C 194 -16.65 37.63 36.60
N PHE C 195 -16.16 36.44 36.27
CA PHE C 195 -15.05 35.83 36.97
C PHE C 195 -14.29 34.93 36.01
N GLU C 196 -13.05 34.62 36.37
CA GLU C 196 -12.20 33.77 35.56
C GLU C 196 -12.00 32.43 36.25
N LEU C 197 -12.26 31.35 35.53
CA LEU C 197 -12.03 30.00 36.03
C LEU C 197 -10.63 29.54 35.64
N GLN C 198 -10.01 28.78 36.55
CA GLN C 198 -8.68 28.26 36.27
C GLN C 198 -8.73 27.21 35.17
N PRO C 199 -7.65 27.06 34.40
CA PRO C 199 -7.61 26.00 33.39
C PRO C 199 -7.66 24.62 34.02
N LYS C 200 -8.02 23.64 33.20
CA LYS C 200 -8.21 22.23 33.56
C LYS C 200 -9.39 22.01 34.48
N LEU C 201 -10.14 23.06 34.81
CA LEU C 201 -11.44 22.94 35.48
C LEU C 201 -12.57 23.46 34.62
N LYS C 202 -12.39 24.63 34.00
CA LYS C 202 -13.43 25.17 33.13
C LYS C 202 -13.64 24.30 31.90
N GLN C 203 -12.57 23.71 31.37
CA GLN C 203 -12.74 22.79 30.25
C GLN C 203 -13.45 21.51 30.69
N VAL C 204 -13.12 20.99 31.87
CA VAL C 204 -13.78 19.80 32.38
C VAL C 204 -15.25 20.07 32.63
N PHE C 205 -15.56 21.21 33.26
CA PHE C 205 -16.95 21.59 33.50
C PHE C 205 -17.71 21.77 32.19
N GLY C 206 -17.10 22.43 31.22
CA GLY C 206 -17.76 22.64 29.94
C GLY C 206 -18.04 21.34 29.21
N LYS C 207 -17.04 20.46 29.14
CA LYS C 207 -17.23 19.19 28.45
C LYS C 207 -18.25 18.31 29.16
N GLY C 208 -18.23 18.31 30.50
CA GLY C 208 -19.22 17.53 31.23
C GLY C 208 -20.63 18.03 31.00
N LEU C 209 -20.83 19.35 31.09
CA LEU C 209 -22.15 19.90 30.86
C LEU C 209 -22.63 19.64 29.43
N ILE C 210 -21.73 19.79 28.46
CA ILE C 210 -22.11 19.57 27.07
C ILE C 210 -22.47 18.11 26.83
N LYS C 211 -21.69 17.18 27.38
CA LYS C 211 -22.00 15.77 27.22
C LYS C 211 -23.33 15.41 27.88
N ALA C 212 -23.57 15.95 29.07
CA ALA C 212 -24.83 15.67 29.76
C ALA C 212 -26.02 16.21 28.98
N ALA C 213 -25.89 17.41 28.40
CA ALA C 213 -27.00 17.99 27.66
C ALA C 213 -27.13 17.48 26.23
N MET C 214 -26.11 16.82 25.70
CA MET C 214 -26.14 16.30 24.34
C MET C 214 -26.57 14.84 24.27
N THR C 215 -25.96 13.97 25.10
CA THR C 215 -26.36 12.57 25.11
C THR C 215 -27.80 12.39 25.58
N THR C 216 -28.33 13.35 26.32
CA THR C 216 -29.70 13.34 26.80
C THR C 216 -30.47 14.48 26.16
N GLY C 217 -31.69 14.19 25.70
CA GLY C 217 -32.52 15.28 25.24
C GLY C 217 -32.89 16.16 26.41
N ALA C 218 -32.28 17.34 26.49
CA ALA C 218 -32.38 18.17 27.68
C ALA C 218 -32.50 19.63 27.31
N TRP C 219 -33.12 20.40 28.19
CA TRP C 219 -33.20 21.85 28.08
C TRP C 219 -32.33 22.47 29.16
N ILE C 220 -31.56 23.48 28.76
CA ILE C 220 -30.69 24.22 29.67
C ILE C 220 -31.29 25.59 29.92
N PHE C 221 -31.42 25.97 31.18
CA PHE C 221 -31.91 27.28 31.55
C PHE C 221 -30.75 28.13 32.04
N THR C 222 -30.63 29.35 31.51
CA THR C 222 -29.55 30.24 31.86
C THR C 222 -30.07 31.66 31.96
N GLY C 223 -29.26 32.52 32.58
CA GLY C 223 -29.60 33.93 32.65
C GLY C 223 -29.66 34.60 31.30
N GLY C 224 -28.72 34.29 30.42
CA GLY C 224 -28.77 34.77 29.05
C GLY C 224 -27.84 35.93 28.76
N VAL C 225 -27.76 36.90 29.68
CA VAL C 225 -26.88 38.03 29.48
C VAL C 225 -25.43 37.58 29.63
N ASN C 226 -24.56 38.10 28.78
CA ASN C 226 -23.19 37.60 28.68
C ASN C 226 -22.35 38.06 29.87
N THR C 227 -22.69 37.60 31.07
CA THR C 227 -21.97 37.95 32.28
C THR C 227 -21.88 36.74 33.20
N GLY C 228 -20.71 36.55 33.81
CA GLY C 228 -20.58 35.54 34.85
C GLY C 228 -20.58 34.14 34.29
N VAL C 229 -21.43 33.28 34.88
CA VAL C 229 -21.50 31.88 34.49
C VAL C 229 -21.99 31.73 33.06
N ILE C 230 -22.83 32.68 32.61
CA ILE C 230 -23.42 32.59 31.28
C ILE C 230 -22.35 32.70 30.21
N ARG C 231 -21.30 33.51 30.45
CA ARG C 231 -20.18 33.57 29.53
C ARG C 231 -19.46 32.23 29.44
N HIS C 232 -19.32 31.53 30.58
CA HIS C 232 -18.68 30.22 30.58
C HIS C 232 -19.52 29.20 29.83
N VAL C 233 -20.84 29.23 30.02
CA VAL C 233 -21.71 28.33 29.26
C VAL C 233 -21.64 28.67 27.78
N GLY C 234 -21.53 29.96 27.44
CA GLY C 234 -21.42 30.35 26.06
C GLY C 234 -20.16 29.85 25.39
N ASP C 235 -19.02 29.97 26.07
CA ASP C 235 -17.79 29.46 25.46
C ASP C 235 -17.74 27.94 25.47
N ALA C 236 -18.41 27.30 26.43
CA ALA C 236 -18.53 25.85 26.39
C ALA C 236 -19.34 25.40 25.18
N LEU C 237 -20.43 26.10 24.87
CA LEU C 237 -21.18 25.81 23.65
C LEU C 237 -20.39 26.14 22.41
N LYS C 238 -19.57 27.18 22.46
CA LYS C 238 -18.74 27.54 21.32
C LYS C 238 -17.70 26.46 21.01
N ASP C 239 -17.08 25.89 22.06
CA ASP C 239 -16.09 24.84 21.84
C ASP C 239 -16.73 23.56 21.32
N HIS C 240 -17.96 23.26 21.76
CA HIS C 240 -18.63 22.04 21.31
C HIS C 240 -19.07 22.14 19.86
N ALA C 241 -19.54 23.32 19.43
CA ALA C 241 -20.07 23.46 18.09
C ALA C 241 -18.99 23.31 17.02
N SER C 242 -17.74 23.58 17.36
CA SER C 242 -16.64 23.49 16.41
C SER C 242 -16.06 22.08 16.31
N LYS C 243 -16.57 21.12 17.07
CA LYS C 243 -16.04 19.77 17.05
C LYS C 243 -17.07 18.66 16.88
N SER C 244 -18.34 18.91 17.17
CA SER C 244 -19.35 17.86 17.09
C SER C 244 -20.62 18.40 16.46
N ARG C 245 -21.42 17.49 15.91
CA ARG C 245 -22.69 17.83 15.29
C ARG C 245 -23.75 18.00 16.38
N GLY C 246 -25.00 18.12 15.96
CA GLY C 246 -26.10 18.25 16.89
C GLY C 246 -26.24 19.66 17.42
N LYS C 247 -27.36 19.89 18.11
CA LYS C 247 -27.65 21.19 18.71
C LYS C 247 -28.11 21.01 20.13
N ILE C 248 -27.82 22.00 20.97
CA ILE C 248 -28.20 22.00 22.37
C ILE C 248 -29.25 23.09 22.57
N CYS C 249 -30.38 22.72 23.19
CA CYS C 249 -31.49 23.65 23.37
C CYS C 249 -31.24 24.54 24.60
N THR C 250 -30.26 25.42 24.45
CA THR C 250 -29.96 26.39 25.50
C THR C 250 -31.00 27.50 25.46
N ILE C 251 -31.66 27.73 26.59
CA ILE C 251 -32.74 28.70 26.67
C ILE C 251 -32.33 29.79 27.65
N GLY C 252 -32.34 31.03 27.20
CA GLY C 252 -31.90 32.17 28.01
C GLY C 252 -33.10 32.97 28.49
N ILE C 253 -33.13 33.21 29.80
CA ILE C 253 -34.20 34.00 30.40
C ILE C 253 -33.60 35.24 31.04
N ALA C 254 -33.57 36.34 30.29
CA ALA C 254 -32.96 37.58 30.74
C ALA C 254 -34.01 38.67 30.87
N PRO C 255 -33.84 39.58 31.83
CA PRO C 255 -34.72 40.74 31.89
C PRO C 255 -34.54 41.63 30.67
N TRP C 256 -35.64 42.22 30.20
CA TRP C 256 -35.61 43.05 29.00
C TRP C 256 -34.87 44.36 29.21
N GLY C 257 -34.74 44.81 30.46
CA GLY C 257 -34.11 46.09 30.72
C GLY C 257 -32.59 46.09 30.75
N ILE C 258 -31.95 44.94 30.59
CA ILE C 258 -30.49 44.84 30.68
C ILE C 258 -29.86 44.53 29.34
N VAL C 259 -30.64 44.30 28.29
CA VAL C 259 -30.07 44.13 26.96
C VAL C 259 -29.45 45.45 26.52
N GLU C 260 -28.32 45.36 25.80
CA GLU C 260 -27.63 46.58 25.39
C GLU C 260 -28.40 47.35 24.34
N ASN C 261 -29.34 46.71 23.65
CA ASN C 261 -30.16 47.37 22.63
C ASN C 261 -31.61 46.93 22.87
N GLN C 262 -32.35 47.74 23.63
CA GLN C 262 -33.79 47.53 23.70
C GLN C 262 -34.42 47.73 22.32
N GLU C 263 -33.94 48.73 21.58
CA GLU C 263 -34.25 48.83 20.16
C GLU C 263 -33.48 47.77 19.40
N ASP C 264 -33.61 47.79 18.07
CA ASP C 264 -33.02 46.80 17.18
C ASP C 264 -33.48 45.38 17.51
N LEU C 265 -34.61 45.27 18.21
CA LEU C 265 -35.23 43.99 18.50
C LEU C 265 -36.75 44.02 18.34
N ILE C 266 -37.34 45.16 17.98
CA ILE C 266 -38.78 45.31 17.92
C ILE C 266 -39.37 44.80 16.61
N GLY C 267 -38.58 44.18 15.75
CA GLY C 267 -39.09 43.66 14.50
C GLY C 267 -39.98 42.45 14.68
N ARG C 268 -41.28 42.63 14.46
CA ARG C 268 -42.26 41.57 14.67
C ARG C 268 -42.08 40.48 13.62
N ASP C 269 -41.61 39.30 14.05
CA ASP C 269 -41.53 38.11 13.21
C ASP C 269 -40.67 38.35 11.96
N VAL C 270 -39.50 38.94 12.15
CA VAL C 270 -38.58 39.19 11.06
C VAL C 270 -37.15 39.04 11.58
N VAL C 271 -36.28 38.47 10.75
CA VAL C 271 -34.89 38.29 11.13
C VAL C 271 -34.23 39.67 11.27
N ARG C 272 -33.65 39.94 12.42
CA ARG C 272 -33.09 41.24 12.74
C ARG C 272 -31.63 41.07 13.15
N PRO C 273 -30.68 41.72 12.48
CA PRO C 273 -29.27 41.56 12.86
C PRO C 273 -28.99 42.10 14.25
N TYR C 274 -28.06 41.45 14.94
CA TYR C 274 -27.67 41.83 16.29
C TYR C 274 -26.16 41.77 16.42
N GLN C 275 -25.59 42.71 17.17
CA GLN C 275 -24.15 42.90 17.26
C GLN C 275 -23.65 42.37 18.59
N THR C 276 -22.60 41.54 18.54
CA THR C 276 -22.03 40.93 19.74
C THR C 276 -20.92 41.76 20.36
N MET C 277 -20.50 42.85 19.72
CA MET C 277 -19.43 43.67 20.28
C MET C 277 -19.92 44.38 21.53
N SER C 278 -19.10 44.37 22.57
CA SER C 278 -19.46 44.90 23.88
C SER C 278 -18.70 46.19 24.15
N ASN C 279 -19.44 47.22 24.58
CA ASN C 279 -18.83 48.47 25.00
C ASN C 279 -18.86 48.56 26.51
N PRO C 280 -17.71 48.50 27.19
CA PRO C 280 -17.72 48.51 28.67
C PRO C 280 -18.24 49.79 29.28
N MET C 281 -18.26 50.89 28.52
CA MET C 281 -18.69 52.17 29.05
C MET C 281 -20.21 52.36 28.99
N SER C 282 -20.95 51.40 28.44
CA SER C 282 -22.39 51.55 28.27
C SER C 282 -23.19 51.22 29.53
N LYS C 283 -22.55 50.63 30.54
CA LYS C 283 -23.19 50.27 31.81
C LYS C 283 -24.35 49.30 31.61
N LEU C 284 -24.30 48.52 30.53
CA LEU C 284 -25.26 47.44 30.28
C LEU C 284 -24.49 46.23 29.82
N THR C 285 -25.20 45.19 29.39
CA THR C 285 -24.55 43.99 28.90
C THR C 285 -25.31 43.46 27.68
N VAL C 286 -24.59 42.73 26.84
CA VAL C 286 -25.13 42.23 25.57
C VAL C 286 -25.58 40.79 25.77
N LEU C 287 -26.54 40.38 24.95
CA LEU C 287 -27.03 39.01 24.98
C LEU C 287 -25.91 38.04 24.58
N ASN C 288 -25.82 36.93 25.27
CA ASN C 288 -24.82 35.92 24.96
C ASN C 288 -25.22 35.16 23.72
N SER C 289 -24.30 35.07 22.76
CA SER C 289 -24.55 34.26 21.57
C SER C 289 -24.46 32.78 21.93
N MET C 290 -24.56 31.93 20.91
CA MET C 290 -24.59 30.48 21.05
C MET C 290 -25.78 29.98 21.87
N HIS C 291 -26.75 30.84 22.14
CA HIS C 291 -27.99 30.45 22.78
C HIS C 291 -29.04 30.16 21.72
N SER C 292 -29.90 29.18 22.00
CA SER C 292 -30.87 28.74 21.01
C SER C 292 -32.15 29.57 21.06
N HIS C 293 -32.67 29.87 22.24
CA HIS C 293 -33.90 30.63 22.38
C HIS C 293 -33.77 31.60 23.54
N PHE C 294 -34.56 32.67 23.48
CA PHE C 294 -34.56 33.71 24.50
C PHE C 294 -35.98 33.97 24.98
N ILE C 295 -36.12 34.16 26.28
CA ILE C 295 -37.37 34.62 26.90
C ILE C 295 -37.03 35.92 27.62
N LEU C 296 -37.39 37.04 27.01
CA LEU C 296 -37.07 38.36 27.54
C LEU C 296 -38.25 38.85 28.37
N ALA C 297 -38.09 38.89 29.68
CA ALA C 297 -39.15 39.28 30.60
C ALA C 297 -38.99 40.74 30.99
N ASP C 298 -40.08 41.50 30.96
CA ASP C 298 -40.05 42.91 31.27
C ASP C 298 -41.06 43.23 32.37
N ASN C 299 -40.71 44.21 33.20
CA ASN C 299 -41.61 44.72 34.23
C ASN C 299 -41.78 46.22 34.17
N GLY C 300 -41.21 46.90 33.17
CA GLY C 300 -41.35 48.33 32.97
C GLY C 300 -40.10 49.12 33.29
N THR C 301 -39.23 48.60 34.14
CA THR C 301 -38.01 49.31 34.49
C THR C 301 -36.93 49.04 33.45
N THR C 302 -35.77 49.68 33.64
CA THR C 302 -34.65 49.55 32.71
C THR C 302 -33.35 49.79 33.47
N GLY C 303 -32.45 48.81 33.43
CA GLY C 303 -31.17 48.93 34.07
C GLY C 303 -31.02 48.18 35.39
N LYS C 304 -32.03 47.43 35.81
CA LYS C 304 -31.94 46.64 37.03
C LYS C 304 -32.52 45.26 36.78
N TYR C 305 -32.01 44.29 37.55
CA TYR C 305 -32.42 42.89 37.42
C TYR C 305 -33.71 42.66 38.20
N GLY C 306 -34.08 41.39 38.37
CA GLY C 306 -35.20 41.02 39.21
C GLY C 306 -36.52 40.81 38.50
N ALA C 307 -36.54 40.81 37.18
CA ALA C 307 -37.76 40.64 36.42
C ALA C 307 -37.92 39.23 35.85
N GLU C 308 -37.04 38.30 36.21
CA GLU C 308 -37.09 36.97 35.61
C GLU C 308 -36.95 35.83 36.60
N VAL C 309 -36.53 36.05 37.84
CA VAL C 309 -36.33 34.95 38.78
C VAL C 309 -37.64 34.25 39.08
N LYS C 310 -38.69 35.03 39.34
CA LYS C 310 -40.01 34.47 39.59
C LYS C 310 -40.50 33.70 38.36
N LEU C 311 -40.36 34.30 37.18
CA LEU C 311 -40.82 33.66 35.96
C LEU C 311 -40.03 32.39 35.67
N ARG C 312 -38.71 32.44 35.84
CA ARG C 312 -37.88 31.27 35.58
C ARG C 312 -38.23 30.12 36.53
N ARG C 313 -38.34 30.42 37.82
CA ARG C 313 -38.66 29.37 38.77
C ARG C 313 -40.07 28.83 38.56
N GLN C 314 -41.03 29.68 38.21
CA GLN C 314 -42.38 29.21 37.95
C GLN C 314 -42.43 28.32 36.71
N LEU C 315 -41.69 28.69 35.67
CA LEU C 315 -41.63 27.85 34.47
C LEU C 315 -40.97 26.51 34.78
N GLU C 316 -39.90 26.52 35.59
CA GLU C 316 -39.27 25.26 35.99
C GLU C 316 -40.23 24.37 36.78
N LYS C 317 -40.98 24.98 37.71
CA LYS C 317 -41.96 24.21 38.47
C LYS C 317 -43.04 23.63 37.57
N HIS C 318 -43.54 24.43 36.63
CA HIS C 318 -44.60 23.95 35.74
C HIS C 318 -44.10 22.84 34.81
N ILE C 319 -42.89 22.95 34.29
CA ILE C 319 -42.37 21.92 33.40
C ILE C 319 -41.93 20.68 34.19
N SER C 320 -41.62 20.82 35.48
CA SER C 320 -41.32 19.65 36.29
C SER C 320 -42.57 18.81 36.55
N LEU C 321 -43.75 19.43 36.55
CA LEU C 321 -45.00 18.71 36.69
C LEU C 321 -45.47 18.10 35.38
N GLN C 322 -44.83 18.45 34.26
CA GLN C 322 -45.15 17.83 32.99
C GLN C 322 -44.74 16.37 33.00
N LYS C 323 -45.45 15.57 32.23
CA LYS C 323 -45.26 14.12 32.23
C LYS C 323 -44.39 13.72 31.05
N ILE C 324 -43.20 13.18 31.36
CA ILE C 324 -42.39 12.52 30.34
C ILE C 324 -43.13 11.26 29.87
N ASN C 325 -42.92 10.90 28.60
CA ASN C 325 -43.70 9.81 28.01
C ASN C 325 -43.28 8.45 28.56
N THR C 326 -43.50 8.25 29.85
CA THR C 326 -43.33 6.95 30.51
C THR C 326 -44.55 6.73 31.39
N ARG C 327 -45.23 5.59 31.21
CA ARG C 327 -46.48 5.34 31.89
C ARG C 327 -46.32 4.93 33.36
N ILE C 328 -45.09 5.01 33.89
CA ILE C 328 -44.91 4.81 35.32
C ILE C 328 -45.59 5.92 36.11
N GLY C 329 -45.45 7.16 35.65
CA GLY C 329 -45.99 8.33 36.34
C GLY C 329 -44.94 9.35 36.72
N GLN C 330 -43.66 9.09 36.47
CA GLN C 330 -42.62 10.04 36.82
C GLN C 330 -42.66 11.25 35.90
N GLY C 331 -42.28 12.41 36.45
CA GLY C 331 -42.20 13.63 35.69
C GLY C 331 -40.80 13.87 35.14
N VAL C 332 -40.61 15.06 34.59
CA VAL C 332 -39.30 15.44 34.05
C VAL C 332 -38.35 15.72 35.20
N PRO C 333 -37.19 15.07 35.25
CA PRO C 333 -36.22 15.37 36.31
C PRO C 333 -35.61 16.75 36.12
N VAL C 334 -35.33 17.41 37.26
CA VAL C 334 -34.73 18.73 37.29
C VAL C 334 -33.51 18.69 38.18
N VAL C 335 -32.39 19.23 37.68
CA VAL C 335 -31.16 19.31 38.45
C VAL C 335 -30.69 20.76 38.43
N ALA C 336 -29.94 21.14 39.45
CA ALA C 336 -29.40 22.49 39.56
C ALA C 336 -27.88 22.44 39.62
N LEU C 337 -27.24 23.32 38.86
CA LEU C 337 -25.79 23.39 38.78
C LEU C 337 -25.34 24.76 39.28
N ILE C 338 -24.43 24.76 40.25
CA ILE C 338 -24.01 25.99 40.93
C ILE C 338 -22.51 26.17 40.75
N VAL C 339 -22.11 27.35 40.32
CA VAL C 339 -20.70 27.70 40.22
C VAL C 339 -20.51 29.19 40.49
N GLU C 340 -19.77 29.51 41.56
CA GLU C 340 -19.45 30.88 41.95
C GLU C 340 -20.71 31.74 42.09
N GLY C 341 -21.54 31.35 43.04
CA GLY C 341 -22.87 31.92 43.14
C GLY C 341 -22.99 33.30 43.75
N GLY C 342 -22.65 33.44 45.02
CA GLY C 342 -22.84 34.69 45.72
C GLY C 342 -23.76 34.55 46.91
N PRO C 343 -24.10 35.67 47.54
CA PRO C 343 -24.95 35.61 48.74
C PRO C 343 -26.33 35.04 48.50
N ASN C 344 -26.93 35.30 47.32
CA ASN C 344 -28.27 34.81 47.04
C ASN C 344 -28.29 33.36 46.57
N VAL C 345 -27.14 32.80 46.21
CA VAL C 345 -27.12 31.41 45.77
C VAL C 345 -27.46 30.49 46.92
N ILE C 346 -27.14 30.87 48.16
CA ILE C 346 -27.56 30.09 49.31
C ILE C 346 -29.08 30.09 49.40
N SER C 347 -29.70 31.25 49.17
CA SER C 347 -31.15 31.35 49.23
C SER C 347 -31.82 30.49 48.16
N ILE C 348 -31.29 30.52 46.93
CA ILE C 348 -31.93 29.73 45.88
C ILE C 348 -31.66 28.24 46.09
N VAL C 349 -30.51 27.87 46.65
CA VAL C 349 -30.25 26.48 46.99
C VAL C 349 -31.25 26.00 48.04
N LEU C 350 -31.49 26.82 49.08
CA LEU C 350 -32.46 26.44 50.09
C LEU C 350 -33.87 26.33 49.52
N GLU C 351 -34.25 27.27 48.64
CA GLU C 351 -35.58 27.20 48.04
C GLU C 351 -35.71 26.02 47.08
N TYR C 352 -34.59 25.52 46.54
CA TYR C 352 -34.64 24.28 45.79
C TYR C 352 -34.84 23.09 46.71
N LEU C 353 -34.11 23.04 47.82
CA LEU C 353 -34.19 21.88 48.71
C LEU C 353 -35.54 21.80 49.42
N ARG C 354 -36.06 22.92 49.88
CA ARG C 354 -37.28 22.92 50.68
C ARG C 354 -38.54 22.89 49.84
N ASP C 355 -38.43 22.88 48.52
CA ASP C 355 -39.60 22.72 47.67
C ASP C 355 -40.19 21.33 47.88
N THR C 356 -41.50 21.21 47.64
CA THR C 356 -42.18 19.94 47.89
C THR C 356 -41.60 18.78 47.10
N PRO C 357 -41.29 18.90 45.80
CA PRO C 357 -40.37 17.95 45.19
C PRO C 357 -38.94 18.40 45.38
N PRO C 358 -38.12 17.64 46.10
CA PRO C 358 -36.72 18.03 46.28
C PRO C 358 -35.97 17.98 44.95
N VAL C 359 -35.23 19.05 44.68
CA VAL C 359 -34.46 19.19 43.45
C VAL C 359 -32.98 19.05 43.81
N PRO C 360 -32.32 17.97 43.42
CA PRO C 360 -30.90 17.80 43.74
C PRO C 360 -30.05 18.87 43.06
N VAL C 361 -29.02 19.34 43.75
CA VAL C 361 -28.16 20.38 43.23
C VAL C 361 -26.72 19.87 43.19
N VAL C 362 -25.93 20.44 42.29
CA VAL C 362 -24.53 20.08 42.11
C VAL C 362 -23.71 21.36 42.15
N VAL C 363 -22.74 21.41 43.06
CA VAL C 363 -21.90 22.61 43.21
C VAL C 363 -20.47 22.28 42.82
N CYS C 364 -19.60 23.30 42.83
CA CYS C 364 -18.21 23.14 42.50
C CYS C 364 -17.35 23.85 43.54
N ASP C 365 -16.11 23.39 43.69
CA ASP C 365 -15.22 23.90 44.72
C ASP C 365 -14.13 24.82 44.18
N GLY C 366 -13.95 24.89 42.86
CA GLY C 366 -12.86 25.68 42.31
C GLY C 366 -13.26 27.10 41.97
N SER C 367 -14.35 27.56 42.57
CA SER C 367 -14.90 28.89 42.29
C SER C 367 -14.42 29.95 43.29
N GLY C 368 -14.50 29.65 44.58
CA GLY C 368 -14.09 30.56 45.62
C GLY C 368 -15.23 31.33 46.26
N ARG C 369 -16.39 31.38 45.62
CA ARG C 369 -17.56 32.06 46.14
C ARG C 369 -18.38 31.08 46.97
N ALA C 370 -19.66 31.41 47.23
CA ALA C 370 -20.50 30.63 48.13
C ALA C 370 -20.63 29.17 47.72
N SER C 371 -20.40 28.84 46.45
CA SER C 371 -20.32 27.43 46.06
C SER C 371 -19.15 26.75 46.76
N ASP C 372 -18.00 27.42 46.82
CA ASP C 372 -16.88 26.90 47.60
C ASP C 372 -17.19 26.88 49.09
N ILE C 373 -17.99 27.85 49.56
CA ILE C 373 -18.42 27.83 50.96
C ILE C 373 -19.30 26.61 51.23
N LEU C 374 -20.21 26.29 50.31
CA LEU C 374 -21.03 25.09 50.44
C LEU C 374 -20.16 23.84 50.39
N ALA C 375 -19.14 23.83 49.52
CA ALA C 375 -18.24 22.68 49.45
C ALA C 375 -17.48 22.50 50.76
N PHE C 376 -17.02 23.59 51.36
CA PHE C 376 -16.33 23.51 52.65
C PHE C 376 -17.28 23.06 53.75
N GLY C 377 -18.53 23.53 53.72
CA GLY C 377 -19.50 23.10 54.70
C GLY C 377 -19.98 21.68 54.51
N HIS C 378 -19.76 21.11 53.33
CA HIS C 378 -20.04 19.69 53.13
C HIS C 378 -19.13 18.83 53.99
N LYS C 379 -17.85 19.20 54.06
CA LYS C 379 -16.93 18.53 54.98
C LYS C 379 -17.19 18.99 56.41
N TYR C 380 -17.14 18.05 57.35
CA TYR C 380 -17.36 18.30 58.77
C TYR C 380 -18.75 18.92 59.00
N SER C 381 -19.77 18.15 58.67
CA SER C 381 -21.15 18.54 58.89
C SER C 381 -21.62 18.00 60.24
N GLU C 382 -22.92 18.09 60.49
CA GLU C 382 -23.48 17.60 61.75
C GLU C 382 -24.39 16.40 61.50
N VAL C 397 -17.07 25.36 65.10
CA VAL C 397 -16.52 26.08 63.95
C VAL C 397 -17.56 27.07 63.43
N THR C 398 -17.70 28.18 64.14
CA THR C 398 -18.60 29.26 63.74
C THR C 398 -17.91 30.60 63.61
N ILE C 399 -16.72 30.77 64.17
CA ILE C 399 -15.98 32.02 64.08
C ILE C 399 -15.27 32.10 62.75
N GLN C 400 -15.39 31.04 61.94
CA GLN C 400 -14.83 31.01 60.59
C GLN C 400 -15.75 31.63 59.56
N LYS C 401 -16.88 32.18 59.98
CA LYS C 401 -17.84 32.77 59.03
C LYS C 401 -17.34 34.07 58.43
N THR C 402 -16.39 34.75 59.06
CA THR C 402 -15.90 36.03 58.58
C THR C 402 -14.96 35.80 57.40
N PHE C 403 -15.29 36.40 56.26
CA PHE C 403 -14.46 36.34 55.06
C PHE C 403 -14.28 37.69 54.39
N THR C 404 -14.60 38.79 55.10
CA THR C 404 -14.67 40.13 54.51
C THR C 404 -15.60 40.12 53.30
N TYR C 405 -16.71 39.41 53.42
CA TYR C 405 -17.64 39.17 52.32
C TYR C 405 -19.01 39.80 52.54
N THR C 406 -19.47 39.89 53.79
CA THR C 406 -20.75 40.49 54.10
C THR C 406 -20.55 41.59 55.14
N ARG C 407 -21.64 42.06 55.75
CA ARG C 407 -21.55 43.15 56.73
C ARG C 407 -20.95 42.60 58.02
N THR C 408 -19.63 42.43 57.99
CA THR C 408 -18.78 42.00 59.10
C THR C 408 -19.32 40.70 59.69
N GLN C 409 -19.02 40.44 60.97
CA GLN C 409 -19.61 39.31 61.67
C GLN C 409 -21.02 39.62 62.17
N ALA C 410 -21.44 40.89 62.10
CA ALA C 410 -22.80 41.26 62.52
C ALA C 410 -23.84 40.63 61.61
N GLN C 411 -23.60 40.62 60.31
CA GLN C 411 -24.50 40.00 59.35
C GLN C 411 -23.87 38.71 58.84
N HIS C 412 -24.63 37.62 58.89
CA HIS C 412 -24.12 36.31 58.53
C HIS C 412 -25.21 35.48 57.87
N LEU C 413 -24.79 34.59 56.98
CA LEU C 413 -25.66 33.62 56.35
C LEU C 413 -25.46 32.21 56.91
N PHE C 414 -24.82 32.11 58.09
CA PHE C 414 -24.52 30.80 58.65
C PHE C 414 -25.79 30.06 59.05
N ILE C 415 -26.81 30.77 59.51
CA ILE C 415 -28.06 30.12 59.90
C ILE C 415 -28.73 29.47 58.70
N ILE C 416 -28.85 30.22 57.60
CA ILE C 416 -29.49 29.66 56.41
C ILE C 416 -28.61 28.60 55.76
N LEU C 417 -27.28 28.73 55.86
CA LEU C 417 -26.40 27.70 55.35
C LEU C 417 -26.56 26.40 56.13
N MET C 418 -26.63 26.46 57.45
CA MET C 418 -26.89 25.26 58.23
C MET C 418 -28.28 24.70 57.96
N GLU C 419 -29.27 25.57 57.74
CA GLU C 419 -30.61 25.09 57.40
C GLU C 419 -30.60 24.34 56.07
N CYS C 420 -29.86 24.83 55.09
CA CYS C 420 -29.79 24.13 53.80
C CYS C 420 -28.97 22.85 53.91
N MET C 421 -27.87 22.88 54.67
CA MET C 421 -27.04 21.68 54.83
C MET C 421 -27.67 20.64 55.74
N LYS C 422 -28.76 20.98 56.42
CA LYS C 422 -29.54 19.96 57.13
C LYS C 422 -30.01 18.88 56.18
N LYS C 423 -30.44 19.26 54.97
CA LYS C 423 -30.78 18.30 53.93
C LYS C 423 -29.56 18.09 53.03
N LYS C 424 -28.56 17.44 53.61
CA LYS C 424 -27.27 17.24 52.94
C LYS C 424 -27.26 16.07 51.98
N GLU C 425 -28.29 15.22 51.99
CA GLU C 425 -28.32 14.07 51.10
C GLU C 425 -28.59 14.46 49.65
N LEU C 426 -28.98 15.70 49.39
CA LEU C 426 -29.26 16.18 48.04
C LEU C 426 -28.11 17.00 47.46
N ILE C 427 -27.35 17.69 48.29
CA ILE C 427 -26.22 18.47 47.80
C ILE C 427 -25.14 17.51 47.30
N THR C 428 -24.67 17.74 46.09
CA THR C 428 -23.57 17.00 45.51
C THR C 428 -22.43 17.96 45.23
N VAL C 429 -21.22 17.61 45.68
CA VAL C 429 -20.06 18.47 45.53
C VAL C 429 -19.09 17.77 44.58
N PHE C 430 -18.70 18.47 43.51
CA PHE C 430 -17.76 17.94 42.54
C PHE C 430 -16.35 18.39 42.88
N ARG C 431 -15.43 17.43 42.96
CA ARG C 431 -14.02 17.71 43.21
C ARG C 431 -13.17 16.90 42.23
N MET C 432 -12.01 17.44 41.92
CA MET C 432 -11.10 16.84 40.94
C MET C 432 -9.99 16.08 41.66
N GLY C 433 -9.92 14.77 41.43
CA GLY C 433 -8.85 13.96 41.98
C GLY C 433 -9.07 13.51 43.41
N SER C 434 -9.52 14.42 44.26
CA SER C 434 -9.69 14.10 45.69
C SER C 434 -10.79 13.07 45.90
N GLU C 435 -11.90 13.18 45.18
CA GLU C 435 -13.04 12.30 45.35
C GLU C 435 -13.34 11.60 44.02
N GLY C 436 -14.43 10.84 44.01
CA GLY C 436 -14.90 10.20 42.81
C GLY C 436 -15.74 11.13 41.96
N HIS C 437 -16.32 10.56 40.91
CA HIS C 437 -17.15 11.29 39.93
C HIS C 437 -16.37 12.47 39.34
N GLN C 438 -15.29 12.15 38.65
CA GLN C 438 -14.45 13.16 38.03
C GLN C 438 -15.04 13.69 36.73
N ASP C 439 -16.28 13.34 36.41
CA ASP C 439 -16.98 13.85 35.23
C ASP C 439 -18.25 14.56 35.66
N ILE C 440 -18.48 15.75 35.11
CA ILE C 440 -19.66 16.53 35.49
C ILE C 440 -20.93 15.83 35.04
N ASP C 441 -20.93 15.28 33.82
CA ASP C 441 -22.12 14.58 33.32
C ASP C 441 -22.43 13.36 34.18
N LEU C 442 -21.41 12.65 34.64
CA LEU C 442 -21.63 11.58 35.60
C LEU C 442 -22.19 12.11 36.90
N ALA C 443 -21.68 13.25 37.37
CA ALA C 443 -22.18 13.85 38.60
C ALA C 443 -23.62 14.32 38.45
N ILE C 444 -23.96 14.89 37.31
CA ILE C 444 -25.33 15.37 37.08
C ILE C 444 -26.30 14.21 37.00
N LEU C 445 -25.94 13.18 36.23
CA LEU C 445 -26.88 12.09 35.97
C LEU C 445 -27.10 11.23 37.21
N THR C 446 -26.03 10.96 37.98
CA THR C 446 -26.19 10.20 39.21
C THR C 446 -26.97 10.95 40.27
N ALA C 447 -26.95 12.29 40.24
CA ALA C 447 -27.71 13.06 41.21
C ALA C 447 -29.21 12.95 40.97
N LEU C 448 -29.61 12.80 39.71
CA LEU C 448 -31.03 12.68 39.38
C LEU C 448 -31.60 11.35 39.85
N LEU C 449 -30.82 10.27 39.73
CA LEU C 449 -31.28 8.97 40.18
C LEU C 449 -31.45 8.94 41.70
N LYS C 450 -30.47 9.48 42.43
CA LYS C 450 -30.57 9.50 43.88
C LYS C 450 -31.58 10.53 44.35
N GLY C 451 -31.64 11.68 43.69
CA GLY C 451 -32.54 12.75 44.10
C GLY C 451 -34.00 12.47 43.87
N ALA C 452 -34.31 11.55 42.95
CA ALA C 452 -35.70 11.19 42.70
C ALA C 452 -36.27 10.35 43.84
N ASN C 453 -35.41 9.61 44.55
CA ASN C 453 -35.82 8.73 45.64
C ASN C 453 -36.90 7.74 45.18
N ALA C 454 -36.72 7.22 43.98
CA ALA C 454 -37.69 6.33 43.36
C ALA C 454 -37.17 4.89 43.40
N SER C 455 -37.96 3.98 42.84
CA SER C 455 -37.64 2.56 42.85
C SER C 455 -36.68 2.22 41.72
N ALA C 456 -36.14 1.00 41.77
CA ALA C 456 -35.27 0.53 40.69
C ALA C 456 -35.95 0.48 39.33
N PRO C 457 -37.21 0.05 39.18
CA PRO C 457 -37.86 0.19 37.85
C PRO C 457 -37.90 1.62 37.34
N ASP C 458 -38.12 2.61 38.22
CA ASP C 458 -38.15 3.99 37.77
C ASP C 458 -36.76 4.48 37.36
N GLN C 459 -35.73 4.09 38.10
CA GLN C 459 -34.37 4.42 37.69
C GLN C 459 -34.01 3.80 36.35
N LEU C 460 -34.41 2.54 36.14
CA LEU C 460 -34.17 1.89 34.86
C LEU C 460 -34.93 2.57 33.74
N SER C 461 -36.17 3.00 34.00
CA SER C 461 -36.94 3.72 33.00
C SER C 461 -36.27 5.05 32.64
N LEU C 462 -35.75 5.75 33.65
CA LEU C 462 -35.06 7.02 33.39
C LEU C 462 -33.81 6.79 32.55
N ALA C 463 -33.00 5.80 32.93
CA ALA C 463 -31.76 5.53 32.19
C ALA C 463 -32.06 5.03 30.78
N LEU C 464 -33.20 4.38 30.59
CA LEU C 464 -33.59 3.92 29.26
C LEU C 464 -34.09 5.10 28.41
N ALA C 465 -34.81 6.04 29.03
CA ALA C 465 -35.25 7.22 28.30
C ALA C 465 -34.08 8.10 27.88
N TRP C 466 -33.08 8.24 28.76
CA TRP C 466 -31.89 9.00 28.40
C TRP C 466 -30.98 8.24 27.43
N ASN C 467 -31.25 6.96 27.18
CA ASN C 467 -30.40 6.11 26.33
C ASN C 467 -28.97 6.07 26.84
N ARG C 468 -28.82 5.97 28.16
CA ARG C 468 -27.51 5.88 28.81
C ARG C 468 -27.40 4.51 29.46
N VAL C 469 -26.59 3.64 28.88
CA VAL C 469 -26.49 2.27 29.39
C VAL C 469 -25.37 2.13 30.42
N ASP C 470 -24.33 2.96 30.37
CA ASP C 470 -23.30 2.91 31.40
C ASP C 470 -23.84 3.38 32.75
N ILE C 471 -24.76 4.34 32.75
CA ILE C 471 -25.41 4.78 33.97
C ILE C 471 -26.17 3.63 34.61
N ALA C 472 -26.91 2.88 33.79
CA ALA C 472 -27.66 1.73 34.32
C ALA C 472 -26.73 0.60 34.73
N ARG C 473 -25.59 0.46 34.07
CA ARG C 473 -24.68 -0.64 34.36
C ARG C 473 -23.92 -0.40 35.65
N SER C 474 -23.55 0.85 35.93
CA SER C 474 -22.73 1.14 37.09
C SER C 474 -23.53 1.52 38.33
N GLN C 475 -24.74 2.05 38.16
CA GLN C 475 -25.55 2.51 39.28
C GLN C 475 -26.77 1.64 39.57
N ILE C 476 -27.46 1.17 38.53
CA ILE C 476 -28.72 0.47 38.74
C ILE C 476 -28.51 -1.03 38.90
N PHE C 477 -27.61 -1.62 38.10
CA PHE C 477 -27.38 -3.06 38.15
C PHE C 477 -26.18 -3.35 39.03
N ILE C 478 -26.43 -3.36 40.34
CA ILE C 478 -25.45 -3.73 41.36
C ILE C 478 -26.08 -4.74 42.30
N TYR C 479 -25.33 -5.12 43.33
CA TYR C 479 -25.74 -6.19 44.23
C TYR C 479 -26.99 -5.80 45.03
N GLY C 480 -27.96 -6.70 45.07
CA GLY C 480 -29.13 -6.55 45.92
C GLY C 480 -30.04 -5.40 45.56
N GLN C 481 -30.71 -5.49 44.42
CA GLN C 481 -31.63 -4.43 43.99
C GLN C 481 -33.09 -4.77 44.21
N GLN C 482 -33.45 -6.05 44.23
CA GLN C 482 -34.80 -6.52 44.56
C GLN C 482 -35.83 -5.90 43.62
N TRP C 483 -35.71 -6.28 42.35
CA TRP C 483 -36.70 -5.87 41.38
C TRP C 483 -38.05 -6.54 41.68
N PRO C 484 -39.15 -5.84 41.49
CA PRO C 484 -40.46 -6.50 41.60
C PRO C 484 -40.65 -7.54 40.50
N VAL C 485 -41.55 -8.48 40.77
CA VAL C 485 -41.82 -9.53 39.79
C VAL C 485 -42.49 -8.92 38.57
N GLY C 486 -41.94 -9.22 37.39
CA GLY C 486 -42.47 -8.67 36.16
C GLY C 486 -41.97 -7.28 35.81
N SER C 487 -40.95 -6.77 36.51
CA SER C 487 -40.41 -5.46 36.20
C SER C 487 -39.34 -5.52 35.12
N LEU C 488 -38.43 -6.49 35.22
CA LEU C 488 -37.43 -6.68 34.16
C LEU C 488 -38.07 -7.07 32.85
N GLU C 489 -39.17 -7.83 32.90
CA GLU C 489 -39.90 -8.18 31.69
C GLU C 489 -40.49 -6.94 31.02
N GLN C 490 -41.08 -6.05 31.83
CA GLN C 490 -41.64 -4.81 31.30
C GLN C 490 -40.53 -3.92 30.74
N ALA C 491 -39.39 -3.87 31.41
CA ALA C 491 -38.26 -3.09 30.90
C ALA C 491 -37.75 -3.66 29.59
N MET C 492 -37.75 -4.99 29.45
CA MET C 492 -37.37 -5.60 28.19
C MET C 492 -38.35 -5.25 27.07
N LEU C 493 -39.65 -5.25 27.38
CA LEU C 493 -40.62 -4.85 26.37
C LEU C 493 -40.42 -3.40 25.97
N ASP C 494 -40.19 -2.51 26.94
CA ASP C 494 -39.98 -1.09 26.63
C ASP C 494 -38.72 -0.88 25.81
N ALA C 495 -37.64 -1.59 26.13
CA ALA C 495 -36.41 -1.48 25.36
C ALA C 495 -36.57 -2.05 23.96
N LEU C 496 -37.36 -3.12 23.82
CA LEU C 496 -37.63 -3.67 22.50
C LEU C 496 -38.40 -2.69 21.63
N VAL C 497 -39.38 -2.00 22.22
CA VAL C 497 -40.20 -1.05 21.45
C VAL C 497 -39.35 0.11 20.96
N LEU C 498 -38.53 0.68 21.85
CA LEU C 498 -37.83 1.93 21.59
C LEU C 498 -36.51 1.76 20.85
N ASP C 499 -36.20 0.55 20.37
CA ASP C 499 -34.97 0.25 19.65
C ASP C 499 -33.74 0.58 20.50
N ARG C 500 -33.64 -0.10 21.64
CA ARG C 500 -32.52 0.04 22.56
C ARG C 500 -31.78 -1.29 22.60
N VAL C 501 -30.84 -1.47 21.66
CA VAL C 501 -30.13 -2.73 21.56
C VAL C 501 -29.24 -2.95 22.78
N ASP C 502 -28.57 -1.90 23.24
CA ASP C 502 -27.69 -2.02 24.40
C ASP C 502 -28.47 -2.41 25.64
N PHE C 503 -29.67 -1.85 25.83
CA PHE C 503 -30.46 -2.19 26.99
C PHE C 503 -31.05 -3.59 26.88
N VAL C 504 -31.39 -4.03 25.68
CA VAL C 504 -31.84 -5.42 25.50
C VAL C 504 -30.71 -6.38 25.85
N LYS C 505 -29.49 -6.10 25.39
CA LYS C 505 -28.36 -6.93 25.75
C LYS C 505 -28.08 -6.92 27.24
N LEU C 506 -28.18 -5.74 27.87
CA LEU C 506 -27.93 -5.62 29.30
C LEU C 506 -28.97 -6.39 30.11
N LEU C 507 -30.23 -6.33 29.69
CA LEU C 507 -31.28 -7.05 30.41
C LEU C 507 -31.14 -8.56 30.20
N ILE C 508 -30.73 -8.98 29.00
CA ILE C 508 -30.50 -10.41 28.77
C ILE C 508 -29.37 -10.91 29.64
N GLU C 509 -28.28 -10.14 29.75
CA GLU C 509 -27.16 -10.53 30.60
C GLU C 509 -27.51 -10.50 32.07
N ASN C 510 -28.60 -9.85 32.46
CA ASN C 510 -28.95 -9.67 33.87
C ASN C 510 -30.26 -10.37 34.22
N GLY C 511 -30.43 -11.59 33.71
CA GLY C 511 -31.48 -12.44 34.24
C GLY C 511 -32.59 -12.85 33.29
N VAL C 512 -33.09 -11.92 32.47
CA VAL C 512 -34.26 -12.22 31.65
C VAL C 512 -33.88 -13.24 30.57
N SER C 513 -34.84 -14.08 30.21
CA SER C 513 -34.68 -15.07 29.16
C SER C 513 -35.79 -14.88 28.15
N MET C 514 -35.41 -14.84 26.87
CA MET C 514 -36.37 -14.51 25.82
C MET C 514 -37.41 -15.60 25.61
N HIS C 515 -37.14 -16.84 26.05
CA HIS C 515 -38.10 -17.92 25.87
C HIS C 515 -39.34 -17.69 26.70
N ARG C 516 -39.19 -17.13 27.90
CA ARG C 516 -40.33 -16.84 28.77
C ARG C 516 -40.96 -15.48 28.49
N PHE C 517 -40.16 -14.49 28.09
CA PHE C 517 -40.70 -13.15 27.84
C PHE C 517 -41.65 -13.15 26.65
N LEU C 518 -41.23 -13.73 25.54
CA LEU C 518 -41.95 -13.58 24.28
C LEU C 518 -43.20 -14.46 24.27
N THR C 519 -44.36 -13.83 24.21
CA THR C 519 -45.64 -14.50 24.06
C THR C 519 -46.30 -14.04 22.76
N ILE C 520 -47.50 -14.57 22.48
CA ILE C 520 -48.23 -14.12 21.31
C ILE C 520 -48.71 -12.68 21.51
N SER C 521 -49.20 -12.36 22.71
CA SER C 521 -49.69 -11.01 22.99
C SER C 521 -48.56 -9.99 22.93
N ARG C 522 -47.39 -10.34 23.47
CA ARG C 522 -46.26 -9.41 23.43
C ARG C 522 -45.76 -9.20 22.02
N LEU C 523 -45.76 -10.25 21.18
CA LEU C 523 -45.38 -10.08 19.79
C LEU C 523 -46.39 -9.21 19.04
N GLU C 524 -47.68 -9.39 19.35
CA GLU C 524 -48.71 -8.53 18.77
C GLU C 524 -48.49 -7.08 19.16
N GLU C 525 -48.14 -6.83 20.42
CA GLU C 525 -47.83 -5.46 20.86
C GLU C 525 -46.60 -4.92 20.15
N LEU C 526 -45.60 -5.77 19.93
CA LEU C 526 -44.38 -5.34 19.25
C LEU C 526 -44.65 -4.94 17.81
N TYR C 527 -45.54 -5.68 17.13
CA TYR C 527 -45.81 -5.35 15.73
C TYR C 527 -46.65 -4.09 15.57
N ASN C 528 -47.28 -3.61 16.64
CA ASN C 528 -48.16 -2.44 16.58
C ASN C 528 -47.61 -1.28 17.40
N THR C 529 -46.30 -1.07 17.33
CA THR C 529 -45.69 0.05 18.02
C THR C 529 -45.66 1.27 17.14
N ARG C 530 -45.66 2.45 17.77
CA ARG C 530 -45.55 3.70 17.07
C ARG C 530 -44.27 4.47 17.39
N HIS C 531 -43.50 4.03 18.39
CA HIS C 531 -42.26 4.68 18.77
C HIS C 531 -41.10 3.92 18.16
N GLY C 532 -40.27 4.62 17.39
CA GLY C 532 -39.13 4.01 16.76
C GLY C 532 -38.92 4.53 15.35
N PRO C 533 -37.93 3.98 14.66
CA PRO C 533 -37.67 4.42 13.28
C PRO C 533 -38.83 4.06 12.35
N SER C 534 -39.00 4.88 11.32
CA SER C 534 -40.07 4.67 10.35
C SER C 534 -39.83 3.41 9.53
N ASN C 535 -40.93 2.78 9.12
CA ASN C 535 -40.87 1.56 8.33
C ASN C 535 -41.98 1.58 7.29
N THR C 536 -42.06 0.51 6.51
CA THR C 536 -43.04 0.38 5.44
C THR C 536 -43.99 -0.80 5.65
N LEU C 537 -44.16 -1.24 6.90
CA LEU C 537 -44.99 -2.41 7.16
C LEU C 537 -46.47 -2.12 6.91
N TYR C 538 -46.92 -0.90 7.23
CA TYR C 538 -48.33 -0.57 7.09
C TYR C 538 -48.76 -0.62 5.63
N HIS C 539 -47.92 -0.13 4.72
CA HIS C 539 -48.24 -0.20 3.29
C HIS C 539 -48.30 -1.64 2.81
N LEU C 540 -47.39 -2.48 3.30
CA LEU C 540 -47.40 -3.89 2.93
C LEU C 540 -48.67 -4.58 3.42
N VAL C 541 -49.10 -4.27 4.65
CA VAL C 541 -50.32 -4.85 5.18
C VAL C 541 -51.53 -4.38 4.38
N ARG C 542 -51.56 -3.09 4.02
CA ARG C 542 -52.66 -2.59 3.20
C ARG C 542 -52.69 -3.27 1.83
N ASP C 543 -51.53 -3.48 1.23
CA ASP C 543 -51.47 -4.09 -0.11
C ASP C 543 -51.89 -5.55 -0.06
N VAL C 544 -51.36 -6.31 0.91
CA VAL C 544 -51.59 -7.75 0.94
C VAL C 544 -53.03 -8.06 1.31
N LYS C 545 -53.59 -7.36 2.30
CA LYS C 545 -54.90 -7.73 2.85
C LYS C 545 -56.00 -7.54 1.83
N LYS C 546 -56.22 -6.31 1.38
CA LYS C 546 -57.29 -5.98 0.45
C LYS C 546 -56.80 -4.86 -0.45
N GLY C 547 -57.74 -4.22 -1.16
CA GLY C 547 -57.41 -2.98 -1.84
C GLY C 547 -57.43 -1.76 -0.96
N ASN C 548 -58.02 -1.87 0.22
CA ASN C 548 -58.11 -0.76 1.16
C ASN C 548 -58.18 -1.31 2.57
N LEU C 549 -57.71 -0.53 3.54
CA LEU C 549 -57.70 -0.92 4.93
C LEU C 549 -58.32 0.19 5.77
N PRO C 550 -59.22 -0.14 6.71
CA PRO C 550 -59.80 0.90 7.55
C PRO C 550 -58.75 1.51 8.47
N PRO C 551 -58.90 2.79 8.83
CA PRO C 551 -57.96 3.39 9.77
C PRO C 551 -58.10 2.79 11.16
N ASP C 552 -57.00 2.90 11.93
CA ASP C 552 -56.90 2.38 13.29
C ASP C 552 -57.18 0.88 13.32
N TYR C 553 -56.30 0.14 12.65
CA TYR C 553 -56.43 -1.31 12.49
C TYR C 553 -55.30 -2.00 13.24
N ARG C 554 -55.66 -3.05 13.98
CA ARG C 554 -54.67 -3.85 14.71
C ARG C 554 -54.12 -4.93 13.79
N ILE C 555 -52.80 -4.92 13.58
CA ILE C 555 -52.15 -5.86 12.67
C ILE C 555 -51.99 -7.17 13.42
N SER C 556 -52.82 -8.16 13.08
CA SER C 556 -52.74 -9.47 13.70
C SER C 556 -51.58 -10.26 13.10
N LEU C 557 -51.17 -11.31 13.82
CA LEU C 557 -50.09 -12.16 13.34
C LEU C 557 -50.45 -12.90 12.06
N ILE C 558 -51.74 -13.12 11.80
CA ILE C 558 -52.15 -13.76 10.55
C ILE C 558 -51.81 -12.86 9.37
N ASP C 559 -52.02 -11.56 9.51
CA ASP C 559 -51.67 -10.63 8.44
C ASP C 559 -50.16 -10.60 8.20
N ILE C 560 -49.38 -10.73 9.28
CA ILE C 560 -47.93 -10.79 9.13
C ILE C 560 -47.51 -12.07 8.43
N GLY C 561 -48.18 -13.19 8.74
CA GLY C 561 -47.93 -14.41 8.01
C GLY C 561 -48.24 -14.27 6.54
N LEU C 562 -49.35 -13.61 6.21
CA LEU C 562 -49.72 -13.39 4.82
C LEU C 562 -48.70 -12.52 4.11
N VAL C 563 -48.22 -11.46 4.76
CA VAL C 563 -47.25 -10.59 4.11
C VAL C 563 -45.89 -11.28 3.97
N ILE C 564 -45.55 -12.19 4.90
CA ILE C 564 -44.33 -12.96 4.75
C ILE C 564 -44.45 -13.93 3.56
N GLU C 565 -45.59 -14.59 3.43
CA GLU C 565 -45.80 -15.45 2.27
C GLU C 565 -45.77 -14.66 0.96
N TYR C 566 -46.28 -13.42 0.98
CA TYR C 566 -46.22 -12.58 -0.21
C TYR C 566 -44.79 -12.19 -0.55
N LEU C 567 -43.99 -11.85 0.47
CA LEU C 567 -42.64 -11.38 0.22
C LEU C 567 -41.72 -12.51 -0.21
N MET C 568 -41.88 -13.70 0.37
CA MET C 568 -40.91 -14.76 0.15
C MET C 568 -41.03 -15.35 -1.26
N GLY C 569 -42.18 -15.93 -1.58
CA GLY C 569 -42.33 -16.52 -2.90
C GLY C 569 -43.64 -17.27 -3.01
N GLY C 570 -43.79 -17.97 -4.13
CA GLY C 570 -45.03 -18.68 -4.40
C GLY C 570 -45.24 -19.87 -3.49
N ALA C 571 -44.17 -20.64 -3.23
CA ALA C 571 -44.30 -21.90 -2.52
C ALA C 571 -44.19 -21.75 -1.01
N TYR C 572 -43.70 -20.63 -0.51
CA TYR C 572 -43.46 -20.48 0.92
C TYR C 572 -44.78 -20.43 1.68
N ARG C 573 -44.80 -21.08 2.84
CA ARG C 573 -45.97 -21.10 3.72
C ARG C 573 -45.51 -20.85 5.14
N CYS C 574 -45.90 -19.71 5.70
CA CYS C 574 -45.46 -19.33 7.04
C CYS C 574 -46.20 -20.14 8.10
N ASN C 575 -45.62 -20.17 9.30
CA ASN C 575 -46.22 -20.90 10.41
C ASN C 575 -47.48 -20.23 10.94
N TYR C 576 -47.63 -18.92 10.71
CA TYR C 576 -48.79 -18.21 11.23
C TYR C 576 -50.07 -18.62 10.52
N THR C 577 -49.99 -18.90 9.22
CA THR C 577 -51.18 -19.23 8.44
C THR C 577 -51.51 -20.71 8.47
N ARG C 578 -50.74 -21.54 9.18
CA ARG C 578 -51.07 -22.94 9.33
C ARG C 578 -52.35 -23.10 10.16
N LYS C 579 -53.02 -24.22 9.97
CA LYS C 579 -54.31 -24.43 10.64
C LYS C 579 -54.14 -24.56 12.15
N ARG C 580 -53.01 -25.12 12.61
CA ARG C 580 -52.80 -25.27 14.05
C ARG C 580 -52.66 -23.91 14.72
N PHE C 581 -51.84 -23.03 14.15
CA PHE C 581 -51.70 -21.70 14.73
C PHE C 581 -52.97 -20.89 14.58
N ARG C 582 -53.71 -21.07 13.48
CA ARG C 582 -54.97 -20.34 13.33
C ARG C 582 -55.98 -20.78 14.39
N THR C 583 -56.06 -22.08 14.67
CA THR C 583 -56.96 -22.55 15.72
C THR C 583 -56.49 -22.11 17.09
N LEU C 584 -55.18 -22.05 17.32
CA LEU C 584 -54.67 -21.57 18.60
C LEU C 584 -54.91 -20.06 18.78
N TYR C 585 -54.91 -19.31 17.69
CA TYR C 585 -55.09 -17.86 17.74
C TYR C 585 -56.55 -17.44 17.71
N HIS C 586 -57.45 -18.30 17.22
CA HIS C 586 -58.86 -17.95 17.20
C HIS C 586 -59.43 -17.84 18.60
N ASN C 587 -59.01 -18.72 19.51
CA ASN C 587 -59.51 -18.74 20.88
C ASN C 587 -58.58 -18.03 21.85
N LEU C 588 -57.92 -16.98 21.41
CA LEU C 588 -57.02 -16.21 22.27
C LEU C 588 -57.33 -14.72 22.18
N ASN C 632 -49.93 -18.45 24.24
CA ASN C 632 -48.89 -19.44 24.51
C ASN C 632 -47.51 -18.85 24.22
N HIS C 633 -46.52 -19.71 24.12
CA HIS C 633 -45.13 -19.32 23.91
C HIS C 633 -44.64 -19.86 22.57
N PHE C 634 -43.38 -19.52 22.25
CA PHE C 634 -42.75 -19.95 21.01
C PHE C 634 -41.54 -20.82 21.31
N PRO C 635 -41.42 -21.97 20.64
CA PRO C 635 -40.25 -22.83 20.88
C PRO C 635 -38.93 -22.19 20.47
N PHE C 636 -38.94 -21.38 19.42
CA PHE C 636 -37.75 -20.67 18.93
C PHE C 636 -38.10 -19.19 18.88
N PRO C 637 -37.94 -18.47 19.99
CA PRO C 637 -38.37 -17.06 20.01
C PRO C 637 -37.54 -16.16 19.10
N PHE C 638 -36.24 -16.44 18.96
CA PHE C 638 -35.38 -15.57 18.18
C PHE C 638 -35.70 -15.64 16.70
N HIS C 639 -36.32 -16.71 16.21
CA HIS C 639 -36.81 -16.71 14.84
C HIS C 639 -37.83 -15.60 14.62
N GLU C 640 -38.84 -15.54 15.48
CA GLU C 640 -39.88 -14.52 15.33
C GLU C 640 -39.34 -13.13 15.61
N LEU C 641 -38.44 -13.00 16.59
CA LEU C 641 -37.86 -11.68 16.86
C LEU C 641 -36.99 -11.20 15.70
N MET C 642 -36.23 -12.11 15.07
CA MET C 642 -35.45 -11.75 13.90
C MET C 642 -36.35 -11.32 12.75
N VAL C 643 -37.44 -12.05 12.51
CA VAL C 643 -38.35 -11.66 11.44
C VAL C 643 -38.99 -10.31 11.73
N TRP C 644 -39.33 -10.06 13.01
CA TRP C 644 -39.90 -8.77 13.38
C TRP C 644 -38.91 -7.64 13.14
N ALA C 645 -37.65 -7.83 13.57
CA ALA C 645 -36.65 -6.79 13.38
C ALA C 645 -36.35 -6.57 11.90
N VAL C 646 -36.46 -7.61 11.08
CA VAL C 646 -36.24 -7.44 9.65
C VAL C 646 -37.41 -6.68 9.02
N LEU C 647 -38.65 -7.02 9.40
CA LEU C 647 -39.80 -6.38 8.77
C LEU C 647 -39.99 -4.94 9.23
N MET C 648 -39.51 -4.60 10.42
CA MET C 648 -39.62 -3.24 10.93
C MET C 648 -38.42 -2.38 10.54
N LYS C 649 -37.51 -2.90 9.74
CA LYS C 649 -36.35 -2.17 9.21
C LYS C 649 -35.47 -1.63 10.35
N ARG C 650 -35.09 -2.52 11.26
CA ARG C 650 -34.18 -2.21 12.35
C ARG C 650 -32.97 -3.13 12.19
N GLN C 651 -31.89 -2.61 11.61
CA GLN C 651 -30.78 -3.48 11.22
C GLN C 651 -29.96 -3.92 12.43
N LYS C 652 -29.71 -3.02 13.38
CA LYS C 652 -28.92 -3.40 14.55
C LYS C 652 -29.64 -4.47 15.37
N MET C 653 -30.95 -4.32 15.54
CA MET C 653 -31.73 -5.32 16.27
C MET C 653 -31.72 -6.66 15.55
N ALA C 654 -31.83 -6.65 14.23
CA ALA C 654 -31.80 -7.89 13.46
C ALA C 654 -30.44 -8.57 13.58
N LEU C 655 -29.36 -7.80 13.51
CA LEU C 655 -28.04 -8.39 13.66
C LEU C 655 -27.81 -8.92 15.07
N PHE C 656 -28.42 -8.30 16.08
CA PHE C 656 -28.30 -8.85 17.43
C PHE C 656 -29.09 -10.15 17.57
N PHE C 657 -30.31 -10.19 17.02
CA PHE C 657 -31.13 -11.39 17.15
C PHE C 657 -30.64 -12.52 16.26
N TRP C 658 -29.84 -12.23 15.24
CA TRP C 658 -29.38 -13.28 14.33
C TRP C 658 -28.41 -14.23 15.02
N GLN C 659 -27.50 -13.71 15.83
CA GLN C 659 -26.45 -14.53 16.41
C GLN C 659 -26.90 -15.30 17.64
N HIS C 660 -28.14 -15.12 18.09
CA HIS C 660 -28.69 -15.85 19.22
C HIS C 660 -29.75 -16.82 18.72
N GLY C 661 -29.60 -18.09 19.06
CA GLY C 661 -30.53 -19.12 18.66
C GLY C 661 -29.90 -20.09 17.65
N GLU C 662 -30.73 -21.02 17.20
CA GLU C 662 -30.30 -22.03 16.24
C GLU C 662 -30.69 -21.63 14.83
N GLU C 663 -30.11 -22.35 13.86
CA GLU C 663 -30.37 -22.15 12.43
C GLU C 663 -30.03 -20.73 12.01
N ALA C 664 -28.76 -20.37 12.17
CA ALA C 664 -28.33 -19.01 11.85
C ALA C 664 -28.26 -18.78 10.34
N MET C 665 -27.81 -19.77 9.58
CA MET C 665 -27.67 -19.60 8.14
C MET C 665 -29.03 -19.47 7.46
N ALA C 666 -30.01 -20.26 7.90
CA ALA C 666 -31.35 -20.12 7.37
C ALA C 666 -31.94 -18.76 7.67
N LYS C 667 -31.71 -18.24 8.88
CA LYS C 667 -32.17 -16.91 9.22
C LYS C 667 -31.51 -15.86 8.35
N ALA C 668 -30.21 -16.01 8.07
CA ALA C 668 -29.52 -15.06 7.21
C ALA C 668 -30.10 -15.07 5.79
N LEU C 669 -30.35 -16.26 5.24
CA LEU C 669 -30.87 -16.34 3.88
C LEU C 669 -32.29 -15.80 3.79
N VAL C 670 -33.13 -16.12 4.78
CA VAL C 670 -34.50 -15.61 4.81
C VAL C 670 -34.50 -14.10 4.95
N ALA C 671 -33.61 -13.57 5.80
CA ALA C 671 -33.53 -12.12 5.96
C ALA C 671 -33.07 -11.44 4.68
N CYS C 672 -32.12 -12.04 3.97
CA CYS C 672 -31.68 -11.48 2.69
C CYS C 672 -32.83 -11.44 1.70
N LYS C 673 -33.59 -12.53 1.59
CA LYS C 673 -34.72 -12.54 0.66
C LYS C 673 -35.79 -11.53 1.06
N LEU C 674 -36.11 -11.44 2.36
CA LEU C 674 -37.13 -10.50 2.81
C LEU C 674 -36.71 -9.06 2.55
N CYS C 675 -35.45 -8.72 2.81
CA CYS C 675 -34.99 -7.37 2.56
C CYS C 675 -35.00 -7.04 1.08
N LYS C 676 -34.61 -8.00 0.23
CA LYS C 676 -34.66 -7.77 -1.22
C LYS C 676 -36.10 -7.54 -1.69
N ALA C 677 -37.04 -8.35 -1.20
CA ALA C 677 -38.43 -8.20 -1.59
C ALA C 677 -39.00 -6.86 -1.11
N MET C 678 -38.67 -6.46 0.12
CA MET C 678 -39.14 -5.18 0.63
C MET C 678 -38.55 -4.02 -0.16
N ALA C 679 -37.27 -4.11 -0.55
CA ALA C 679 -36.68 -3.07 -1.38
C ALA C 679 -37.38 -2.98 -2.73
N HIS C 680 -37.67 -4.12 -3.35
CA HIS C 680 -38.38 -4.09 -4.64
C HIS C 680 -39.77 -3.49 -4.50
N GLU C 681 -40.49 -3.85 -3.43
CA GLU C 681 -41.83 -3.30 -3.23
C GLU C 681 -41.79 -1.81 -2.97
N ALA C 682 -40.80 -1.35 -2.18
CA ALA C 682 -40.68 0.08 -1.91
C ALA C 682 -40.32 0.86 -3.18
N SER C 683 -39.44 0.29 -4.01
CA SER C 683 -39.09 0.96 -5.26
C SER C 683 -40.27 0.99 -6.22
N GLU C 684 -41.10 -0.05 -6.23
CA GLU C 684 -42.23 -0.09 -7.15
C GLU C 684 -43.31 0.90 -6.74
N ASN C 685 -43.38 1.28 -5.46
CA ASN C 685 -44.37 2.22 -4.96
C ASN C 685 -43.82 3.64 -4.86
N ASP C 686 -42.89 4.00 -5.75
CA ASP C 686 -42.28 5.33 -5.87
C ASP C 686 -41.96 5.96 -4.52
N MET C 687 -41.09 5.28 -3.78
CA MET C 687 -40.62 5.77 -2.48
C MET C 687 -39.57 6.85 -2.72
N VAL C 688 -38.89 7.27 -1.64
CA VAL C 688 -37.89 8.34 -1.74
C VAL C 688 -36.56 7.84 -2.27
N ASP C 689 -36.44 6.57 -2.64
CA ASP C 689 -35.23 5.94 -3.14
C ASP C 689 -34.08 5.96 -2.13
N ASP C 690 -34.36 6.29 -0.88
CA ASP C 690 -33.43 6.07 0.22
C ASP C 690 -33.79 4.83 1.02
N ILE C 691 -35.08 4.57 1.19
CA ILE C 691 -35.53 3.33 1.81
C ILE C 691 -35.09 2.13 0.99
N SER C 692 -35.20 2.23 -0.33
CA SER C 692 -34.76 1.14 -1.20
C SER C 692 -33.27 0.88 -1.07
N GLN C 693 -32.46 1.95 -1.01
CA GLN C 693 -31.02 1.77 -0.84
C GLN C 693 -30.69 1.17 0.51
N GLU C 694 -31.37 1.61 1.57
CA GLU C 694 -31.13 1.03 2.89
C GLU C 694 -31.50 -0.45 2.91
N LEU C 695 -32.63 -0.82 2.31
CA LEU C 695 -33.04 -2.22 2.30
C LEU C 695 -32.10 -3.06 1.47
N ASN C 696 -31.60 -2.53 0.35
CA ASN C 696 -30.62 -3.28 -0.44
C ASN C 696 -29.32 -3.46 0.32
N HIS C 697 -28.89 -2.44 1.07
CA HIS C 697 -27.69 -2.60 1.88
C HIS C 697 -27.89 -3.64 2.98
N ASN C 698 -29.08 -3.68 3.59
CA ASN C 698 -29.37 -4.71 4.57
C ASN C 698 -29.34 -6.10 3.95
N SER C 699 -29.91 -6.25 2.75
CA SER C 699 -29.88 -7.52 2.05
C SER C 699 -28.45 -7.96 1.75
N ARG C 700 -27.61 -7.02 1.30
CA ARG C 700 -26.21 -7.35 1.03
C ARG C 700 -25.48 -7.76 2.31
N ASP C 701 -25.75 -7.08 3.42
CA ASP C 701 -25.11 -7.44 4.68
C ASP C 701 -25.49 -8.85 5.12
N PHE C 702 -26.78 -9.18 5.02
CA PHE C 702 -27.20 -10.53 5.40
C PHE C 702 -26.63 -11.59 4.47
N GLY C 703 -26.56 -11.30 3.18
CA GLY C 703 -25.94 -12.24 2.26
C GLY C 703 -24.47 -12.48 2.57
N GLN C 704 -23.74 -11.41 2.89
CA GLN C 704 -22.34 -11.57 3.26
C GLN C 704 -22.19 -12.36 4.54
N LEU C 705 -23.09 -12.16 5.50
CA LEU C 705 -23.07 -12.95 6.73
C LEU C 705 -23.26 -14.43 6.42
N ALA C 706 -24.22 -14.76 5.55
CA ALA C 706 -24.45 -16.15 5.21
C ALA C 706 -23.23 -16.76 4.51
N VAL C 707 -22.61 -16.02 3.59
CA VAL C 707 -21.45 -16.55 2.88
C VAL C 707 -20.30 -16.79 3.84
N GLU C 708 -20.05 -15.85 4.76
CA GLU C 708 -18.94 -16.02 5.70
C GLU C 708 -19.20 -17.18 6.65
N LEU C 709 -20.45 -17.35 7.09
CA LEU C 709 -20.76 -18.49 7.96
C LEU C 709 -20.57 -19.80 7.22
N LEU C 710 -20.96 -19.87 5.95
CA LEU C 710 -20.73 -21.08 5.17
C LEU C 710 -19.24 -21.35 4.99
N ASP C 711 -18.46 -20.28 4.77
CA ASP C 711 -17.01 -20.44 4.63
C ASP C 711 -16.39 -21.01 5.89
N GLN C 712 -16.78 -20.47 7.05
CA GLN C 712 -16.26 -20.99 8.32
C GLN C 712 -16.67 -22.44 8.54
N SER C 713 -17.94 -22.76 8.25
CA SER C 713 -18.43 -24.11 8.46
C SER C 713 -17.69 -25.12 7.58
N TYR C 714 -17.49 -24.77 6.31
CA TYR C 714 -16.77 -25.67 5.42
C TYR C 714 -15.31 -25.78 5.80
N LYS C 715 -14.71 -24.70 6.29
CA LYS C 715 -13.33 -24.76 6.71
C LYS C 715 -13.15 -25.64 7.94
N GLN C 716 -14.15 -25.67 8.84
CA GLN C 716 -14.04 -26.52 10.01
C GLN C 716 -14.24 -27.99 9.67
N ASP C 717 -15.42 -28.34 9.17
CA ASP C 717 -15.74 -29.72 8.80
C ASP C 717 -16.45 -29.74 7.47
N GLU C 718 -16.15 -30.73 6.64
CA GLU C 718 -16.71 -30.78 5.30
C GLU C 718 -18.06 -31.50 5.27
N GLN C 719 -18.11 -32.70 5.85
CA GLN C 719 -19.32 -33.52 5.77
C GLN C 719 -20.48 -32.86 6.53
N LEU C 720 -20.21 -32.31 7.71
CA LEU C 720 -21.26 -31.62 8.45
C LEU C 720 -21.69 -30.34 7.76
N ALA C 721 -20.77 -29.66 7.07
CA ALA C 721 -21.16 -28.48 6.30
C ALA C 721 -22.08 -28.85 5.15
N MET C 722 -21.79 -29.96 4.46
CA MET C 722 -22.68 -30.39 3.39
C MET C 722 -24.00 -30.93 3.94
N LYS C 723 -23.99 -31.45 5.16
CA LYS C 723 -25.24 -31.84 5.80
C LYS C 723 -26.04 -30.64 6.28
N LEU C 724 -25.38 -29.50 6.48
CA LEU C 724 -26.06 -28.30 6.93
C LEU C 724 -26.86 -27.63 5.81
N LEU C 725 -26.45 -27.84 4.56
CA LEU C 725 -27.11 -27.22 3.41
C LEU C 725 -28.22 -28.06 2.80
N THR C 726 -28.47 -29.26 3.31
CA THR C 726 -29.43 -30.15 2.69
C THR C 726 -30.50 -30.70 3.62
N TYR C 727 -30.42 -30.46 4.91
CA TYR C 727 -31.44 -30.99 5.80
C TYR C 727 -32.68 -30.11 5.76
N GLU C 728 -33.85 -30.75 5.82
CA GLU C 728 -35.11 -30.04 5.71
C GLU C 728 -35.32 -29.12 6.90
N LEU C 729 -35.78 -27.91 6.63
CA LEU C 729 -36.03 -26.90 7.65
C LEU C 729 -37.51 -26.90 8.00
N LYS C 730 -37.84 -27.46 9.17
CA LYS C 730 -39.25 -27.55 9.56
C LYS C 730 -39.86 -26.17 9.78
N ASN C 731 -39.12 -25.26 10.41
CA ASN C 731 -39.64 -23.94 10.74
C ASN C 731 -39.65 -22.99 9.55
N TRP C 732 -38.99 -23.35 8.44
CA TRP C 732 -38.91 -22.45 7.30
C TRP C 732 -39.55 -23.07 6.07
N SER C 733 -40.75 -23.64 6.25
CA SER C 733 -41.60 -24.09 5.15
C SER C 733 -40.98 -25.24 4.36
N ASN C 734 -40.21 -26.09 5.03
CA ASN C 734 -39.65 -27.32 4.45
C ASN C 734 -38.83 -27.02 3.20
N ALA C 735 -37.77 -26.24 3.38
CA ALA C 735 -36.91 -25.85 2.29
C ALA C 735 -35.47 -25.82 2.77
N THR C 736 -34.59 -26.51 2.07
CA THR C 736 -33.19 -26.55 2.47
C THR C 736 -32.53 -25.18 2.25
N CYS C 737 -31.30 -25.05 2.75
CA CYS C 737 -30.58 -23.80 2.57
C CYS C 737 -30.26 -23.52 1.11
N LEU C 738 -30.09 -24.56 0.30
CA LEU C 738 -29.87 -24.37 -1.13
C LEU C 738 -31.08 -23.73 -1.78
N GLN C 739 -32.28 -24.19 -1.44
CA GLN C 739 -33.49 -23.61 -2.03
C GLN C 739 -33.67 -22.16 -1.63
N LEU C 740 -33.38 -21.83 -0.36
CA LEU C 740 -33.49 -20.44 0.08
C LEU C 740 -32.43 -19.57 -0.61
N ALA C 741 -31.22 -20.08 -0.79
CA ALA C 741 -30.17 -19.30 -1.43
C ALA C 741 -30.45 -19.08 -2.91
N VAL C 742 -31.04 -20.08 -3.57
CA VAL C 742 -31.42 -19.92 -4.98
C VAL C 742 -32.58 -18.96 -5.11
N ALA C 743 -33.57 -19.05 -4.22
CA ALA C 743 -34.71 -18.15 -4.28
C ALA C 743 -34.31 -16.71 -4.04
N ALA C 744 -33.23 -16.49 -3.30
CA ALA C 744 -32.71 -15.15 -3.07
C ALA C 744 -31.75 -14.70 -4.17
N LYS C 745 -31.53 -15.54 -5.18
CA LYS C 745 -30.61 -15.24 -6.29
C LYS C 745 -29.22 -14.90 -5.78
N HIS C 746 -28.78 -15.65 -4.77
CA HIS C 746 -27.49 -15.41 -4.13
C HIS C 746 -26.43 -16.18 -4.91
N ARG C 747 -25.80 -15.50 -5.87
CA ARG C 747 -24.82 -16.15 -6.72
C ARG C 747 -23.54 -16.48 -5.97
N ASP C 748 -23.16 -15.66 -5.00
CA ASP C 748 -21.92 -15.90 -4.27
C ASP C 748 -22.01 -17.05 -3.28
N PHE C 749 -23.22 -17.55 -3.00
CA PHE C 749 -23.42 -18.69 -2.12
C PHE C 749 -23.38 -20.01 -2.88
N ILE C 750 -24.06 -20.09 -4.02
CA ILE C 750 -24.04 -21.29 -4.84
C ILE C 750 -22.68 -21.48 -5.51
N ALA C 751 -21.92 -20.40 -5.71
CA ALA C 751 -20.61 -20.50 -6.33
C ALA C 751 -19.52 -20.89 -5.34
N HIS C 752 -19.85 -21.06 -4.07
CA HIS C 752 -18.86 -21.46 -3.08
C HIS C 752 -18.43 -22.90 -3.33
N THR C 753 -17.26 -23.26 -2.78
CA THR C 753 -16.70 -24.59 -3.01
C THR C 753 -17.60 -25.67 -2.43
N CYS C 754 -18.13 -25.46 -1.23
CA CYS C 754 -18.96 -26.47 -0.58
C CYS C 754 -20.25 -26.71 -1.37
N SER C 755 -20.88 -25.65 -1.85
CA SER C 755 -22.09 -25.80 -2.65
C SER C 755 -21.79 -26.53 -3.95
N GLN C 756 -20.63 -26.25 -4.56
CA GLN C 756 -20.26 -26.92 -5.80
C GLN C 756 -20.01 -28.40 -5.57
N MET C 757 -19.34 -28.76 -4.46
CA MET C 757 -19.13 -30.17 -4.16
C MET C 757 -20.45 -30.88 -3.89
N LEU C 758 -21.37 -30.21 -3.19
CA LEU C 758 -22.69 -30.78 -2.94
C LEU C 758 -23.46 -30.99 -4.24
N LEU C 759 -23.39 -30.02 -5.15
CA LEU C 759 -24.04 -30.16 -6.45
C LEU C 759 -23.42 -31.29 -7.26
N THR C 760 -22.10 -31.44 -7.20
CA THR C 760 -21.45 -32.55 -7.88
C THR C 760 -21.92 -33.89 -7.33
N ASP C 761 -22.03 -34.00 -6.00
CA ASP C 761 -22.53 -35.24 -5.40
C ASP C 761 -23.97 -35.52 -5.81
N MET C 762 -24.81 -34.49 -5.86
CA MET C 762 -26.19 -34.69 -6.30
C MET C 762 -26.26 -35.03 -7.78
N TRP C 763 -25.31 -34.53 -8.58
CA TRP C 763 -25.29 -34.78 -10.01
C TRP C 763 -24.85 -36.20 -10.31
N MET C 764 -23.84 -36.69 -9.60
CA MET C 764 -23.30 -38.02 -9.84
C MET C 764 -24.27 -39.13 -9.44
N GLY C 765 -25.33 -38.82 -8.69
CA GLY C 765 -26.29 -39.81 -8.30
C GLY C 765 -25.78 -40.77 -7.26
N ARG C 766 -26.02 -42.06 -7.46
CA ARG C 766 -25.59 -43.11 -6.53
C ARG C 766 -24.39 -43.88 -7.05
N LEU C 767 -23.47 -43.21 -7.74
CA LEU C 767 -22.27 -43.84 -8.26
C LEU C 767 -21.04 -43.20 -7.63
N ARG C 768 -20.03 -44.01 -7.35
CA ARG C 768 -18.84 -43.57 -6.63
C ARG C 768 -17.71 -43.11 -7.54
N MET C 769 -17.84 -43.26 -8.86
CA MET C 769 -16.72 -42.97 -9.74
C MET C 769 -16.52 -41.47 -9.88
N ARG C 770 -15.28 -41.03 -9.71
CA ARG C 770 -14.91 -39.63 -9.88
C ARG C 770 -13.66 -39.40 -10.71
N LYS C 771 -12.80 -40.41 -10.88
CA LYS C 771 -11.53 -40.21 -11.56
C LYS C 771 -11.73 -39.98 -13.06
N ASN C 772 -12.55 -40.81 -13.70
CA ASN C 772 -12.79 -40.69 -15.14
C ASN C 772 -14.23 -41.14 -15.41
N SER C 773 -15.14 -40.18 -15.44
CA SER C 773 -16.54 -40.43 -15.73
C SER C 773 -16.85 -40.05 -17.18
N GLY C 774 -18.12 -40.16 -17.55
CA GLY C 774 -18.53 -39.84 -18.90
C GLY C 774 -18.40 -41.02 -19.84
N LEU C 775 -17.17 -41.53 -20.01
CA LEU C 775 -16.96 -42.70 -20.84
C LEU C 775 -17.67 -43.91 -20.26
N LYS C 776 -17.59 -44.10 -18.94
CA LYS C 776 -18.24 -45.24 -18.31
C LYS C 776 -19.75 -45.15 -18.41
N VAL C 777 -20.31 -43.93 -18.31
CA VAL C 777 -21.75 -43.77 -18.45
C VAL C 777 -22.20 -44.11 -19.87
N ILE C 778 -21.44 -43.68 -20.88
CA ILE C 778 -21.78 -44.02 -22.25
C ILE C 778 -21.68 -45.52 -22.48
N LEU C 779 -20.64 -46.15 -21.93
CA LEU C 779 -20.51 -47.60 -22.05
C LEU C 779 -21.67 -48.32 -21.37
N GLY C 780 -22.11 -47.83 -20.22
CA GLY C 780 -23.24 -48.44 -19.54
C GLY C 780 -24.54 -48.28 -20.31
N ILE C 781 -24.75 -47.11 -20.93
CA ILE C 781 -25.95 -46.89 -21.72
C ILE C 781 -25.95 -47.77 -22.96
N LEU C 782 -24.81 -47.84 -23.65
CA LEU C 782 -24.74 -48.65 -24.87
C LEU C 782 -24.63 -50.14 -24.57
N LEU C 783 -23.91 -50.50 -23.50
CA LEU C 783 -23.76 -51.91 -23.10
C LEU C 783 -24.37 -52.10 -21.72
N PRO C 784 -25.58 -52.63 -21.63
CA PRO C 784 -26.23 -52.85 -20.33
C PRO C 784 -25.46 -53.82 -19.42
N PRO C 785 -24.75 -54.84 -19.95
CA PRO C 785 -23.94 -55.66 -19.04
C PRO C 785 -22.88 -54.88 -18.27
N SER C 786 -22.39 -53.77 -18.81
CA SER C 786 -21.36 -53.00 -18.10
C SER C 786 -21.90 -52.26 -16.89
N ILE C 787 -23.22 -52.20 -16.71
CA ILE C 787 -23.80 -51.51 -15.56
C ILE C 787 -23.43 -52.20 -14.26
N LEU C 788 -23.45 -53.54 -14.27
CA LEU C 788 -23.20 -54.33 -13.07
C LEU C 788 -21.72 -54.47 -12.74
N SER C 789 -20.86 -53.64 -13.33
CA SER C 789 -19.43 -53.65 -13.03
C SER C 789 -18.97 -52.32 -12.44
N LEU C 790 -19.90 -51.52 -11.93
CA LEU C 790 -19.58 -50.22 -11.35
C LEU C 790 -19.87 -50.23 -9.86
N GLU C 791 -19.08 -49.48 -9.11
CA GLU C 791 -19.28 -49.37 -7.67
C GLU C 791 -20.40 -48.37 -7.37
N PHE C 792 -21.21 -48.70 -6.38
CA PHE C 792 -22.38 -47.90 -6.02
C PHE C 792 -22.32 -47.52 -4.55
N LYS C 793 -22.77 -46.30 -4.25
CA LYS C 793 -22.84 -45.85 -2.86
C LYS C 793 -23.95 -46.59 -2.12
N ASN C 794 -23.72 -46.80 -0.83
CA ASN C 794 -24.68 -47.51 0.02
C ASN C 794 -25.90 -46.65 0.31
N GLY C 861 -30.38 -56.34 -9.76
CA GLY C 861 -31.78 -56.00 -9.86
C GLY C 861 -32.06 -54.53 -9.59
N ARG C 862 -31.91 -54.13 -8.33
CA ARG C 862 -32.12 -52.73 -7.96
C ARG C 862 -30.99 -51.83 -8.46
N LYS C 863 -29.84 -52.42 -8.81
CA LYS C 863 -28.71 -51.62 -9.29
C LYS C 863 -29.04 -50.93 -10.62
N ILE C 864 -29.84 -51.57 -11.47
CA ILE C 864 -30.26 -50.94 -12.72
C ILE C 864 -31.08 -49.69 -12.44
N TYR C 865 -32.01 -49.78 -11.50
CA TYR C 865 -32.84 -48.63 -11.15
C TYR C 865 -32.01 -47.50 -10.57
N GLU C 866 -31.00 -47.83 -9.76
CA GLU C 866 -30.11 -46.81 -9.22
C GLU C 866 -29.29 -46.16 -10.33
N PHE C 867 -28.85 -46.95 -11.32
CA PHE C 867 -28.05 -46.40 -12.39
C PHE C 867 -28.86 -45.48 -13.28
N TYR C 868 -30.04 -45.91 -13.71
CA TYR C 868 -30.80 -45.18 -14.71
C TYR C 868 -31.54 -43.97 -14.15
N ASN C 869 -31.50 -43.74 -12.84
CA ASN C 869 -32.12 -42.57 -12.25
C ASN C 869 -31.13 -41.50 -11.84
N ALA C 870 -29.84 -41.71 -12.07
CA ALA C 870 -28.87 -40.66 -11.82
C ALA C 870 -29.05 -39.54 -12.84
N PRO C 871 -28.83 -38.29 -12.43
CA PRO C 871 -28.94 -37.18 -13.41
C PRO C 871 -27.94 -37.29 -14.54
N ILE C 872 -26.74 -37.78 -14.29
CA ILE C 872 -25.71 -37.83 -15.34
C ILE C 872 -26.08 -38.84 -16.41
N VAL C 873 -26.67 -39.97 -16.01
CA VAL C 873 -27.09 -40.98 -16.97
C VAL C 873 -28.23 -40.45 -17.83
N LYS C 874 -29.18 -39.74 -17.22
CA LYS C 874 -30.25 -39.13 -18.00
C LYS C 874 -29.69 -38.11 -18.97
N PHE C 875 -28.72 -37.31 -18.54
CA PHE C 875 -28.13 -36.32 -19.41
C PHE C 875 -27.45 -36.96 -20.61
N TRP C 876 -26.69 -38.03 -20.39
CA TRP C 876 -26.01 -38.68 -21.51
C TRP C 876 -27.00 -39.38 -22.43
N PHE C 877 -28.07 -39.95 -21.88
CA PHE C 877 -29.12 -40.53 -22.72
C PHE C 877 -29.74 -39.47 -23.62
N TYR C 878 -30.07 -38.31 -23.04
CA TYR C 878 -30.64 -37.22 -23.83
C TYR C 878 -29.66 -36.72 -24.89
N THR C 879 -28.38 -36.63 -24.53
CA THR C 879 -27.36 -36.18 -25.48
C THR C 879 -27.26 -37.14 -26.67
N LEU C 880 -27.22 -38.44 -26.41
CA LEU C 880 -27.12 -39.41 -27.51
C LEU C 880 -28.37 -39.38 -28.38
N ALA C 881 -29.55 -39.23 -27.76
CA ALA C 881 -30.77 -39.14 -28.55
C ALA C 881 -30.77 -37.89 -29.43
N TYR C 882 -30.29 -36.76 -28.89
CA TYR C 882 -30.24 -35.53 -29.68
C TYR C 882 -29.26 -35.65 -30.83
N ILE C 883 -28.11 -36.30 -30.61
CA ILE C 883 -27.15 -36.51 -31.68
C ILE C 883 -27.76 -37.36 -32.79
N GLY C 884 -28.45 -38.44 -32.42
CA GLY C 884 -29.10 -39.27 -33.43
C GLY C 884 -30.17 -38.52 -34.20
N TYR C 885 -30.94 -37.68 -33.49
CA TYR C 885 -31.96 -36.87 -34.15
C TYR C 885 -31.35 -35.89 -35.13
N LEU C 886 -30.24 -35.25 -34.75
CA LEU C 886 -29.56 -34.33 -35.66
C LEU C 886 -29.06 -35.07 -36.90
N MET C 887 -28.51 -36.26 -36.71
CA MET C 887 -28.05 -37.05 -37.86
C MET C 887 -29.20 -37.36 -38.80
N LEU C 888 -30.35 -37.76 -38.26
CA LEU C 888 -31.49 -38.08 -39.11
C LEU C 888 -32.02 -36.83 -39.83
N PHE C 889 -32.04 -35.70 -39.13
CA PHE C 889 -32.49 -34.45 -39.77
C PHE C 889 -31.57 -34.08 -40.93
N ASN C 890 -30.26 -34.19 -40.74
CA ASN C 890 -29.33 -33.89 -41.82
C ASN C 890 -29.54 -34.85 -42.98
N TYR C 891 -29.74 -36.13 -42.71
CA TYR C 891 -29.98 -37.09 -43.79
C TYR C 891 -31.23 -36.71 -44.58
N ILE C 892 -32.33 -36.38 -43.89
CA ILE C 892 -33.56 -36.14 -44.63
C ILE C 892 -33.55 -34.81 -45.37
N VAL C 893 -32.74 -33.83 -44.94
CA VAL C 893 -32.69 -32.59 -45.71
C VAL C 893 -31.66 -32.65 -46.85
N LEU C 894 -30.59 -33.44 -46.70
CA LEU C 894 -29.57 -33.47 -47.75
C LEU C 894 -30.01 -34.26 -48.96
N VAL C 895 -30.63 -35.42 -48.76
CA VAL C 895 -31.02 -36.29 -49.87
C VAL C 895 -32.40 -35.92 -50.39
N LYS C 896 -32.74 -36.44 -51.56
CA LYS C 896 -34.00 -36.09 -52.21
C LYS C 896 -35.20 -36.61 -51.43
N MET C 897 -36.22 -35.76 -51.30
CA MET C 897 -37.45 -36.11 -50.60
C MET C 897 -38.52 -36.55 -51.59
N GLU C 898 -39.22 -37.62 -51.23
CA GLU C 898 -40.26 -38.18 -52.10
C GLU C 898 -41.61 -37.57 -51.75
N ARG C 899 -42.68 -38.15 -52.29
CA ARG C 899 -44.03 -37.63 -52.06
C ARG C 899 -44.47 -37.84 -50.61
N TRP C 900 -44.12 -38.99 -50.02
CA TRP C 900 -44.48 -39.28 -48.65
C TRP C 900 -43.23 -39.42 -47.79
N PRO C 901 -43.33 -39.10 -46.50
CA PRO C 901 -42.14 -39.17 -45.64
C PRO C 901 -41.58 -40.59 -45.53
N SER C 902 -40.26 -40.69 -45.45
CA SER C 902 -39.58 -41.96 -45.29
C SER C 902 -39.53 -42.30 -43.79
N THR C 903 -38.82 -43.39 -43.46
CA THR C 903 -38.72 -43.81 -42.06
C THR C 903 -37.98 -42.77 -41.22
N GLN C 904 -36.86 -42.25 -41.74
CA GLN C 904 -36.10 -41.25 -40.99
C GLN C 904 -36.91 -39.98 -40.79
N GLU C 905 -37.67 -39.57 -41.80
CA GLU C 905 -38.52 -38.40 -41.66
C GLU C 905 -39.60 -38.62 -40.60
N TRP C 906 -40.17 -39.83 -40.55
CA TRP C 906 -41.15 -40.13 -39.52
C TRP C 906 -40.53 -40.12 -38.13
N ILE C 907 -39.28 -40.58 -38.01
CA ILE C 907 -38.61 -40.52 -36.71
C ILE C 907 -38.37 -39.08 -36.29
N VAL C 908 -37.96 -38.22 -37.23
CA VAL C 908 -37.75 -36.81 -36.91
C VAL C 908 -39.07 -36.15 -36.49
N ILE C 909 -40.15 -36.46 -37.21
CA ILE C 909 -41.46 -35.89 -36.88
C ILE C 909 -41.90 -36.36 -35.49
N SER C 910 -41.69 -37.64 -35.18
CA SER C 910 -42.04 -38.15 -33.86
C SER C 910 -41.22 -37.47 -32.77
N TYR C 911 -39.94 -37.22 -33.03
CA TYR C 911 -39.12 -36.52 -32.05
C TYR C 911 -39.66 -35.13 -31.78
N ILE C 912 -40.01 -34.39 -32.84
CA ILE C 912 -40.53 -33.04 -32.66
C ILE C 912 -41.85 -33.06 -31.91
N PHE C 913 -42.74 -33.99 -32.27
CA PHE C 913 -44.05 -34.07 -31.62
C PHE C 913 -43.92 -34.42 -30.14
N THR C 914 -43.08 -35.40 -29.81
CA THR C 914 -42.91 -35.78 -28.41
C THR C 914 -42.20 -34.69 -27.62
N LEU C 915 -41.28 -33.95 -28.25
CA LEU C 915 -40.67 -32.81 -27.57
C LEU C 915 -41.71 -31.74 -27.26
N GLY C 916 -42.62 -31.49 -28.20
CA GLY C 916 -43.71 -30.55 -27.92
C GLY C 916 -44.60 -31.01 -26.80
N ILE C 917 -44.91 -32.31 -26.77
CA ILE C 917 -45.71 -32.86 -25.67
C ILE C 917 -44.99 -32.70 -24.34
N GLU C 918 -43.68 -32.93 -24.33
CA GLU C 918 -42.89 -32.74 -23.11
C GLU C 918 -42.88 -31.28 -22.67
N LYS C 919 -42.79 -30.36 -23.61
CA LYS C 919 -42.85 -28.93 -23.26
C LYS C 919 -44.21 -28.58 -22.66
N MET C 920 -45.29 -29.11 -23.23
CA MET C 920 -46.61 -28.85 -22.68
C MET C 920 -46.74 -29.42 -21.26
N ARG C 921 -46.22 -30.63 -21.05
CA ARG C 921 -46.24 -31.21 -19.71
C ARG C 921 -45.44 -30.38 -18.72
N GLU C 922 -44.28 -29.88 -19.15
CA GLU C 922 -43.46 -29.05 -18.26
C GLU C 922 -44.17 -27.75 -17.92
N ILE C 923 -44.88 -27.16 -18.88
CA ILE C 923 -45.66 -25.96 -18.60
C ILE C 923 -46.78 -26.27 -17.60
N LEU C 924 -47.47 -27.40 -17.79
CA LEU C 924 -48.63 -27.72 -16.96
C LEU C 924 -48.24 -27.99 -15.51
N MET C 925 -47.07 -28.59 -15.28
CA MET C 925 -46.63 -28.97 -13.94
C MET C 925 -45.68 -27.93 -13.34
N SER C 926 -45.90 -26.66 -13.64
CA SER C 926 -45.03 -25.59 -13.15
C SER C 926 -45.36 -25.28 -11.69
N GLU C 927 -44.74 -24.23 -11.15
CA GLU C 927 -44.88 -23.86 -9.74
C GLU C 927 -46.19 -23.13 -9.42
N PRO C 928 -46.62 -22.10 -10.18
CA PRO C 928 -47.87 -21.41 -9.81
C PRO C 928 -49.08 -22.29 -10.06
N GLY C 929 -50.22 -21.83 -9.55
CA GLY C 929 -51.47 -22.56 -9.69
C GLY C 929 -52.38 -22.01 -10.77
N LYS C 930 -51.99 -20.89 -11.38
CA LYS C 930 -52.79 -20.25 -12.42
C LYS C 930 -52.27 -20.68 -13.79
N LEU C 931 -53.21 -21.05 -14.67
CA LEU C 931 -52.82 -21.57 -15.98
C LEU C 931 -52.12 -20.52 -16.84
N LEU C 932 -52.42 -19.24 -16.63
CA LEU C 932 -51.78 -18.18 -17.38
C LEU C 932 -50.52 -17.66 -16.69
N GLN C 933 -50.46 -17.73 -15.36
CA GLN C 933 -49.24 -17.34 -14.66
C GLN C 933 -48.10 -18.31 -14.94
N LYS C 934 -48.42 -19.60 -15.08
CA LYS C 934 -47.40 -20.59 -15.37
C LYS C 934 -46.76 -20.36 -16.74
N VAL C 935 -47.57 -19.96 -17.72
CA VAL C 935 -47.04 -19.72 -19.06
C VAL C 935 -46.06 -18.55 -19.06
N LYS C 936 -46.41 -17.47 -18.35
CA LYS C 936 -45.54 -16.30 -18.32
C LYS C 936 -44.28 -16.51 -17.51
N VAL C 937 -44.28 -17.46 -16.56
CA VAL C 937 -43.06 -17.78 -15.84
C VAL C 937 -42.24 -18.85 -16.56
N TRP C 938 -42.86 -19.62 -17.44
CA TRP C 938 -42.09 -20.53 -18.29
C TRP C 938 -41.43 -19.76 -19.43
N LEU C 939 -42.10 -18.74 -19.96
CA LEU C 939 -41.54 -17.94 -21.04
C LEU C 939 -40.60 -16.87 -20.49
N GLN C 940 -39.65 -17.26 -19.64
CA GLN C 940 -38.63 -16.36 -19.13
C GLN C 940 -37.26 -16.65 -19.73
N GLU C 941 -36.86 -17.92 -19.75
CA GLU C 941 -35.63 -18.31 -20.43
C GLU C 941 -35.82 -18.20 -21.94
N TYR C 942 -34.81 -17.64 -22.61
CA TYR C 942 -34.92 -17.45 -24.05
C TYR C 942 -34.90 -18.77 -24.81
N TRP C 943 -34.30 -19.80 -24.23
CA TRP C 943 -34.27 -21.11 -24.89
C TRP C 943 -35.68 -21.67 -25.06
N ASN C 944 -36.54 -21.49 -24.05
CA ASN C 944 -37.90 -22.00 -24.15
C ASN C 944 -38.68 -21.28 -25.25
N VAL C 945 -38.54 -19.95 -25.33
CA VAL C 945 -39.23 -19.19 -26.38
C VAL C 945 -38.74 -19.61 -27.76
N THR C 946 -37.42 -19.75 -27.92
CA THR C 946 -36.89 -20.16 -29.21
C THR C 946 -37.33 -21.57 -29.57
N ASP C 947 -37.39 -22.47 -28.58
CA ASP C 947 -37.88 -23.82 -28.84
C ASP C 947 -39.34 -23.81 -29.29
N LEU C 948 -40.16 -22.99 -28.64
CA LEU C 948 -41.57 -22.89 -29.05
C LEU C 948 -41.69 -22.39 -30.48
N ILE C 949 -40.92 -21.34 -30.81
CA ILE C 949 -40.96 -20.79 -32.17
C ILE C 949 -40.49 -21.82 -33.18
N ALA C 950 -39.42 -22.56 -32.86
CA ALA C 950 -38.90 -23.55 -33.78
C ALA C 950 -39.86 -24.70 -33.99
N ILE C 951 -40.52 -25.16 -32.92
CA ILE C 951 -41.50 -26.25 -33.06
C ILE C 951 -42.68 -25.80 -33.92
N LEU C 952 -43.16 -24.57 -33.70
CA LEU C 952 -44.26 -24.06 -34.53
C LEU C 952 -43.84 -23.96 -35.99
N LEU C 953 -42.62 -23.47 -36.25
CA LEU C 953 -42.15 -23.34 -37.63
C LEU C 953 -41.99 -24.72 -38.28
N PHE C 954 -41.51 -25.71 -37.52
CA PHE C 954 -41.40 -27.05 -38.07
C PHE C 954 -42.76 -27.63 -38.38
N SER C 955 -43.76 -27.37 -37.52
CA SER C 955 -45.11 -27.85 -37.81
C SER C 955 -45.67 -27.21 -39.08
N VAL C 956 -45.43 -25.91 -39.25
CA VAL C 956 -45.88 -25.23 -40.47
C VAL C 956 -45.19 -25.82 -41.70
N GLY C 957 -43.88 -26.06 -41.61
CA GLY C 957 -43.16 -26.63 -42.74
C GLY C 957 -43.62 -28.03 -43.06
N MET C 958 -43.93 -28.83 -42.04
CA MET C 958 -44.46 -30.17 -42.29
C MET C 958 -45.83 -30.12 -42.92
N ILE C 959 -46.67 -29.17 -42.50
CA ILE C 959 -47.99 -29.01 -43.09
C ILE C 959 -47.86 -28.66 -44.57
N LEU C 960 -46.96 -27.73 -44.90
CA LEU C 960 -46.73 -27.39 -46.30
C LEU C 960 -46.05 -28.52 -47.07
N ARG C 961 -45.35 -29.42 -46.38
CA ARG C 961 -44.58 -30.45 -47.06
C ARG C 961 -45.47 -31.51 -47.68
N LEU C 962 -46.57 -31.85 -47.04
CA LEU C 962 -47.47 -32.91 -47.52
C LEU C 962 -48.50 -32.37 -48.51
N GLN C 963 -48.03 -31.67 -49.53
CA GLN C 963 -48.90 -31.04 -50.52
C GLN C 963 -48.28 -31.23 -51.89
N ASP C 964 -48.73 -30.45 -52.87
CA ASP C 964 -48.20 -30.54 -54.23
C ASP C 964 -46.78 -29.98 -54.29
N GLN C 965 -46.23 -29.96 -55.51
CA GLN C 965 -44.80 -29.66 -55.69
C GLN C 965 -44.37 -28.28 -55.19
N PRO C 966 -45.07 -27.17 -55.49
CA PRO C 966 -44.58 -25.88 -54.97
C PRO C 966 -44.65 -25.79 -53.46
N PHE C 967 -45.75 -26.22 -52.85
CA PHE C 967 -45.83 -26.22 -51.40
C PHE C 967 -44.84 -27.21 -50.79
N ARG C 968 -44.58 -28.32 -51.48
CA ARG C 968 -43.57 -29.26 -50.99
C ARG C 968 -42.18 -28.63 -50.99
N SER C 969 -41.85 -27.87 -52.04
CA SER C 969 -40.58 -27.17 -52.06
C SER C 969 -40.50 -26.11 -50.96
N ASP C 970 -41.62 -25.41 -50.71
CA ASP C 970 -41.62 -24.43 -49.64
C ASP C 970 -41.43 -25.08 -48.27
N GLY C 971 -42.07 -26.24 -48.06
CA GLY C 971 -41.85 -26.96 -46.80
C GLY C 971 -40.44 -27.46 -46.66
N ARG C 972 -39.84 -27.90 -47.77
CA ARG C 972 -38.44 -28.32 -47.71
C ARG C 972 -37.54 -27.15 -47.36
N VAL C 973 -37.82 -25.97 -47.90
CA VAL C 973 -37.04 -24.79 -47.56
C VAL C 973 -37.21 -24.42 -46.09
N ILE C 974 -38.42 -24.62 -45.55
CA ILE C 974 -38.63 -24.40 -44.13
C ILE C 974 -37.78 -25.38 -43.31
N TYR C 975 -37.70 -26.63 -43.76
CA TYR C 975 -36.82 -27.61 -43.11
C TYR C 975 -35.36 -27.14 -43.13
N CYS C 976 -34.91 -26.66 -44.30
CA CYS C 976 -33.52 -26.23 -44.46
C CYS C 976 -33.21 -25.03 -43.59
N VAL C 977 -34.17 -24.14 -43.40
CA VAL C 977 -33.98 -23.03 -42.46
C VAL C 977 -33.98 -23.55 -41.02
N ASN C 978 -34.84 -24.52 -40.72
CA ASN C 978 -35.04 -24.95 -39.35
C ASN C 978 -33.87 -25.77 -38.83
N ILE C 979 -33.12 -26.43 -39.71
CA ILE C 979 -31.97 -27.22 -39.25
C ILE C 979 -30.90 -26.35 -38.59
N ILE C 980 -30.86 -25.06 -38.94
CA ILE C 980 -29.86 -24.16 -38.36
C ILE C 980 -30.06 -24.02 -36.86
N TYR C 981 -31.31 -23.87 -36.41
CA TYR C 981 -31.57 -23.70 -34.99
C TYR C 981 -31.20 -24.96 -34.21
N TRP C 982 -31.51 -26.13 -34.76
CA TRP C 982 -31.17 -27.36 -34.05
C TRP C 982 -29.67 -27.61 -34.04
N TYR C 983 -28.95 -27.08 -35.03
CA TYR C 983 -27.49 -27.12 -34.96
C TYR C 983 -26.97 -26.17 -33.89
N ILE C 984 -27.55 -24.99 -33.80
CA ILE C 984 -27.12 -23.99 -32.81
C ILE C 984 -27.39 -24.48 -31.39
N ARG C 985 -28.49 -25.21 -31.19
CA ARG C 985 -28.87 -25.66 -29.86
C ARG C 985 -27.91 -26.68 -29.26
N LEU C 986 -26.87 -27.13 -29.99
CA LEU C 986 -25.84 -27.95 -29.39
C LEU C 986 -25.02 -27.19 -28.36
N LEU C 987 -25.05 -25.86 -28.39
CA LEU C 987 -24.33 -25.09 -27.38
C LEU C 987 -24.96 -25.26 -26.00
N ASP C 988 -26.27 -25.51 -25.95
CA ASP C 988 -26.91 -25.83 -24.67
C ASP C 988 -26.38 -27.13 -24.10
N ILE C 989 -26.15 -28.13 -24.96
CA ILE C 989 -25.51 -29.36 -24.52
C ILE C 989 -24.07 -29.08 -24.07
N PHE C 990 -23.36 -28.25 -24.83
CA PHE C 990 -21.97 -27.92 -24.49
C PHE C 990 -21.86 -27.20 -23.16
N GLY C 991 -22.92 -26.50 -22.75
CA GLY C 991 -22.87 -25.71 -21.53
C GLY C 991 -22.64 -26.51 -20.27
N VAL C 992 -22.82 -27.83 -20.32
CA VAL C 992 -22.54 -28.67 -19.15
C VAL C 992 -21.04 -28.72 -18.87
N ASN C 993 -20.22 -28.65 -19.91
CA ASN C 993 -18.77 -28.69 -19.74
C ASN C 993 -18.29 -27.48 -18.96
N LYS C 994 -17.22 -27.67 -18.20
CA LYS C 994 -16.72 -26.61 -17.33
C LYS C 994 -16.15 -25.44 -18.11
N TYR C 995 -15.54 -25.71 -19.27
CA TYR C 995 -14.86 -24.66 -20.03
C TYR C 995 -15.65 -24.16 -21.23
N LEU C 996 -16.70 -24.86 -21.64
CA LEU C 996 -17.49 -24.46 -22.80
C LEU C 996 -18.77 -23.74 -22.41
N GLY C 997 -19.00 -23.47 -21.14
CA GLY C 997 -20.14 -22.69 -20.71
C GLY C 997 -19.84 -21.21 -20.58
N PRO C 998 -18.80 -20.87 -19.80
CA PRO C 998 -18.38 -19.47 -19.73
C PRO C 998 -18.02 -18.87 -21.08
N TYR C 999 -17.44 -19.66 -21.99
CA TYR C 999 -17.14 -19.14 -23.32
C TYR C 999 -18.40 -18.76 -24.07
N VAL C 1000 -19.45 -19.58 -23.95
CA VAL C 1000 -20.71 -19.26 -24.61
C VAL C 1000 -21.33 -18.00 -24.01
N MET C 1001 -21.25 -17.84 -22.68
CA MET C 1001 -21.78 -16.61 -22.09
C MET C 1001 -20.99 -15.38 -22.53
N MET C 1002 -19.67 -15.50 -22.60
CA MET C 1002 -18.85 -14.40 -23.11
C MET C 1002 -19.23 -14.05 -24.53
N ILE C 1003 -19.48 -15.06 -25.36
CA ILE C 1003 -19.96 -14.82 -26.72
C ILE C 1003 -21.26 -14.05 -26.69
N GLY C 1004 -22.16 -14.41 -25.77
CA GLY C 1004 -23.43 -13.71 -25.66
C GLY C 1004 -23.27 -12.23 -25.39
N LYS C 1005 -22.35 -11.86 -24.50
CA LYS C 1005 -22.16 -10.44 -24.21
C LYS C 1005 -21.41 -9.70 -25.31
N MET C 1006 -20.38 -10.33 -25.87
CA MET C 1006 -19.66 -9.73 -26.97
C MET C 1006 -20.55 -9.53 -28.19
N MET C 1007 -21.65 -10.28 -28.31
CA MET C 1007 -22.60 -10.02 -29.39
C MET C 1007 -23.23 -8.64 -29.28
N ILE C 1008 -23.61 -8.24 -28.06
CA ILE C 1008 -24.18 -6.91 -27.86
C ILE C 1008 -23.16 -5.84 -28.22
N ASP C 1009 -21.92 -6.02 -27.75
CA ASP C 1009 -20.88 -5.05 -28.10
C ASP C 1009 -20.66 -5.00 -29.62
N MET C 1010 -20.67 -6.16 -30.27
CA MET C 1010 -20.44 -6.23 -31.71
C MET C 1010 -21.55 -5.53 -32.49
N MET C 1011 -22.80 -5.67 -32.06
CA MET C 1011 -23.89 -4.98 -32.76
C MET C 1011 -23.76 -3.47 -32.61
N TYR C 1012 -23.43 -3.00 -31.39
CA TYR C 1012 -23.20 -1.58 -31.21
C TYR C 1012 -22.10 -1.07 -32.12
N PHE C 1013 -21.08 -1.88 -32.39
CA PHE C 1013 -20.05 -1.46 -33.32
C PHE C 1013 -20.36 -1.73 -34.79
N VAL C 1014 -21.37 -2.55 -35.08
CA VAL C 1014 -21.70 -2.87 -36.47
C VAL C 1014 -22.67 -1.86 -37.08
N ILE C 1015 -23.40 -1.11 -36.25
CA ILE C 1015 -24.27 -0.06 -36.81
C ILE C 1015 -23.46 0.95 -37.62
N ILE C 1016 -22.31 1.37 -37.08
CA ILE C 1016 -21.48 2.38 -37.75
C ILE C 1016 -20.92 1.84 -39.06
N MET C 1017 -20.47 0.58 -39.06
CA MET C 1017 -19.96 -0.02 -40.28
C MET C 1017 -21.06 -0.12 -41.33
N LEU C 1018 -22.30 -0.40 -40.90
CA LEU C 1018 -23.41 -0.41 -41.83
C LEU C 1018 -23.62 0.96 -42.46
N VAL C 1019 -23.48 2.02 -41.65
CA VAL C 1019 -23.61 3.38 -42.20
C VAL C 1019 -22.55 3.64 -43.27
N VAL C 1020 -21.29 3.31 -42.97
CA VAL C 1020 -20.20 3.56 -43.92
C VAL C 1020 -20.38 2.74 -45.20
N LEU C 1021 -20.77 1.48 -45.04
CA LEU C 1021 -21.01 0.60 -46.18
C LEU C 1021 -22.12 1.15 -47.06
N MET C 1022 -23.21 1.62 -46.45
CA MET C 1022 -24.30 2.18 -47.25
C MET C 1022 -23.85 3.42 -48.01
N SER C 1023 -23.04 4.27 -47.38
CA SER C 1023 -22.57 5.47 -48.07
C SER C 1023 -21.75 5.10 -49.30
N PHE C 1024 -20.78 4.20 -49.14
CA PHE C 1024 -19.94 3.82 -50.28
C PHE C 1024 -20.77 3.14 -51.38
N GLY C 1025 -21.67 2.24 -50.99
CA GLY C 1025 -22.45 1.53 -51.98
C GLY C 1025 -23.34 2.45 -52.79
N VAL C 1026 -24.04 3.36 -52.12
CA VAL C 1026 -24.92 4.30 -52.82
C VAL C 1026 -24.10 5.17 -53.76
N ALA C 1027 -22.95 5.68 -53.30
CA ALA C 1027 -22.14 6.53 -54.15
C ALA C 1027 -21.65 5.79 -55.38
N ARG C 1028 -21.13 4.57 -55.21
CA ARG C 1028 -20.60 3.83 -56.35
C ARG C 1028 -21.69 3.48 -57.35
N GLN C 1029 -22.83 2.99 -56.86
CA GLN C 1029 -23.92 2.60 -57.75
C GLN C 1029 -24.48 3.80 -58.49
N ALA C 1030 -24.52 4.96 -57.83
CA ALA C 1030 -25.01 6.16 -58.51
C ALA C 1030 -24.01 6.67 -59.55
N ILE C 1031 -22.71 6.57 -59.26
CA ILE C 1031 -21.71 7.05 -60.19
C ILE C 1031 -21.66 6.18 -61.44
N LEU C 1032 -21.61 4.85 -61.26
CA LEU C 1032 -21.32 3.98 -62.38
C LEU C 1032 -22.52 3.68 -63.26
N PHE C 1033 -23.74 3.76 -62.72
CA PHE C 1033 -24.95 3.36 -63.44
C PHE C 1033 -25.98 4.47 -63.39
N PRO C 1034 -25.89 5.45 -64.30
CA PRO C 1034 -26.80 6.60 -64.28
C PRO C 1034 -28.03 6.48 -65.18
N ASN C 1035 -28.29 5.32 -65.78
CA ASN C 1035 -29.41 5.13 -66.70
C ASN C 1035 -30.24 3.93 -66.27
N GLU C 1036 -30.57 3.87 -64.99
CA GLU C 1036 -31.29 2.74 -64.42
C GLU C 1036 -32.72 3.14 -64.08
N GLU C 1037 -33.67 2.34 -64.54
CA GLU C 1037 -35.06 2.50 -64.12
C GLU C 1037 -35.19 2.05 -62.67
N PRO C 1038 -36.18 2.58 -61.94
CA PRO C 1038 -36.35 2.18 -60.53
C PRO C 1038 -36.78 0.73 -60.39
N SER C 1039 -35.87 -0.10 -59.88
CA SER C 1039 -36.16 -1.51 -59.64
C SER C 1039 -35.53 -1.90 -58.30
N TRP C 1040 -36.04 -2.98 -57.71
CA TRP C 1040 -35.56 -3.41 -56.41
C TRP C 1040 -34.12 -3.91 -56.44
N LYS C 1041 -33.56 -4.13 -57.63
CA LYS C 1041 -32.13 -4.45 -57.71
C LYS C 1041 -31.26 -3.27 -57.31
N LEU C 1042 -31.80 -2.05 -57.33
CA LEU C 1042 -31.05 -0.89 -56.86
C LEU C 1042 -30.77 -0.97 -55.37
N ALA C 1043 -31.70 -1.56 -54.61
CA ALA C 1043 -31.51 -1.72 -53.17
C ALA C 1043 -30.64 -2.92 -52.81
N LYS C 1044 -30.32 -3.77 -53.79
CA LYS C 1044 -29.47 -4.93 -53.56
C LYS C 1044 -28.02 -4.65 -53.89
N ASN C 1045 -27.76 -3.88 -54.95
CA ASN C 1045 -26.39 -3.54 -55.32
C ASN C 1045 -25.70 -2.66 -54.30
N ILE C 1046 -26.46 -1.97 -53.44
CA ILE C 1046 -25.86 -1.13 -52.42
C ILE C 1046 -25.19 -1.98 -51.34
N PHE C 1047 -25.85 -3.05 -50.92
CA PHE C 1047 -25.39 -3.83 -49.77
C PHE C 1047 -24.54 -5.03 -50.15
N TYR C 1048 -24.75 -5.62 -51.32
CA TYR C 1048 -24.12 -6.88 -51.68
C TYR C 1048 -22.60 -6.80 -51.77
N MET C 1049 -22.10 -6.06 -52.74
CA MET C 1049 -20.67 -6.06 -53.04
C MET C 1049 -19.84 -5.23 -52.06
N PRO C 1050 -20.31 -4.08 -51.58
CA PRO C 1050 -19.57 -3.42 -50.47
C PRO C 1050 -19.47 -4.29 -49.23
N TYR C 1051 -20.40 -5.22 -49.00
CA TYR C 1051 -20.26 -6.11 -47.87
C TYR C 1051 -19.31 -7.26 -48.16
N TRP C 1052 -19.38 -7.86 -49.36
CA TRP C 1052 -18.44 -8.92 -49.65
C TRP C 1052 -17.02 -8.42 -49.82
N MET C 1053 -16.83 -7.13 -50.10
CA MET C 1053 -15.49 -6.60 -50.34
C MET C 1053 -14.64 -6.55 -49.08
N ILE C 1054 -15.24 -6.38 -47.89
CA ILE C 1054 -14.45 -6.27 -46.68
C ILE C 1054 -14.13 -7.62 -46.05
N TYR C 1055 -14.51 -8.72 -46.69
CA TYR C 1055 -14.20 -10.05 -46.21
C TYR C 1055 -13.21 -10.78 -47.11
N GLY C 1056 -12.51 -10.05 -47.97
CA GLY C 1056 -11.51 -10.64 -48.82
C GLY C 1056 -11.91 -10.91 -50.25
N GLU C 1057 -13.05 -10.40 -50.70
CA GLU C 1057 -13.46 -10.53 -52.09
C GLU C 1057 -13.23 -9.25 -52.88
N VAL C 1058 -12.18 -8.50 -52.55
CA VAL C 1058 -11.84 -7.29 -53.30
C VAL C 1058 -11.53 -7.68 -54.73
N PHE C 1059 -12.27 -7.11 -55.68
CA PHE C 1059 -12.13 -7.48 -57.09
C PHE C 1059 -12.18 -6.20 -57.92
N ALA C 1060 -11.02 -5.78 -58.41
CA ALA C 1060 -11.00 -4.73 -59.41
C ALA C 1060 -11.59 -5.25 -60.72
N ASP C 1061 -12.02 -4.31 -61.57
CA ASP C 1061 -12.74 -4.56 -62.82
C ASP C 1061 -14.15 -5.07 -62.56
N GLN C 1062 -14.49 -5.31 -61.29
CA GLN C 1062 -15.87 -5.44 -60.84
C GLN C 1062 -16.33 -4.15 -60.18
N ILE C 1063 -15.50 -3.58 -59.33
CA ILE C 1063 -15.61 -2.18 -58.92
C ILE C 1063 -14.61 -1.39 -59.74
N ASP C 1064 -15.05 -0.23 -60.25
CA ASP C 1064 -14.26 0.61 -61.15
C ASP C 1064 -13.84 -0.17 -62.38
N PRO C 1065 -14.77 -0.53 -63.27
CA PRO C 1065 -14.40 -1.33 -64.43
C PRO C 1065 -13.54 -0.52 -65.39
N PRO C 1066 -12.67 -1.17 -66.15
CA PRO C 1066 -11.83 -0.46 -67.12
C PRO C 1066 -12.63 -0.03 -68.33
N CYS C 1067 -12.84 1.27 -68.47
CA CYS C 1067 -13.57 1.81 -69.61
C CYS C 1067 -13.23 3.27 -69.83
N GLN C 1080 -12.40 0.60 -78.86
CA GLN C 1080 -12.57 -0.77 -78.39
C GLN C 1080 -13.24 -0.80 -77.02
N LEU C 1081 -12.70 -0.02 -76.09
CA LEU C 1081 -13.27 0.06 -74.76
C LEU C 1081 -14.57 0.88 -74.77
N PRO C 1082 -15.55 0.53 -73.95
CA PRO C 1082 -16.73 1.38 -73.83
C PRO C 1082 -16.37 2.73 -73.24
N PRO C 1083 -17.13 3.77 -73.54
CA PRO C 1083 -16.81 5.10 -73.00
C PRO C 1083 -16.88 5.13 -71.49
N CYS C 1084 -15.96 5.87 -70.89
CA CYS C 1084 -15.91 5.99 -69.44
C CYS C 1084 -16.99 6.94 -68.94
N LYS C 1085 -17.58 6.60 -67.80
CA LYS C 1085 -18.63 7.43 -67.23
C LYS C 1085 -18.03 8.71 -66.66
N THR C 1086 -18.87 9.74 -66.57
CA THR C 1086 -18.44 11.01 -66.02
C THR C 1086 -18.17 10.89 -64.53
N GLY C 1087 -16.95 11.22 -64.12
CA GLY C 1087 -16.59 11.09 -62.72
C GLY C 1087 -16.34 9.69 -62.26
N ALA C 1088 -16.04 8.75 -63.17
CA ALA C 1088 -15.83 7.36 -62.78
C ALA C 1088 -14.50 7.15 -62.09
N TRP C 1089 -13.62 8.14 -62.06
CA TRP C 1089 -12.35 8.00 -61.37
C TRP C 1089 -12.49 8.15 -59.86
N ILE C 1090 -13.64 8.62 -59.37
CA ILE C 1090 -13.80 8.82 -57.94
C ILE C 1090 -14.01 7.48 -57.24
N VAL C 1091 -14.43 6.45 -57.98
CA VAL C 1091 -14.79 5.19 -57.34
C VAL C 1091 -13.62 4.51 -56.63
N PRO C 1092 -12.44 4.35 -57.24
CA PRO C 1092 -11.33 3.76 -56.46
C PRO C 1092 -10.84 4.67 -55.34
N ALA C 1093 -10.93 5.99 -55.51
CA ALA C 1093 -10.55 6.89 -54.44
C ALA C 1093 -11.46 6.75 -53.23
N ILE C 1094 -12.76 6.55 -53.46
CA ILE C 1094 -13.67 6.28 -52.35
C ILE C 1094 -13.42 4.89 -51.77
N MET C 1095 -13.09 3.92 -52.64
CA MET C 1095 -12.89 2.55 -52.17
C MET C 1095 -11.68 2.46 -51.25
N ALA C 1096 -10.61 3.21 -51.56
CA ALA C 1096 -9.43 3.19 -50.71
C ALA C 1096 -9.75 3.68 -49.30
N CYS C 1097 -10.47 4.80 -49.19
CA CYS C 1097 -10.85 5.32 -47.89
C CYS C 1097 -11.82 4.39 -47.18
N TYR C 1098 -12.75 3.78 -47.91
CA TYR C 1098 -13.70 2.87 -47.31
C TYR C 1098 -13.01 1.65 -46.73
N LEU C 1099 -12.06 1.07 -47.47
CA LEU C 1099 -11.31 -0.06 -46.95
C LEU C 1099 -10.46 0.33 -45.75
N LEU C 1100 -9.83 1.52 -45.80
CA LEU C 1100 -9.01 1.96 -44.68
C LEU C 1100 -9.84 2.15 -43.42
N VAL C 1101 -11.05 2.70 -43.57
CA VAL C 1101 -11.91 2.90 -42.40
C VAL C 1101 -12.44 1.57 -41.88
N ALA C 1102 -12.90 0.69 -42.78
CA ALA C 1102 -13.57 -0.51 -42.34
C ALA C 1102 -12.61 -1.56 -41.79
N ASN C 1103 -11.42 -1.69 -42.36
CA ASN C 1103 -10.53 -2.79 -42.04
C ASN C 1103 -9.34 -2.41 -41.19
N ILE C 1104 -9.12 -1.14 -40.88
CA ILE C 1104 -7.96 -0.75 -40.09
C ILE C 1104 -8.42 -0.03 -38.83
N LEU C 1105 -9.53 0.68 -38.90
CA LEU C 1105 -9.98 1.51 -37.80
C LEU C 1105 -11.04 0.83 -36.94
N LEU C 1106 -12.17 0.46 -37.54
CA LEU C 1106 -13.28 -0.05 -36.75
C LEU C 1106 -12.99 -1.44 -36.20
N VAL C 1107 -12.37 -2.31 -37.00
CA VAL C 1107 -12.10 -3.66 -36.52
C VAL C 1107 -11.03 -3.65 -35.43
N ASN C 1108 -10.03 -2.78 -35.54
CA ASN C 1108 -9.01 -2.70 -34.50
C ASN C 1108 -9.57 -2.08 -33.23
N LEU C 1109 -10.47 -1.11 -33.36
CA LEU C 1109 -11.13 -0.55 -32.18
C LEU C 1109 -12.03 -1.60 -31.51
N LEU C 1110 -12.69 -2.43 -32.32
CA LEU C 1110 -13.49 -3.51 -31.75
C LEU C 1110 -12.63 -4.54 -31.05
N ILE C 1111 -11.45 -4.84 -31.60
CA ILE C 1111 -10.50 -5.73 -30.93
C ILE C 1111 -10.10 -5.15 -29.59
N ALA C 1112 -9.80 -3.84 -29.56
CA ALA C 1112 -9.43 -3.20 -28.30
C ALA C 1112 -10.57 -3.24 -27.29
N VAL C 1113 -11.81 -3.05 -27.75
CA VAL C 1113 -12.96 -3.09 -26.85
C VAL C 1113 -13.13 -4.49 -26.27
N PHE C 1114 -13.02 -5.52 -27.11
CA PHE C 1114 -13.09 -6.90 -26.61
C PHE C 1114 -11.94 -7.20 -25.65
N ASN C 1115 -10.77 -6.61 -25.89
CA ASN C 1115 -9.61 -6.90 -25.08
C ASN C 1115 -9.73 -6.29 -23.70
N ASN C 1116 -10.17 -5.03 -23.62
CA ASN C 1116 -10.15 -4.33 -22.34
C ASN C 1116 -11.38 -4.61 -21.47
N THR C 1117 -12.38 -5.31 -21.99
CA THR C 1117 -13.57 -5.68 -21.23
C THR C 1117 -13.73 -7.19 -21.18
N PHE C 1118 -12.64 -7.90 -20.92
CA PHE C 1118 -12.66 -9.36 -20.89
C PHE C 1118 -12.57 -9.95 -19.50
N PHE C 1119 -11.85 -9.31 -18.58
CA PHE C 1119 -11.70 -9.85 -17.24
C PHE C 1119 -13.03 -9.85 -16.48
N GLU C 1120 -13.76 -8.72 -16.53
CA GLU C 1120 -15.04 -8.64 -15.85
C GLU C 1120 -16.05 -9.61 -16.45
N VAL C 1121 -16.09 -9.68 -17.79
CA VAL C 1121 -17.02 -10.60 -18.45
C VAL C 1121 -16.69 -12.04 -18.10
N LYS C 1122 -15.40 -12.37 -18.05
CA LYS C 1122 -14.99 -13.74 -17.70
C LYS C 1122 -15.42 -14.10 -16.29
N SER C 1123 -15.18 -13.21 -15.32
CA SER C 1123 -15.54 -13.50 -13.94
C SER C 1123 -17.05 -13.62 -13.77
N ILE C 1124 -17.80 -12.70 -14.40
CA ILE C 1124 -19.26 -12.74 -14.31
C ILE C 1124 -19.78 -14.04 -14.93
N SER C 1125 -19.23 -14.45 -16.07
CA SER C 1125 -19.67 -15.66 -16.72
C SER C 1125 -19.38 -16.89 -15.87
N ASN C 1126 -18.21 -16.93 -15.23
CA ASN C 1126 -17.91 -18.05 -14.34
C ASN C 1126 -18.91 -18.13 -13.19
N GLN C 1127 -19.20 -16.98 -12.56
CA GLN C 1127 -20.15 -16.98 -11.44
C GLN C 1127 -21.54 -17.41 -11.88
N VAL C 1128 -21.99 -16.90 -13.04
CA VAL C 1128 -23.34 -17.24 -13.51
C VAL C 1128 -23.44 -18.71 -13.88
N TRP C 1129 -22.40 -19.27 -14.52
CA TRP C 1129 -22.42 -20.69 -14.84
C TRP C 1129 -22.45 -21.55 -13.58
N LYS C 1130 -21.62 -21.20 -12.59
CA LYS C 1130 -21.63 -21.96 -11.34
C LYS C 1130 -22.96 -21.82 -10.61
N PHE C 1131 -23.67 -20.72 -10.82
CA PHE C 1131 -25.01 -20.60 -10.24
C PHE C 1131 -26.01 -21.48 -10.98
N GLN C 1132 -25.97 -21.47 -12.32
CA GLN C 1132 -26.96 -22.19 -13.12
C GLN C 1132 -26.74 -23.70 -13.14
N ARG C 1133 -25.59 -24.16 -12.62
CA ARG C 1133 -25.42 -25.60 -12.42
C ARG C 1133 -26.54 -26.19 -11.59
N TYR C 1134 -27.04 -25.45 -10.59
CA TYR C 1134 -28.13 -25.94 -9.75
C TYR C 1134 -29.39 -26.17 -10.57
N GLN C 1135 -29.74 -25.23 -11.43
CA GLN C 1135 -30.93 -25.39 -12.25
C GLN C 1135 -30.78 -26.54 -13.22
N LEU C 1136 -29.58 -26.71 -13.78
CA LEU C 1136 -29.34 -27.86 -14.66
C LEU C 1136 -29.55 -29.18 -13.92
N ILE C 1137 -28.96 -29.30 -12.73
CA ILE C 1137 -29.07 -30.54 -11.97
C ILE C 1137 -30.51 -30.81 -11.55
N MET C 1138 -31.22 -29.77 -11.14
CA MET C 1138 -32.62 -29.97 -10.74
C MET C 1138 -33.50 -30.37 -11.92
N THR C 1139 -33.34 -29.70 -13.07
CA THR C 1139 -34.18 -30.03 -14.21
C THR C 1139 -33.83 -31.39 -14.80
N PHE C 1140 -32.62 -31.91 -14.57
CA PHE C 1140 -32.35 -33.27 -14.99
C PHE C 1140 -32.67 -34.31 -13.92
N HIS C 1141 -32.85 -33.88 -12.68
CA HIS C 1141 -33.38 -34.79 -11.67
C HIS C 1141 -34.88 -34.97 -11.83
N GLU C 1142 -35.59 -33.92 -12.24
CA GLU C 1142 -37.04 -34.01 -12.36
C GLU C 1142 -37.47 -34.75 -13.63
N ARG C 1143 -36.65 -34.76 -14.67
CA ARG C 1143 -37.07 -35.26 -15.97
C ARG C 1143 -37.25 -36.78 -15.96
N PRO C 1144 -38.10 -37.30 -16.86
CA PRO C 1144 -38.22 -38.75 -16.99
C PRO C 1144 -36.95 -39.39 -17.54
N VAL C 1145 -36.85 -40.70 -17.35
CA VAL C 1145 -35.66 -41.42 -17.76
C VAL C 1145 -35.56 -41.51 -19.28
N LEU C 1146 -36.67 -41.82 -19.95
CA LEU C 1146 -36.61 -42.09 -21.38
C LEU C 1146 -36.40 -40.80 -22.17
N PRO C 1147 -35.57 -40.84 -23.20
CA PRO C 1147 -35.30 -39.65 -24.03
C PRO C 1147 -36.52 -39.24 -24.83
N PRO C 1148 -36.54 -38.05 -25.39
CA PRO C 1148 -37.74 -37.54 -26.09
C PRO C 1148 -38.23 -38.41 -27.23
N PRO C 1149 -37.36 -39.05 -28.05
CA PRO C 1149 -37.93 -39.87 -29.14
C PRO C 1149 -38.82 -41.00 -28.66
N LEU C 1150 -38.55 -41.56 -27.48
CA LEU C 1150 -39.36 -42.62 -26.91
C LEU C 1150 -39.86 -42.24 -25.51
N ILE C 1151 -40.06 -40.94 -25.27
CA ILE C 1151 -40.60 -40.48 -24.00
C ILE C 1151 -42.10 -40.67 -23.91
N ILE C 1152 -42.76 -41.03 -25.02
CA ILE C 1152 -44.21 -41.21 -25.02
C ILE C 1152 -44.61 -42.37 -24.11
N PHE C 1153 -43.72 -43.33 -23.91
CA PHE C 1153 -43.99 -44.42 -22.98
C PHE C 1153 -44.08 -43.91 -21.55
N SER C 1154 -43.19 -42.99 -21.16
CA SER C 1154 -43.22 -42.45 -19.81
C SER C 1154 -44.43 -41.55 -19.59
N HIS C 1155 -44.89 -40.87 -20.63
CA HIS C 1155 -46.10 -40.06 -20.49
C HIS C 1155 -47.33 -40.94 -20.29
N MET C 1156 -47.38 -42.09 -20.97
CA MET C 1156 -48.49 -43.02 -20.77
C MET C 1156 -48.45 -43.65 -19.38
N THR C 1157 -47.25 -43.83 -18.82
CA THR C 1157 -47.14 -44.30 -17.44
C THR C 1157 -47.72 -43.27 -16.47
N MET C 1158 -47.46 -41.99 -16.72
CA MET C 1158 -48.03 -40.94 -15.88
C MET C 1158 -49.55 -40.90 -15.95
N ILE C 1159 -50.11 -41.29 -17.09
CA ILE C 1159 -51.57 -41.37 -17.21
C ILE C 1159 -52.13 -42.43 -16.27
N PHE C 1160 -51.46 -43.60 -16.21
CA PHE C 1160 -51.91 -44.66 -15.32
C PHE C 1160 -51.78 -44.24 -13.86
N GLN C 1161 -50.67 -43.57 -13.51
CA GLN C 1161 -50.49 -43.11 -12.14
C GLN C 1161 -51.38 -41.92 -11.79
N HIS C 1162 -52.00 -41.28 -12.79
CA HIS C 1162 -52.92 -40.18 -12.50
C HIS C 1162 -54.16 -40.68 -11.79
N VAL C 1163 -54.67 -41.85 -12.18
CA VAL C 1163 -55.85 -42.42 -11.53
C VAL C 1163 -55.49 -43.31 -10.34
N CYS C 1164 -54.21 -43.45 -10.03
CA CYS C 1164 -53.79 -44.26 -8.90
C CYS C 1164 -53.71 -43.43 -7.62
N ARG C 1177 -38.99 -36.84 -1.99
CA ARG C 1177 -37.59 -36.62 -2.35
C ARG C 1177 -36.66 -37.09 -1.23
N ASP C 1178 -36.33 -38.39 -1.25
CA ASP C 1178 -35.39 -38.92 -0.27
C ASP C 1178 -34.02 -38.27 -0.41
N TYR C 1179 -33.56 -38.09 -1.64
CA TYR C 1179 -32.39 -37.27 -1.91
C TYR C 1179 -32.54 -36.69 -3.30
N GLY C 1180 -31.74 -35.66 -3.59
CA GLY C 1180 -31.85 -34.86 -4.79
C GLY C 1180 -32.37 -33.46 -4.51
N LEU C 1181 -33.22 -33.31 -3.50
CA LEU C 1181 -33.58 -32.01 -2.97
C LEU C 1181 -33.20 -31.85 -1.50
N LYS C 1182 -33.63 -32.77 -0.64
CA LYS C 1182 -33.51 -32.62 0.80
C LYS C 1182 -32.79 -33.83 1.38
N LEU C 1183 -32.62 -33.82 2.70
CA LEU C 1183 -31.95 -34.91 3.41
C LEU C 1183 -32.53 -34.95 4.82
N PHE C 1184 -33.48 -35.84 5.06
CA PHE C 1184 -34.16 -35.91 6.33
C PHE C 1184 -33.28 -36.62 7.37
N ILE C 1185 -33.24 -36.06 8.58
CA ILE C 1185 -32.43 -36.59 9.66
C ILE C 1185 -33.25 -36.69 10.92
N THR C 1186 -32.76 -37.48 11.88
CA THR C 1186 -33.45 -37.73 13.13
C THR C 1186 -33.22 -36.55 14.09
N ASP C 1187 -33.69 -36.69 15.32
CA ASP C 1187 -33.56 -35.62 16.30
C ASP C 1187 -32.15 -35.51 16.86
N ASP C 1188 -31.47 -36.65 17.06
CA ASP C 1188 -30.10 -36.60 17.55
C ASP C 1188 -29.16 -35.98 16.52
N GLU C 1189 -29.32 -36.35 15.24
CA GLU C 1189 -28.53 -35.71 14.19
C GLU C 1189 -28.86 -34.23 14.07
N LEU C 1190 -30.14 -33.88 14.25
CA LEU C 1190 -30.52 -32.46 14.22
C LEU C 1190 -29.84 -31.68 15.34
N LYS C 1191 -29.81 -32.25 16.54
CA LYS C 1191 -29.13 -31.58 17.66
C LYS C 1191 -27.64 -31.49 17.42
N LYS C 1192 -27.03 -32.52 16.83
CA LYS C 1192 -25.61 -32.46 16.51
C LYS C 1192 -25.32 -31.36 15.49
N VAL C 1193 -26.17 -31.24 14.48
CA VAL C 1193 -26.01 -30.19 13.47
C VAL C 1193 -26.16 -28.81 14.11
N HIS C 1194 -27.14 -28.67 15.00
CA HIS C 1194 -27.33 -27.39 15.68
C HIS C 1194 -26.12 -27.01 16.53
N ASP C 1195 -25.56 -27.98 17.25
CA ASP C 1195 -24.37 -27.70 18.07
C ASP C 1195 -23.18 -27.34 17.19
N PHE C 1196 -23.02 -28.04 16.07
CA PHE C 1196 -21.94 -27.71 15.14
C PHE C 1196 -22.08 -26.31 14.59
N GLU C 1197 -23.30 -25.91 14.23
CA GLU C 1197 -23.52 -24.57 13.70
C GLU C 1197 -23.26 -23.50 14.75
N GLU C 1198 -23.69 -23.74 16.00
CA GLU C 1198 -23.43 -22.78 17.07
C GLU C 1198 -21.92 -22.63 17.31
N GLN C 1199 -21.20 -23.75 17.32
CA GLN C 1199 -19.75 -23.67 17.47
C GLN C 1199 -19.11 -22.90 16.33
N CYS C 1200 -19.59 -23.12 15.10
CA CYS C 1200 -19.03 -22.41 13.94
C CYS C 1200 -19.28 -20.91 14.02
N ILE C 1201 -20.49 -20.50 14.40
CA ILE C 1201 -20.79 -19.07 14.43
C ILE C 1201 -20.04 -18.39 15.58
N GLU C 1202 -19.90 -19.09 16.72
CA GLU C 1202 -19.10 -18.54 17.81
C GLU C 1202 -17.64 -18.37 17.40
N GLU C 1203 -17.08 -19.37 16.72
CA GLU C 1203 -15.71 -19.27 16.25
C GLU C 1203 -15.55 -18.14 15.24
N TYR C 1204 -16.57 -17.96 14.38
CA TYR C 1204 -16.51 -16.89 13.39
C TYR C 1204 -16.46 -15.52 14.04
N PHE C 1205 -17.35 -15.28 15.02
CA PHE C 1205 -17.35 -13.98 15.69
C PHE C 1205 -16.06 -13.76 16.48
N ARG C 1206 -15.57 -14.81 17.16
CA ARG C 1206 -14.34 -14.68 17.93
C ARG C 1206 -13.15 -14.38 17.03
N GLU C 1207 -13.05 -15.06 15.90
CA GLU C 1207 -11.95 -14.82 14.97
C GLU C 1207 -12.05 -13.42 14.37
N LYS C 1208 -13.26 -12.96 14.05
CA LYS C 1208 -13.42 -11.61 13.52
C LYS C 1208 -12.98 -10.56 14.52
N ASP C 1209 -13.37 -10.73 15.80
CA ASP C 1209 -12.97 -9.77 16.82
C ASP C 1209 -11.47 -9.78 17.04
N ASP C 1210 -10.86 -10.97 17.08
CA ASP C 1210 -9.41 -11.06 17.27
C ASP C 1210 -8.66 -10.45 16.09
N ARG C 1211 -9.16 -10.64 14.87
CA ARG C 1211 -8.52 -10.05 13.71
C ARG C 1211 -8.67 -8.53 13.71
N PHE C 1212 -9.82 -8.02 14.16
CA PHE C 1212 -10.01 -6.58 14.22
C PHE C 1212 -9.11 -5.94 15.27
N ASN C 1213 -8.96 -6.59 16.44
CA ASN C 1213 -8.20 -5.99 17.52
C ASN C 1213 -6.71 -5.90 17.22
N SER C 1214 -6.18 -6.72 16.31
CA SER C 1214 -4.75 -6.75 16.04
C SER C 1214 -4.38 -6.03 14.75
N SER C 1215 -5.30 -5.28 14.16
CA SER C 1215 -4.96 -4.51 12.98
C SER C 1215 -4.07 -3.33 13.37
N ASN C 1216 -3.34 -2.80 12.38
CA ASN C 1216 -2.45 -1.69 12.65
C ASN C 1216 -3.22 -0.41 12.98
N ASP C 1217 -4.36 -0.19 12.34
CA ASP C 1217 -5.14 1.02 12.59
C ASP C 1217 -5.65 1.05 14.03
N GLU C 1218 -6.18 -0.08 14.52
CA GLU C 1218 -6.68 -0.13 15.88
C GLU C 1218 -5.56 0.01 16.90
N ARG C 1219 -4.42 -0.63 16.63
CA ARG C 1219 -3.27 -0.49 17.53
C ARG C 1219 -2.79 0.96 17.59
N ILE C 1220 -2.73 1.62 16.44
CA ILE C 1220 -2.30 3.02 16.42
C ILE C 1220 -3.29 3.91 17.18
N ARG C 1221 -4.59 3.67 16.98
CA ARG C 1221 -5.60 4.49 17.66
C ARG C 1221 -5.52 4.31 19.17
N VAL C 1222 -5.45 3.06 19.63
CA VAL C 1222 -5.40 2.79 21.06
C VAL C 1222 -4.11 3.35 21.66
N THR C 1223 -2.99 3.19 20.96
CA THR C 1223 -1.72 3.73 21.44
C THR C 1223 -1.78 5.25 21.56
N SER C 1224 -2.38 5.91 20.57
CA SER C 1224 -2.48 7.37 20.61
C SER C 1224 -3.33 7.83 21.79
N GLU C 1225 -4.47 7.18 22.01
CA GLU C 1225 -5.34 7.57 23.14
C GLU C 1225 -4.63 7.33 24.47
N ARG C 1226 -3.97 6.18 24.63
CA ARG C 1226 -3.29 5.90 25.88
C ARG C 1226 -2.11 6.84 26.09
N VAL C 1227 -1.42 7.22 25.02
CA VAL C 1227 -0.32 8.17 25.14
C VAL C 1227 -0.84 9.54 25.56
N GLU C 1228 -1.98 9.97 25.01
CA GLU C 1228 -2.56 11.25 25.41
C GLU C 1228 -2.94 11.24 26.89
N ASN C 1229 -3.61 10.18 27.33
CA ASN C 1229 -4.01 10.09 28.74
C ASN C 1229 -2.79 10.02 29.66
N MET C 1230 -1.78 9.26 29.25
CA MET C 1230 -0.56 9.14 30.05
C MET C 1230 0.17 10.46 30.14
N SER C 1231 0.21 11.22 29.05
CA SER C 1231 0.84 12.53 29.07
C SER C 1231 0.10 13.49 30.00
N MET C 1232 -1.23 13.46 29.97
CA MET C 1232 -2.01 14.28 30.90
C MET C 1232 -1.72 13.89 32.35
N ARG C 1233 -1.71 12.59 32.64
CA ARG C 1233 -1.45 12.12 34.00
C ARG C 1233 -0.06 12.51 34.46
N LEU C 1234 0.95 12.37 33.59
CA LEU C 1234 2.31 12.71 33.98
C LEU C 1234 2.48 14.21 34.15
N GLU C 1235 1.79 15.02 33.34
CA GLU C 1235 1.82 16.46 33.54
C GLU C 1235 1.21 16.82 34.89
N GLU C 1236 0.11 16.16 35.26
CA GLU C 1236 -0.47 16.39 36.58
C GLU C 1236 0.49 15.99 37.70
N VAL C 1237 1.18 14.86 37.53
CA VAL C 1237 2.12 14.40 38.57
C VAL C 1237 3.28 15.36 38.71
N ASN C 1238 3.85 15.81 37.58
CA ASN C 1238 4.99 16.72 37.63
C ASN C 1238 4.60 18.09 38.16
N GLU C 1239 3.41 18.56 37.81
CA GLU C 1239 2.98 19.89 38.26
C GLU C 1239 2.70 19.91 39.76
N ARG C 1240 2.22 18.81 40.31
CA ARG C 1240 1.84 18.74 41.73
C ARG C 1240 2.90 17.96 42.50
N GLU C 1241 3.68 18.67 43.31
CA GLU C 1241 4.62 18.03 44.21
C GLU C 1241 4.66 18.79 45.53
N HIS C 1242 4.99 18.07 46.59
CA HIS C 1242 5.08 18.70 47.91
C HIS C 1242 6.30 19.62 48.01
N SER C 1243 7.40 19.26 47.37
CA SER C 1243 8.62 20.07 47.42
C SER C 1243 8.51 21.28 46.51
N UNK D 1 -50.23 36.51 14.30
CA UNK D 1 -50.09 35.10 14.63
C UNK D 1 -50.56 34.82 16.05
N UNK D 2 -50.14 33.68 16.59
CA UNK D 2 -50.51 33.30 17.94
C UNK D 2 -49.55 33.89 18.96
N UNK D 3 -48.49 34.50 18.46
CA UNK D 3 -47.47 35.12 19.33
C UNK D 3 -48.00 36.40 19.97
N UNK D 4 -49.09 36.93 19.42
CA UNK D 4 -49.75 38.10 20.00
C UNK D 4 -50.77 37.64 21.04
N UNK D 5 -50.27 36.96 22.07
CA UNK D 5 -51.12 36.43 23.13
C UNK D 5 -50.56 36.78 24.50
N UNK D 6 -49.65 37.75 24.54
CA UNK D 6 -49.06 38.20 25.78
C UNK D 6 -49.12 39.72 25.89
N UNK D 7 -48.24 40.30 26.70
CA UNK D 7 -48.22 41.75 26.89
C UNK D 7 -46.81 42.24 27.22
N UNK D 8 -46.68 43.55 27.42
CA UNK D 8 -45.41 44.15 27.79
C UNK D 8 -45.59 45.06 29.00
N UNK D 9 -44.63 45.96 29.23
CA UNK D 9 -44.71 46.88 30.35
C UNK D 9 -43.93 48.16 30.09
N UNK D 10 -44.64 49.28 30.03
CA UNK D 10 -44.01 50.58 29.82
C UNK D 10 -44.27 51.51 31.00
N UNK D 11 -43.25 52.27 31.40
CA UNK D 11 -43.38 53.19 32.52
C UNK D 11 -44.25 54.39 32.16
N UNK D 12 -45.43 54.46 32.77
CA UNK D 12 -46.36 55.56 32.53
C UNK D 12 -45.97 56.80 33.34
N UNK D 13 -46.88 57.25 34.20
CA UNK D 13 -46.63 58.42 35.03
C UNK D 13 -45.56 58.14 36.09
N UNK D 14 -44.32 58.50 35.78
CA UNK D 14 -43.22 58.26 36.70
C UNK D 14 -42.50 59.55 37.06
N UNK D 15 -41.99 59.61 38.29
CA UNK D 15 -41.24 60.77 38.76
C UNK D 15 -40.27 60.37 39.86
N UNK D 16 -38.97 60.54 39.58
CA UNK D 16 -37.93 60.15 40.53
C UNK D 16 -36.70 61.04 40.42
N UNK D 17 -35.59 60.56 40.98
CA UNK D 17 -34.31 61.27 40.97
C UNK D 17 -34.41 62.67 41.55
N ILE E 129 49.34 57.89 24.92
CA ILE E 129 49.31 59.26 24.41
C ILE E 129 47.93 59.87 24.61
N SER E 130 47.79 61.14 24.23
CA SER E 130 46.53 61.86 24.39
C SER E 130 45.66 61.76 23.14
N LYS E 131 45.41 60.51 22.70
CA LYS E 131 44.59 60.21 21.53
C LYS E 131 45.09 60.95 20.29
N HIS E 132 46.41 60.90 20.07
CA HIS E 132 47.04 61.53 18.91
C HIS E 132 47.08 60.50 17.79
N THR E 133 45.99 60.45 17.01
CA THR E 133 45.81 59.44 15.99
C THR E 133 45.68 60.10 14.62
N GLN E 134 46.24 59.44 13.61
CA GLN E 134 46.14 59.91 12.23
C GLN E 134 44.76 59.58 11.68
N LEU E 135 44.08 60.58 11.13
CA LEU E 135 42.71 60.41 10.63
C LEU E 135 42.71 60.09 9.15
N SER E 136 43.35 58.98 8.81
CA SER E 136 43.39 58.50 7.44
C SER E 136 42.06 57.87 7.03
N PRO E 137 41.73 57.89 5.74
CA PRO E 137 40.50 57.22 5.29
C PRO E 137 40.61 55.70 5.42
N THR E 138 39.45 55.05 5.40
CA THR E 138 39.38 53.61 5.58
C THR E 138 40.04 52.89 4.41
N ASP E 139 40.65 51.75 4.72
CA ASP E 139 41.31 50.92 3.72
C ASP E 139 40.83 49.48 3.73
N ALA E 140 40.01 49.08 4.70
CA ALA E 140 39.59 47.70 4.85
C ALA E 140 38.06 47.62 4.83
N PHE E 141 37.51 47.14 3.72
CA PHE E 141 36.07 46.91 3.61
C PHE E 141 35.82 45.99 2.42
N GLY E 142 34.95 45.00 2.62
CA GLY E 142 34.63 44.05 1.58
C GLY E 142 33.77 42.90 2.08
N THR E 143 34.10 41.69 1.64
CA THR E 143 33.41 40.48 2.06
C THR E 143 34.45 39.45 2.45
N ILE E 144 34.16 38.67 3.49
CA ILE E 144 35.08 37.63 3.95
C ILE E 144 34.33 36.30 4.02
N GLU E 145 34.94 35.25 3.49
CA GLU E 145 34.43 33.90 3.61
C GLU E 145 35.25 33.17 4.67
N PHE E 146 34.57 32.62 5.67
CA PHE E 146 35.25 32.01 6.80
C PHE E 146 35.68 30.61 6.42
N GLN E 147 36.97 30.43 6.16
CA GLN E 147 37.53 29.11 5.92
C GLN E 147 37.86 28.43 7.24
N GLY E 148 37.77 27.10 7.24
CA GLY E 148 38.06 26.32 8.42
C GLY E 148 36.88 25.98 9.28
N GLY E 149 35.68 26.43 8.92
CA GLY E 149 34.49 26.11 9.66
C GLY E 149 33.67 25.02 8.98
N GLY E 150 32.62 24.57 9.70
CA GLY E 150 31.73 23.58 9.14
C GLY E 150 30.94 24.11 7.96
N HIS E 151 30.56 25.38 8.00
CA HIS E 151 29.77 26.01 6.95
C HIS E 151 30.56 27.16 6.34
N SER E 152 30.28 27.43 5.06
CA SER E 152 30.84 28.57 4.36
C SER E 152 29.85 29.73 4.47
N ASN E 153 30.24 30.79 5.16
CA ASN E 153 29.37 31.93 5.40
C ASN E 153 30.08 33.20 4.95
N LYS E 154 29.39 34.02 4.16
CA LYS E 154 29.91 35.29 3.70
C LYS E 154 29.39 36.40 4.60
N ALA E 155 30.29 37.29 5.03
CA ALA E 155 29.93 38.37 5.94
C ALA E 155 30.56 39.67 5.46
N MET E 156 29.73 40.59 4.99
CA MET E 156 30.21 41.91 4.62
C MET E 156 30.74 42.65 5.84
N TYR E 157 31.78 43.45 5.64
CA TYR E 157 32.42 44.16 6.74
C TYR E 157 32.95 45.49 6.25
N VAL E 158 33.07 46.44 7.17
CA VAL E 158 33.72 47.72 6.94
C VAL E 158 34.52 48.07 8.18
N ARG E 159 35.47 48.98 8.02
CA ARG E 159 36.13 49.61 9.16
C ARG E 159 35.78 51.09 9.15
N VAL E 160 35.38 51.61 10.30
CA VAL E 160 34.96 52.99 10.46
C VAL E 160 35.53 53.50 11.77
N SER E 161 35.75 54.81 11.84
CA SER E 161 36.25 55.41 13.07
C SER E 161 35.19 55.36 14.16
N PHE E 162 35.65 55.40 15.41
CA PHE E 162 34.77 55.35 16.56
C PHE E 162 34.03 56.65 16.82
N ASP E 163 34.08 57.60 15.87
CA ASP E 163 33.41 58.89 16.01
C ASP E 163 32.45 59.15 14.85
N THR E 164 32.08 58.11 14.11
CA THR E 164 31.24 58.30 12.93
C THR E 164 29.79 58.58 13.33
N LYS E 165 29.08 59.26 12.43
CA LYS E 165 27.69 59.64 12.65
C LYS E 165 26.77 58.47 12.31
N PRO E 166 25.84 58.11 13.20
CA PRO E 166 24.99 56.93 12.95
C PRO E 166 24.09 57.06 11.74
N ASP E 167 23.85 58.27 11.23
CA ASP E 167 23.05 58.42 10.02
C ASP E 167 23.74 57.74 8.85
N LEU E 168 25.06 57.93 8.72
CA LEU E 168 25.80 57.28 7.65
C LEU E 168 25.83 55.77 7.82
N LEU E 169 25.94 55.29 9.07
CA LEU E 169 25.92 53.86 9.32
C LEU E 169 24.57 53.25 8.96
N LEU E 170 23.48 53.94 9.31
CA LEU E 170 22.16 53.45 8.95
C LEU E 170 21.96 53.45 7.43
N HIS E 171 22.46 54.47 6.75
CA HIS E 171 22.40 54.51 5.30
C HIS E 171 23.18 53.34 4.69
N LEU E 172 24.36 53.05 5.25
CA LEU E 172 25.16 51.92 4.77
C LEU E 172 24.43 50.60 4.97
N MET E 173 23.85 50.40 6.17
CA MET E 173 23.16 49.15 6.47
C MET E 173 21.85 49.01 5.71
N THR E 174 21.23 50.12 5.30
CA THR E 174 19.93 50.07 4.64
C THR E 174 20.07 49.96 3.13
N LYS E 175 20.90 50.81 2.51
CA LYS E 175 20.97 50.88 1.06
C LYS E 175 22.22 50.24 0.48
N GLU E 176 23.39 50.48 1.08
CA GLU E 176 24.62 49.90 0.54
C GLU E 176 24.68 48.39 0.76
N TRP E 177 24.28 47.92 1.94
CA TRP E 177 24.23 46.49 2.23
C TRP E 177 22.89 45.86 1.89
N GLN E 178 21.89 46.68 1.52
CA GLN E 178 20.58 46.20 1.08
C GLN E 178 19.88 45.37 2.15
N LEU E 179 19.68 45.99 3.30
CA LEU E 179 18.92 45.39 4.40
C LEU E 179 17.72 46.27 4.71
N GLU E 180 16.54 45.66 4.81
CA GLU E 180 15.35 46.38 5.22
C GLU E 180 15.46 46.80 6.67
N LEU E 181 14.81 47.91 7.01
CA LEU E 181 14.80 48.36 8.40
C LEU E 181 14.11 47.32 9.28
N PRO E 182 14.57 47.13 10.52
CA PRO E 182 14.02 46.06 11.35
C PRO E 182 12.70 46.43 11.99
N LYS E 183 11.91 45.39 12.26
CA LYS E 183 10.73 45.51 13.09
C LYS E 183 11.04 45.29 14.57
N LEU E 184 12.29 44.96 14.89
CA LEU E 184 12.71 44.62 16.24
C LEU E 184 14.22 44.71 16.30
N LEU E 185 14.74 45.13 17.45
CA LEU E 185 16.18 45.19 17.68
C LEU E 185 16.49 44.51 19.01
N ILE E 186 17.51 43.65 19.01
CA ILE E 186 17.90 42.89 20.19
C ILE E 186 19.36 43.19 20.49
N SER E 187 19.65 43.52 21.74
CA SER E 187 21.02 43.69 22.22
C SER E 187 21.35 42.54 23.15
N VAL E 188 22.53 41.95 22.95
CA VAL E 188 22.89 40.69 23.61
C VAL E 188 24.09 40.92 24.53
N HIS E 189 24.12 42.06 25.20
CA HIS E 189 25.16 42.37 26.17
C HIS E 189 25.39 41.20 27.13
N GLY E 190 26.65 40.95 27.44
CA GLY E 190 27.00 39.85 28.31
C GLY E 190 28.45 39.92 28.74
N GLY E 191 28.96 38.78 29.20
CA GLY E 191 30.32 38.69 29.68
C GLY E 191 31.33 38.50 28.56
N LEU E 192 32.53 39.01 28.78
CA LEU E 192 33.60 38.93 27.80
C LEU E 192 34.51 37.72 28.00
N GLN E 193 34.28 36.94 29.05
CA GLN E 193 35.09 35.76 29.33
C GLN E 193 34.34 34.51 28.87
N ASN E 194 35.09 33.52 28.40
CA ASN E 194 34.51 32.32 27.81
C ASN E 194 33.97 31.44 28.93
N PHE E 195 32.75 31.72 29.35
CA PHE E 195 32.09 30.87 30.34
C PHE E 195 31.41 29.69 29.66
N GLU E 196 31.06 28.69 30.47
CA GLU E 196 30.38 27.50 30.00
C GLU E 196 28.98 27.46 30.58
N LEU E 197 27.98 27.32 29.71
CA LEU E 197 26.59 27.20 30.14
C LEU E 197 26.20 25.74 30.28
N GLN E 198 25.38 25.46 31.29
CA GLN E 198 24.93 24.10 31.53
C GLN E 198 23.97 23.65 30.42
N PRO E 199 23.90 22.36 30.14
CA PRO E 199 22.92 21.87 29.17
C PRO E 199 21.50 22.08 29.67
N LYS E 200 20.55 22.00 28.74
CA LYS E 200 19.12 22.20 28.91
C LYS E 200 18.76 23.65 29.23
N LEU E 201 19.74 24.55 29.34
CA LEU E 201 19.50 25.98 29.41
C LEU E 201 20.06 26.71 28.20
N LYS E 202 21.29 26.38 27.79
CA LYS E 202 21.87 27.02 26.61
C LYS E 202 21.11 26.67 25.35
N GLN E 203 20.61 25.44 25.25
CA GLN E 203 19.79 25.09 24.09
C GLN E 203 18.46 25.82 24.11
N VAL E 204 17.85 25.96 25.29
CA VAL E 204 16.59 26.69 25.39
C VAL E 204 16.79 28.16 25.05
N PHE E 205 17.86 28.75 25.58
CA PHE E 205 18.17 30.14 25.26
C PHE E 205 18.44 30.33 23.78
N GLY E 206 19.21 29.42 23.18
CA GLY E 206 19.51 29.54 21.77
C GLY E 206 18.27 29.41 20.89
N LYS E 207 17.43 28.42 21.18
CA LYS E 207 16.22 28.23 20.38
C LYS E 207 15.25 29.39 20.56
N GLY E 208 15.13 29.91 21.78
CA GLY E 208 14.26 31.05 21.99
C GLY E 208 14.73 32.29 21.26
N LEU E 209 16.03 32.59 21.35
CA LEU E 209 16.57 33.75 20.65
C LEU E 209 16.42 33.60 19.14
N ILE E 210 16.69 32.41 18.62
CA ILE E 210 16.59 32.18 17.18
C ILE E 210 15.14 32.32 16.72
N LYS E 211 14.19 31.77 17.47
CA LYS E 211 12.79 31.89 17.10
C LYS E 211 12.33 33.35 17.14
N ALA E 212 12.75 34.09 18.16
CA ALA E 212 12.38 35.50 18.27
C ALA E 212 12.94 36.30 17.11
N ALA E 213 14.19 36.02 16.71
CA ALA E 213 14.81 36.79 15.64
C ALA E 213 14.41 36.31 14.26
N MET E 214 13.83 35.11 14.14
CA MET E 214 13.43 34.57 12.85
C MET E 214 11.97 34.85 12.52
N THR E 215 11.06 34.59 13.45
CA THR E 215 9.65 34.87 13.22
C THR E 215 9.39 36.37 13.06
N THR E 216 10.28 37.20 13.56
CA THR E 216 10.18 38.65 13.45
C THR E 216 11.35 39.17 12.63
N GLY E 217 11.08 40.09 11.71
CA GLY E 217 12.20 40.73 11.03
C GLY E 217 12.95 41.58 12.02
N ALA E 218 14.14 41.12 12.43
CA ALA E 218 14.85 41.73 13.53
C ALA E 218 16.34 41.78 13.24
N TRP E 219 17.01 42.75 13.85
CA TRP E 219 18.46 42.86 13.82
C TRP E 219 19.02 42.53 15.19
N ILE E 220 20.07 41.71 15.21
CA ILE E 220 20.74 41.30 16.43
C ILE E 220 22.07 42.04 16.50
N PHE E 221 22.36 42.65 17.64
CA PHE E 221 23.63 43.31 17.88
C PHE E 221 24.44 42.48 18.85
N THR E 222 25.64 42.08 18.44
CA THR E 222 26.53 41.30 19.29
C THR E 222 27.91 41.94 19.31
N GLY E 223 28.76 41.44 20.20
CA GLY E 223 30.12 41.95 20.27
C GLY E 223 30.93 41.60 19.04
N GLY E 224 30.77 40.39 18.52
CA GLY E 224 31.41 40.01 17.28
C GLY E 224 32.60 39.08 17.44
N VAL E 225 33.45 39.35 18.44
CA VAL E 225 34.60 38.50 18.68
C VAL E 225 34.13 37.19 19.32
N ASN E 226 34.86 36.11 19.05
CA ASN E 226 34.41 34.77 19.44
C ASN E 226 34.75 34.48 20.90
N THR E 227 34.27 35.34 21.79
CA THR E 227 34.48 35.19 23.22
C THR E 227 33.19 35.51 23.97
N GLY E 228 32.91 34.72 25.01
CA GLY E 228 31.81 35.01 25.89
C GLY E 228 30.45 34.65 25.34
N VAL E 229 29.47 35.54 25.55
CA VAL E 229 28.11 35.29 25.08
C VAL E 229 28.05 35.27 23.56
N ILE E 230 28.99 35.93 22.89
CA ILE E 230 29.01 35.96 21.44
C ILE E 230 29.26 34.57 20.87
N ARG E 231 30.09 33.77 21.56
CA ARG E 231 30.29 32.40 21.14
C ARG E 231 29.00 31.58 21.26
N HIS E 232 28.23 31.83 22.32
CA HIS E 232 26.95 31.14 22.48
C HIS E 232 25.96 31.53 21.40
N VAL E 233 25.91 32.83 21.06
CA VAL E 233 25.07 33.27 19.95
C VAL E 233 25.53 32.63 18.64
N GLY E 234 26.84 32.50 18.48
CA GLY E 234 27.37 31.89 17.27
C GLY E 234 26.98 30.42 17.13
N ASP E 235 27.08 29.66 18.22
CA ASP E 235 26.69 28.25 18.11
C ASP E 235 25.18 28.09 18.05
N ALA E 236 24.43 29.04 18.60
CA ALA E 236 22.97 29.03 18.42
C ALA E 236 22.61 29.25 16.96
N LEU E 237 23.30 30.17 16.29
CA LEU E 237 23.10 30.38 14.86
C LEU E 237 23.56 29.15 14.07
N LYS E 238 24.61 28.49 14.53
CA LYS E 238 25.10 27.29 13.85
C LYS E 238 24.10 26.15 13.93
N ASP E 239 23.44 25.99 15.08
CA ASP E 239 22.47 24.92 15.23
C ASP E 239 21.19 25.16 14.44
N HIS E 240 20.86 26.42 14.16
CA HIS E 240 19.64 26.73 13.42
C HIS E 240 19.85 26.67 11.90
N ALA E 241 21.04 27.04 11.42
CA ALA E 241 21.26 27.08 9.98
C ALA E 241 21.21 25.69 9.35
N SER E 242 21.48 24.65 10.14
CA SER E 242 21.47 23.29 9.64
C SER E 242 20.10 22.64 9.69
N LYS E 243 19.08 23.35 10.16
CA LYS E 243 17.74 22.77 10.30
C LYS E 243 16.62 23.60 9.70
N SER E 244 16.82 24.88 9.42
CA SER E 244 15.74 25.72 8.95
C SER E 244 16.22 26.62 7.82
N ARG E 245 15.26 27.11 7.04
CA ARG E 245 15.53 28.02 5.94
C ARG E 245 15.76 29.42 6.49
N GLY E 246 15.87 30.40 5.59
CA GLY E 246 15.97 31.79 6.00
C GLY E 246 17.34 32.15 6.52
N LYS E 247 17.47 33.42 6.89
CA LYS E 247 18.72 33.96 7.43
C LYS E 247 18.40 34.93 8.54
N ILE E 248 19.35 35.08 9.47
CA ILE E 248 19.24 35.99 10.60
C ILE E 248 20.26 37.09 10.41
N CYS E 249 19.81 38.34 10.53
CA CYS E 249 20.67 39.50 10.29
C CYS E 249 21.47 39.82 11.56
N THR E 250 22.36 38.91 11.92
CA THR E 250 23.25 39.12 13.05
C THR E 250 24.32 40.12 12.66
N ILE E 251 24.50 41.16 13.47
CA ILE E 251 25.43 42.24 13.19
C ILE E 251 26.44 42.32 14.33
N GLY E 252 27.71 42.25 13.99
CA GLY E 252 28.79 42.27 14.97
C GLY E 252 29.50 43.61 14.98
N ILE E 253 29.63 44.18 16.16
CA ILE E 253 30.30 45.47 16.35
C ILE E 253 31.49 45.20 17.26
N ALA E 254 32.65 44.95 16.68
CA ALA E 254 33.86 44.62 17.41
C ALA E 254 34.92 45.69 17.18
N PRO E 255 35.75 45.97 18.17
CA PRO E 255 36.88 46.87 17.95
C PRO E 255 37.87 46.27 16.96
N TRP E 256 38.46 47.13 16.13
CA TRP E 256 39.38 46.68 15.10
C TRP E 256 40.70 46.18 15.66
N GLY E 257 41.06 46.58 16.88
CA GLY E 257 42.32 46.19 17.46
C GLY E 257 42.36 44.83 18.11
N ILE E 258 41.25 44.10 18.15
CA ILE E 258 41.21 42.80 18.81
C ILE E 258 41.03 41.65 17.83
N VAL E 259 40.87 41.93 16.54
CA VAL E 259 40.83 40.87 15.55
C VAL E 259 42.19 40.20 15.48
N GLU E 260 42.20 38.88 15.27
CA GLU E 260 43.46 38.16 15.26
C GLU E 260 44.31 38.48 14.04
N ASN E 261 43.70 39.04 12.99
CA ASN E 261 44.41 39.42 11.78
C ASN E 261 43.92 40.81 11.38
N GLN E 262 44.63 41.84 11.83
CA GLN E 262 44.38 43.18 11.29
C GLN E 262 44.69 43.22 9.81
N GLU E 263 45.75 42.55 9.39
CA GLU E 263 45.98 42.29 7.98
C GLU E 263 45.01 41.19 7.52
N ASP E 264 45.15 40.80 6.24
CA ASP E 264 44.26 39.83 5.60
C ASP E 264 42.80 40.30 5.62
N LEU E 265 42.58 41.60 5.79
CA LEU E 265 41.26 42.19 5.73
C LEU E 265 41.24 43.52 4.98
N ILE E 266 42.37 43.97 4.44
CA ILE E 266 42.47 45.29 3.82
C ILE E 266 42.05 45.28 2.36
N GLY E 267 41.56 44.16 1.84
CA GLY E 267 41.11 44.10 0.47
C GLY E 267 39.85 44.90 0.21
N ARG E 268 39.99 46.01 -0.50
CA ARG E 268 38.87 46.92 -0.71
C ARG E 268 37.88 46.32 -1.71
N ASP E 269 36.67 46.02 -1.23
CA ASP E 269 35.57 45.55 -2.07
C ASP E 269 35.93 44.27 -2.84
N VAL E 270 36.63 43.35 -2.17
CA VAL E 270 37.00 42.08 -2.77
C VAL E 270 36.85 40.99 -1.73
N VAL E 271 36.41 39.81 -2.17
CA VAL E 271 36.24 38.68 -1.25
C VAL E 271 37.61 38.22 -0.78
N ARG E 272 37.78 38.13 0.54
CA ARG E 272 39.07 37.81 1.14
C ARG E 272 38.89 36.65 2.09
N PRO E 273 39.63 35.54 1.90
CA PRO E 273 39.47 34.39 2.81
C PRO E 273 39.90 34.72 4.22
N TYR E 274 39.22 34.10 5.19
CA TYR E 274 39.49 34.31 6.59
C TYR E 274 39.49 32.96 7.32
N GLN E 275 40.35 32.82 8.31
CA GLN E 275 40.58 31.54 8.98
C GLN E 275 39.94 31.57 10.37
N THR E 276 39.15 30.54 10.68
CA THR E 276 38.46 30.45 11.95
C THR E 276 39.26 29.72 13.02
N MET E 277 40.42 29.15 12.69
CA MET E 277 41.21 28.45 13.68
C MET E 277 41.79 29.43 14.68
N SER E 278 41.73 29.07 15.96
CA SER E 278 42.12 29.95 17.05
C SER E 278 43.42 29.46 17.68
N ASN E 279 44.38 30.37 17.85
CA ASN E 279 45.61 30.06 18.55
C ASN E 279 45.57 30.71 19.92
N PRO E 280 45.48 29.93 21.00
CA PRO E 280 45.37 30.53 22.34
C PRO E 280 46.60 31.33 22.76
N MET E 281 47.75 31.08 22.17
CA MET E 281 48.98 31.76 22.55
C MET E 281 49.14 33.14 21.91
N SER E 282 48.23 33.54 21.03
CA SER E 282 48.36 34.80 20.31
C SER E 282 47.90 36.00 21.12
N LYS E 283 47.24 35.78 22.26
CA LYS E 283 46.72 36.83 23.14
C LYS E 283 45.73 37.74 22.44
N LEU E 284 45.08 37.25 21.39
CA LEU E 284 43.99 37.97 20.73
C LEU E 284 42.82 37.01 20.51
N THR E 285 41.80 37.45 19.79
CA THR E 285 40.66 36.60 19.51
C THR E 285 40.22 36.77 18.06
N VAL E 286 39.60 35.73 17.53
CA VAL E 286 39.20 35.69 16.13
C VAL E 286 37.74 36.10 16.01
N LEU E 287 37.37 36.62 14.86
CA LEU E 287 35.98 36.99 14.61
C LEU E 287 35.09 35.76 14.62
N ASN E 288 33.90 35.90 15.22
CA ASN E 288 32.97 34.79 15.28
C ASN E 288 32.30 34.61 13.93
N SER E 289 32.35 33.39 13.41
CA SER E 289 31.62 33.07 12.19
C SER E 289 30.13 33.04 12.48
N MET E 290 29.35 32.76 11.44
CA MET E 290 27.88 32.76 11.42
C MET E 290 27.29 34.16 11.58
N HIS E 291 28.11 35.19 11.76
CA HIS E 291 27.63 36.56 11.70
C HIS E 291 27.46 36.98 10.25
N SER E 292 26.50 37.88 10.02
CA SER E 292 26.18 38.31 8.66
C SER E 292 26.87 39.60 8.27
N HIS E 293 27.06 40.52 9.21
CA HIS E 293 27.71 41.79 8.91
C HIS E 293 28.58 42.20 10.09
N PHE E 294 29.64 42.94 9.80
CA PHE E 294 30.57 43.40 10.82
C PHE E 294 30.76 44.91 10.69
N ILE E 295 30.88 45.57 11.83
CA ILE E 295 31.23 46.99 11.89
C ILE E 295 32.47 47.08 12.78
N LEU E 296 33.64 47.08 12.14
CA LEU E 296 34.91 47.17 12.88
C LEU E 296 35.18 48.64 13.20
N ALA E 297 35.26 48.95 14.49
CA ALA E 297 35.48 50.31 14.95
C ALA E 297 36.90 50.44 15.49
N ASP E 298 37.62 51.48 15.05
CA ASP E 298 38.99 51.68 15.44
C ASP E 298 39.18 53.07 16.04
N ASN E 299 40.06 53.14 17.04
CA ASN E 299 40.45 54.40 17.65
C ASN E 299 41.94 54.64 17.60
N GLY E 300 42.72 53.72 16.99
CA GLY E 300 44.15 53.86 16.86
C GLY E 300 44.94 52.84 17.64
N THR E 301 44.44 52.41 18.79
CA THR E 301 45.15 51.45 19.62
C THR E 301 44.99 50.05 19.07
N THR E 302 45.63 49.09 19.74
CA THR E 302 45.60 47.69 19.32
C THR E 302 45.82 46.80 20.52
N GLY E 303 44.85 45.94 20.82
CA GLY E 303 44.95 45.01 21.93
C GLY E 303 44.11 45.36 23.14
N LYS E 304 43.28 46.41 23.07
CA LYS E 304 42.40 46.77 24.17
C LYS E 304 41.02 47.10 23.63
N TYR E 305 40.01 46.87 24.46
CA TYR E 305 38.61 47.12 24.08
C TYR E 305 38.27 48.60 24.27
N GLY E 306 36.99 48.91 24.19
CA GLY E 306 36.51 50.25 24.48
C GLY E 306 36.34 51.17 23.30
N ALA E 307 36.48 50.66 22.07
CA ALA E 307 36.33 51.48 20.87
C ALA E 307 34.99 51.31 20.19
N GLU E 308 34.05 50.59 20.81
CA GLU E 308 32.78 50.33 20.15
C GLU E 308 31.55 50.52 21.03
N VAL E 309 31.68 50.64 22.34
CA VAL E 309 30.50 50.75 23.20
C VAL E 309 29.75 52.05 22.90
N LYS E 310 30.48 53.15 22.77
CA LYS E 310 29.86 54.42 22.43
C LYS E 310 29.18 54.35 21.06
N LEU E 311 29.88 53.80 20.07
CA LEU E 311 29.31 53.69 18.73
C LEU E 311 28.10 52.77 18.70
N ARG E 312 28.18 51.64 19.39
CA ARG E 312 27.06 50.69 19.40
C ARG E 312 25.84 51.31 20.06
N ARG E 313 26.02 51.95 21.22
CA ARG E 313 24.87 52.55 21.90
C ARG E 313 24.31 53.73 21.11
N GLN E 314 25.17 54.52 20.47
CA GLN E 314 24.68 55.63 19.67
C GLN E 314 23.90 55.15 18.47
N LEU E 315 24.37 54.08 17.82
CA LEU E 315 23.63 53.51 16.70
C LEU E 315 22.29 52.94 17.15
N GLU E 316 22.25 52.29 18.32
CA GLU E 316 20.99 51.79 18.85
C GLU E 316 20.02 52.92 19.14
N LYS E 317 20.51 54.02 19.74
CA LYS E 317 19.65 55.17 20.01
C LYS E 317 19.13 55.78 18.72
N HIS E 318 19.98 55.89 17.70
CA HIS E 318 19.55 56.49 16.45
C HIS E 318 18.54 55.62 15.72
N ILE E 319 18.73 54.30 15.74
CA ILE E 319 17.79 53.41 15.05
C ILE E 319 16.51 53.24 15.85
N SER E 320 16.53 53.47 17.16
CA SER E 320 15.29 53.45 17.93
C SER E 320 14.40 54.63 17.56
N LEU E 321 15.00 55.78 17.28
CA LEU E 321 14.25 56.95 16.83
C LEU E 321 13.74 56.82 15.40
N GLN E 322 14.24 55.84 14.64
CA GLN E 322 13.74 55.61 13.30
C GLN E 322 12.30 55.15 13.34
N LYS E 323 11.53 55.57 12.33
CA LYS E 323 10.10 55.30 12.30
C LYS E 323 9.82 54.00 11.56
N ILE E 324 9.01 53.14 12.17
CA ILE E 324 8.56 51.90 11.56
C ILE E 324 7.48 52.23 10.54
N ASN E 325 7.13 51.27 9.68
CA ASN E 325 6.19 51.53 8.60
C ASN E 325 4.80 51.91 9.07
N THR E 326 4.43 51.55 10.30
CA THR E 326 3.11 51.90 10.82
C THR E 326 3.02 53.41 11.05
N ARG E 327 1.87 53.97 10.70
CA ARG E 327 1.66 55.41 10.79
C ARG E 327 1.12 55.86 12.13
N ILE E 328 1.13 54.97 13.13
CA ILE E 328 0.75 55.39 14.49
C ILE E 328 1.73 56.42 15.02
N GLY E 329 3.03 56.18 14.82
CA GLY E 329 4.05 57.07 15.31
C GLY E 329 5.09 56.34 16.14
N GLN E 330 4.85 55.05 16.38
CA GLN E 330 5.76 54.25 17.17
C GLN E 330 7.04 53.96 16.40
N GLY E 331 8.16 53.93 17.11
CA GLY E 331 9.44 53.61 16.52
C GLY E 331 9.77 52.13 16.64
N VAL E 332 11.01 51.80 16.28
CA VAL E 332 11.46 50.42 16.36
C VAL E 332 11.65 50.03 17.83
N PRO E 333 11.04 48.94 18.29
CA PRO E 333 11.24 48.54 19.69
C PRO E 333 12.62 47.92 19.89
N VAL E 334 13.20 48.18 21.07
CA VAL E 334 14.52 47.70 21.43
C VAL E 334 14.42 46.92 22.74
N VAL E 335 14.96 45.72 22.77
CA VAL E 335 14.98 44.88 23.97
C VAL E 335 16.42 44.42 24.21
N ALA E 336 16.90 44.59 25.43
CA ALA E 336 18.24 44.18 25.81
C ALA E 336 18.19 42.83 26.51
N LEU E 337 19.01 41.89 26.05
CA LEU E 337 19.10 40.56 26.61
C LEU E 337 20.45 40.38 27.28
N ILE E 338 20.44 40.01 28.56
CA ILE E 338 21.64 39.93 29.38
C ILE E 338 21.89 38.47 29.75
N VAL E 339 23.08 37.97 29.40
CA VAL E 339 23.52 36.63 29.79
C VAL E 339 24.88 36.78 30.46
N GLU E 340 25.00 36.30 31.69
CA GLU E 340 26.23 36.37 32.50
C GLU E 340 26.59 37.85 32.64
N GLY E 341 27.83 38.25 32.44
CA GLY E 341 28.14 39.65 32.46
C GLY E 341 28.99 40.03 33.67
N GLY E 342 29.89 40.99 33.46
CA GLY E 342 30.74 41.48 34.51
C GLY E 342 30.10 42.59 35.31
N PRO E 343 30.88 43.28 36.13
CA PRO E 343 30.34 44.41 36.90
C PRO E 343 29.84 45.56 36.03
N ASN E 344 30.35 45.71 34.81
CA ASN E 344 29.88 46.77 33.94
C ASN E 344 28.52 46.47 33.34
N VAL E 345 28.06 45.23 33.41
CA VAL E 345 26.73 44.89 32.93
C VAL E 345 25.66 45.61 33.76
N ILE E 346 25.91 45.76 35.06
CA ILE E 346 24.99 46.52 35.90
C ILE E 346 24.92 47.98 35.44
N SER E 347 26.08 48.55 35.11
CA SER E 347 26.12 49.93 34.64
C SER E 347 25.38 50.08 33.31
N ILE E 348 25.56 49.13 32.40
CA ILE E 348 24.89 49.24 31.10
C ILE E 348 23.39 49.03 31.25
N VAL E 349 22.96 48.19 32.19
CA VAL E 349 21.55 48.02 32.47
C VAL E 349 20.94 49.31 33.02
N LEU E 350 21.64 49.95 33.95
CA LEU E 350 21.16 51.22 34.49
C LEU E 350 21.14 52.30 33.42
N GLU E 351 22.08 52.27 32.48
CA GLU E 351 22.04 53.19 31.36
C GLU E 351 20.82 52.94 30.49
N TYR E 352 20.48 51.66 30.27
CA TYR E 352 19.28 51.33 29.50
C TYR E 352 18.01 51.81 30.18
N LEU E 353 17.92 51.60 31.49
CA LEU E 353 16.69 51.95 32.21
C LEU E 353 16.52 53.46 32.35
N ARG E 354 17.62 54.21 32.42
CA ARG E 354 17.54 55.65 32.61
C ARG E 354 17.41 56.42 31.31
N ASP E 355 17.36 55.74 30.17
CA ASP E 355 17.12 56.43 28.91
C ASP E 355 15.69 56.98 28.88
N THR E 356 15.55 58.16 28.27
CA THR E 356 14.22 58.77 28.17
C THR E 356 13.22 57.91 27.41
N PRO E 357 13.56 57.25 26.30
CA PRO E 357 12.79 56.08 25.86
C PRO E 357 13.30 54.81 26.54
N PRO E 358 12.81 54.47 27.72
CA PRO E 358 13.40 53.36 28.48
C PRO E 358 13.29 52.04 27.72
N VAL E 359 14.35 51.23 27.84
CA VAL E 359 14.51 50.00 27.09
C VAL E 359 14.29 48.83 28.06
N PRO E 360 13.30 47.97 27.81
CA PRO E 360 13.12 46.79 28.67
C PRO E 360 14.32 45.86 28.59
N VAL E 361 14.60 45.19 29.70
CA VAL E 361 15.79 44.35 29.85
C VAL E 361 15.36 42.96 30.30
N VAL E 362 15.86 41.94 29.61
CA VAL E 362 15.58 40.55 29.94
C VAL E 362 16.90 39.91 30.37
N VAL E 363 16.92 39.32 31.56
CA VAL E 363 18.13 38.69 32.08
C VAL E 363 17.88 37.20 32.31
N CYS E 364 18.91 36.48 32.74
CA CYS E 364 18.83 35.06 33.01
C CYS E 364 19.48 34.78 34.36
N ASP E 365 19.06 33.67 34.98
CA ASP E 365 19.53 33.31 36.31
C ASP E 365 20.49 32.12 36.32
N GLY E 366 20.62 31.39 35.22
CA GLY E 366 21.44 30.20 35.19
C GLY E 366 22.90 30.42 34.91
N SER E 367 23.35 31.68 34.85
CA SER E 367 24.76 31.96 34.56
C SER E 367 25.63 31.96 35.82
N GLY E 368 25.11 32.48 36.92
CA GLY E 368 25.84 32.54 38.18
C GLY E 368 26.56 33.86 38.42
N ARG E 369 26.79 34.64 37.37
CA ARG E 369 27.48 35.91 37.47
C ARG E 369 26.45 37.03 37.69
N ALA E 370 26.84 38.29 37.44
CA ALA E 370 26.02 39.46 37.72
C ALA E 370 24.58 39.35 37.21
N SER E 371 24.34 38.56 36.17
CA SER E 371 22.95 38.30 35.76
C SER E 371 22.20 37.57 36.87
N ASP E 372 22.83 36.57 37.49
CA ASP E 372 22.21 35.90 38.63
C ASP E 372 22.10 36.83 39.83
N ILE E 373 23.06 37.75 40.00
CA ILE E 373 22.97 38.74 41.06
C ILE E 373 21.75 39.64 40.84
N LEU E 374 21.54 40.08 39.60
CA LEU E 374 20.37 40.90 39.28
C LEU E 374 19.08 40.10 39.47
N ALA E 375 19.10 38.82 39.11
CA ALA E 375 17.92 37.98 39.32
C ALA E 375 17.60 37.81 40.80
N PHE E 376 18.63 37.63 41.63
CA PHE E 376 18.41 37.50 43.06
C PHE E 376 17.93 38.81 43.67
N GLY E 377 18.42 39.94 43.15
CA GLY E 377 17.92 41.22 43.59
C GLY E 377 16.51 41.54 43.11
N HIS E 378 16.07 40.88 42.04
CA HIS E 378 14.68 41.02 41.61
C HIS E 378 13.73 40.50 42.68
N LYS E 379 14.05 39.35 43.27
CA LYS E 379 13.30 38.85 44.41
C LYS E 379 13.57 39.73 45.63
N TYR E 380 12.55 39.84 46.50
CA TYR E 380 12.62 40.59 47.75
C TYR E 380 12.96 42.06 47.50
N SER E 381 12.04 42.73 46.81
CA SER E 381 12.17 44.15 46.54
C SER E 381 11.73 44.97 47.76
N GLU E 382 11.99 46.27 47.70
CA GLU E 382 11.62 47.17 48.78
C GLU E 382 10.40 48.00 48.40
N VAL E 397 20.25 42.96 54.67
CA VAL E 397 20.44 42.12 53.49
C VAL E 397 21.59 42.69 52.67
N THR E 398 22.08 43.87 53.06
CA THR E 398 23.17 44.52 52.33
C THR E 398 24.51 43.85 52.55
N ILE E 399 24.62 42.90 53.48
CA ILE E 399 25.87 42.22 53.76
C ILE E 399 25.97 40.90 53.01
N GLN E 400 25.03 40.61 52.12
CA GLN E 400 25.04 39.38 51.35
C GLN E 400 25.72 39.52 50.00
N LYS E 401 26.32 40.67 49.70
CA LYS E 401 26.95 40.89 48.40
C LYS E 401 28.43 40.54 48.39
N THR E 402 28.99 40.11 49.53
CA THR E 402 30.41 39.75 49.59
C THR E 402 30.59 38.38 48.95
N PHE E 403 30.89 38.38 47.65
CA PHE E 403 31.13 37.16 46.89
C PHE E 403 32.58 37.02 46.45
N THR E 404 33.50 37.80 47.03
CA THR E 404 34.89 37.90 46.57
C THR E 404 34.95 38.23 45.08
N TYR E 405 34.05 39.11 44.66
CA TYR E 405 33.91 39.47 43.25
C TYR E 405 34.49 40.84 42.93
N THR E 406 34.48 41.75 43.89
CA THR E 406 35.05 43.08 43.72
C THR E 406 36.06 43.34 44.84
N ARG E 407 36.48 44.59 45.02
CA ARG E 407 37.48 44.93 46.02
C ARG E 407 36.84 44.84 47.40
N THR E 408 36.71 43.61 47.88
CA THR E 408 36.22 43.24 49.21
C THR E 408 34.84 43.87 49.44
N GLN E 409 34.48 44.07 50.71
CA GLN E 409 33.28 44.80 51.05
C GLN E 409 33.49 46.31 50.97
N ALA E 410 34.73 46.76 50.79
CA ALA E 410 35.00 48.19 50.70
C ALA E 410 34.47 48.78 49.40
N GLN E 411 34.54 48.04 48.30
CA GLN E 411 34.03 48.49 47.02
C GLN E 411 32.78 47.70 46.65
N HIS E 412 31.72 48.41 46.31
CA HIS E 412 30.46 47.77 45.98
C HIS E 412 29.63 48.69 45.10
N LEU E 413 28.79 48.09 44.26
CA LEU E 413 27.81 48.80 43.45
C LEU E 413 26.40 48.50 43.96
N PHE E 414 26.26 48.37 45.28
CA PHE E 414 24.94 48.08 45.85
C PHE E 414 24.00 49.27 45.68
N ILE E 415 24.53 50.49 45.62
CA ILE E 415 23.69 51.65 45.32
C ILE E 415 23.13 51.55 43.90
N ILE E 416 23.98 51.13 42.95
CA ILE E 416 23.53 50.98 41.57
C ILE E 416 22.51 49.85 41.45
N LEU E 417 22.74 48.76 42.20
CA LEU E 417 21.77 47.67 42.20
C LEU E 417 20.44 48.11 42.84
N MET E 418 20.51 48.96 43.87
CA MET E 418 19.29 49.48 44.47
C MET E 418 18.53 50.37 43.50
N GLU E 419 19.25 51.16 42.70
CA GLU E 419 18.59 51.92 41.63
C GLU E 419 17.97 50.98 40.59
N CYS E 420 18.68 49.90 40.26
CA CYS E 420 18.18 48.91 39.30
C CYS E 420 16.86 48.32 39.78
N MET E 421 16.79 47.94 41.05
CA MET E 421 15.56 47.41 41.60
C MET E 421 14.53 48.50 41.89
N LYS E 422 14.96 49.76 41.96
CA LYS E 422 14.00 50.86 42.03
C LYS E 422 13.24 51.00 40.72
N LYS E 423 13.92 50.84 39.59
CA LYS E 423 13.24 50.74 38.30
C LYS E 423 13.09 49.27 37.91
N LYS E 424 12.33 48.54 38.71
CA LYS E 424 12.12 47.11 38.52
C LYS E 424 10.93 46.79 37.62
N GLU E 425 10.20 47.81 37.16
CA GLU E 425 9.02 47.58 36.34
C GLU E 425 9.38 47.10 34.93
N LEU E 426 10.62 47.31 34.50
CA LEU E 426 11.05 46.96 33.14
C LEU E 426 11.91 45.71 33.08
N ILE E 427 12.59 45.36 34.17
CA ILE E 427 13.46 44.19 34.17
C ILE E 427 12.62 42.93 34.18
N THR E 428 12.90 42.02 33.26
CA THR E 428 12.24 40.72 33.20
C THR E 428 13.28 39.65 33.47
N VAL E 429 12.98 38.74 34.38
CA VAL E 429 13.89 37.67 34.77
C VAL E 429 13.32 36.35 34.27
N PHE E 430 14.12 35.61 33.51
CA PHE E 430 13.71 34.33 32.96
C PHE E 430 14.18 33.21 33.88
N ARG E 431 13.25 32.32 34.24
CA ARG E 431 13.56 31.15 35.04
C ARG E 431 12.86 29.94 34.44
N MET E 432 13.44 28.77 34.68
CA MET E 432 12.94 27.52 34.11
C MET E 432 12.15 26.76 35.18
N GLY E 433 10.90 26.45 34.87
CA GLY E 433 10.06 25.66 35.78
C GLY E 433 9.46 26.37 36.97
N SER E 434 10.26 27.17 37.68
CA SER E 434 9.77 27.84 38.88
C SER E 434 8.71 28.88 38.55
N GLU E 435 8.90 29.64 37.48
CA GLU E 435 7.99 30.70 37.09
C GLU E 435 7.40 30.41 35.71
N GLY E 436 6.62 31.37 35.21
CA GLY E 436 6.07 31.27 33.88
C GLY E 436 7.05 31.76 32.83
N HIS E 437 6.55 31.84 31.60
CA HIS E 437 7.33 32.26 30.43
C HIS E 437 8.58 31.39 30.28
N GLN E 438 8.36 30.10 30.07
CA GLN E 438 9.45 29.15 29.88
C GLN E 438 10.04 29.18 28.47
N ASP E 439 9.72 30.21 27.68
CA ASP E 439 10.27 30.39 26.35
C ASP E 439 10.92 31.77 26.26
N ILE E 440 12.15 31.80 25.74
CA ILE E 440 12.87 33.07 25.65
C ILE E 440 12.18 34.03 24.69
N ASP E 441 11.73 33.53 23.54
CA ASP E 441 11.05 34.39 22.57
C ASP E 441 9.76 34.95 23.15
N LEU E 442 9.03 34.14 23.93
CA LEU E 442 7.87 34.66 24.65
C LEU E 442 8.27 35.72 25.65
N ALA E 443 9.39 35.50 26.36
CA ALA E 443 9.87 36.50 27.32
C ALA E 443 10.31 37.78 26.63
N ILE E 444 10.98 37.65 25.48
CA ILE E 444 11.44 38.83 24.77
C ILE E 444 10.26 39.63 24.21
N LEU E 445 9.32 38.94 23.58
CA LEU E 445 8.23 39.63 22.90
C LEU E 445 7.26 40.28 23.88
N THR E 446 6.96 39.60 24.99
CA THR E 446 6.08 40.18 26.00
C THR E 446 6.73 41.35 26.73
N ALA E 447 8.06 41.40 26.78
CA ALA E 447 8.74 42.53 27.42
C ALA E 447 8.61 43.79 26.59
N LEU E 448 8.49 43.65 25.27
CA LEU E 448 8.37 44.82 24.40
C LEU E 448 6.98 45.45 24.50
N LEU E 449 5.94 44.62 24.63
CA LEU E 449 4.59 45.16 24.77
C LEU E 449 4.44 45.92 26.09
N LYS E 450 4.91 45.32 27.18
CA LYS E 450 4.82 45.99 28.48
C LYS E 450 5.78 47.17 28.56
N GLY E 451 6.98 47.02 27.99
CA GLY E 451 7.98 48.07 28.08
C GLY E 451 7.67 49.30 27.26
N ALA E 452 6.82 49.17 26.25
CA ALA E 452 6.44 50.33 25.45
C ALA E 452 5.52 51.26 26.22
N ASN E 453 4.75 50.72 27.17
CA ASN E 453 3.78 51.47 27.96
C ASN E 453 2.79 52.21 27.06
N ALA E 454 2.36 51.55 25.99
CA ALA E 454 1.48 52.13 24.99
C ALA E 454 0.08 51.56 25.14
N SER E 455 -0.81 52.02 24.25
CA SER E 455 -2.20 51.61 24.30
C SER E 455 -2.40 50.27 23.58
N ALA E 456 -3.59 49.71 23.75
CA ALA E 456 -3.95 48.48 23.06
C ALA E 456 -3.88 48.57 21.54
N PRO E 457 -4.32 49.65 20.88
CA PRO E 457 -4.08 49.74 19.43
C PRO E 457 -2.63 49.66 19.04
N ASP E 458 -1.72 50.26 19.82
CA ASP E 458 -0.30 50.19 19.49
C ASP E 458 0.26 48.79 19.68
N GLN E 459 -0.17 48.10 20.75
CA GLN E 459 0.25 46.72 20.95
C GLN E 459 -0.26 45.83 19.82
N LEU E 460 -1.50 46.03 19.38
CA LEU E 460 -2.04 45.25 18.27
C LEU E 460 -1.29 45.56 16.97
N SER E 461 -0.92 46.83 16.76
CA SER E 461 -0.13 47.17 15.58
C SER E 461 1.24 46.50 15.61
N LEU E 462 1.86 46.46 16.79
CA LEU E 462 3.17 45.80 16.91
C LEU E 462 3.05 44.30 16.63
N ALA E 463 2.05 43.65 17.23
CA ALA E 463 1.88 42.22 17.02
C ALA E 463 1.50 41.90 15.58
N LEU E 464 0.82 42.83 14.91
CA LEU E 464 0.48 42.63 13.50
C LEU E 464 1.70 42.82 12.62
N ALA E 465 2.57 43.78 12.95
CA ALA E 465 3.79 43.97 12.19
C ALA E 465 4.73 42.78 12.34
N TRP E 466 4.83 42.22 13.55
CA TRP E 466 5.66 41.03 13.74
C TRP E 466 5.01 39.77 13.18
N ASN E 467 3.75 39.83 12.76
CA ASN E 467 3.00 38.68 12.26
C ASN E 467 2.95 37.56 13.30
N ARG E 468 2.74 37.95 14.56
CA ARG E 468 2.64 37.01 15.67
C ARG E 468 1.22 37.08 16.21
N VAL E 469 0.41 36.06 15.91
CA VAL E 469 -0.99 36.09 16.31
C VAL E 469 -1.21 35.50 17.70
N ASP E 470 -0.35 34.55 18.13
CA ASP E 470 -0.50 34.01 19.48
C ASP E 470 -0.15 35.05 20.53
N ILE E 471 0.79 35.94 20.24
CA ILE E 471 1.11 37.05 21.14
C ILE E 471 -0.11 37.94 21.33
N ALA E 472 -0.80 38.27 20.24
CA ALA E 472 -2.01 39.08 20.36
C ALA E 472 -3.14 38.32 21.03
N ARG E 473 -3.18 37.00 20.85
CA ARG E 473 -4.28 36.21 21.40
C ARG E 473 -4.15 36.03 22.91
N SER E 474 -2.92 35.83 23.41
CA SER E 474 -2.73 35.54 24.82
C SER E 474 -2.44 36.78 25.66
N GLN E 475 -1.94 37.85 25.05
CA GLN E 475 -1.56 39.06 25.78
C GLN E 475 -2.46 40.26 25.51
N ILE E 476 -2.87 40.47 24.26
CA ILE E 476 -3.61 41.67 23.92
C ILE E 476 -5.11 41.46 24.05
N PHE E 477 -5.63 40.31 23.62
CA PHE E 477 -7.07 40.05 23.66
C PHE E 477 -7.41 39.29 24.93
N ILE E 478 -7.52 40.05 26.03
CA ILE E 478 -7.94 39.53 27.32
C ILE E 478 -9.05 40.42 27.85
N TYR E 479 -9.49 40.13 29.08
CA TYR E 479 -10.65 40.79 29.65
C TYR E 479 -10.38 42.27 29.90
N GLY E 480 -11.32 43.12 29.48
CA GLY E 480 -11.28 44.54 29.79
C GLY E 480 -10.13 45.30 29.19
N GLN E 481 -10.11 45.45 27.86
CA GLN E 481 -9.05 46.18 27.19
C GLN E 481 -9.44 47.59 26.78
N GLN E 482 -10.74 47.84 26.57
CA GLN E 482 -11.27 49.18 26.30
C GLN E 482 -10.61 49.80 25.07
N TRP E 483 -10.86 49.17 23.93
CA TRP E 483 -10.39 49.72 22.67
C TRP E 483 -11.13 51.02 22.37
N PRO E 484 -10.44 52.01 21.80
CA PRO E 484 -11.15 53.21 21.33
C PRO E 484 -12.09 52.88 20.19
N VAL E 485 -13.08 53.75 20.00
CA VAL E 485 -14.05 53.55 18.93
C VAL E 485 -13.36 53.72 17.58
N GLY E 486 -13.54 52.73 16.71
CA GLY E 486 -12.90 52.75 15.41
C GLY E 486 -11.47 52.24 15.39
N SER E 487 -11.00 51.62 16.46
CA SER E 487 -9.65 51.07 16.48
C SER E 487 -9.59 49.65 15.92
N LEU E 488 -10.54 48.80 16.30
CA LEU E 488 -10.60 47.45 15.74
C LEU E 488 -10.90 47.50 14.25
N GLU E 489 -11.69 48.48 13.81
CA GLU E 489 -11.95 48.65 12.38
C GLU E 489 -10.68 49.01 11.62
N GLN E 490 -9.88 49.93 12.18
CA GLN E 490 -8.61 50.28 11.56
C GLN E 490 -7.64 49.11 11.55
N ALA E 491 -7.62 48.32 12.63
CA ALA E 491 -6.78 47.13 12.67
C ALA E 491 -7.22 46.12 11.62
N MET E 492 -8.53 45.98 11.41
CA MET E 492 -9.03 45.10 10.37
C MET E 492 -8.61 45.57 8.99
N LEU E 493 -8.66 46.88 8.75
CA LEU E 493 -8.19 47.40 7.46
C LEU E 493 -6.71 47.14 7.27
N ASP E 494 -5.91 47.36 8.30
CA ASP E 494 -4.46 47.14 8.21
C ASP E 494 -4.14 45.67 7.98
N ALA E 495 -4.86 44.76 8.66
CA ALA E 495 -4.64 43.34 8.45
C ALA E 495 -5.09 42.89 7.07
N LEU E 496 -6.16 43.49 6.55
CA LEU E 496 -6.61 43.18 5.20
C LEU E 496 -5.58 43.60 4.16
N VAL E 497 -4.97 44.78 4.36
CA VAL E 497 -3.99 45.27 3.39
C VAL E 497 -2.75 44.37 3.37
N LEU E 498 -2.25 44.01 4.54
CA LEU E 498 -0.95 43.34 4.68
C LEU E 498 -1.04 41.82 4.51
N ASP E 499 -2.18 41.29 4.11
CA ASP E 499 -2.39 39.84 3.93
C ASP E 499 -2.10 39.09 5.22
N ARG E 500 -2.88 39.40 6.26
CA ARG E 500 -2.78 38.76 7.56
C ARG E 500 -4.09 38.02 7.79
N VAL E 501 -4.17 36.78 7.29
CA VAL E 501 -5.40 36.00 7.41
C VAL E 501 -5.69 35.65 8.86
N ASP E 502 -4.65 35.29 9.62
CA ASP E 502 -4.85 34.93 11.02
C ASP E 502 -5.37 36.10 11.82
N PHE E 503 -4.86 37.30 11.56
CA PHE E 503 -5.32 38.47 12.29
C PHE E 503 -6.73 38.88 11.87
N VAL E 504 -7.08 38.70 10.60
CA VAL E 504 -8.45 38.95 10.18
C VAL E 504 -9.41 38.00 10.89
N LYS E 505 -9.05 36.72 10.95
CA LYS E 505 -9.88 35.75 11.67
C LYS E 505 -9.97 36.10 13.15
N LEU E 506 -8.86 36.49 13.76
CA LEU E 506 -8.86 36.83 15.18
C LEU E 506 -9.72 38.04 15.47
N LEU E 507 -9.66 39.06 14.60
CA LEU E 507 -10.49 40.24 14.79
C LEU E 507 -11.96 39.92 14.58
N ILE E 508 -12.28 39.10 13.58
CA ILE E 508 -13.67 38.69 13.35
C ILE E 508 -14.21 37.95 14.56
N GLU E 509 -13.43 37.05 15.14
CA GLU E 509 -13.84 36.36 16.35
C GLU E 509 -13.95 37.29 17.55
N ASN E 510 -13.39 38.49 17.48
CA ASN E 510 -13.34 39.41 18.61
C ASN E 510 -14.16 40.67 18.37
N GLY E 511 -15.24 40.57 17.60
CA GLY E 511 -16.22 41.62 17.60
C GLY E 511 -16.56 42.29 16.28
N VAL E 512 -15.57 42.57 15.43
CA VAL E 512 -15.85 43.35 14.22
C VAL E 512 -16.62 42.49 13.23
N SER E 513 -17.70 43.06 12.70
CA SER E 513 -18.53 42.40 11.70
C SER E 513 -18.25 43.04 10.35
N MET E 514 -18.05 42.21 9.33
CA MET E 514 -17.65 42.69 8.02
C MET E 514 -18.75 43.50 7.33
N HIS E 515 -20.00 43.36 7.76
CA HIS E 515 -21.08 44.10 7.13
C HIS E 515 -20.98 45.59 7.40
N ARG E 516 -20.50 45.96 8.60
CA ARG E 516 -20.33 47.36 8.95
C ARG E 516 -18.97 47.92 8.54
N PHE E 517 -17.92 47.09 8.56
CA PHE E 517 -16.59 47.56 8.21
C PHE E 517 -16.51 47.95 6.73
N LEU E 518 -16.99 47.08 5.84
CA LEU E 518 -16.76 47.25 4.42
C LEU E 518 -17.67 48.34 3.85
N THR E 519 -17.07 49.42 3.39
CA THR E 519 -17.76 50.50 2.69
C THR E 519 -17.21 50.60 1.27
N ILE E 520 -17.74 51.56 0.51
CA ILE E 520 -17.20 51.79 -0.82
C ILE E 520 -15.81 52.39 -0.75
N SER E 521 -15.61 53.34 0.18
CA SER E 521 -14.30 53.97 0.33
C SER E 521 -13.25 52.98 0.79
N ARG E 522 -13.61 52.10 1.73
CA ARG E 522 -12.65 51.12 2.21
C ARG E 522 -12.30 50.11 1.12
N LEU E 523 -13.27 49.71 0.31
CA LEU E 523 -12.98 48.82 -0.81
C LEU E 523 -12.07 49.49 -1.83
N GLU E 524 -12.32 50.79 -2.08
CA GLU E 524 -11.45 51.55 -2.97
C GLU E 524 -10.02 51.59 -2.43
N GLU E 525 -9.87 51.79 -1.13
CA GLU E 525 -8.54 51.76 -0.52
C GLU E 525 -7.90 50.39 -0.63
N LEU E 526 -8.70 49.33 -0.48
CA LEU E 526 -8.18 47.97 -0.59
C LEU E 526 -7.68 47.67 -1.99
N TYR E 527 -8.37 48.17 -3.03
CA TYR E 527 -7.94 47.89 -4.38
C TYR E 527 -6.69 48.67 -4.77
N ASN E 528 -6.31 49.69 -4.02
CA ASN E 528 -5.17 50.54 -4.34
C ASN E 528 -4.08 50.43 -3.29
N THR E 529 -3.81 49.21 -2.82
CA THR E 529 -2.74 48.98 -1.86
C THR E 529 -1.44 48.68 -2.58
N ARG E 530 -0.33 49.01 -1.92
CA ARG E 530 0.99 48.72 -2.44
C ARG E 530 1.75 47.72 -1.58
N HIS E 531 1.25 47.39 -0.39
CA HIS E 531 1.91 46.45 0.51
C HIS E 531 1.23 45.10 0.38
N GLY E 532 2.01 44.07 0.02
CA GLY E 532 1.49 42.75 -0.14
C GLY E 532 2.13 42.03 -1.30
N PRO E 533 1.68 40.80 -1.57
CA PRO E 533 2.23 40.04 -2.69
C PRO E 533 1.92 40.70 -4.03
N SER E 534 2.83 40.51 -4.99
CA SER E 534 2.68 41.09 -6.31
C SER E 534 1.50 40.47 -7.05
N ASN E 535 0.85 41.28 -7.89
CA ASN E 535 -0.29 40.84 -8.67
C ASN E 535 -0.20 41.44 -10.06
N THR E 536 -1.22 41.17 -10.87
CA THR E 536 -1.29 41.64 -12.24
C THR E 536 -2.51 42.51 -12.52
N LEU E 537 -3.06 43.16 -11.48
CA LEU E 537 -4.28 43.94 -11.66
C LEU E 537 -4.03 45.18 -12.49
N TYR E 538 -2.88 45.84 -12.31
CA TYR E 538 -2.59 47.07 -13.04
C TYR E 538 -2.49 46.81 -14.53
N HIS E 539 -1.90 45.68 -14.93
CA HIS E 539 -1.83 45.34 -16.34
C HIS E 539 -3.22 45.09 -16.91
N LEU E 540 -4.09 44.45 -16.14
CA LEU E 540 -5.47 44.23 -16.59
C LEU E 540 -6.21 45.55 -16.76
N VAL E 541 -6.02 46.48 -15.83
CA VAL E 541 -6.66 47.79 -15.94
C VAL E 541 -6.14 48.54 -17.15
N ARG E 542 -4.83 48.46 -17.40
CA ARG E 542 -4.26 49.09 -18.59
C ARG E 542 -4.82 48.48 -19.86
N ASP E 543 -4.94 47.15 -19.90
CA ASP E 543 -5.43 46.48 -21.10
C ASP E 543 -6.90 46.82 -21.36
N VAL E 544 -7.73 46.81 -20.32
CA VAL E 544 -9.15 47.08 -20.50
C VAL E 544 -9.38 48.53 -20.90
N LYS E 545 -8.74 49.47 -20.20
CA LYS E 545 -8.90 50.88 -20.48
C LYS E 545 -7.96 51.38 -21.58
N LYS E 546 -7.35 50.46 -22.33
CA LYS E 546 -6.47 50.76 -23.45
C LYS E 546 -5.24 51.56 -23.03
N GLY E 547 -4.46 52.00 -24.01
CA GLY E 547 -3.22 52.69 -23.74
C GLY E 547 -3.43 54.15 -23.40
N ASN E 548 -2.31 54.87 -23.32
CA ASN E 548 -2.27 56.30 -23.00
C ASN E 548 -2.96 56.59 -21.65
N LEU E 549 -2.61 55.78 -20.64
CA LEU E 549 -3.10 56.00 -19.29
C LEU E 549 -2.02 56.66 -18.43
N PRO E 550 -2.42 57.48 -17.46
CA PRO E 550 -1.42 58.14 -16.62
C PRO E 550 -0.68 57.12 -15.76
N PRO E 551 0.58 57.39 -15.42
CA PRO E 551 1.32 56.48 -14.53
C PRO E 551 0.73 56.44 -13.13
N ASP E 552 0.49 57.61 -12.54
CA ASP E 552 -0.10 57.72 -11.21
C ASP E 552 -1.61 57.81 -11.38
N TYR E 553 -2.29 56.66 -11.28
CA TYR E 553 -3.72 56.57 -11.49
C TYR E 553 -4.35 55.81 -10.33
N ARG E 554 -5.48 56.31 -9.85
CA ARG E 554 -6.21 55.66 -8.76
C ARG E 554 -7.36 54.85 -9.35
N ILE E 555 -7.34 53.55 -9.11
CA ILE E 555 -8.30 52.63 -9.72
C ILE E 555 -9.64 52.76 -9.00
N SER E 556 -10.70 53.03 -9.76
CA SER E 556 -12.04 53.13 -9.23
C SER E 556 -12.76 51.78 -9.37
N LEU E 557 -13.88 51.66 -8.66
CA LEU E 557 -14.65 50.42 -8.71
C LEU E 557 -15.27 50.18 -10.07
N ILE E 558 -15.53 51.24 -10.83
CA ILE E 558 -16.05 51.08 -12.18
C ILE E 558 -15.03 50.35 -13.06
N ASP E 559 -13.75 50.69 -12.92
CA ASP E 559 -12.71 50.01 -13.68
C ASP E 559 -12.62 48.54 -13.30
N ILE E 560 -12.80 48.22 -12.02
CA ILE E 560 -12.79 46.84 -11.58
C ILE E 560 -14.00 46.09 -12.16
N GLY E 561 -15.16 46.76 -12.21
CA GLY E 561 -16.30 46.15 -12.87
C GLY E 561 -16.03 45.88 -14.33
N LEU E 562 -15.36 46.81 -15.01
CA LEU E 562 -15.02 46.61 -16.42
C LEU E 562 -14.08 45.44 -16.61
N VAL E 563 -13.06 45.31 -15.76
CA VAL E 563 -12.14 44.18 -15.92
C VAL E 563 -12.81 42.87 -15.55
N ILE E 564 -13.77 42.90 -14.62
CA ILE E 564 -14.53 41.68 -14.32
C ILE E 564 -15.38 41.26 -15.51
N GLU E 565 -16.06 42.22 -16.15
CA GLU E 565 -16.81 41.90 -17.35
C GLU E 565 -15.91 41.40 -18.48
N TYR E 566 -14.69 41.94 -18.56
CA TYR E 566 -13.76 41.47 -19.58
C TYR E 566 -13.30 40.04 -19.29
N LEU E 567 -13.04 39.72 -18.02
CA LEU E 567 -12.51 38.40 -17.69
C LEU E 567 -13.60 37.32 -17.78
N MET E 568 -14.82 37.65 -17.37
CA MET E 568 -15.85 36.61 -17.27
C MET E 568 -16.31 36.13 -18.64
N GLY E 569 -16.88 37.02 -19.44
CA GLY E 569 -17.36 36.61 -20.74
C GLY E 569 -18.14 37.72 -21.42
N GLY E 570 -18.72 37.37 -22.56
CA GLY E 570 -19.44 38.37 -23.35
C GLY E 570 -20.72 38.84 -22.69
N ALA E 571 -21.47 37.92 -22.08
CA ALA E 571 -22.80 38.25 -21.57
C ALA E 571 -22.79 38.76 -20.13
N TYR E 572 -21.68 38.57 -19.41
CA TYR E 572 -21.65 38.94 -18.00
C TYR E 572 -21.71 40.45 -17.83
N ARG E 573 -22.45 40.89 -16.82
CA ARG E 573 -22.58 42.31 -16.48
C ARG E 573 -22.43 42.46 -14.97
N CYS E 574 -21.35 43.12 -14.55
CA CYS E 574 -21.07 43.26 -13.13
C CYS E 574 -22.01 44.29 -12.50
N ASN E 575 -22.09 44.26 -11.17
CA ASN E 575 -22.96 45.18 -10.45
C ASN E 575 -22.37 46.59 -10.39
N TYR E 576 -21.07 46.74 -10.62
CA TYR E 576 -20.46 48.06 -10.55
C TYR E 576 -20.86 48.92 -11.73
N THR E 577 -20.99 48.33 -12.91
CA THR E 577 -21.29 49.07 -14.12
C THR E 577 -22.78 49.32 -14.33
N ARG E 578 -23.63 48.83 -13.43
CA ARG E 578 -25.05 49.12 -13.53
C ARG E 578 -25.31 50.59 -13.29
N LYS E 579 -26.43 51.08 -13.83
CA LYS E 579 -26.72 52.50 -13.76
C LYS E 579 -27.01 52.95 -12.33
N ARG E 580 -27.56 52.07 -11.50
CA ARG E 580 -27.83 52.43 -10.12
C ARG E 580 -26.54 52.65 -9.34
N PHE E 581 -25.58 51.73 -9.48
CA PHE E 581 -24.32 51.89 -8.79
C PHE E 581 -23.51 53.04 -9.36
N ARG E 582 -23.58 53.27 -10.67
CA ARG E 582 -22.89 54.42 -11.25
C ARG E 582 -23.47 55.73 -10.75
N THR E 583 -24.79 55.81 -10.61
CA THR E 583 -25.40 57.01 -10.05
C THR E 583 -25.02 57.18 -8.59
N LEU E 584 -24.99 56.09 -7.82
CA LEU E 584 -24.59 56.18 -6.42
C LEU E 584 -23.11 56.56 -6.26
N TYR E 585 -22.27 56.16 -7.20
CA TYR E 585 -20.84 56.43 -7.12
C TYR E 585 -20.45 57.78 -7.72
N HIS E 586 -21.30 58.36 -8.57
CA HIS E 586 -20.99 59.67 -9.14
C HIS E 586 -21.01 60.76 -8.06
N ASN E 587 -21.96 60.68 -7.12
CA ASN E 587 -22.11 61.68 -6.07
C ASN E 587 -21.46 61.24 -4.77
N LEU E 588 -20.35 60.53 -4.84
CA LEU E 588 -19.63 60.11 -3.64
C LEU E 588 -18.15 60.45 -3.75
N ASN E 632 -21.94 54.19 0.59
CA ASN E 632 -22.84 53.37 1.38
C ASN E 632 -22.19 52.05 1.75
N HIS E 633 -23.00 51.03 1.96
CA HIS E 633 -22.55 49.71 2.36
C HIS E 633 -22.95 48.68 1.31
N PHE E 634 -22.55 47.43 1.55
CA PHE E 634 -22.83 46.33 0.65
C PHE E 634 -23.70 45.29 1.36
N PRO E 635 -24.80 44.85 0.75
CA PRO E 635 -25.63 43.83 1.41
C PRO E 635 -24.91 42.50 1.62
N PHE E 636 -24.04 42.12 0.69
CA PHE E 636 -23.23 40.90 0.77
C PHE E 636 -21.77 41.33 0.72
N PRO E 637 -21.11 41.52 1.87
CA PRO E 637 -19.73 42.03 1.83
C PRO E 637 -18.73 40.98 1.37
N PHE E 638 -18.92 39.72 1.73
CA PHE E 638 -17.97 38.69 1.34
C PHE E 638 -18.01 38.43 -0.16
N HIS E 639 -19.13 38.75 -0.82
CA HIS E 639 -19.17 38.70 -2.27
C HIS E 639 -18.13 39.62 -2.89
N GLU E 640 -18.00 40.84 -2.34
CA GLU E 640 -16.99 41.77 -2.82
C GLU E 640 -15.59 41.38 -2.37
N LEU E 641 -15.45 40.93 -1.13
CA LEU E 641 -14.12 40.64 -0.61
C LEU E 641 -13.50 39.41 -1.26
N MET E 642 -14.30 38.40 -1.59
CA MET E 642 -13.77 37.23 -2.30
C MET E 642 -13.29 37.60 -3.69
N VAL E 643 -14.01 38.46 -4.39
CA VAL E 643 -13.56 38.91 -5.71
C VAL E 643 -12.30 39.74 -5.59
N TRP E 644 -12.22 40.57 -4.55
CA TRP E 644 -10.99 41.34 -4.32
C TRP E 644 -9.80 40.41 -4.09
N ALA E 645 -9.98 39.41 -3.24
CA ALA E 645 -8.88 38.48 -2.95
C ALA E 645 -8.51 37.65 -4.16
N VAL E 646 -9.47 37.34 -5.03
CA VAL E 646 -9.17 36.59 -6.25
C VAL E 646 -8.40 37.47 -7.23
N LEU E 647 -8.83 38.72 -7.42
CA LEU E 647 -8.19 39.57 -8.41
C LEU E 647 -6.80 40.01 -7.97
N MET E 648 -6.55 40.09 -6.66
CA MET E 648 -5.24 40.45 -6.14
C MET E 648 -4.32 39.25 -5.96
N LYS E 649 -4.77 38.06 -6.35
CA LYS E 649 -3.96 36.84 -6.31
C LYS E 649 -3.49 36.52 -4.89
N ARG E 650 -4.45 36.43 -3.97
CA ARG E 650 -4.20 36.05 -2.58
C ARG E 650 -5.07 34.83 -2.30
N GLN E 651 -4.47 33.64 -2.36
CA GLN E 651 -5.28 32.42 -2.31
C GLN E 651 -5.79 32.12 -0.91
N LYS E 652 -4.97 32.33 0.12
CA LYS E 652 -5.41 32.07 1.48
C LYS E 652 -6.56 32.99 1.87
N MET E 653 -6.47 34.26 1.49
CA MET E 653 -7.55 35.21 1.79
C MET E 653 -8.83 34.83 1.04
N ALA E 654 -8.70 34.41 -0.22
CA ALA E 654 -9.88 34.00 -0.99
C ALA E 654 -10.53 32.77 -0.37
N LEU E 655 -9.73 31.80 0.04
CA LEU E 655 -10.30 30.61 0.67
C LEU E 655 -10.94 30.92 2.01
N PHE E 656 -10.41 31.91 2.74
CA PHE E 656 -11.07 32.32 3.98
C PHE E 656 -12.40 33.01 3.70
N PHE E 657 -12.43 33.90 2.71
CA PHE E 657 -13.66 34.62 2.41
C PHE E 657 -14.70 33.73 1.71
N TRP E 658 -14.28 32.59 1.17
CA TRP E 658 -15.23 31.72 0.48
C TRP E 658 -16.24 31.11 1.43
N GLN E 659 -15.79 30.61 2.58
CA GLN E 659 -16.65 29.86 3.47
C GLN E 659 -17.55 30.75 4.34
N HIS E 660 -17.40 32.06 4.26
CA HIS E 660 -18.23 32.99 5.00
C HIS E 660 -19.17 33.70 4.04
N GLY E 661 -20.46 33.62 4.33
CA GLY E 661 -21.48 34.24 3.49
C GLY E 661 -22.33 33.20 2.77
N GLU E 662 -23.25 33.71 1.96
CA GLU E 662 -24.15 32.87 1.20
C GLU E 662 -23.64 32.68 -0.22
N GLU E 663 -24.27 31.74 -0.94
CA GLU E 663 -23.95 31.43 -2.33
C GLU E 663 -22.48 31.03 -2.48
N ALA E 664 -22.11 29.95 -1.80
CA ALA E 664 -20.72 29.51 -1.83
C ALA E 664 -20.36 28.87 -3.16
N MET E 665 -21.28 28.09 -3.75
CA MET E 665 -20.97 27.40 -5.00
C MET E 665 -20.83 28.39 -6.15
N ALA E 666 -21.68 29.42 -6.19
CA ALA E 666 -21.53 30.44 -7.21
C ALA E 666 -20.21 31.17 -7.08
N LYS E 667 -19.80 31.47 -5.85
CA LYS E 667 -18.51 32.12 -5.63
C LYS E 667 -17.37 31.22 -6.09
N ALA E 668 -17.46 29.92 -5.84
CA ALA E 668 -16.42 29.00 -6.28
C ALA E 668 -16.33 28.96 -7.81
N LEU E 669 -17.48 28.90 -8.49
CA LEU E 669 -17.44 28.84 -9.95
C LEU E 669 -16.95 30.14 -10.56
N VAL E 670 -17.37 31.28 -10.02
CA VAL E 670 -16.90 32.57 -10.51
C VAL E 670 -15.41 32.72 -10.27
N ALA E 671 -14.93 32.27 -9.11
CA ALA E 671 -13.50 32.34 -8.83
C ALA E 671 -12.70 31.46 -9.77
N CYS E 672 -13.22 30.27 -10.08
CA CYS E 672 -12.53 29.39 -11.03
C CYS E 672 -12.43 30.05 -12.40
N LYS E 673 -13.53 30.64 -12.87
CA LYS E 673 -13.49 31.31 -14.18
C LYS E 673 -12.56 32.51 -14.17
N LEU E 674 -12.59 33.32 -13.11
CA LEU E 674 -11.72 34.49 -13.05
C LEU E 674 -10.25 34.08 -13.02
N CYS E 675 -9.90 33.05 -12.25
CA CYS E 675 -8.51 32.61 -12.20
C CYS E 675 -8.06 32.05 -13.54
N LYS E 676 -8.93 31.30 -14.22
CA LYS E 676 -8.58 30.79 -15.55
C LYS E 676 -8.34 31.93 -16.53
N ALA E 677 -9.23 32.94 -16.52
CA ALA E 677 -9.08 34.06 -17.43
C ALA E 677 -7.81 34.85 -17.13
N MET E 678 -7.50 35.06 -15.85
CA MET E 678 -6.28 35.77 -15.47
C MET E 678 -5.04 35.00 -15.89
N ALA E 679 -5.07 33.67 -15.74
CA ALA E 679 -3.95 32.85 -16.19
C ALA E 679 -3.75 32.97 -17.70
N HIS E 680 -4.84 32.92 -18.46
CA HIS E 680 -4.73 33.06 -19.92
C HIS E 680 -4.17 34.43 -20.30
N GLU E 681 -4.65 35.49 -19.65
CA GLU E 681 -4.16 36.83 -19.96
C GLU E 681 -2.68 36.98 -19.59
N ALA E 682 -2.27 36.42 -18.45
CA ALA E 682 -0.87 36.50 -18.06
C ALA E 682 0.02 35.72 -19.01
N SER E 683 -0.44 34.55 -19.46
CA SER E 683 0.34 33.77 -20.42
C SER E 683 0.43 34.47 -21.76
N GLU E 684 -0.63 35.17 -22.16
CA GLU E 684 -0.62 35.85 -23.46
C GLU E 684 0.28 37.07 -23.44
N ASN E 685 0.49 37.68 -22.27
CA ASN E 685 1.34 38.86 -22.15
C ASN E 685 2.77 38.52 -21.72
N ASP E 686 3.26 37.34 -22.10
CA ASP E 686 4.62 36.85 -21.86
C ASP E 686 5.11 37.19 -20.45
N MET E 687 4.41 36.63 -19.47
CA MET E 687 4.78 36.82 -18.06
C MET E 687 5.95 35.89 -17.73
N VAL E 688 6.26 35.75 -16.44
CA VAL E 688 7.39 34.95 -15.99
C VAL E 688 7.04 33.46 -16.01
N ASP E 689 5.80 33.15 -16.41
CA ASP E 689 5.25 31.81 -16.59
C ASP E 689 5.09 31.05 -15.27
N ASP E 690 5.49 31.64 -14.14
CA ASP E 690 5.14 31.08 -12.84
C ASP E 690 3.81 31.63 -12.35
N ILE E 691 3.48 32.87 -12.73
CA ILE E 691 2.19 33.45 -12.41
C ILE E 691 1.07 32.64 -13.06
N SER E 692 1.28 32.21 -14.30
CA SER E 692 0.27 31.41 -14.99
C SER E 692 0.06 30.07 -14.29
N GLN E 693 1.14 29.42 -13.84
CA GLN E 693 0.99 28.16 -13.12
C GLN E 693 0.28 28.36 -11.79
N GLU E 694 0.61 29.44 -11.07
CA GLU E 694 -0.07 29.71 -9.80
C GLU E 694 -1.56 29.97 -10.02
N LEU E 695 -1.89 30.74 -11.05
CA LEU E 695 -3.30 31.04 -11.31
C LEU E 695 -4.05 29.78 -11.75
N ASN E 696 -3.41 28.92 -12.54
CA ASN E 696 -4.06 27.66 -12.91
C ASN E 696 -4.28 26.76 -11.70
N HIS E 697 -3.31 26.73 -10.78
CA HIS E 697 -3.50 25.95 -9.56
C HIS E 697 -4.65 26.51 -8.72
N ASN E 698 -4.76 27.83 -8.64
CA ASN E 698 -5.87 28.44 -7.92
C ASN E 698 -7.21 28.08 -8.57
N SER E 699 -7.26 28.12 -9.90
CA SER E 699 -8.48 27.73 -10.61
C SER E 699 -8.85 26.27 -10.34
N ARG E 700 -7.85 25.38 -10.36
CA ARG E 700 -8.12 23.98 -10.06
C ARG E 700 -8.62 23.79 -8.64
N ASP E 701 -8.04 24.52 -7.68
CA ASP E 701 -8.49 24.41 -6.30
C ASP E 701 -9.94 24.86 -6.14
N PHE E 702 -10.30 25.98 -6.77
CA PHE E 702 -11.67 26.45 -6.67
C PHE E 702 -12.65 25.50 -7.36
N GLY E 703 -12.25 24.94 -8.50
CA GLY E 703 -13.10 23.95 -9.15
C GLY E 703 -13.32 22.71 -8.30
N GLN E 704 -12.26 22.23 -7.65
CA GLN E 704 -12.42 21.07 -6.78
C GLN E 704 -13.31 21.40 -5.59
N LEU E 705 -13.21 22.61 -5.05
CA LEU E 705 -14.11 23.02 -3.98
C LEU E 705 -15.56 22.99 -4.43
N ALA E 706 -15.83 23.51 -5.64
CA ALA E 706 -17.20 23.50 -6.14
C ALA E 706 -17.72 22.08 -6.33
N VAL E 707 -16.88 21.19 -6.87
CA VAL E 707 -17.31 19.81 -7.09
C VAL E 707 -17.59 19.11 -5.77
N GLU E 708 -16.74 19.30 -4.77
CA GLU E 708 -16.96 18.67 -3.47
C GLU E 708 -18.20 19.21 -2.79
N LEU E 709 -18.44 20.52 -2.89
CA LEU E 709 -19.66 21.08 -2.31
C LEU E 709 -20.90 20.53 -2.99
N LEU E 710 -20.87 20.39 -4.33
CA LEU E 710 -22.01 19.79 -5.02
C LEU E 710 -22.20 18.34 -4.60
N ASP E 711 -21.11 17.60 -4.42
CA ASP E 711 -21.22 16.21 -3.99
C ASP E 711 -21.88 16.11 -2.62
N GLN E 712 -21.45 16.95 -1.67
CA GLN E 712 -22.06 16.95 -0.34
C GLN E 712 -23.52 17.34 -0.40
N SER E 713 -23.86 18.36 -1.20
CA SER E 713 -25.24 18.82 -1.29
C SER E 713 -26.14 17.73 -1.88
N TYR E 714 -25.69 17.05 -2.93
CA TYR E 714 -26.49 15.99 -3.52
C TYR E 714 -26.60 14.80 -2.59
N LYS E 715 -25.54 14.52 -1.82
CA LYS E 715 -25.60 13.40 -0.88
C LYS E 715 -26.57 13.69 0.24
N GLN E 716 -26.71 14.95 0.66
CA GLN E 716 -27.65 15.27 1.73
C GLN E 716 -29.09 15.22 1.24
N ASP E 717 -29.43 16.08 0.27
CA ASP E 717 -30.78 16.14 -0.27
C ASP E 717 -30.70 16.28 -1.79
N GLU E 718 -31.60 15.61 -2.50
CA GLU E 718 -31.56 15.59 -3.96
C GLU E 718 -32.33 16.77 -4.56
N GLN E 719 -33.58 16.97 -4.15
CA GLN E 719 -34.40 18.01 -4.75
C GLN E 719 -33.85 19.40 -4.48
N LEU E 720 -33.39 19.65 -3.25
CA LEU E 720 -32.80 20.95 -2.95
C LEU E 720 -31.48 21.14 -3.68
N ALA E 721 -30.72 20.07 -3.89
CA ALA E 721 -29.48 20.19 -4.67
C ALA E 721 -29.78 20.55 -6.11
N MET E 722 -30.82 19.95 -6.70
CA MET E 722 -31.19 20.30 -8.07
C MET E 722 -31.81 21.69 -8.13
N LYS E 723 -32.42 22.15 -7.05
CA LYS E 723 -32.90 23.53 -6.98
C LYS E 723 -31.77 24.52 -6.79
N LEU E 724 -30.63 24.06 -6.26
CA LEU E 724 -29.49 24.93 -6.05
C LEU E 724 -28.75 25.26 -7.34
N LEU E 725 -28.83 24.39 -8.34
CA LEU E 725 -28.13 24.56 -9.61
C LEU E 725 -28.95 25.28 -10.66
N THR E 726 -30.20 25.64 -10.37
CA THR E 726 -31.06 26.23 -11.40
C THR E 726 -31.72 27.54 -11.01
N TYR E 727 -31.60 28.00 -9.77
CA TYR E 727 -32.23 29.26 -9.40
C TYR E 727 -31.37 30.42 -9.89
N GLU E 728 -32.06 31.48 -10.33
CA GLU E 728 -31.36 32.63 -10.90
C GLU E 728 -30.55 33.35 -9.83
N LEU E 729 -29.34 33.74 -10.19
CA LEU E 729 -28.43 34.44 -9.28
C LEU E 729 -28.50 35.93 -9.56
N LYS E 730 -29.17 36.66 -8.67
CA LYS E 730 -29.33 38.10 -8.88
C LYS E 730 -27.99 38.83 -8.83
N ASN E 731 -27.12 38.45 -7.90
CA ASN E 731 -25.85 39.14 -7.72
C ASN E 731 -24.80 38.73 -8.75
N TRP E 732 -25.04 37.68 -9.52
CA TRP E 732 -24.05 37.19 -10.46
C TRP E 732 -24.58 37.25 -11.88
N SER E 733 -25.19 38.39 -12.25
CA SER E 733 -25.57 38.70 -13.63
C SER E 733 -26.63 37.75 -14.18
N ASN E 734 -27.52 37.26 -13.30
CA ASN E 734 -28.67 36.45 -13.69
C ASN E 734 -28.25 35.22 -14.49
N ALA E 735 -27.45 34.38 -13.85
CA ALA E 735 -26.94 33.17 -14.47
C ALA E 735 -26.91 32.06 -13.44
N THR E 736 -27.51 30.92 -13.78
CA THR E 736 -27.56 29.80 -12.86
C THR E 736 -26.16 29.18 -12.70
N CYS E 737 -26.04 28.26 -11.75
CA CYS E 737 -24.76 27.61 -11.53
C CYS E 737 -24.35 26.75 -12.72
N LEU E 738 -25.32 26.21 -13.46
CA LEU E 738 -24.99 25.45 -14.67
C LEU E 738 -24.33 26.34 -15.71
N GLN E 739 -24.85 27.55 -15.90
CA GLN E 739 -24.25 28.45 -16.89
C GLN E 739 -22.84 28.86 -16.49
N LEU E 740 -22.62 29.12 -15.21
CA LEU E 740 -21.28 29.47 -14.75
C LEU E 740 -20.32 28.30 -14.89
N ALA E 741 -20.79 27.08 -14.60
CA ALA E 741 -19.92 25.92 -14.72
C ALA E 741 -19.60 25.58 -16.17
N VAL E 742 -20.55 25.81 -17.08
CA VAL E 742 -20.28 25.60 -18.50
C VAL E 742 -19.33 26.67 -19.03
N ALA E 743 -19.53 27.93 -18.61
CA ALA E 743 -18.67 29.00 -19.07
C ALA E 743 -17.24 28.81 -18.59
N ALA E 744 -17.05 28.13 -17.46
CA ALA E 744 -15.72 27.83 -16.96
C ALA E 744 -15.15 26.54 -17.54
N LYS E 745 -15.89 25.88 -18.44
CA LYS E 745 -15.48 24.62 -19.06
C LYS E 745 -15.14 23.58 -18.00
N HIS E 746 -15.96 23.52 -16.96
CA HIS E 746 -15.74 22.61 -15.84
C HIS E 746 -16.41 21.28 -16.17
N ARG E 747 -15.63 20.36 -16.75
CA ARG E 747 -16.19 19.09 -17.18
C ARG E 747 -16.54 18.20 -16.00
N ASP E 748 -15.81 18.30 -14.90
CA ASP E 748 -16.06 17.44 -13.75
C ASP E 748 -17.32 17.85 -12.99
N PHE E 749 -17.87 19.02 -13.24
CA PHE E 749 -19.09 19.50 -12.60
C PHE E 749 -20.33 19.08 -13.37
N ILE E 750 -20.33 19.24 -14.69
CA ILE E 750 -21.46 18.82 -15.51
C ILE E 750 -21.54 17.30 -15.61
N ALA E 751 -20.44 16.60 -15.39
CA ALA E 751 -20.45 15.14 -15.44
C ALA E 751 -20.88 14.51 -14.12
N HIS E 752 -21.17 15.30 -13.10
CA HIS E 752 -21.62 14.76 -11.83
C HIS E 752 -23.02 14.18 -11.99
N THR E 753 -23.40 13.31 -11.04
CA THR E 753 -24.69 12.63 -11.12
C THR E 753 -25.84 13.62 -11.02
N CYS E 754 -25.74 14.60 -10.12
CA CYS E 754 -26.83 15.55 -9.93
C CYS E 754 -27.04 16.41 -11.18
N SER E 755 -25.96 16.86 -11.81
CA SER E 755 -26.07 17.64 -13.03
C SER E 755 -26.68 16.80 -14.15
N GLN E 756 -26.32 15.52 -14.22
CA GLN E 756 -26.87 14.64 -15.25
C GLN E 756 -28.36 14.42 -15.04
N MET E 757 -28.79 14.22 -13.79
CA MET E 757 -30.22 14.07 -13.53
C MET E 757 -30.98 15.36 -13.85
N LEU E 758 -30.39 16.50 -13.53
CA LEU E 758 -31.02 17.78 -13.88
C LEU E 758 -31.14 17.95 -15.39
N LEU E 759 -30.09 17.58 -16.12
CA LEU E 759 -30.14 17.65 -17.57
C LEU E 759 -31.18 16.70 -18.15
N THR E 760 -31.30 15.50 -17.57
CA THR E 760 -32.33 14.57 -18.01
C THR E 760 -33.73 15.14 -17.79
N ASP E 761 -33.95 15.77 -16.63
CA ASP E 761 -35.25 16.39 -16.36
C ASP E 761 -35.53 17.53 -17.32
N MET E 762 -34.52 18.34 -17.64
CA MET E 762 -34.71 19.42 -18.62
C MET E 762 -34.93 18.86 -20.02
N TRP E 763 -34.34 17.71 -20.33
CA TRP E 763 -34.47 17.11 -21.65
C TRP E 763 -35.85 16.51 -21.84
N MET E 764 -36.38 15.84 -20.82
CA MET E 764 -37.68 15.18 -20.93
C MET E 764 -38.83 16.17 -21.02
N GLY E 765 -38.60 17.45 -20.73
CA GLY E 765 -39.66 18.42 -20.88
C GLY E 765 -40.68 18.33 -19.75
N ARG E 766 -41.95 18.42 -20.12
CA ARG E 766 -43.05 18.36 -19.16
C ARG E 766 -43.76 17.02 -19.19
N LEU E 767 -43.03 15.93 -19.40
CA LEU E 767 -43.58 14.59 -19.40
C LEU E 767 -42.97 13.77 -18.26
N ARG E 768 -43.69 12.74 -17.84
CA ARG E 768 -43.31 11.97 -16.68
C ARG E 768 -42.75 10.59 -17.02
N MET E 769 -42.88 10.12 -18.26
CA MET E 769 -42.48 8.77 -18.60
C MET E 769 -40.95 8.63 -18.52
N ARG E 770 -40.50 7.57 -17.83
CA ARG E 770 -39.08 7.29 -17.70
C ARG E 770 -38.71 5.83 -17.94
N LYS E 771 -39.66 4.89 -17.82
CA LYS E 771 -39.32 3.48 -17.93
C LYS E 771 -38.97 3.11 -19.38
N ASN E 772 -39.78 3.55 -20.34
CA ASN E 772 -39.53 3.22 -21.74
C ASN E 772 -40.01 4.40 -22.58
N SER E 773 -39.09 5.29 -22.91
CA SER E 773 -39.38 6.46 -23.74
C SER E 773 -38.87 6.22 -25.16
N GLY E 774 -39.00 7.25 -25.99
CA GLY E 774 -38.56 7.16 -27.36
C GLY E 774 -39.63 6.59 -28.28
N LEU E 775 -40.04 5.35 -28.02
CA LEU E 775 -41.11 4.75 -28.81
C LEU E 775 -42.42 5.49 -28.61
N LYS E 776 -42.70 5.90 -27.37
CA LYS E 776 -43.92 6.67 -27.11
C LYS E 776 -43.89 8.02 -27.80
N VAL E 777 -42.70 8.65 -27.85
CA VAL E 777 -42.59 9.93 -28.55
C VAL E 777 -42.82 9.78 -30.04
N ILE E 778 -42.26 8.73 -30.64
CA ILE E 778 -42.49 8.47 -32.06
C ILE E 778 -43.97 8.19 -32.32
N LEU E 779 -44.60 7.41 -31.44
CA LEU E 779 -46.03 7.14 -31.58
C LEU E 779 -46.86 8.42 -31.48
N GLY E 780 -46.49 9.31 -30.56
CA GLY E 780 -47.21 10.56 -30.43
C GLY E 780 -47.02 11.47 -31.63
N ILE E 781 -45.81 11.48 -32.20
CA ILE E 781 -45.56 12.30 -33.39
C ILE E 781 -46.33 11.76 -34.59
N LEU E 782 -46.31 10.44 -34.78
CA LEU E 782 -46.99 9.84 -35.92
C LEU E 782 -48.50 9.77 -35.70
N LEU E 783 -48.93 9.52 -34.46
CA LEU E 783 -50.35 9.43 -34.13
C LEU E 783 -50.71 10.53 -33.13
N PRO E 784 -51.24 11.66 -33.59
CA PRO E 784 -51.60 12.76 -32.68
C PRO E 784 -52.63 12.38 -31.62
N PRO E 785 -53.59 11.48 -31.89
CA PRO E 785 -54.48 11.05 -30.80
C PRO E 785 -53.75 10.42 -29.61
N SER E 786 -52.59 9.81 -29.82
CA SER E 786 -51.88 9.19 -28.71
C SER E 786 -51.23 10.21 -27.77
N ILE E 787 -51.22 11.49 -28.13
CA ILE E 787 -50.62 12.50 -27.27
C ILE E 787 -51.42 12.64 -25.97
N LEU E 788 -52.75 12.63 -26.07
CA LEU E 788 -53.64 12.84 -24.93
C LEU E 788 -53.74 11.62 -24.01
N SER E 789 -52.90 10.60 -24.22
CA SER E 789 -52.87 9.42 -23.36
C SER E 789 -51.58 9.32 -22.55
N LEU E 790 -50.84 10.43 -22.44
CA LEU E 790 -49.59 10.46 -21.71
C LEU E 790 -49.75 11.31 -20.45
N GLU E 791 -49.05 10.91 -19.39
CA GLU E 791 -49.07 11.67 -18.15
C GLU E 791 -48.13 12.87 -18.25
N PHE E 792 -48.55 13.99 -17.65
CA PHE E 792 -47.82 15.24 -17.72
C PHE E 792 -47.55 15.78 -16.33
N LYS E 793 -46.38 16.39 -16.15
CA LYS E 793 -46.05 17.03 -14.89
C LYS E 793 -46.89 18.29 -14.69
N ASN E 794 -47.21 18.57 -13.43
CA ASN E 794 -48.02 19.73 -13.07
C ASN E 794 -47.25 21.03 -13.23
N GLY E 861 -56.14 20.75 -24.86
CA GLY E 861 -55.75 21.93 -25.60
C GLY E 861 -54.32 22.35 -25.34
N ARG E 862 -54.04 22.73 -24.10
CA ARG E 862 -52.69 23.13 -23.73
C ARG E 862 -51.74 21.94 -23.65
N LYS E 863 -52.27 20.73 -23.55
CA LYS E 863 -51.43 19.54 -23.49
C LYS E 863 -50.63 19.34 -24.77
N ILE E 864 -51.21 19.67 -25.92
CA ILE E 864 -50.49 19.57 -27.19
C ILE E 864 -49.29 20.52 -27.19
N TYR E 865 -49.49 21.75 -26.72
CA TYR E 865 -48.40 22.72 -26.69
C TYR E 865 -47.30 22.28 -25.74
N GLU E 866 -47.67 21.69 -24.60
CA GLU E 866 -46.65 21.20 -23.67
C GLU E 866 -45.91 20.00 -24.25
N PHE E 867 -46.60 19.15 -25.00
CA PHE E 867 -45.94 18.00 -25.61
C PHE E 867 -44.96 18.42 -26.68
N TYR E 868 -45.38 19.28 -27.60
CA TYR E 868 -44.57 19.58 -28.77
C TYR E 868 -43.40 20.50 -28.46
N ASN E 869 -43.34 21.12 -27.28
CA ASN E 869 -42.24 21.99 -26.93
C ASN E 869 -41.17 21.31 -26.09
N ALA E 870 -41.33 20.02 -25.80
CA ALA E 870 -40.27 19.29 -25.12
C ALA E 870 -39.08 19.13 -26.05
N PRO E 871 -37.85 19.18 -25.51
CA PRO E 871 -36.68 18.95 -26.37
C PRO E 871 -36.65 17.58 -27.03
N ILE E 872 -37.14 16.54 -26.34
CA ILE E 872 -37.06 15.19 -26.88
C ILE E 872 -38.00 15.04 -28.09
N VAL E 873 -39.16 15.68 -28.04
CA VAL E 873 -40.10 15.62 -29.15
C VAL E 873 -39.53 16.35 -30.36
N LYS E 874 -38.92 17.52 -30.14
CA LYS E 874 -38.25 18.22 -31.23
C LYS E 874 -37.14 17.39 -31.83
N PHE E 875 -36.36 16.70 -30.98
CA PHE E 875 -35.27 15.88 -31.47
C PHE E 875 -35.79 14.73 -32.34
N TRP E 876 -36.86 14.07 -31.91
CA TRP E 876 -37.39 12.97 -32.71
C TRP E 876 -38.04 13.47 -34.00
N PHE E 877 -38.68 14.63 -33.97
CA PHE E 877 -39.21 15.22 -35.19
C PHE E 877 -38.10 15.51 -36.18
N TYR E 878 -36.99 16.10 -35.71
CA TYR E 878 -35.85 16.37 -36.58
C TYR E 878 -35.25 15.08 -37.11
N THR E 879 -35.16 14.04 -36.28
CA THR E 879 -34.60 12.77 -36.71
C THR E 879 -35.44 12.15 -37.82
N LEU E 880 -36.76 12.13 -37.65
CA LEU E 880 -37.62 11.56 -38.68
C LEU E 880 -37.56 12.36 -39.97
N ALA E 881 -37.50 13.69 -39.87
CA ALA E 881 -37.36 14.50 -41.08
C ALA E 881 -36.04 14.22 -41.79
N TYR E 882 -34.95 14.06 -41.03
CA TYR E 882 -33.66 13.77 -41.64
C TYR E 882 -33.65 12.40 -42.31
N ILE E 883 -34.31 11.42 -41.70
CA ILE E 883 -34.39 10.09 -42.31
C ILE E 883 -35.17 10.16 -43.62
N GLY E 884 -36.28 10.88 -43.63
CA GLY E 884 -37.04 11.04 -44.87
C GLY E 884 -36.24 11.75 -45.95
N TYR E 885 -35.48 12.78 -45.56
CA TYR E 885 -34.65 13.50 -46.51
C TYR E 885 -33.56 12.60 -47.10
N LEU E 886 -32.95 11.77 -46.26
CA LEU E 886 -31.94 10.83 -46.76
C LEU E 886 -32.56 9.84 -47.74
N MET E 887 -33.76 9.35 -47.43
CA MET E 887 -34.45 8.45 -48.34
C MET E 887 -34.70 9.10 -49.70
N LEU E 888 -35.18 10.34 -49.68
CA LEU E 888 -35.45 11.03 -50.95
C LEU E 888 -34.16 11.31 -51.73
N PHE E 889 -33.08 11.66 -51.03
CA PHE E 889 -31.80 11.89 -51.70
C PHE E 889 -31.31 10.62 -52.37
N ASN E 890 -31.39 9.48 -51.67
CA ASN E 890 -31.00 8.21 -52.27
C ASN E 890 -31.84 7.89 -53.49
N TYR E 891 -33.15 8.13 -53.40
CA TYR E 891 -34.01 7.85 -54.55
C TYR E 891 -33.61 8.70 -55.75
N ILE E 892 -33.37 10.00 -55.54
CA ILE E 892 -33.09 10.86 -56.68
C ILE E 892 -31.70 10.62 -57.26
N VAL E 893 -30.75 10.09 -56.49
CA VAL E 893 -29.44 9.81 -57.07
C VAL E 893 -29.36 8.41 -57.68
N LEU E 894 -30.19 7.47 -57.23
CA LEU E 894 -30.08 6.11 -57.76
C LEU E 894 -30.78 5.96 -59.10
N VAL E 895 -32.02 6.46 -59.21
CA VAL E 895 -32.82 6.29 -60.42
C VAL E 895 -32.43 7.33 -61.47
N LYS E 896 -32.92 7.15 -62.69
CA LYS E 896 -32.53 8.00 -63.81
C LYS E 896 -32.99 9.44 -63.59
N MET E 897 -32.11 10.38 -63.92
CA MET E 897 -32.36 11.80 -63.73
C MET E 897 -32.80 12.45 -65.04
N GLU E 898 -33.90 13.18 -64.99
CA GLU E 898 -34.50 13.76 -66.18
C GLU E 898 -33.98 15.18 -66.40
N ARG E 899 -34.60 15.91 -67.33
CA ARG E 899 -34.16 17.27 -67.64
C ARG E 899 -34.53 18.25 -66.56
N TRP E 900 -35.73 18.12 -66.00
CA TRP E 900 -36.15 19.01 -64.92
C TRP E 900 -36.33 18.21 -63.63
N PRO E 901 -36.13 18.84 -62.47
CA PRO E 901 -36.25 18.11 -61.20
C PRO E 901 -37.65 17.57 -60.99
N SER E 902 -37.72 16.37 -60.40
CA SER E 902 -38.99 15.75 -60.07
C SER E 902 -39.46 16.26 -58.72
N THR E 903 -40.55 15.68 -58.19
CA THR E 903 -41.09 16.11 -56.91
C THR E 903 -40.11 15.83 -55.78
N GLN E 904 -39.51 14.63 -55.76
CA GLN E 904 -38.56 14.29 -54.72
C GLN E 904 -37.33 15.19 -54.76
N GLU E 905 -36.87 15.51 -55.97
CA GLU E 905 -35.73 16.41 -56.10
C GLU E 905 -36.06 17.81 -55.59
N TRP E 906 -37.30 18.27 -55.85
CA TRP E 906 -37.70 19.57 -55.33
C TRP E 906 -37.79 19.55 -53.80
N ILE E 907 -38.23 18.43 -53.22
CA ILE E 907 -38.27 18.34 -51.76
C ILE E 907 -36.85 18.37 -51.19
N VAL E 908 -35.92 17.68 -51.82
CA VAL E 908 -34.53 17.70 -51.36
C VAL E 908 -33.94 19.11 -51.45
N ILE E 909 -34.21 19.79 -52.57
CA ILE E 909 -33.72 21.15 -52.74
C ILE E 909 -34.31 22.08 -51.69
N SER E 910 -35.61 21.93 -51.41
CA SER E 910 -36.24 22.75 -50.38
C SER E 910 -35.63 22.48 -49.01
N TYR E 911 -35.33 21.21 -48.71
CA TYR E 911 -34.69 20.89 -47.44
C TYR E 911 -33.34 21.59 -47.32
N ILE E 912 -32.53 21.52 -48.37
CA ILE E 912 -31.21 22.15 -48.33
C ILE E 912 -31.34 23.67 -48.17
N PHE E 913 -32.26 24.28 -48.92
CA PHE E 913 -32.44 25.73 -48.86
C PHE E 913 -32.91 26.17 -47.48
N THR E 914 -33.88 25.46 -46.90
CA THR E 914 -34.37 25.83 -45.57
C THR E 914 -33.32 25.57 -44.50
N LEU E 915 -32.49 24.52 -44.66
CA LEU E 915 -31.40 24.31 -43.72
C LEU E 915 -30.40 25.46 -43.78
N GLY E 916 -30.10 25.93 -44.99
CA GLY E 916 -29.22 27.08 -45.11
C GLY E 916 -29.80 28.33 -44.47
N ILE E 917 -31.11 28.54 -44.65
CA ILE E 917 -31.77 29.69 -44.01
C ILE E 917 -31.70 29.56 -42.49
N GLU E 918 -31.89 28.35 -41.97
CA GLU E 918 -31.79 28.12 -40.53
C GLU E 918 -30.38 28.38 -40.02
N LYS E 919 -29.37 27.98 -40.79
CA LYS E 919 -27.99 28.26 -40.39
C LYS E 919 -27.73 29.76 -40.36
N MET E 920 -28.23 30.50 -41.36
CA MET E 920 -28.07 31.95 -41.36
C MET E 920 -28.75 32.59 -40.16
N ARG E 921 -29.96 32.11 -39.83
CA ARG E 921 -30.67 32.64 -38.67
C ARG E 921 -29.90 32.35 -37.38
N GLU E 922 -29.32 31.15 -37.27
CA GLU E 922 -28.55 30.79 -36.09
C GLU E 922 -27.31 31.66 -35.96
N ILE E 923 -26.66 31.96 -37.08
CA ILE E 923 -25.51 32.86 -37.05
C ILE E 923 -25.94 34.26 -36.61
N LEU E 924 -27.06 34.75 -37.15
CA LEU E 924 -27.48 36.13 -36.88
C LEU E 924 -27.87 36.32 -35.41
N MET E 925 -28.46 35.31 -34.78
CA MET E 925 -28.93 35.44 -33.41
C MET E 925 -27.94 34.85 -32.41
N SER E 926 -26.65 35.00 -32.68
CA SER E 926 -25.61 34.48 -31.80
C SER E 926 -25.44 35.39 -30.59
N GLU E 927 -24.42 35.11 -29.78
CA GLU E 927 -24.18 35.84 -28.53
C GLU E 927 -23.53 37.21 -28.74
N PRO E 928 -22.44 37.35 -29.50
CA PRO E 928 -21.81 38.68 -29.63
C PRO E 928 -22.67 39.63 -30.45
N GLY E 929 -22.27 40.90 -30.42
CA GLY E 929 -23.00 41.93 -31.14
C GLY E 929 -22.37 42.31 -32.46
N LYS E 930 -21.17 41.82 -32.74
CA LYS E 930 -20.47 42.13 -33.98
C LYS E 930 -20.70 41.00 -34.99
N LEU E 931 -20.96 41.39 -36.24
CA LEU E 931 -21.25 40.41 -37.28
C LEU E 931 -20.06 39.48 -37.53
N LEU E 932 -18.86 40.05 -37.62
CA LEU E 932 -17.68 39.22 -37.86
C LEU E 932 -17.27 38.43 -36.63
N GLN E 933 -17.58 38.93 -35.44
CA GLN E 933 -17.31 38.17 -34.23
C GLN E 933 -18.23 36.97 -34.11
N LYS E 934 -19.50 37.13 -34.52
CA LYS E 934 -20.44 36.02 -34.47
C LYS E 934 -20.05 34.90 -35.43
N VAL E 935 -19.55 35.26 -36.61
CA VAL E 935 -19.14 34.24 -37.58
C VAL E 935 -17.95 33.44 -37.03
N LYS E 936 -16.99 34.11 -36.40
CA LYS E 936 -15.84 33.42 -35.86
C LYS E 936 -16.22 32.47 -34.74
N VAL E 937 -17.15 32.88 -33.87
CA VAL E 937 -17.58 31.99 -32.78
C VAL E 937 -18.51 30.90 -33.29
N TRP E 938 -19.18 31.10 -34.43
CA TRP E 938 -19.98 30.02 -35.00
C TRP E 938 -19.10 29.00 -35.69
N LEU E 939 -18.02 29.45 -36.34
CA LEU E 939 -17.11 28.54 -37.03
C LEU E 939 -16.09 27.96 -36.07
N GLN E 940 -16.55 27.41 -34.96
CA GLN E 940 -15.69 26.72 -34.00
C GLN E 940 -15.90 25.22 -34.02
N GLU E 941 -17.14 24.77 -33.99
CA GLU E 941 -17.43 23.36 -34.16
C GLU E 941 -17.22 22.96 -35.61
N TYR E 942 -16.57 21.81 -35.81
CA TYR E 942 -16.27 21.36 -37.16
C TYR E 942 -17.52 20.97 -37.94
N TRP E 943 -18.59 20.59 -37.24
CA TRP E 943 -19.83 20.23 -37.91
C TRP E 943 -20.40 21.42 -38.67
N ASN E 944 -20.34 22.61 -38.09
CA ASN E 944 -20.85 23.79 -38.77
C ASN E 944 -20.06 24.10 -40.03
N VAL E 945 -18.74 24.01 -39.97
CA VAL E 945 -17.90 24.27 -41.14
C VAL E 945 -18.20 23.25 -42.23
N THR E 946 -18.29 21.97 -41.86
CA THR E 946 -18.58 20.94 -42.84
C THR E 946 -19.96 21.13 -43.46
N ASP E 947 -20.95 21.52 -42.65
CA ASP E 947 -22.28 21.79 -43.17
C ASP E 947 -22.27 22.95 -44.15
N LEU E 948 -21.54 24.01 -43.84
CA LEU E 948 -21.44 25.14 -44.76
C LEU E 948 -20.81 24.72 -46.08
N ILE E 949 -19.72 23.96 -46.01
CA ILE E 949 -19.05 23.50 -47.23
C ILE E 949 -19.98 22.60 -48.05
N ALA E 950 -20.71 21.71 -47.37
CA ALA E 950 -21.60 20.79 -48.07
C ALA E 950 -22.77 21.53 -48.72
N ILE E 951 -23.33 22.52 -48.04
CA ILE E 951 -24.44 23.28 -48.63
C ILE E 951 -23.95 24.06 -49.84
N LEU E 952 -22.77 24.67 -49.76
CA LEU E 952 -22.22 25.37 -50.92
C LEU E 952 -21.98 24.42 -52.09
N LEU E 953 -21.42 23.24 -51.80
CA LEU E 953 -21.16 22.26 -52.85
C LEU E 953 -22.46 21.77 -53.48
N PHE E 954 -23.49 21.55 -52.67
CA PHE E 954 -24.78 21.13 -53.21
C PHE E 954 -25.39 22.22 -54.09
N SER E 955 -25.24 23.49 -53.68
CA SER E 955 -25.74 24.58 -54.51
C SER E 955 -25.01 24.63 -55.85
N VAL E 956 -23.69 24.43 -55.83
CA VAL E 956 -22.93 24.41 -57.08
C VAL E 956 -23.38 23.26 -57.96
N GLY E 957 -23.58 22.08 -57.37
CA GLY E 957 -24.03 20.93 -58.14
C GLY E 957 -25.42 21.12 -58.72
N MET E 958 -26.31 21.76 -57.98
CA MET E 958 -27.64 22.07 -58.49
C MET E 958 -27.57 23.08 -59.63
N ILE E 959 -26.69 24.08 -59.50
CA ILE E 959 -26.52 25.05 -60.58
C ILE E 959 -26.04 24.37 -61.86
N LEU E 960 -25.06 23.48 -61.73
CA LEU E 960 -24.59 22.73 -62.89
C LEU E 960 -25.63 21.73 -63.40
N ARG E 961 -26.56 21.30 -62.54
CA ARG E 961 -27.50 20.25 -62.93
C ARG E 961 -28.53 20.74 -63.93
N LEU E 962 -28.96 22.00 -63.79
CA LEU E 962 -29.99 22.57 -64.67
C LEU E 962 -29.38 23.13 -65.96
N GLN E 963 -28.59 22.31 -66.66
CA GLN E 963 -27.90 22.73 -67.87
C GLN E 963 -27.96 21.56 -68.85
N ASP E 964 -27.09 21.58 -69.86
CA ASP E 964 -27.04 20.52 -70.86
C ASP E 964 -26.44 19.26 -70.27
N GLN E 965 -26.24 18.24 -71.11
CA GLN E 965 -25.88 16.91 -70.64
C GLN E 965 -24.55 16.83 -69.88
N PRO E 966 -23.44 17.41 -70.35
CA PRO E 966 -22.19 17.28 -69.57
C PRO E 966 -22.27 17.96 -68.21
N PHE E 967 -22.80 19.19 -68.16
CA PHE E 967 -22.97 19.85 -66.88
C PHE E 967 -23.97 19.11 -66.00
N ARG E 968 -24.98 18.48 -66.62
CA ARG E 968 -25.91 17.67 -65.84
C ARG E 968 -25.21 16.48 -65.20
N SER E 969 -24.32 15.82 -65.93
CA SER E 969 -23.56 14.72 -65.35
C SER E 969 -22.64 15.21 -64.23
N ASP E 970 -22.02 16.37 -64.42
CA ASP E 970 -21.19 16.93 -63.36
C ASP E 970 -22.00 17.23 -62.11
N GLY E 971 -23.18 17.81 -62.28
CA GLY E 971 -24.06 18.04 -61.13
C GLY E 971 -24.48 16.75 -60.46
N ARG E 972 -24.71 15.70 -61.24
CA ARG E 972 -25.06 14.42 -60.65
C ARG E 972 -23.90 13.85 -59.82
N VAL E 973 -22.67 14.03 -60.31
CA VAL E 973 -21.52 13.56 -59.54
C VAL E 973 -21.38 14.36 -58.24
N ILE E 974 -21.63 15.67 -58.29
CA ILE E 974 -21.63 16.46 -57.06
C ILE E 974 -22.71 15.96 -56.10
N TYR E 975 -23.86 15.56 -56.65
CA TYR E 975 -24.91 14.97 -55.83
C TYR E 975 -24.44 13.70 -55.13
N CYS E 976 -23.68 12.86 -55.84
CA CYS E 976 -23.18 11.64 -55.24
C CYS E 976 -22.20 11.93 -54.09
N VAL E 977 -21.31 12.90 -54.29
CA VAL E 977 -20.39 13.28 -53.22
C VAL E 977 -21.17 13.81 -52.00
N ASN E 978 -22.20 14.61 -52.26
CA ASN E 978 -23.00 15.13 -51.17
C ASN E 978 -23.76 14.02 -50.46
N ILE E 979 -24.22 12.98 -51.17
CA ILE E 979 -24.92 11.91 -50.47
C ILE E 979 -23.94 11.14 -49.60
N ILE E 980 -22.67 11.05 -50.01
CA ILE E 980 -21.66 10.50 -49.10
C ILE E 980 -21.61 11.30 -47.81
N TYR E 981 -21.53 12.63 -47.93
CA TYR E 981 -21.41 13.45 -46.72
C TYR E 981 -22.65 13.34 -45.83
N TRP E 982 -23.84 13.37 -46.44
CA TRP E 982 -25.06 13.34 -45.65
C TRP E 982 -25.29 11.98 -45.02
N TYR E 983 -24.76 10.91 -45.63
CA TYR E 983 -24.75 9.62 -44.96
C TYR E 983 -23.82 9.63 -43.75
N ILE E 984 -22.64 10.24 -43.90
CA ILE E 984 -21.70 10.29 -42.78
C ILE E 984 -22.28 11.10 -41.63
N ARG E 985 -23.06 12.13 -41.92
CA ARG E 985 -23.60 12.98 -40.85
C ARG E 985 -24.65 12.28 -39.96
N LEU E 986 -24.99 10.99 -40.10
CA LEU E 986 -25.90 10.35 -39.15
C LEU E 986 -25.24 10.09 -37.81
N LEU E 987 -23.91 10.19 -37.73
CA LEU E 987 -23.24 9.96 -36.46
C LEU E 987 -23.55 11.05 -35.45
N ASP E 988 -23.83 12.27 -35.92
CA ASP E 988 -24.25 13.33 -35.02
C ASP E 988 -25.59 13.00 -34.37
N ILE E 989 -26.51 12.42 -35.13
CA ILE E 989 -27.77 11.95 -34.56
C ILE E 989 -27.51 10.79 -33.61
N PHE E 990 -26.62 9.87 -33.99
CA PHE E 990 -26.31 8.73 -33.12
C PHE E 990 -25.69 9.16 -31.80
N GLY E 991 -25.04 10.33 -31.78
CA GLY E 991 -24.37 10.79 -30.58
C GLY E 991 -25.26 11.03 -29.39
N VAL E 992 -26.57 11.13 -29.61
CA VAL E 992 -27.50 11.29 -28.49
C VAL E 992 -27.55 10.02 -27.64
N ASN E 993 -27.37 8.86 -28.25
CA ASN E 993 -27.40 7.61 -27.52
C ASN E 993 -26.24 7.54 -26.53
N LYS E 994 -26.47 6.85 -25.42
CA LYS E 994 -25.49 6.81 -24.34
C LYS E 994 -24.22 6.07 -24.75
N TYR E 995 -24.35 5.01 -25.55
CA TYR E 995 -23.23 4.17 -25.90
C TYR E 995 -22.64 4.45 -27.28
N LEU E 996 -23.36 5.18 -28.13
CA LEU E 996 -22.88 5.47 -29.47
C LEU E 996 -22.24 6.84 -29.60
N GLY E 997 -22.08 7.58 -28.51
CA GLY E 997 -21.37 8.84 -28.53
C GLY E 997 -19.89 8.70 -28.19
N PRO E 998 -19.60 8.10 -27.04
CA PRO E 998 -18.20 7.81 -26.70
C PRO E 998 -17.48 6.99 -27.75
N TYR E 999 -18.17 6.04 -28.40
CA TYR E 999 -17.54 5.26 -29.45
C TYR E 999 -17.13 6.15 -30.63
N VAL E 1000 -17.98 7.11 -31.00
CA VAL E 1000 -17.64 8.01 -32.08
C VAL E 1000 -16.45 8.89 -31.71
N MET E 1001 -16.39 9.35 -30.45
CA MET E 1001 -15.24 10.15 -30.04
C MET E 1001 -13.95 9.32 -30.04
N MET E 1002 -14.03 8.07 -29.58
CA MET E 1002 -12.88 7.18 -29.64
C MET E 1002 -12.42 6.97 -31.07
N ILE E 1003 -13.37 6.82 -31.99
CA ILE E 1003 -13.04 6.73 -33.41
C ILE E 1003 -12.30 7.98 -33.87
N GLY E 1004 -12.75 9.14 -33.39
CA GLY E 1004 -12.09 10.39 -33.76
C GLY E 1004 -10.62 10.44 -33.36
N LYS E 1005 -10.31 9.96 -32.16
CA LYS E 1005 -8.90 9.98 -31.72
C LYS E 1005 -8.06 8.88 -32.37
N MET E 1006 -8.62 7.68 -32.49
CA MET E 1006 -7.92 6.62 -33.18
C MET E 1006 -7.65 6.96 -34.64
N MET E 1007 -8.44 7.88 -35.22
CA MET E 1007 -8.13 8.36 -36.57
C MET E 1007 -6.78 9.08 -36.60
N ILE E 1008 -6.48 9.88 -35.58
CA ILE E 1008 -5.20 10.56 -35.54
C ILE E 1008 -4.07 9.55 -35.45
N ASP E 1009 -4.22 8.55 -34.58
CA ASP E 1009 -3.16 7.53 -34.48
C ASP E 1009 -2.99 6.76 -35.79
N MET E 1010 -4.09 6.38 -36.42
CA MET E 1010 -4.04 5.65 -37.68
C MET E 1010 -3.37 6.48 -38.77
N MET E 1011 -3.66 7.78 -38.81
CA MET E 1011 -3.03 8.65 -39.80
C MET E 1011 -1.55 8.82 -39.53
N TYR E 1012 -1.13 8.69 -38.28
CA TYR E 1012 0.31 8.68 -38.02
C TYR E 1012 0.98 7.43 -38.59
N PHE E 1013 0.29 6.29 -38.54
CA PHE E 1013 0.90 5.07 -39.11
C PHE E 1013 0.79 4.99 -40.64
N VAL E 1014 -0.20 5.67 -41.23
CA VAL E 1014 -0.42 5.59 -42.67
C VAL E 1014 0.77 6.14 -43.45
N ILE E 1015 1.52 7.08 -42.88
CA ILE E 1015 2.67 7.66 -43.58
C ILE E 1015 3.75 6.61 -43.81
N ILE E 1016 4.07 5.84 -42.77
CA ILE E 1016 5.05 4.76 -42.90
C ILE E 1016 4.55 3.70 -43.87
N MET E 1017 3.26 3.36 -43.77
CA MET E 1017 2.69 2.41 -44.72
C MET E 1017 2.85 2.90 -46.15
N LEU E 1018 2.62 4.20 -46.38
CA LEU E 1018 2.72 4.77 -47.72
C LEU E 1018 4.14 4.76 -48.23
N VAL E 1019 5.11 5.00 -47.35
CA VAL E 1019 6.52 4.93 -47.75
C VAL E 1019 6.86 3.54 -48.25
N VAL E 1020 6.49 2.51 -47.49
CA VAL E 1020 6.79 1.13 -47.90
C VAL E 1020 6.07 0.79 -49.21
N LEU E 1021 4.79 1.18 -49.31
CA LEU E 1021 4.01 0.89 -50.51
C LEU E 1021 4.62 1.53 -51.74
N MET E 1022 5.02 2.80 -51.63
CA MET E 1022 5.60 3.50 -52.78
C MET E 1022 6.92 2.87 -53.18
N SER E 1023 7.75 2.47 -52.20
CA SER E 1023 9.01 1.82 -52.55
C SER E 1023 8.78 0.55 -53.37
N PHE E 1024 7.90 -0.32 -52.88
CA PHE E 1024 7.62 -1.55 -53.62
C PHE E 1024 7.02 -1.27 -54.99
N GLY E 1025 6.07 -0.34 -55.06
CA GLY E 1025 5.41 -0.08 -56.33
C GLY E 1025 6.36 0.48 -57.38
N VAL E 1026 7.19 1.44 -56.99
CA VAL E 1026 8.16 2.00 -57.94
C VAL E 1026 9.14 0.94 -58.41
N ALA E 1027 9.65 0.12 -57.47
CA ALA E 1027 10.60 -0.91 -57.86
C ALA E 1027 9.97 -1.91 -58.84
N ARG E 1028 8.76 -2.37 -58.54
CA ARG E 1028 8.11 -3.35 -59.41
C ARG E 1028 7.82 -2.78 -60.79
N GLN E 1029 7.24 -1.57 -60.84
CA GLN E 1029 6.89 -0.97 -62.12
C GLN E 1029 8.13 -0.68 -62.96
N ALA E 1030 9.24 -0.29 -62.31
CA ALA E 1030 10.45 -0.02 -63.04
C ALA E 1030 11.10 -1.31 -63.54
N ILE E 1031 11.01 -2.39 -62.76
CA ILE E 1031 11.59 -3.66 -63.18
C ILE E 1031 10.82 -4.24 -64.37
N LEU E 1032 9.50 -4.30 -64.26
CA LEU E 1032 8.73 -5.06 -65.23
C LEU E 1032 8.54 -4.33 -66.56
N PHE E 1033 8.44 -3.00 -66.55
CA PHE E 1033 8.11 -2.23 -67.75
C PHE E 1033 9.20 -1.20 -68.03
N PRO E 1034 10.24 -1.57 -68.77
CA PRO E 1034 11.36 -0.64 -69.03
C PRO E 1034 11.28 0.13 -70.34
N ASN E 1035 10.18 0.04 -71.08
CA ASN E 1035 10.03 0.69 -72.38
C ASN E 1035 8.77 1.55 -72.40
N GLU E 1036 8.59 2.37 -71.37
CA GLU E 1036 7.41 3.19 -71.21
C GLU E 1036 7.73 4.65 -71.45
N GLU E 1037 6.95 5.30 -72.31
CA GLU E 1037 7.03 6.73 -72.47
C GLU E 1037 6.46 7.42 -71.23
N PRO E 1038 6.90 8.64 -70.93
CA PRO E 1038 6.37 9.32 -69.73
C PRO E 1038 4.90 9.69 -69.87
N SER E 1039 4.05 9.02 -69.11
CA SER E 1039 2.63 9.29 -69.09
C SER E 1039 2.14 9.21 -67.65
N TRP E 1040 1.00 9.86 -67.38
CA TRP E 1040 0.47 9.90 -66.02
C TRP E 1040 0.01 8.54 -65.52
N LYS E 1041 -0.09 7.54 -66.38
CA LYS E 1041 -0.35 6.18 -65.92
C LYS E 1041 0.82 5.61 -65.13
N LEU E 1042 2.02 6.16 -65.29
CA LEU E 1042 3.15 5.73 -64.47
C LEU E 1042 2.95 6.11 -63.01
N ALA E 1043 2.25 7.21 -62.74
CA ALA E 1043 1.97 7.62 -61.37
C ALA E 1043 0.76 6.91 -60.78
N LYS E 1044 0.05 6.11 -61.57
CA LYS E 1044 -1.11 5.37 -61.09
C LYS E 1044 -0.77 3.92 -60.79
N ASN E 1045 0.10 3.30 -61.59
CA ASN E 1045 0.51 1.92 -61.36
C ASN E 1045 1.33 1.76 -60.08
N ILE E 1046 1.89 2.85 -59.56
CA ILE E 1046 2.65 2.79 -58.32
C ILE E 1046 1.74 2.54 -57.14
N PHE E 1047 0.59 3.23 -57.08
CA PHE E 1047 -0.26 3.17 -55.91
C PHE E 1047 -1.35 2.11 -56.00
N TYR E 1048 -1.86 1.82 -57.19
CA TYR E 1048 -3.07 1.03 -57.37
C TYR E 1048 -2.94 -0.39 -56.83
N MET E 1049 -2.11 -1.19 -57.49
CA MET E 1049 -2.04 -2.62 -57.17
C MET E 1049 -1.28 -2.91 -55.88
N PRO E 1050 -0.20 -2.20 -55.54
CA PRO E 1050 0.36 -2.37 -54.20
C PRO E 1050 -0.62 -2.03 -53.09
N TYR E 1051 -1.56 -1.11 -53.30
CA TYR E 1051 -2.57 -0.85 -52.29
C TYR E 1051 -3.62 -1.95 -52.23
N TRP E 1052 -4.09 -2.43 -53.39
CA TRP E 1052 -5.11 -3.48 -53.34
C TRP E 1052 -4.54 -4.80 -52.86
N MET E 1053 -3.23 -5.01 -52.99
CA MET E 1053 -2.63 -6.28 -52.61
C MET E 1053 -2.70 -6.56 -51.11
N ILE E 1054 -2.65 -5.52 -50.27
CA ILE E 1054 -2.65 -5.71 -48.83
C ILE E 1054 -4.05 -5.84 -48.25
N TYR E 1055 -5.08 -5.85 -49.10
CA TYR E 1055 -6.45 -6.05 -48.65
C TYR E 1055 -7.04 -7.34 -49.19
N GLY E 1056 -6.20 -8.30 -49.55
CA GLY E 1056 -6.66 -9.59 -49.99
C GLY E 1056 -6.85 -9.76 -51.48
N GLU E 1057 -6.16 -9.00 -52.31
CA GLU E 1057 -6.21 -9.16 -53.76
C GLU E 1057 -4.86 -9.58 -54.32
N VAL E 1058 -4.12 -10.41 -53.58
CA VAL E 1058 -2.83 -10.90 -54.07
C VAL E 1058 -3.07 -11.78 -55.27
N PHE E 1059 -2.58 -11.35 -56.43
CA PHE E 1059 -2.87 -12.02 -57.70
C PHE E 1059 -1.56 -12.26 -58.44
N ALA E 1060 -0.98 -13.44 -58.27
CA ALA E 1060 0.15 -13.83 -59.11
C ALA E 1060 -0.32 -13.99 -60.55
N ASP E 1061 0.62 -13.82 -61.48
CA ASP E 1061 0.43 -13.78 -62.94
C ASP E 1061 -0.22 -12.47 -63.36
N GLN E 1062 -0.66 -11.67 -62.41
CA GLN E 1062 -0.87 -10.24 -62.60
C GLN E 1062 0.29 -9.44 -62.07
N ILE E 1063 0.83 -9.86 -60.94
CA ILE E 1063 2.17 -9.50 -60.50
C ILE E 1063 3.03 -10.75 -60.63
N ASP E 1064 4.30 -10.56 -60.97
CA ASP E 1064 5.21 -11.64 -61.34
C ASP E 1064 4.64 -12.47 -62.49
N PRO E 1065 4.46 -11.87 -63.68
CA PRO E 1065 3.82 -12.60 -64.76
C PRO E 1065 4.72 -13.72 -65.26
N PRO E 1066 4.15 -14.81 -65.77
CA PRO E 1066 4.98 -15.90 -66.31
C PRO E 1066 5.60 -15.49 -67.63
N CYS E 1067 6.93 -15.53 -67.68
CA CYS E 1067 7.67 -15.15 -68.89
C CYS E 1067 9.07 -15.74 -68.87
N GLN E 1080 6.38 -19.51 -77.76
CA GLN E 1080 5.05 -19.37 -77.19
C GLN E 1080 5.05 -18.40 -76.01
N LEU E 1081 5.97 -18.62 -75.08
CA LEU E 1081 6.08 -17.76 -73.90
C LEU E 1081 6.87 -16.51 -74.24
N PRO E 1082 6.37 -15.32 -73.91
CA PRO E 1082 7.15 -14.10 -74.15
C PRO E 1082 8.42 -14.11 -73.33
N PRO E 1083 9.48 -13.45 -73.82
CA PRO E 1083 10.75 -13.47 -73.09
C PRO E 1083 10.66 -12.78 -71.75
N CYS E 1084 11.44 -13.28 -70.80
CA CYS E 1084 11.45 -12.74 -69.46
C CYS E 1084 12.32 -11.49 -69.39
N LYS E 1085 11.86 -10.52 -68.61
CA LYS E 1085 12.60 -9.28 -68.44
C LYS E 1085 13.85 -9.53 -67.59
N THR E 1086 14.84 -8.66 -67.77
CA THR E 1086 16.07 -8.77 -67.00
C THR E 1086 15.80 -8.45 -65.54
N GLY E 1087 16.20 -9.34 -64.64
CA GLY E 1087 15.98 -9.13 -63.24
C GLY E 1087 14.54 -9.25 -62.79
N ALA E 1088 13.70 -9.97 -63.55
CA ALA E 1088 12.29 -10.09 -63.20
C ALA E 1088 12.04 -11.03 -62.04
N TRP E 1089 13.04 -11.80 -61.61
CA TRP E 1089 12.89 -12.67 -60.46
C TRP E 1089 12.91 -11.91 -59.14
N ILE E 1090 13.32 -10.64 -59.14
CA ILE E 1090 13.41 -9.88 -57.90
C ILE E 1090 12.02 -9.57 -57.36
N VAL E 1091 11.02 -9.47 -58.22
CA VAL E 1091 9.71 -8.94 -57.86
C VAL E 1091 8.99 -9.81 -56.83
N PRO E 1092 8.91 -11.14 -56.94
CA PRO E 1092 8.31 -11.90 -55.83
C PRO E 1092 9.12 -11.85 -54.55
N ALA E 1093 10.45 -11.74 -54.65
CA ALA E 1093 11.27 -11.60 -53.45
C ALA E 1093 10.97 -10.29 -52.72
N ILE E 1094 10.73 -9.22 -53.48
CA ILE E 1094 10.31 -7.96 -52.86
C ILE E 1094 8.89 -8.08 -52.33
N MET E 1095 8.02 -8.83 -53.02
CA MET E 1095 6.65 -9.02 -52.58
C MET E 1095 6.59 -9.70 -51.23
N ALA E 1096 7.42 -10.71 -51.01
CA ALA E 1096 7.42 -11.43 -49.74
C ALA E 1096 7.73 -10.49 -48.58
N CYS E 1097 8.80 -9.70 -48.72
CA CYS E 1097 9.19 -8.75 -47.68
C CYS E 1097 8.13 -7.66 -47.49
N TYR E 1098 7.57 -7.16 -48.59
CA TYR E 1098 6.56 -6.12 -48.50
C TYR E 1098 5.32 -6.59 -47.77
N LEU E 1099 4.84 -7.80 -48.08
CA LEU E 1099 3.68 -8.33 -47.39
C LEU E 1099 3.99 -8.61 -45.93
N LEU E 1100 5.19 -9.13 -45.64
CA LEU E 1100 5.56 -9.40 -44.25
C LEU E 1100 5.61 -8.12 -43.43
N VAL E 1101 6.13 -7.04 -44.01
CA VAL E 1101 6.20 -5.77 -43.29
C VAL E 1101 4.80 -5.16 -43.14
N ALA E 1102 4.00 -5.18 -44.20
CA ALA E 1102 2.73 -4.46 -44.17
C ALA E 1102 1.68 -5.17 -43.33
N ASN E 1103 1.63 -6.51 -43.41
CA ASN E 1103 0.51 -7.25 -42.83
C ASN E 1103 0.84 -7.98 -41.54
N ILE E 1104 2.10 -7.98 -41.09
CA ILE E 1104 2.44 -8.70 -39.87
C ILE E 1104 3.04 -7.75 -38.85
N LEU E 1105 3.72 -6.72 -39.31
CA LEU E 1105 4.46 -5.82 -38.42
C LEU E 1105 3.69 -4.55 -38.11
N LEU E 1106 3.35 -3.78 -39.14
CA LEU E 1106 2.74 -2.47 -38.91
C LEU E 1106 1.32 -2.59 -38.38
N VAL E 1107 0.53 -3.54 -38.91
CA VAL E 1107 -0.84 -3.67 -38.46
C VAL E 1107 -0.90 -4.20 -37.03
N ASN E 1108 0.01 -5.12 -36.67
CA ASN E 1108 0.02 -5.63 -35.31
C ASN E 1108 0.53 -4.57 -34.33
N LEU E 1109 1.48 -3.74 -34.75
CA LEU E 1109 1.90 -2.63 -33.90
C LEU E 1109 0.78 -1.62 -33.72
N LEU E 1110 0.00 -1.38 -34.78
CA LEU E 1110 -1.15 -0.48 -34.65
C LEU E 1110 -2.21 -1.06 -33.73
N ILE E 1111 -2.42 -2.38 -33.79
CA ILE E 1111 -3.34 -3.03 -32.86
C ILE E 1111 -2.86 -2.84 -31.42
N ALA E 1112 -1.56 -3.02 -31.19
CA ALA E 1112 -1.01 -2.82 -29.84
C ALA E 1112 -1.19 -1.37 -29.38
N VAL E 1113 -0.98 -0.41 -30.29
CA VAL E 1113 -1.13 1.00 -29.93
C VAL E 1113 -2.58 1.30 -29.56
N PHE E 1114 -3.53 0.81 -30.35
CA PHE E 1114 -4.95 0.99 -30.03
C PHE E 1114 -5.30 0.30 -28.71
N ASN E 1115 -4.66 -0.82 -28.42
CA ASN E 1115 -4.98 -1.59 -27.23
C ASN E 1115 -4.50 -0.89 -25.96
N ASN E 1116 -3.26 -0.38 -25.98
CA ASN E 1116 -2.67 0.15 -24.78
C ASN E 1116 -3.06 1.60 -24.49
N THR E 1117 -3.74 2.27 -25.41
CA THR E 1117 -4.21 3.64 -25.21
C THR E 1117 -5.72 3.72 -25.34
N PHE E 1118 -6.42 2.78 -24.71
CA PHE E 1118 -7.87 2.72 -24.79
C PHE E 1118 -8.59 3.16 -23.53
N PHE E 1119 -8.00 2.91 -22.36
CA PHE E 1119 -8.66 3.28 -21.11
C PHE E 1119 -8.76 4.79 -20.95
N GLU E 1120 -7.65 5.50 -21.21
CA GLU E 1120 -7.66 6.95 -21.10
C GLU E 1120 -8.60 7.58 -22.12
N VAL E 1121 -8.57 7.08 -23.36
CA VAL E 1121 -9.44 7.61 -24.40
C VAL E 1121 -10.90 7.36 -24.05
N LYS E 1122 -11.20 6.19 -23.50
CA LYS E 1122 -12.57 5.87 -23.11
C LYS E 1122 -13.07 6.80 -22.02
N SER E 1123 -12.26 7.01 -20.98
CA SER E 1123 -12.68 7.88 -19.88
C SER E 1123 -12.85 9.32 -20.34
N ILE E 1124 -11.90 9.82 -21.16
CA ILE E 1124 -12.00 11.18 -21.66
C ILE E 1124 -13.24 11.34 -22.53
N SER E 1125 -13.54 10.35 -23.37
CA SER E 1125 -14.70 10.42 -24.24
C SER E 1125 -15.99 10.43 -23.42
N ASN E 1126 -16.06 9.61 -22.36
CA ASN E 1126 -17.23 9.62 -21.50
C ASN E 1126 -17.44 10.99 -20.87
N GLN E 1127 -16.37 11.58 -20.32
CA GLN E 1127 -16.49 12.89 -19.68
C GLN E 1127 -16.90 13.96 -20.69
N VAL E 1128 -16.32 13.95 -21.89
CA VAL E 1128 -16.64 14.96 -22.87
C VAL E 1128 -18.07 14.83 -23.36
N TRP E 1129 -18.55 13.59 -23.55
CA TRP E 1129 -19.94 13.40 -23.97
C TRP E 1129 -20.91 13.87 -22.88
N LYS E 1130 -20.62 13.54 -21.62
CA LYS E 1130 -21.49 13.99 -20.54
C LYS E 1130 -21.45 15.50 -20.38
N PHE E 1131 -20.35 16.15 -20.79
CA PHE E 1131 -20.31 17.60 -20.80
C PHE E 1131 -21.17 18.16 -21.93
N GLN E 1132 -21.03 17.61 -23.13
CA GLN E 1132 -21.71 18.15 -24.30
C GLN E 1132 -23.21 17.84 -24.34
N ARG E 1133 -23.68 16.98 -23.44
CA ARG E 1133 -25.13 16.81 -23.28
C ARG E 1133 -25.82 18.14 -23.01
N TYR E 1134 -25.18 19.03 -22.25
CA TYR E 1134 -25.77 20.33 -21.95
C TYR E 1134 -25.96 21.15 -23.22
N GLN E 1135 -24.95 21.19 -24.09
CA GLN E 1135 -25.08 21.93 -25.33
C GLN E 1135 -26.14 21.35 -26.23
N LEU E 1136 -26.23 20.01 -26.27
CA LEU E 1136 -27.31 19.37 -27.05
C LEU E 1136 -28.68 19.79 -26.54
N ILE E 1137 -28.88 19.72 -25.24
CA ILE E 1137 -30.19 20.04 -24.66
C ILE E 1137 -30.53 21.51 -24.88
N MET E 1138 -29.55 22.40 -24.72
CA MET E 1138 -29.81 23.81 -24.91
C MET E 1138 -30.12 24.14 -26.38
N THR E 1139 -29.37 23.56 -27.32
CA THR E 1139 -29.62 23.86 -28.72
C THR E 1139 -30.92 23.23 -29.21
N PHE E 1140 -31.43 22.19 -28.54
CA PHE E 1140 -32.75 21.70 -28.91
C PHE E 1140 -33.87 22.37 -28.13
N HIS E 1141 -33.56 23.05 -27.03
CA HIS E 1141 -34.56 23.90 -26.39
C HIS E 1141 -34.76 25.19 -27.16
N GLU E 1142 -33.69 25.74 -27.73
CA GLU E 1142 -33.78 27.00 -28.44
C GLU E 1142 -34.42 26.85 -29.82
N ARG E 1143 -34.31 25.68 -30.44
CA ARG E 1143 -34.70 25.51 -31.84
C ARG E 1143 -36.22 25.61 -32.01
N PRO E 1144 -36.67 25.98 -33.20
CA PRO E 1144 -38.12 26.00 -33.47
C PRO E 1144 -38.72 24.61 -33.45
N VAL E 1145 -40.04 24.57 -33.38
CA VAL E 1145 -40.74 23.30 -33.26
C VAL E 1145 -40.88 22.58 -34.61
N LEU E 1146 -40.74 23.29 -35.72
CA LEU E 1146 -40.94 22.53 -36.95
C LEU E 1146 -39.61 22.08 -37.54
N PRO E 1147 -39.57 20.88 -38.12
CA PRO E 1147 -38.34 20.37 -38.72
C PRO E 1147 -37.95 21.17 -39.95
N PRO E 1148 -36.72 21.03 -40.42
CA PRO E 1148 -36.20 21.90 -41.50
C PRO E 1148 -37.00 21.87 -42.79
N PRO E 1149 -37.54 20.72 -43.26
CA PRO E 1149 -38.27 20.77 -44.53
C PRO E 1149 -39.48 21.70 -44.52
N LEU E 1150 -40.13 21.87 -43.38
CA LEU E 1150 -41.25 22.79 -43.24
C LEU E 1150 -41.00 23.81 -42.14
N ILE E 1151 -39.72 24.16 -41.93
CA ILE E 1151 -39.38 25.20 -40.95
C ILE E 1151 -39.61 26.59 -41.49
N ILE E 1152 -39.88 26.73 -42.79
CA ILE E 1152 -40.09 28.04 -43.39
C ILE E 1152 -41.33 28.72 -42.79
N PHE E 1153 -42.29 27.93 -42.32
CA PHE E 1153 -43.46 28.50 -41.65
C PHE E 1153 -43.07 29.20 -40.35
N SER E 1154 -42.18 28.58 -39.57
CA SER E 1154 -41.76 29.19 -38.31
C SER E 1154 -40.92 30.44 -38.54
N HIS E 1155 -40.15 30.48 -39.62
CA HIS E 1155 -39.39 31.69 -39.92
C HIS E 1155 -40.32 32.84 -40.30
N MET E 1156 -41.39 32.55 -41.04
CA MET E 1156 -42.36 33.59 -41.37
C MET E 1156 -43.10 34.07 -40.13
N THR E 1157 -43.31 33.18 -39.16
CA THR E 1157 -43.90 33.60 -37.89
C THR E 1157 -42.98 34.56 -37.15
N MET E 1158 -41.67 34.31 -37.19
CA MET E 1158 -40.72 35.22 -36.56
C MET E 1158 -40.71 36.59 -37.23
N ILE E 1159 -41.02 36.63 -38.53
CA ILE E 1159 -41.11 37.91 -39.22
C ILE E 1159 -42.27 38.72 -38.68
N PHE E 1160 -43.42 38.08 -38.43
CA PHE E 1160 -44.56 38.79 -37.87
C PHE E 1160 -44.28 39.26 -36.45
N GLN E 1161 -43.61 38.44 -35.64
CA GLN E 1161 -43.26 38.83 -34.29
C GLN E 1161 -42.14 39.85 -34.24
N HIS E 1162 -41.45 40.07 -35.36
CA HIS E 1162 -40.39 41.09 -35.39
C HIS E 1162 -40.97 42.49 -35.27
N VAL E 1163 -42.13 42.73 -35.89
CA VAL E 1163 -42.78 44.02 -35.81
C VAL E 1163 -43.77 44.11 -34.64
N CYS E 1164 -43.90 43.07 -33.85
CA CYS E 1164 -44.80 43.08 -32.71
C CYS E 1164 -44.08 43.57 -31.46
N ARG E 1177 -37.93 32.61 -19.99
CA ARG E 1177 -37.37 31.31 -19.63
C ARG E 1177 -37.91 30.84 -18.28
N ASP E 1178 -39.18 30.43 -18.24
CA ASP E 1178 -39.75 29.91 -17.01
C ASP E 1178 -39.02 28.65 -16.55
N TYR E 1179 -38.70 27.77 -17.49
CA TYR E 1179 -37.82 26.65 -17.23
C TYR E 1179 -37.14 26.26 -18.54
N GLY E 1180 -36.04 25.52 -18.41
CA GLY E 1180 -35.21 25.20 -19.55
C GLY E 1180 -33.85 25.84 -19.39
N LEU E 1181 -33.83 27.02 -18.78
CA LEU E 1181 -32.58 27.65 -18.35
C LEU E 1181 -32.54 27.88 -16.85
N LYS E 1182 -33.55 28.57 -16.29
CA LYS E 1182 -33.51 29.04 -14.92
C LYS E 1182 -34.74 28.55 -14.18
N LEU E 1183 -34.83 28.93 -12.90
CA LEU E 1183 -35.95 28.54 -12.05
C LEU E 1183 -36.12 29.63 -10.99
N PHE E 1184 -37.07 30.54 -11.23
CA PHE E 1184 -37.27 31.67 -10.34
C PHE E 1184 -38.04 31.24 -9.10
N ILE E 1185 -37.58 31.70 -7.94
CA ILE E 1185 -38.20 31.34 -6.66
C ILE E 1185 -38.40 32.61 -5.83
N THR E 1186 -39.26 32.48 -4.83
CA THR E 1186 -39.62 33.60 -3.97
C THR E 1186 -38.53 33.84 -2.93
N ASP E 1187 -38.79 34.75 -1.99
CA ASP E 1187 -37.79 35.08 -0.97
C ASP E 1187 -37.69 34.01 0.10
N ASP E 1188 -38.82 33.41 0.49
CA ASP E 1188 -38.78 32.35 1.49
C ASP E 1188 -38.05 31.11 0.96
N GLU E 1189 -38.30 30.74 -0.30
CA GLU E 1189 -37.56 29.64 -0.90
C GLU E 1189 -36.09 29.98 -1.04
N LEU E 1190 -35.77 31.23 -1.35
CA LEU E 1190 -34.38 31.65 -1.44
C LEU E 1190 -33.68 31.53 -0.10
N LYS E 1191 -34.36 31.94 0.97
CA LYS E 1191 -33.77 31.80 2.31
C LYS E 1191 -33.60 30.34 2.69
N LYS E 1192 -34.57 29.50 2.33
CA LYS E 1192 -34.44 28.07 2.60
C LYS E 1192 -33.26 27.47 1.87
N VAL E 1193 -33.06 27.85 0.61
CA VAL E 1193 -31.92 27.36 -0.18
C VAL E 1193 -30.62 27.84 0.45
N HIS E 1194 -30.57 29.10 0.89
CA HIS E 1194 -29.37 29.63 1.52
C HIS E 1194 -29.03 28.87 2.79
N ASP E 1195 -30.04 28.59 3.62
CA ASP E 1195 -29.81 27.83 4.85
C ASP E 1195 -29.34 26.42 4.56
N PHE E 1196 -29.93 25.78 3.54
CA PHE E 1196 -29.50 24.44 3.15
C PHE E 1196 -28.06 24.44 2.70
N GLU E 1197 -27.66 25.44 1.90
CA GLU E 1197 -26.29 25.51 1.43
C GLU E 1197 -25.30 25.75 2.57
N GLU E 1198 -25.67 26.62 3.52
CA GLU E 1198 -24.79 26.85 4.67
C GLU E 1198 -24.63 25.59 5.50
N GLN E 1199 -25.72 24.85 5.71
CA GLN E 1199 -25.63 23.59 6.44
C GLN E 1199 -24.73 22.60 5.71
N CYS E 1200 -24.86 22.54 4.38
CA CYS E 1200 -24.04 21.60 3.59
C CYS E 1200 -22.56 21.96 3.67
N ILE E 1201 -22.22 23.25 3.56
CA ILE E 1201 -20.81 23.61 3.57
C ILE E 1201 -20.21 23.42 4.97
N GLU E 1202 -20.99 23.70 6.02
CA GLU E 1202 -20.52 23.43 7.37
C GLU E 1202 -20.27 21.94 7.59
N GLU E 1203 -21.19 21.10 7.12
CA GLU E 1203 -21.03 19.65 7.24
C GLU E 1203 -19.81 19.18 6.45
N TYR E 1204 -19.59 19.76 5.27
CA TYR E 1204 -18.44 19.38 4.47
C TYR E 1204 -17.13 19.69 5.18
N PHE E 1205 -17.01 20.89 5.74
CA PHE E 1205 -15.78 21.24 6.45
C PHE E 1205 -15.59 20.38 7.70
N ARG E 1206 -16.66 20.12 8.45
CA ARG E 1206 -16.52 19.29 9.64
C ARG E 1206 -16.12 17.87 9.30
N GLU E 1207 -16.72 17.30 8.26
CA GLU E 1207 -16.36 15.94 7.84
C GLU E 1207 -14.93 15.88 7.34
N LYS E 1208 -14.49 16.90 6.59
CA LYS E 1208 -13.10 16.92 6.13
C LYS E 1208 -12.12 16.98 7.29
N ASP E 1209 -12.41 17.81 8.29
CA ASP E 1209 -11.53 17.89 9.46
C ASP E 1209 -11.52 16.58 10.23
N ASP E 1210 -12.68 15.93 10.37
CA ASP E 1210 -12.75 14.65 11.06
C ASP E 1210 -11.97 13.58 10.32
N ARG E 1211 -12.03 13.58 8.99
CA ARG E 1211 -11.23 12.63 8.22
C ARG E 1211 -9.74 12.89 8.40
N PHE E 1212 -9.35 14.17 8.41
CA PHE E 1212 -7.93 14.49 8.55
C PHE E 1212 -7.39 14.10 9.93
N ASN E 1213 -8.18 14.33 10.98
CA ASN E 1213 -7.68 14.10 12.34
C ASN E 1213 -7.52 12.62 12.64
N SER E 1214 -8.26 11.75 11.97
CA SER E 1214 -8.26 10.33 12.27
C SER E 1214 -7.39 9.52 11.30
N SER E 1215 -6.62 10.18 10.43
CA SER E 1215 -5.73 9.45 9.55
C SER E 1215 -4.56 8.86 10.34
N ASN E 1216 -3.96 7.82 9.78
CA ASN E 1216 -2.84 7.17 10.46
C ASN E 1216 -1.62 8.08 10.54
N ASP E 1217 -1.37 8.87 9.50
CA ASP E 1217 -0.22 9.76 9.52
C ASP E 1217 -0.32 10.81 10.62
N GLU E 1218 -1.49 11.41 10.77
CA GLU E 1218 -1.67 12.42 11.81
C GLU E 1218 -1.59 11.81 13.20
N ARG E 1219 -2.17 10.61 13.38
CA ARG E 1219 -2.08 9.94 14.67
C ARG E 1219 -0.63 9.61 15.02
N ILE E 1220 0.13 9.13 14.04
CA ILE E 1220 1.54 8.81 14.28
C ILE E 1220 2.32 10.07 14.63
N ARG E 1221 2.07 11.17 13.91
CA ARG E 1221 2.81 12.41 14.18
C ARG E 1221 2.50 12.94 15.58
N VAL E 1222 1.21 12.97 15.94
CA VAL E 1222 0.83 13.48 17.26
C VAL E 1222 1.37 12.58 18.36
N THR E 1223 1.30 11.26 18.16
CA THR E 1223 1.83 10.33 19.16
C THR E 1223 3.33 10.51 19.33
N SER E 1224 4.07 10.71 18.23
CA SER E 1224 5.50 10.91 18.33
C SER E 1224 5.84 12.19 19.08
N GLU E 1225 5.14 13.28 18.78
CA GLU E 1225 5.40 14.54 19.48
C GLU E 1225 5.08 14.42 20.96
N ARG E 1226 3.95 13.81 21.30
CA ARG E 1226 3.59 13.67 22.71
C ARG E 1226 4.55 12.74 23.44
N VAL E 1227 5.03 11.69 22.77
CA VAL E 1227 6.00 10.80 23.39
C VAL E 1227 7.31 11.54 23.65
N GLU E 1228 7.74 12.37 22.70
CA GLU E 1228 8.97 13.14 22.91
C GLU E 1228 8.83 14.09 24.09
N ASN E 1229 7.72 14.82 24.16
CA ASN E 1229 7.50 15.75 25.27
C ASN E 1229 7.39 15.01 26.60
N MET E 1230 6.71 13.86 26.61
CA MET E 1230 6.56 13.09 27.83
C MET E 1230 7.90 12.52 28.29
N SER E 1231 8.75 12.10 27.35
CA SER E 1231 10.08 11.63 27.70
C SER E 1231 10.92 12.74 28.30
N MET E 1232 10.86 13.95 27.72
CA MET E 1232 11.56 15.08 28.31
C MET E 1232 11.08 15.37 29.72
N ARG E 1233 9.76 15.37 29.92
CA ARG E 1233 9.20 15.66 31.24
C ARG E 1233 9.59 14.59 32.26
N LEU E 1234 9.55 13.32 31.85
CA LEU E 1234 9.91 12.25 32.79
C LEU E 1234 11.39 12.27 33.12
N GLU E 1235 12.24 12.63 32.15
CA GLU E 1235 13.66 12.77 32.45
C GLU E 1235 13.90 13.92 33.42
N GLU E 1236 13.16 15.02 33.25
CA GLU E 1236 13.26 16.12 34.19
C GLU E 1236 12.80 15.70 35.59
N VAL E 1237 11.73 14.92 35.68
CA VAL E 1237 11.23 14.44 36.96
C VAL E 1237 12.26 13.53 37.63
N ASN E 1238 12.85 12.61 36.87
CA ASN E 1238 13.84 11.70 37.43
C ASN E 1238 15.09 12.44 37.88
N GLU E 1239 15.52 13.44 37.11
CA GLU E 1239 16.68 14.23 37.50
C GLU E 1239 16.42 15.09 38.72
N ARG E 1240 15.16 15.38 39.02
CA ARG E 1240 14.78 16.22 40.16
C ARG E 1240 14.28 15.32 41.28
N GLU E 1241 15.16 14.98 42.21
CA GLU E 1241 14.80 14.15 43.36
C GLU E 1241 15.35 14.78 44.63
N HIS E 1242 14.70 14.47 45.75
CA HIS E 1242 15.10 14.98 47.05
C HIS E 1242 15.57 13.90 48.02
N SER E 1243 15.28 12.63 47.73
CA SER E 1243 15.70 11.53 48.60
C SER E 1243 16.50 10.50 47.81
N UNK F 1 33.74 53.81 -4.73
CA UNK F 1 32.31 53.73 -4.42
C UNK F 1 31.93 54.73 -3.33
N UNK F 2 30.76 54.51 -2.73
CA UNK F 2 30.28 55.38 -1.67
C UNK F 2 30.79 54.94 -0.31
N UNK F 3 31.48 53.80 -0.30
CA UNK F 3 32.03 53.25 0.94
C UNK F 3 33.22 54.05 1.42
N UNK F 4 33.79 54.85 0.53
CA UNK F 4 34.88 55.75 0.90
C UNK F 4 34.32 57.07 1.42
N UNK F 5 33.55 56.99 2.50
CA UNK F 5 32.91 58.15 3.09
C UNK F 5 33.15 58.20 4.59
N UNK F 6 34.16 57.47 5.05
CA UNK F 6 34.52 57.46 6.47
C UNK F 6 36.03 57.63 6.64
N UNK F 7 36.55 57.19 7.78
CA UNK F 7 37.97 57.33 8.06
C UNK F 7 38.47 56.20 8.96
N UNK F 8 39.76 56.23 9.29
CA UNK F 8 40.37 55.25 10.17
C UNK F 8 41.16 55.94 11.27
N UNK F 9 42.07 55.21 11.90
CA UNK F 9 42.88 55.79 12.98
C UNK F 9 44.20 55.04 13.14
N UNK F 10 45.31 55.73 12.88
CA UNK F 10 46.63 55.15 13.02
C UNK F 10 47.45 55.92 14.07
N UNK F 11 48.21 55.19 14.87
CA UNK F 11 49.02 55.80 15.92
C UNK F 11 50.23 56.53 15.31
N UNK F 12 50.21 57.86 15.41
CA UNK F 12 51.29 58.68 14.89
C UNK F 12 52.47 58.72 15.87
N UNK F 13 52.80 59.92 16.32
CA UNK F 13 53.92 60.10 17.25
C UNK F 13 53.57 59.53 18.63
N UNK F 14 53.97 58.28 18.86
CA UNK F 14 53.68 57.62 20.12
C UNK F 14 54.96 57.18 20.83
N UNK F 15 54.93 57.20 22.16
CA UNK F 15 56.07 56.79 22.97
C UNK F 15 55.61 56.30 24.33
N UNK F 16 55.83 55.02 24.61
CA UNK F 16 55.39 54.42 25.86
C UNK F 16 56.32 53.30 26.32
N UNK F 17 55.83 52.48 27.25
CA UNK F 17 56.57 51.35 27.80
C UNK F 17 57.91 51.76 28.39
N ILE G 129 56.93 -31.87 46.52
CA ILE G 129 58.32 -31.93 46.12
C ILE G 129 58.84 -30.53 45.80
N SER G 130 60.14 -30.45 45.52
CA SER G 130 60.78 -29.17 45.21
C SER G 130 60.78 -28.88 43.71
N LYS G 131 59.59 -28.95 43.11
CA LYS G 131 59.39 -28.67 41.68
C LYS G 131 60.28 -29.57 40.81
N HIS G 132 60.18 -30.88 41.04
CA HIS G 132 60.93 -31.88 40.27
C HIS G 132 60.01 -32.43 39.20
N THR G 133 59.98 -31.74 38.05
CA THR G 133 59.05 -32.06 36.97
C THR G 133 59.82 -32.43 35.72
N GLN G 134 59.29 -33.40 34.98
CA GLN G 134 59.88 -33.82 33.72
C GLN G 134 59.56 -32.78 32.64
N LEU G 135 60.59 -32.34 31.92
CA LEU G 135 60.43 -31.29 30.91
C LEU G 135 60.22 -31.91 29.52
N SER G 136 59.16 -32.68 29.41
CA SER G 136 58.79 -33.30 28.15
C SER G 136 58.18 -32.28 27.20
N PRO G 137 58.27 -32.49 25.89
CA PRO G 137 57.64 -31.58 24.93
C PRO G 137 56.12 -31.67 25.00
N THR G 138 55.47 -30.66 24.40
CA THR G 138 54.02 -30.56 24.45
C THR G 138 53.38 -31.72 23.70
N ASP G 139 52.24 -32.18 24.21
CA ASP G 139 51.48 -33.26 23.60
C ASP G 139 49.99 -32.94 23.56
N ALA G 140 49.65 -31.65 23.47
CA ALA G 140 48.24 -31.25 23.46
C ALA G 140 48.13 -29.90 22.75
N PHE G 141 47.67 -29.93 21.50
CA PHE G 141 47.37 -28.70 20.77
C PHE G 141 46.47 -29.06 19.59
N GLY G 142 45.51 -28.19 19.32
CA GLY G 142 44.57 -28.42 18.24
C GLY G 142 43.34 -27.53 18.33
N THR G 143 42.19 -28.06 17.94
CA THR G 143 40.93 -27.35 18.00
C THR G 143 39.90 -28.23 18.69
N ILE G 144 39.00 -27.61 19.45
CA ILE G 144 37.98 -28.35 20.18
C ILE G 144 36.61 -27.79 19.83
N GLU G 145 35.67 -28.69 19.53
CA GLU G 145 34.27 -28.33 19.37
C GLU G 145 33.57 -28.57 20.70
N PHE G 146 32.91 -27.54 21.21
CA PHE G 146 32.25 -27.64 22.51
C PHE G 146 30.87 -28.26 22.31
N GLN G 147 30.81 -29.58 22.40
CA GLN G 147 29.52 -30.26 22.47
C GLN G 147 28.86 -29.94 23.80
N GLY G 148 27.57 -29.61 23.75
CA GLY G 148 26.91 -29.06 24.91
C GLY G 148 25.83 -28.07 24.55
N GLY G 149 25.96 -26.84 25.02
CA GLY G 149 24.98 -25.80 24.76
C GLY G 149 24.75 -25.57 23.28
N GLY G 150 23.67 -24.84 23.00
CA GLY G 150 23.20 -24.68 21.63
C GLY G 150 24.05 -23.80 20.75
N HIS G 151 25.34 -24.15 20.64
CA HIS G 151 26.29 -23.42 19.81
C HIS G 151 27.32 -24.39 19.28
N SER G 152 28.01 -23.97 18.22
CA SER G 152 29.13 -24.72 17.65
C SER G 152 30.29 -23.74 17.53
N ASN G 153 31.08 -23.63 18.60
CA ASN G 153 32.15 -22.65 18.69
C ASN G 153 33.48 -23.39 18.80
N LYS G 154 34.34 -23.22 17.79
CA LYS G 154 35.67 -23.78 17.83
C LYS G 154 36.56 -22.97 18.77
N ALA G 155 37.66 -23.59 19.20
CA ALA G 155 38.57 -22.90 20.12
C ALA G 155 39.96 -23.54 19.95
N MET G 156 40.84 -22.86 19.22
CA MET G 156 42.22 -23.31 19.13
C MET G 156 42.88 -23.25 20.51
N TYR G 157 43.66 -24.28 20.82
CA TYR G 157 44.29 -24.36 22.13
C TYR G 157 45.68 -24.97 21.99
N VAL G 158 46.54 -24.67 22.95
CA VAL G 158 47.86 -25.28 23.08
C VAL G 158 48.12 -25.50 24.56
N ARG G 159 49.07 -26.39 24.85
CA ARG G 159 49.61 -26.50 26.20
C ARG G 159 51.08 -26.08 26.15
N VAL G 160 51.48 -25.26 27.11
CA VAL G 160 52.83 -24.71 27.18
C VAL G 160 53.26 -24.69 28.64
N SER G 161 54.56 -24.78 28.86
CA SER G 161 55.08 -24.72 30.22
C SER G 161 54.88 -23.32 30.80
N PHE G 162 54.84 -23.25 32.13
CA PHE G 162 54.64 -21.99 32.82
C PHE G 162 55.89 -21.12 32.86
N ASP G 163 56.92 -21.46 32.08
CA ASP G 163 58.16 -20.70 32.02
C ASP G 163 58.51 -20.28 30.60
N THR G 164 57.53 -20.30 29.70
CA THR G 164 57.79 -19.99 28.30
C THR G 164 58.00 -18.49 28.10
N LYS G 165 58.74 -18.15 27.04
CA LYS G 165 59.06 -16.77 26.71
C LYS G 165 57.90 -16.13 25.94
N PRO G 166 57.42 -14.96 26.37
CA PRO G 166 56.26 -14.36 25.70
C PRO G 166 56.47 -14.00 24.25
N ASP G 167 57.72 -13.90 23.77
CA ASP G 167 57.95 -13.66 22.35
C ASP G 167 57.39 -14.79 21.52
N LEU G 168 57.64 -16.03 21.94
CA LEU G 168 57.10 -17.18 21.21
C LEU G 168 55.58 -17.23 21.28
N LEU G 169 55.00 -16.87 22.43
CA LEU G 169 53.55 -16.83 22.55
C LEU G 169 52.94 -15.79 21.63
N LEU G 170 53.56 -14.61 21.56
CA LEU G 170 53.06 -13.58 20.65
C LEU G 170 53.20 -14.00 19.19
N HIS G 171 54.31 -14.67 18.86
CA HIS G 171 54.48 -15.19 17.51
C HIS G 171 53.40 -16.22 17.18
N LEU G 172 53.08 -17.09 18.13
CA LEU G 172 52.02 -18.07 17.93
C LEU G 172 50.67 -17.40 17.72
N MET G 173 50.34 -16.44 18.59
CA MET G 173 49.04 -15.78 18.50
C MET G 173 48.93 -14.88 17.28
N THR G 174 50.05 -14.42 16.73
CA THR G 174 50.02 -13.52 15.58
C THR G 174 50.06 -14.26 14.25
N LYS G 175 50.90 -15.28 14.12
CA LYS G 175 51.12 -15.94 12.84
C LYS G 175 50.45 -17.29 12.72
N GLU G 176 50.63 -18.18 13.70
CA GLU G 176 50.04 -19.51 13.60
C GLU G 176 48.53 -19.46 13.79
N TRP G 177 48.05 -18.72 14.79
CA TRP G 177 46.61 -18.56 14.97
C TRP G 177 46.03 -17.46 14.08
N GLN G 178 46.87 -16.68 13.42
CA GLN G 178 46.46 -15.68 12.43
C GLN G 178 45.53 -14.63 13.06
N LEU G 179 46.04 -13.96 14.09
CA LEU G 179 45.35 -12.85 14.74
C LEU G 179 46.18 -11.59 14.59
N GLU G 180 45.53 -10.51 14.16
CA GLU G 180 46.20 -9.22 14.09
C GLU G 180 46.48 -8.70 15.49
N LEU G 181 47.54 -7.90 15.61
CA LEU G 181 47.87 -7.31 16.89
C LEU G 181 46.75 -6.38 17.34
N PRO G 182 46.44 -6.34 18.64
CA PRO G 182 45.28 -5.57 19.09
C PRO G 182 45.55 -4.08 19.17
N LYS G 183 44.48 -3.32 19.00
CA LYS G 183 44.50 -1.89 19.27
C LYS G 183 44.15 -1.59 20.72
N LEU G 184 43.84 -2.61 21.51
CA LEU G 184 43.40 -2.46 22.89
C LEU G 184 43.51 -3.82 23.57
N LEU G 185 43.86 -3.82 24.85
CA LEU G 185 43.93 -5.05 25.63
C LEU G 185 43.14 -4.86 26.91
N ILE G 186 42.24 -5.79 27.20
CA ILE G 186 41.40 -5.74 28.39
C ILE G 186 41.73 -6.96 29.24
N SER G 187 42.11 -6.73 30.49
CA SER G 187 42.37 -7.79 31.45
C SER G 187 41.21 -7.84 32.43
N VAL G 188 40.58 -9.00 32.56
CA VAL G 188 39.44 -9.18 33.44
C VAL G 188 39.88 -10.02 34.63
N HIS G 189 39.72 -9.49 35.83
CA HIS G 189 40.04 -10.17 37.06
C HIS G 189 38.79 -10.32 37.91
N GLY G 190 38.84 -11.25 38.85
CA GLY G 190 37.69 -11.46 39.71
C GLY G 190 37.93 -12.63 40.66
N GLY G 191 36.88 -12.95 41.41
CA GLY G 191 36.96 -14.06 42.35
C GLY G 191 36.94 -15.40 41.64
N LEU G 192 37.73 -16.34 42.17
CA LEU G 192 37.77 -17.68 41.61
C LEU G 192 36.48 -18.44 41.90
N GLN G 193 35.95 -18.29 43.10
CA GLN G 193 34.73 -18.98 43.48
C GLN G 193 33.53 -18.38 42.75
N ASN G 194 32.54 -19.23 42.47
CA ASN G 194 31.37 -18.80 41.72
C ASN G 194 30.52 -17.87 42.57
N PHE G 195 30.14 -16.73 41.99
CA PHE G 195 29.27 -15.76 42.63
C PHE G 195 28.11 -15.42 41.68
N GLU G 196 27.24 -14.53 42.13
CA GLU G 196 26.10 -14.10 41.34
C GLU G 196 26.00 -12.58 41.36
N LEU G 197 25.54 -12.02 40.25
CA LEU G 197 25.37 -10.58 40.10
C LEU G 197 23.88 -10.26 39.98
N GLN G 198 23.48 -9.14 40.58
CA GLN G 198 22.09 -8.73 40.53
C GLN G 198 21.71 -8.31 39.11
N PRO G 199 20.44 -8.44 38.74
CA PRO G 199 20.00 -7.95 37.43
C PRO G 199 20.14 -6.44 37.32
N LYS G 200 20.11 -5.97 36.08
CA LYS G 200 20.24 -4.56 35.69
C LYS G 200 21.65 -4.04 35.89
N LEU G 201 22.53 -4.86 36.46
CA LEU G 201 23.96 -4.59 36.50
C LEU G 201 24.75 -5.49 35.57
N LYS G 202 24.43 -6.78 35.54
CA LYS G 202 25.10 -7.67 34.59
C LYS G 202 24.73 -7.35 33.16
N GLN G 203 23.51 -6.86 32.91
CA GLN G 203 23.10 -6.51 31.56
C GLN G 203 23.72 -5.20 31.09
N VAL G 204 24.24 -4.37 32.01
CA VAL G 204 24.97 -3.17 31.62
C VAL G 204 26.47 -3.34 31.73
N PHE G 205 26.94 -4.42 32.37
CA PHE G 205 28.35 -4.77 32.39
C PHE G 205 28.73 -5.60 31.17
N GLY G 206 27.96 -6.65 30.90
CA GLY G 206 28.27 -7.51 29.76
C GLY G 206 28.15 -6.79 28.43
N LYS G 207 27.06 -6.03 28.26
CA LYS G 207 26.89 -5.31 27.01
C LYS G 207 27.93 -4.21 26.85
N GLY G 208 28.29 -3.54 27.94
CA GLY G 208 29.34 -2.53 27.86
C GLY G 208 30.69 -3.13 27.48
N LEU G 209 31.06 -4.25 28.11
CA LEU G 209 32.31 -4.92 27.77
C LEU G 209 32.31 -5.40 26.33
N ILE G 210 31.19 -5.96 25.87
CA ILE G 210 31.09 -6.46 24.51
C ILE G 210 31.21 -5.32 23.51
N LYS G 211 30.54 -4.20 23.78
CA LYS G 211 30.64 -3.04 22.88
C LYS G 211 32.06 -2.51 22.84
N ALA G 212 32.73 -2.43 24.00
CA ALA G 212 34.10 -1.95 24.04
C ALA G 212 35.03 -2.87 23.26
N ALA G 213 34.85 -4.17 23.37
CA ALA G 213 35.72 -5.12 22.70
C ALA G 213 35.35 -5.36 21.24
N MET G 214 34.16 -4.95 20.81
CA MET G 214 33.71 -5.13 19.44
C MET G 214 33.96 -3.91 18.57
N THR G 215 33.59 -2.71 19.05
CA THR G 215 33.86 -1.50 18.29
C THR G 215 35.35 -1.24 18.14
N THR G 216 36.17 -1.80 19.02
CA THR G 216 37.62 -1.67 18.97
C THR G 216 38.23 -3.05 18.74
N GLY G 217 39.22 -3.12 17.85
CA GLY G 217 39.95 -4.36 17.71
C GLY G 217 40.73 -4.63 18.98
N ALA G 218 40.25 -5.57 19.79
CA ALA G 218 40.79 -5.75 21.14
C ALA G 218 40.89 -7.22 21.46
N TRP G 219 41.83 -7.54 22.36
CA TRP G 219 41.99 -8.87 22.92
C TRP G 219 41.55 -8.84 24.38
N ILE G 220 40.76 -9.83 24.78
CA ILE G 220 40.29 -9.96 26.15
C ILE G 220 41.06 -11.12 26.78
N PHE G 221 41.61 -10.89 27.97
CA PHE G 221 42.29 -11.93 28.73
C PHE G 221 41.40 -12.35 29.89
N THR G 222 41.22 -13.66 30.06
CA THR G 222 40.37 -14.19 31.11
C THR G 222 41.01 -15.44 31.70
N GLY G 223 40.49 -15.86 32.85
CA GLY G 223 40.97 -17.08 33.46
C GLY G 223 40.67 -18.31 32.64
N GLY G 224 39.48 -18.38 32.04
CA GLY G 224 39.17 -19.46 31.13
C GLY G 224 38.29 -20.54 31.71
N VAL G 225 38.57 -20.94 32.95
CA VAL G 225 37.75 -21.96 33.59
C VAL G 225 36.38 -21.38 33.93
N ASN G 226 35.35 -22.22 33.83
CA ASN G 226 33.96 -21.75 33.90
C ASN G 226 33.53 -21.49 35.35
N THR G 227 34.29 -20.62 36.02
CA THR G 227 34.01 -20.26 37.40
C THR G 227 34.22 -18.76 37.59
N GLY G 228 33.39 -18.17 38.45
CA GLY G 228 33.56 -16.78 38.83
C GLY G 228 33.14 -15.78 37.78
N VAL G 229 33.96 -14.73 37.58
CA VAL G 229 33.66 -13.72 36.59
C VAL G 229 33.72 -14.27 35.17
N ILE G 230 34.42 -15.39 34.98
CA ILE G 230 34.54 -16.00 33.66
C ILE G 230 33.19 -16.49 33.17
N ARG G 231 32.34 -16.96 34.09
CA ARG G 231 30.97 -17.33 33.71
C ARG G 231 30.20 -16.12 33.18
N HIS G 232 30.38 -14.97 33.83
CA HIS G 232 29.70 -13.75 33.40
C HIS G 232 30.21 -13.29 32.04
N VAL G 233 31.52 -13.37 31.82
CA VAL G 233 32.06 -13.05 30.49
C VAL G 233 31.52 -14.03 29.45
N GLY G 234 31.40 -15.30 29.83
CA GLY G 234 30.88 -16.29 28.91
C GLY G 234 29.43 -16.03 28.50
N ASP G 235 28.58 -15.71 29.48
CA ASP G 235 27.20 -15.44 29.13
C ASP G 235 27.05 -14.09 28.43
N ALA G 236 27.94 -13.14 28.70
CA ALA G 236 27.95 -11.89 27.93
C ALA G 236 28.28 -12.17 26.47
N LEU G 237 29.26 -13.03 26.22
CA LEU G 237 29.56 -13.42 24.84
C LEU G 237 28.42 -14.23 24.23
N LYS G 238 27.72 -15.02 25.05
CA LYS G 238 26.61 -15.81 24.54
C LYS G 238 25.44 -14.92 24.11
N ASP G 239 25.16 -13.85 24.87
CA ASP G 239 24.07 -12.96 24.52
C ASP G 239 24.38 -12.12 23.28
N HIS G 240 25.64 -11.77 23.06
CA HIS G 240 26.03 -10.98 21.89
C HIS G 240 26.06 -11.80 20.62
N ALA G 241 26.48 -13.07 20.70
CA ALA G 241 26.61 -13.89 19.51
C ALA G 241 25.28 -14.16 18.83
N SER G 242 24.18 -14.15 19.60
CA SER G 242 22.86 -14.41 19.07
C SER G 242 22.18 -13.17 18.53
N LYS G 243 22.82 -12.00 18.59
CA LYS G 243 22.19 -10.76 18.16
C LYS G 243 23.04 -9.91 17.22
N SER G 244 24.33 -10.18 17.08
CA SER G 244 25.19 -9.33 16.27
C SER G 244 26.20 -10.18 15.51
N ARG G 245 26.73 -9.61 14.44
CA ARG G 245 27.73 -10.27 13.62
C ARG G 245 29.11 -10.14 14.29
N GLY G 246 30.16 -10.54 13.58
CA GLY G 246 31.50 -10.36 14.08
C GLY G 246 31.88 -11.38 15.14
N LYS G 247 33.14 -11.30 15.56
CA LYS G 247 33.68 -12.19 16.58
C LYS G 247 34.54 -11.39 17.54
N ILE G 248 34.64 -11.88 18.77
CA ILE G 248 35.44 -11.27 19.82
C ILE G 248 36.60 -12.22 20.14
N CYS G 249 37.81 -11.67 20.16
CA CYS G 249 39.01 -12.50 20.36
C CYS G 249 39.25 -12.69 21.86
N THR G 250 38.33 -13.41 22.49
CA THR G 250 38.48 -13.77 23.90
C THR G 250 39.55 -14.85 24.03
N ILE G 251 40.48 -14.63 24.94
CA ILE G 251 41.61 -15.54 25.13
C ILE G 251 41.60 -16.01 26.57
N GLY G 252 41.63 -17.32 26.77
CA GLY G 252 41.60 -17.91 28.09
C GLY G 252 42.96 -18.48 28.46
N ILE G 253 43.42 -18.11 29.65
CA ILE G 253 44.70 -18.56 30.17
C ILE G 253 44.40 -19.30 31.47
N ALA G 254 44.24 -20.61 31.37
CA ALA G 254 43.89 -21.45 32.51
C ALA G 254 45.00 -22.44 32.81
N PRO G 255 45.21 -22.78 34.07
CA PRO G 255 46.15 -23.87 34.38
C PRO G 255 45.67 -25.19 33.84
N TRP G 256 46.62 -26.02 33.40
CA TRP G 256 46.28 -27.30 32.80
C TRP G 256 45.76 -28.30 33.82
N GLY G 257 46.06 -28.12 35.10
CA GLY G 257 45.65 -29.06 36.12
C GLY G 257 44.23 -28.92 36.62
N ILE G 258 43.47 -27.95 36.13
CA ILE G 258 42.11 -27.72 36.61
C ILE G 258 41.05 -28.05 35.57
N VAL G 259 41.44 -28.38 34.32
CA VAL G 259 40.46 -28.81 33.35
C VAL G 259 39.87 -30.14 33.80
N GLU G 260 38.56 -30.30 33.59
CA GLU G 260 37.89 -31.50 34.09
C GLU G 260 38.31 -32.74 33.33
N ASN G 261 38.77 -32.58 32.09
CA ASN G 261 39.23 -33.68 31.27
C ASN G 261 40.62 -33.32 30.74
N GLN G 262 41.66 -33.71 31.49
CA GLN G 262 43.01 -33.63 30.94
C GLN G 262 43.12 -34.53 29.72
N GLU G 263 42.56 -35.73 29.79
CA GLU G 263 42.38 -36.55 28.61
C GLU G 263 41.33 -35.91 27.69
N ASP G 264 41.16 -36.50 26.52
CA ASP G 264 40.35 -35.97 25.42
C ASP G 264 40.91 -34.65 24.89
N LEU G 265 42.05 -34.21 25.41
CA LEU G 265 42.77 -33.05 24.91
C LEU G 265 44.22 -33.35 24.58
N ILE G 266 44.73 -34.54 24.90
CA ILE G 266 46.13 -34.88 24.74
C ILE G 266 46.39 -35.35 23.32
N GLY G 267 45.40 -35.17 22.45
CA GLY G 267 45.63 -35.41 21.05
C GLY G 267 46.44 -34.29 20.40
N ARG G 268 47.09 -34.63 19.29
CA ARG G 268 47.81 -33.65 18.50
C ARG G 268 46.83 -32.91 17.59
N ASP G 269 47.34 -32.22 16.57
CA ASP G 269 46.54 -31.25 15.82
C ASP G 269 45.43 -31.98 15.08
N VAL G 270 44.25 -32.00 15.71
CA VAL G 270 43.04 -32.61 15.16
C VAL G 270 41.87 -32.12 16.00
N VAL G 271 40.67 -32.06 15.40
CA VAL G 271 39.51 -31.57 16.11
C VAL G 271 39.06 -32.59 17.14
N ARG G 272 38.91 -32.15 18.39
CA ARG G 272 38.51 -33.00 19.50
C ARG G 272 37.16 -32.57 20.03
N PRO G 273 36.17 -33.46 20.10
CA PRO G 273 34.92 -33.11 20.77
C PRO G 273 35.14 -32.86 22.26
N TYR G 274 34.43 -31.89 22.80
CA TYR G 274 34.56 -31.52 24.21
C TYR G 274 33.18 -31.27 24.79
N GLN G 275 32.98 -31.71 26.04
CA GLN G 275 31.67 -31.70 26.67
C GLN G 275 31.58 -30.57 27.68
N THR G 276 30.52 -29.77 27.58
CA THR G 276 30.30 -28.63 28.47
C THR G 276 29.50 -28.99 29.71
N MET G 277 29.00 -30.22 29.82
CA MET G 277 28.23 -30.61 30.98
C MET G 277 29.15 -30.69 32.20
N SER G 278 28.70 -30.10 33.31
CA SER G 278 29.50 -29.98 34.52
C SER G 278 28.99 -30.94 35.58
N ASN G 279 29.90 -31.70 36.18
CA ASN G 279 29.58 -32.59 37.29
C ASN G 279 30.09 -31.96 38.57
N PRO G 280 29.21 -31.50 39.47
CA PRO G 280 29.69 -30.82 40.69
C PRO G 280 30.49 -31.72 41.62
N MET G 281 30.36 -33.04 41.51
CA MET G 281 31.05 -33.97 42.40
C MET G 281 32.47 -34.27 41.96
N SER G 282 32.91 -33.74 40.82
CA SER G 282 34.24 -34.06 40.28
C SER G 282 35.35 -33.26 40.93
N LYS G 283 35.02 -32.22 41.71
CA LYS G 283 36.00 -31.36 42.39
C LYS G 283 36.96 -30.69 41.40
N LEU G 284 36.52 -30.47 40.17
CA LEU G 284 37.25 -29.73 39.16
C LEU G 284 36.27 -28.80 38.46
N THR G 285 36.71 -28.18 37.36
CA THR G 285 35.85 -27.30 36.60
C THR G 285 36.15 -27.45 35.12
N VAL G 286 35.16 -27.13 34.30
CA VAL G 286 35.25 -27.31 32.86
C VAL G 286 35.65 -25.99 32.22
N LEU G 287 36.23 -26.09 31.02
CA LEU G 287 36.58 -24.88 30.28
C LEU G 287 35.32 -24.14 29.85
N ASN G 288 35.37 -22.82 29.93
CA ASN G 288 34.25 -22.01 29.51
C ASN G 288 34.19 -21.95 28.00
N SER G 289 33.03 -22.25 27.43
CA SER G 289 32.84 -22.14 26.00
C SER G 289 32.78 -20.67 25.59
N MET G 290 32.58 -20.44 24.29
CA MET G 290 32.54 -19.09 23.71
C MET G 290 33.86 -18.34 23.91
N HIS G 291 34.94 -19.07 24.11
CA HIS G 291 36.28 -18.52 24.13
C HIS G 291 36.98 -18.86 22.84
N SER G 292 37.60 -17.86 22.20
CA SER G 292 38.18 -18.08 20.88
C SER G 292 39.46 -18.91 20.96
N HIS G 293 40.30 -18.64 21.94
CA HIS G 293 41.59 -19.32 22.05
C HIS G 293 41.89 -19.62 23.51
N PHE G 294 42.72 -20.64 23.72
CA PHE G 294 43.12 -21.08 25.05
C PHE G 294 44.63 -21.19 25.13
N ILE G 295 45.20 -20.76 26.25
CA ILE G 295 46.59 -20.99 26.58
C ILE G 295 46.62 -21.77 27.89
N LEU G 296 46.85 -23.08 27.79
CA LEU G 296 46.82 -23.97 28.95
C LEU G 296 48.23 -24.12 29.48
N ALA G 297 48.49 -23.52 30.64
CA ALA G 297 49.82 -23.51 31.24
C ALA G 297 49.91 -24.61 32.29
N ASP G 298 51.00 -25.37 32.28
CA ASP G 298 51.19 -26.46 33.21
C ASP G 298 52.51 -26.31 33.95
N ASN G 299 52.53 -26.75 35.20
CA ASN G 299 53.73 -26.78 36.00
C ASN G 299 54.02 -28.15 36.60
N GLY G 300 53.20 -29.16 36.31
CA GLY G 300 53.39 -30.51 36.80
C GLY G 300 52.31 -30.98 37.74
N THR G 301 51.79 -30.10 38.58
CA THR G 301 50.79 -30.50 39.56
C THR G 301 49.42 -30.63 38.89
N THR G 302 48.41 -31.03 39.68
CA THR G 302 47.07 -31.24 39.16
C THR G 302 46.08 -31.00 40.28
N GLY G 303 45.16 -30.06 40.08
CA GLY G 303 44.13 -29.76 41.05
C GLY G 303 44.34 -28.49 41.85
N LYS G 304 45.37 -27.71 41.53
CA LYS G 304 45.61 -26.44 42.21
C LYS G 304 45.96 -25.37 41.19
N TYR G 305 45.65 -24.11 41.54
CA TYR G 305 45.90 -22.98 40.67
C TYR G 305 47.34 -22.51 40.81
N GLY G 306 47.65 -21.34 40.25
CA GLY G 306 48.93 -20.71 40.42
C GLY G 306 49.96 -20.97 39.34
N ALA G 307 49.56 -21.58 38.22
CA ALA G 307 50.47 -21.90 37.14
C ALA G 307 50.32 -20.96 35.94
N GLU G 308 49.53 -19.89 36.07
CA GLU G 308 49.27 -19.01 34.95
C GLU G 308 49.36 -17.53 35.27
N VAL G 309 49.39 -17.13 36.54
CA VAL G 309 49.40 -15.70 36.88
C VAL G 309 50.68 -15.05 36.39
N LYS G 310 51.83 -15.70 36.61
CA LYS G 310 53.10 -15.18 36.14
C LYS G 310 53.12 -15.11 34.62
N LEU G 311 52.66 -16.18 33.96
CA LEU G 311 52.65 -16.20 32.50
C LEU G 311 51.71 -15.16 31.92
N ARG G 312 50.52 -15.02 32.51
CA ARG G 312 49.56 -14.04 32.02
C ARG G 312 50.09 -12.62 32.17
N ARG G 313 50.63 -12.30 33.35
CA ARG G 313 51.15 -10.95 33.58
C ARG G 313 52.35 -10.67 32.69
N GLN G 314 53.23 -11.66 32.49
CA GLN G 314 54.39 -11.45 31.63
C GLN G 314 53.98 -11.26 30.18
N LEU G 315 52.98 -12.00 29.72
CA LEU G 315 52.49 -11.82 28.35
C LEU G 315 51.84 -10.45 28.19
N GLU G 316 51.09 -9.99 29.20
CA GLU G 316 50.51 -8.65 29.13
C GLU G 316 51.59 -7.58 29.09
N LYS G 317 52.63 -7.73 29.90
CA LYS G 317 53.74 -6.77 29.89
C LYS G 317 54.44 -6.76 28.54
N HIS G 318 54.68 -7.94 27.96
CA HIS G 318 55.37 -8.00 26.69
C HIS G 318 54.53 -7.41 25.56
N ILE G 319 53.22 -7.69 25.54
CA ILE G 319 52.38 -7.15 24.48
C ILE G 319 52.10 -5.66 24.69
N SER G 320 52.22 -5.15 25.92
CA SER G 320 52.11 -3.72 26.11
C SER G 320 53.29 -2.98 25.50
N LEU G 321 54.48 -3.56 25.56
CA LEU G 321 55.65 -2.98 24.94
C LEU G 321 55.63 -3.09 23.42
N GLN G 322 54.74 -3.90 22.86
CA GLN G 322 54.62 -4.00 21.41
C GLN G 322 54.11 -2.68 20.84
N LYS G 323 54.59 -2.36 19.63
CA LYS G 323 54.29 -1.08 19.00
C LYS G 323 53.04 -1.19 18.13
N ILE G 324 52.11 -0.26 18.32
CA ILE G 324 50.92 -0.17 17.50
C ILE G 324 51.31 0.44 16.15
N ASN G 325 50.41 0.39 15.17
CA ASN G 325 50.73 0.83 13.81
C ASN G 325 51.03 2.32 13.72
N THR G 326 50.56 3.12 14.68
CA THR G 326 50.84 4.55 14.66
C THR G 326 52.32 4.81 14.93
N ARG G 327 52.89 5.76 14.18
CA ARG G 327 54.30 6.07 14.27
C ARG G 327 54.62 7.12 15.31
N ILE G 328 53.67 7.47 16.17
CA ILE G 328 53.95 8.38 17.27
C ILE G 328 54.96 7.74 18.23
N GLY G 329 54.76 6.46 18.55
CA GLY G 329 55.64 5.77 19.47
C GLY G 329 54.86 5.11 20.60
N GLN G 330 53.56 5.35 20.63
CA GLN G 330 52.72 4.79 21.67
C GLN G 330 52.52 3.29 21.45
N GLY G 331 52.47 2.54 22.55
CA GLY G 331 52.23 1.12 22.51
C GLY G 331 50.75 0.78 22.64
N VAL G 332 50.48 -0.50 22.78
CA VAL G 332 49.10 -0.97 22.94
C VAL G 332 48.60 -0.59 24.32
N PRO G 333 47.47 0.11 24.43
CA PRO G 333 46.92 0.43 25.76
C PRO G 333 46.39 -0.81 26.46
N VAL G 334 46.54 -0.84 27.78
CA VAL G 334 46.10 -1.95 28.61
C VAL G 334 45.22 -1.41 29.72
N VAL G 335 44.05 -2.02 29.90
CA VAL G 335 43.13 -1.63 30.96
C VAL G 335 42.78 -2.88 31.76
N ALA G 336 42.43 -2.68 33.03
CA ALA G 336 42.06 -3.77 33.91
C ALA G 336 40.64 -3.56 34.42
N LEU G 337 39.85 -4.63 34.40
CA LEU G 337 38.45 -4.59 34.83
C LEU G 337 38.27 -5.57 35.98
N ILE G 338 37.72 -5.07 37.09
CA ILE G 338 37.60 -5.85 38.32
C ILE G 338 36.13 -6.03 38.64
N VAL G 339 35.70 -7.28 38.76
CA VAL G 339 34.36 -7.63 39.21
C VAL G 339 34.50 -8.63 40.35
N GLU G 340 33.80 -8.38 41.45
CA GLU G 340 33.90 -9.19 42.69
C GLU G 340 35.36 -9.13 43.12
N GLY G 341 35.93 -10.23 43.61
CA GLY G 341 37.35 -10.25 43.88
C GLY G 341 37.65 -11.05 45.13
N GLY G 342 38.81 -10.75 45.71
CA GLY G 342 39.27 -11.42 46.90
C GLY G 342 40.45 -10.70 47.51
N PRO G 343 41.12 -11.35 48.48
CA PRO G 343 42.31 -10.72 49.07
C PRO G 343 43.42 -10.47 48.08
N ASN G 344 43.58 -11.32 47.06
CA ASN G 344 44.64 -11.14 46.07
C ASN G 344 44.28 -10.10 45.01
N VAL G 345 43.01 -9.72 44.90
CA VAL G 345 42.62 -8.69 43.93
C VAL G 345 43.26 -7.35 44.30
N ILE G 346 43.33 -7.04 45.60
CA ILE G 346 44.02 -5.84 46.04
C ILE G 346 45.50 -5.91 45.63
N SER G 347 46.10 -7.09 45.78
CA SER G 347 47.51 -7.24 45.44
C SER G 347 47.76 -7.04 43.94
N ILE G 348 46.90 -7.62 43.09
CA ILE G 348 47.13 -7.46 41.66
C ILE G 348 46.80 -6.03 41.21
N VAL G 349 45.84 -5.38 41.86
CA VAL G 349 45.57 -3.97 41.57
C VAL G 349 46.79 -3.11 41.90
N LEU G 350 47.39 -3.35 43.08
CA LEU G 350 48.59 -2.61 43.45
C LEU G 350 49.76 -2.93 42.54
N GLU G 351 49.85 -4.16 42.04
CA GLU G 351 50.88 -4.50 41.07
C GLU G 351 50.67 -3.76 39.76
N TYR G 352 49.41 -3.62 39.33
CA TYR G 352 49.11 -2.85 38.13
C TYR G 352 49.49 -1.39 38.31
N LEU G 353 49.19 -0.82 39.47
CA LEU G 353 49.50 0.59 39.70
C LEU G 353 51.00 0.84 39.85
N ARG G 354 51.75 -0.14 40.34
CA ARG G 354 53.16 0.05 40.64
C ARG G 354 54.07 -0.30 39.46
N ASP G 355 53.51 -0.72 38.34
CA ASP G 355 54.34 -0.98 37.16
C ASP G 355 54.92 0.32 36.63
N THR G 356 56.03 0.21 35.91
CA THR G 356 56.67 1.40 35.35
C THR G 356 55.76 2.15 34.39
N PRO G 357 55.05 1.51 33.45
CA PRO G 357 53.88 2.17 32.88
C PRO G 357 52.65 1.89 33.71
N PRO G 358 52.04 2.92 34.29
CA PRO G 358 50.80 2.70 35.05
C PRO G 358 49.69 2.16 34.17
N VAL G 359 48.96 1.20 34.70
CA VAL G 359 47.86 0.54 34.00
C VAL G 359 46.56 0.95 34.69
N PRO G 360 45.72 1.78 34.07
CA PRO G 360 44.46 2.17 34.71
C PRO G 360 43.54 0.97 34.92
N VAL G 361 42.81 0.99 36.02
CA VAL G 361 41.91 -0.10 36.36
C VAL G 361 40.50 0.47 36.53
N VAL G 362 39.52 -0.40 36.32
CA VAL G 362 38.11 -0.05 36.45
C VAL G 362 37.46 -1.09 37.35
N VAL G 363 36.81 -0.63 38.41
CA VAL G 363 36.16 -1.53 39.36
C VAL G 363 34.65 -1.32 39.33
N CYS G 364 33.92 -2.11 40.09
CA CYS G 364 32.47 -2.01 40.17
C CYS G 364 32.03 -2.01 41.63
N ASP G 365 30.87 -1.42 41.89
CA ASP G 365 30.38 -1.25 43.25
C ASP G 365 29.33 -2.28 43.66
N GLY G 366 28.56 -2.80 42.70
CA GLY G 366 27.49 -3.72 43.03
C GLY G 366 27.89 -5.15 43.27
N SER G 367 29.19 -5.45 43.20
CA SER G 367 29.64 -6.82 43.41
C SER G 367 29.59 -7.22 44.89
N GLY G 368 29.99 -6.31 45.78
CA GLY G 368 29.96 -6.55 47.19
C GLY G 368 31.26 -7.07 47.78
N ARG G 369 32.17 -7.57 46.96
CA ARG G 369 33.45 -8.09 47.41
C ARG G 369 34.49 -6.97 47.38
N ALA G 370 35.77 -7.33 47.39
CA ALA G 370 36.88 -6.36 47.47
C ALA G 370 36.77 -5.23 46.44
N SER G 371 36.06 -5.44 45.33
CA SER G 371 35.78 -4.32 44.43
C SER G 371 34.93 -3.26 45.13
N ASP G 372 33.93 -3.69 45.91
CA ASP G 372 33.15 -2.75 46.69
C ASP G 372 34.00 -2.10 47.78
N ILE G 373 34.99 -2.83 48.32
CA ILE G 373 35.91 -2.24 49.27
C ILE G 373 36.71 -1.10 48.62
N LEU G 374 37.19 -1.33 47.39
CA LEU G 374 37.90 -0.29 46.67
C LEU G 374 36.99 0.88 46.35
N ALA G 375 35.73 0.59 46.00
CA ALA G 375 34.78 1.68 45.72
C ALA G 375 34.50 2.51 46.97
N PHE G 376 34.37 1.86 48.12
CA PHE G 376 34.15 2.59 49.36
C PHE G 376 35.39 3.39 49.77
N GLY G 377 36.58 2.84 49.51
CA GLY G 377 37.80 3.57 49.77
C GLY G 377 38.06 4.70 48.80
N HIS G 378 37.41 4.67 47.63
CA HIS G 378 37.47 5.81 46.71
C HIS G 378 36.82 7.04 47.34
N LYS G 379 35.68 6.85 47.99
CA LYS G 379 35.06 7.91 48.77
C LYS G 379 35.88 8.19 50.02
N TYR G 380 35.85 9.45 50.47
CA TYR G 380 36.54 9.92 51.68
C TYR G 380 38.05 9.68 51.55
N SER G 381 38.64 10.38 50.59
CA SER G 381 40.07 10.32 50.36
C SER G 381 40.83 11.08 51.45
N GLU G 382 42.15 10.92 51.42
CA GLU G 382 43.01 11.58 52.39
C GLU G 382 43.95 12.57 51.70
N VAL G 397 38.87 6.46 60.11
CA VAL G 397 37.98 5.40 59.67
C VAL G 397 38.79 4.13 59.41
N THR G 398 39.40 3.61 60.47
CA THR G 398 40.16 2.37 60.38
C THR G 398 39.53 1.21 61.15
N ILE G 399 38.62 1.49 62.09
CA ILE G 399 37.93 0.43 62.83
C ILE G 399 36.87 -0.27 62.00
N GLN G 400 36.62 0.19 60.77
CA GLN G 400 35.66 -0.46 59.88
C GLN G 400 36.26 -1.64 59.14
N LYS G 401 37.55 -1.94 59.36
CA LYS G 401 38.22 -3.02 58.63
C LYS G 401 37.71 -4.40 58.99
N THR G 402 36.95 -4.54 60.08
CA THR G 402 36.41 -5.84 60.46
C THR G 402 35.17 -6.12 59.62
N PHE G 403 35.26 -7.14 58.75
CA PHE G 403 34.14 -7.54 57.91
C PHE G 403 33.84 -9.02 58.03
N THR G 404 34.43 -9.73 58.99
CA THR G 404 34.40 -11.19 59.08
C THR G 404 34.87 -11.81 57.76
N TYR G 405 35.88 -11.20 57.17
CA TYR G 405 36.38 -11.57 55.85
C TYR G 405 37.80 -12.13 55.87
N THR G 406 38.64 -11.67 56.79
CA THR G 406 40.00 -12.17 56.95
C THR G 406 40.22 -12.62 58.38
N ARG G 407 41.47 -12.84 58.77
CA ARG G 407 41.79 -13.35 60.11
C ARG G 407 41.56 -12.23 61.12
N THR G 408 40.29 -11.99 61.42
CA THR G 408 39.80 -11.03 62.41
C THR G 408 40.38 -9.65 62.14
N GLN G 409 40.46 -8.81 63.17
CA GLN G 409 41.15 -7.53 63.07
C GLN G 409 42.67 -7.67 63.18
N ALA G 410 43.14 -8.87 63.56
CA ALA G 410 44.58 -9.09 63.67
C ALA G 410 45.26 -9.05 62.31
N GLN G 411 44.61 -9.60 61.28
CA GLN G 411 45.13 -9.55 59.91
C GLN G 411 44.33 -8.54 59.11
N HIS G 412 45.01 -7.59 58.50
CA HIS G 412 44.36 -6.51 57.77
C HIS G 412 45.13 -6.22 56.48
N LEU G 413 44.38 -5.95 55.42
CA LEU G 413 44.93 -5.50 54.15
C LEU G 413 44.81 -3.99 53.98
N PHE G 414 44.60 -3.27 55.08
CA PHE G 414 44.43 -1.83 54.99
C PHE G 414 45.70 -1.14 54.53
N ILE G 415 46.88 -1.71 54.83
CA ILE G 415 48.13 -1.10 54.40
C ILE G 415 48.21 -1.09 52.87
N ILE G 416 47.93 -2.22 52.23
CA ILE G 416 47.99 -2.26 50.77
C ILE G 416 46.79 -1.54 50.16
N LEU G 417 45.65 -1.48 50.86
CA LEU G 417 44.53 -0.70 50.35
C LEU G 417 44.89 0.79 50.31
N MET G 418 45.53 1.30 51.37
CA MET G 418 45.97 2.68 51.37
C MET G 418 47.11 2.91 50.38
N GLU G 419 47.96 1.91 50.16
CA GLU G 419 48.99 2.03 49.14
C GLU G 419 48.38 2.12 47.75
N CYS G 420 47.30 1.38 47.49
CA CYS G 420 46.57 1.54 46.24
C CYS G 420 45.96 2.93 46.15
N MET G 421 45.31 3.39 47.23
CA MET G 421 44.62 4.68 47.21
C MET G 421 45.58 5.86 47.14
N LYS G 422 46.86 5.67 47.45
CA LYS G 422 47.82 6.76 47.27
C LYS G 422 47.96 7.17 45.80
N LYS G 423 47.62 6.27 44.87
CA LYS G 423 47.54 6.58 43.45
C LYS G 423 46.09 6.38 43.05
N LYS G 424 45.28 7.40 43.25
CA LYS G 424 43.84 7.31 43.04
C LYS G 424 43.39 7.93 41.73
N GLU G 425 44.28 8.59 41.00
CA GLU G 425 43.92 9.14 39.70
C GLU G 425 43.85 8.06 38.62
N LEU G 426 44.40 6.88 38.89
CA LEU G 426 44.34 5.76 37.96
C LEU G 426 43.14 4.86 38.24
N ILE G 427 42.78 4.69 39.51
CA ILE G 427 41.62 3.88 39.86
C ILE G 427 40.37 4.59 39.40
N THR G 428 39.54 3.90 38.63
CA THR G 428 38.24 4.37 38.22
C THR G 428 37.18 3.59 38.98
N VAL G 429 35.93 3.98 38.82
CA VAL G 429 34.80 3.30 39.46
C VAL G 429 33.59 3.44 38.56
N PHE G 430 32.64 2.52 38.74
CA PHE G 430 31.41 2.53 37.97
C PHE G 430 30.24 2.40 38.93
N ARG G 431 29.31 3.35 38.88
CA ARG G 431 28.12 3.34 39.71
C ARG G 431 26.90 3.58 38.84
N MET G 432 25.81 2.88 39.16
CA MET G 432 24.59 2.93 38.35
C MET G 432 23.75 4.11 38.79
N GLY G 433 23.72 5.16 37.97
CA GLY G 433 22.85 6.31 38.22
C GLY G 433 23.41 7.32 39.19
N SER G 434 24.21 6.85 40.16
CA SER G 434 24.75 7.76 41.19
C SER G 434 25.74 8.75 40.58
N GLU G 435 26.56 8.30 39.64
CA GLU G 435 27.58 9.16 39.05
C GLU G 435 27.47 9.17 37.53
N GLY G 436 28.43 9.78 36.86
CA GLY G 436 28.48 9.76 35.41
C GLY G 436 29.07 8.47 34.89
N HIS G 437 29.24 8.43 33.56
CA HIS G 437 29.74 7.26 32.84
C HIS G 437 28.91 6.02 33.16
N GLN G 438 27.64 6.08 32.79
CA GLN G 438 26.73 4.96 33.01
C GLN G 438 26.91 3.83 32.01
N ASP G 439 27.94 3.89 31.18
CA ASP G 439 28.26 2.83 30.22
C ASP G 439 29.66 2.31 30.51
N ILE G 440 29.79 0.98 30.54
CA ILE G 440 31.09 0.37 30.83
C ILE G 440 32.09 0.68 29.73
N ASP G 441 31.66 0.59 28.46
CA ASP G 441 32.58 0.89 27.35
C ASP G 441 33.05 2.33 27.40
N LEU G 442 32.16 3.26 27.77
CA LEU G 442 32.60 4.63 28.00
C LEU G 442 33.59 4.72 29.14
N ALA G 443 33.34 3.97 30.22
CA ALA G 443 34.25 3.98 31.36
C ALA G 443 35.60 3.38 31.01
N ILE G 444 35.61 2.31 30.21
CA ILE G 444 36.86 1.68 29.83
C ILE G 444 37.66 2.59 28.92
N LEU G 445 37.01 3.16 27.90
CA LEU G 445 37.72 3.92 26.89
C LEU G 445 38.25 5.24 27.45
N THR G 446 37.46 5.92 28.29
CA THR G 446 37.93 7.15 28.91
C THR G 446 39.06 6.91 29.90
N ALA G 447 39.14 5.71 30.48
CA ALA G 447 40.23 5.41 31.41
C ALA G 447 41.57 5.26 30.70
N LEU G 448 41.55 4.84 29.43
CA LEU G 448 42.80 4.68 28.69
C LEU G 448 43.38 6.01 28.25
N LEU G 449 42.52 6.98 27.90
CA LEU G 449 42.99 8.30 27.52
C LEU G 449 43.63 9.01 28.70
N LYS G 450 42.96 8.99 29.86
CA LYS G 450 43.51 9.64 31.04
C LYS G 450 44.70 8.86 31.59
N GLY G 451 44.63 7.53 31.55
CA GLY G 451 45.69 6.70 32.11
C GLY G 451 46.98 6.73 31.32
N ALA G 452 46.92 7.10 30.03
CA ALA G 452 48.13 7.20 29.24
C ALA G 452 48.97 8.41 29.62
N ASN G 453 48.32 9.46 30.15
CA ASN G 453 48.99 10.71 30.53
C ASN G 453 49.78 11.30 29.37
N ALA G 454 49.19 11.23 28.18
CA ALA G 454 49.82 11.67 26.94
C ALA G 454 49.20 12.98 26.47
N SER G 455 49.71 13.47 25.35
CA SER G 455 49.26 14.74 24.80
C SER G 455 47.99 14.56 23.98
N ALA G 456 47.38 15.68 23.62
CA ALA G 456 46.19 15.65 22.77
C ALA G 456 46.41 15.00 21.41
N PRO G 457 47.54 15.21 20.70
CA PRO G 457 47.76 14.42 19.47
C PRO G 457 47.75 12.92 19.70
N ASP G 458 48.30 12.43 20.80
CA ASP G 458 48.30 11.00 21.07
C ASP G 458 46.90 10.49 21.39
N GLN G 459 46.12 11.26 22.14
CA GLN G 459 44.74 10.89 22.39
C GLN G 459 43.93 10.84 21.10
N LEU G 460 44.14 11.82 20.22
CA LEU G 460 43.45 11.82 18.93
C LEU G 460 43.88 10.63 18.07
N SER G 461 45.17 10.28 18.11
CA SER G 461 45.64 9.12 17.37
C SER G 461 45.01 7.83 17.90
N LEU G 462 44.88 7.72 19.22
CA LEU G 462 44.25 6.54 19.82
C LEU G 462 42.78 6.45 19.41
N ALA G 463 42.05 7.56 19.53
CA ALA G 463 40.63 7.55 19.17
C ALA G 463 40.43 7.32 17.68
N LEU G 464 41.39 7.72 16.85
CA LEU G 464 41.32 7.46 15.42
C LEU G 464 41.61 5.99 15.11
N ALA G 465 42.56 5.39 15.83
CA ALA G 465 42.85 3.97 15.64
C ALA G 465 41.68 3.10 16.07
N TRP G 466 41.02 3.48 17.17
CA TRP G 466 39.84 2.72 17.60
C TRP G 466 38.62 3.01 16.74
N ASN G 467 38.68 4.01 15.86
CA ASN G 467 37.55 4.42 15.02
C ASN G 467 36.36 4.81 15.87
N ARG G 468 36.62 5.53 16.96
CA ARG G 468 35.58 6.01 17.88
C ARG G 468 35.57 7.53 17.81
N VAL G 469 34.56 8.09 17.15
CA VAL G 469 34.52 9.54 16.94
C VAL G 469 33.80 10.25 18.09
N ASP G 470 32.86 9.58 18.76
CA ASP G 470 32.20 10.22 19.90
C ASP G 470 33.15 10.39 21.08
N ILE G 471 34.08 9.45 21.24
CA ILE G 471 35.11 9.59 22.27
C ILE G 471 35.95 10.84 22.02
N ALA G 472 36.36 11.06 20.76
CA ALA G 472 37.12 12.26 20.44
C ALA G 472 36.28 13.51 20.55
N ARG G 473 34.98 13.40 20.28
CA ARG G 473 34.11 14.58 20.28
C ARG G 473 33.81 15.04 21.70
N SER G 474 33.60 14.11 22.63
CA SER G 474 33.20 14.48 23.98
C SER G 474 34.37 14.62 24.95
N GLN G 475 35.51 13.99 24.67
CA GLN G 475 36.65 14.00 25.57
C GLN G 475 37.84 14.78 25.04
N ILE G 476 38.14 14.68 23.75
CA ILE G 476 39.36 15.30 23.22
C ILE G 476 39.09 16.70 22.72
N PHE G 477 37.96 16.93 22.04
CA PHE G 477 37.67 18.25 21.47
C PHE G 477 36.78 19.02 22.46
N ILE G 478 37.43 19.62 23.45
CA ILE G 478 36.79 20.49 24.42
C ILE G 478 37.61 21.77 24.53
N TYR G 479 37.20 22.63 25.46
CA TYR G 479 37.78 23.97 25.57
C TYR G 479 39.24 23.89 26.02
N GLY G 480 40.10 24.64 25.33
CA GLY G 480 41.48 24.81 25.74
C GLY G 480 42.32 23.55 25.68
N GLN G 481 42.59 23.04 24.48
CA GLN G 481 43.40 21.84 24.33
C GLN G 481 44.83 22.13 23.89
N GLN G 482 45.07 23.24 23.20
CA GLN G 482 46.41 23.70 22.83
C GLN G 482 47.15 22.63 22.02
N TRP G 483 46.61 22.38 20.83
CA TRP G 483 47.27 21.48 19.90
C TRP G 483 48.59 22.11 19.42
N PRO G 484 49.64 21.32 19.24
CA PRO G 484 50.85 21.85 18.62
C PRO G 484 50.59 22.23 17.17
N VAL G 485 51.46 23.11 16.66
CA VAL G 485 51.32 23.56 15.28
C VAL G 485 51.61 22.40 14.33
N GLY G 486 50.71 22.16 13.40
CA GLY G 486 50.85 21.07 12.47
C GLY G 486 50.39 19.72 12.99
N SER G 487 49.69 19.68 14.12
CA SER G 487 49.18 18.42 14.64
C SER G 487 47.82 18.05 14.06
N LEU G 488 46.91 19.03 13.98
CA LEU G 488 45.62 18.78 13.33
C LEU G 488 45.79 18.46 11.86
N GLU G 489 46.78 19.07 11.21
CA GLU G 489 47.06 18.75 9.80
C GLU G 489 47.52 17.31 9.65
N GLN G 490 48.41 16.85 10.54
CA GLN G 490 48.85 15.46 10.50
C GLN G 490 47.71 14.50 10.81
N ALA G 491 46.83 14.87 11.74
CA ALA G 491 45.68 14.04 12.04
C ALA G 491 44.73 13.97 10.85
N MET G 492 44.58 15.07 10.11
CA MET G 492 43.77 15.06 8.91
C MET G 492 44.38 14.15 7.84
N LEU G 493 45.70 14.19 7.69
CA LEU G 493 46.34 13.29 6.73
C LEU G 493 46.14 11.83 7.13
N ASP G 494 46.30 11.52 8.42
CA ASP G 494 46.12 10.14 8.90
C ASP G 494 44.68 9.68 8.72
N ALA G 495 43.71 10.54 8.99
CA ALA G 495 42.32 10.17 8.80
C ALA G 495 41.97 10.02 7.33
N LEU G 496 42.61 10.82 6.46
CA LEU G 496 42.39 10.68 5.03
C LEU G 496 42.93 9.35 4.52
N VAL G 497 44.09 8.94 5.01
CA VAL G 497 44.68 7.68 4.56
C VAL G 497 43.82 6.49 4.97
N LEU G 498 43.38 6.47 6.22
CA LEU G 498 42.74 5.30 6.82
C LEU G 498 41.24 5.22 6.54
N ASP G 499 40.71 6.08 5.68
CA ASP G 499 39.28 6.11 5.33
C ASP G 499 38.43 6.31 6.58
N ARG G 500 38.62 7.45 7.23
CA ARG G 500 37.87 7.84 8.42
C ARG G 500 37.08 9.09 8.06
N VAL G 501 35.89 8.89 7.49
CA VAL G 501 35.07 10.02 7.04
C VAL G 501 34.59 10.84 8.22
N ASP G 502 34.19 10.17 9.31
CA ASP G 502 33.71 10.88 10.49
C ASP G 502 34.80 11.75 11.09
N PHE G 503 36.04 11.25 11.14
CA PHE G 503 37.12 12.04 11.69
C PHE G 503 37.53 13.17 10.76
N VAL G 504 37.44 12.97 9.44
CA VAL G 504 37.69 14.07 8.52
C VAL G 504 36.66 15.18 8.71
N LYS G 505 35.39 14.80 8.85
CA LYS G 505 34.35 15.80 9.11
C LYS G 505 34.57 16.50 10.44
N LEU G 506 34.95 15.75 11.48
CA LEU G 506 35.18 16.33 12.79
C LEU G 506 36.34 17.31 12.78
N LEU G 507 37.42 16.96 12.07
CA LEU G 507 38.56 17.89 11.98
C LEU G 507 38.22 19.10 11.13
N ILE G 508 37.41 18.94 10.09
CA ILE G 508 36.97 20.08 9.29
C ILE G 508 36.14 21.03 10.16
N GLU G 509 35.24 20.49 10.96
CA GLU G 509 34.43 21.33 11.84
C GLU G 509 35.25 21.97 12.95
N ASN G 510 36.45 21.48 13.22
CA ASN G 510 37.26 21.93 14.35
C ASN G 510 38.53 22.64 13.91
N GLY G 511 38.45 23.45 12.87
CA GLY G 511 39.54 24.37 12.57
C GLY G 511 40.27 24.19 11.25
N VAL G 512 40.56 22.95 10.86
CA VAL G 512 41.39 22.75 9.68
C VAL G 512 40.60 23.14 8.43
N SER G 513 41.32 23.65 7.43
CA SER G 513 40.74 24.03 6.15
C SER G 513 41.50 23.30 5.06
N MET G 514 40.77 22.70 4.13
CA MET G 514 41.40 21.85 3.12
C MET G 514 42.20 22.66 2.12
N HIS G 515 41.98 23.97 2.03
CA HIS G 515 42.73 24.78 1.07
C HIS G 515 44.19 24.90 1.44
N ARG G 516 44.51 24.93 2.74
CA ARG G 516 45.90 25.00 3.18
C ARG G 516 46.52 23.64 3.44
N PHE G 517 45.70 22.65 3.82
CA PHE G 517 46.22 21.30 4.07
C PHE G 517 46.74 20.66 2.79
N LEU G 518 45.95 20.70 1.73
CA LEU G 518 46.24 19.92 0.52
C LEU G 518 47.35 20.58 -0.27
N THR G 519 48.48 19.90 -0.41
CA THR G 519 49.59 20.31 -1.25
C THR G 519 49.83 19.24 -2.32
N ILE G 520 50.83 19.49 -3.17
CA ILE G 520 51.19 18.49 -4.16
C ILE G 520 51.82 17.27 -3.49
N SER G 521 52.69 17.51 -2.50
CA SER G 521 53.34 16.41 -1.80
C SER G 521 52.34 15.57 -1.01
N ARG G 522 51.37 16.23 -0.36
CA ARG G 522 50.37 15.49 0.40
C ARG G 522 49.47 14.68 -0.52
N LEU G 523 49.13 15.22 -1.68
CA LEU G 523 48.33 14.45 -2.64
C LEU G 523 49.13 13.26 -3.17
N GLU G 524 50.42 13.45 -3.41
CA GLU G 524 51.28 12.35 -3.81
C GLU G 524 51.32 11.26 -2.75
N GLU G 525 51.40 11.65 -1.48
CA GLU G 525 51.36 10.68 -0.39
C GLU G 525 50.02 9.97 -0.33
N LEU G 526 48.94 10.70 -0.59
CA LEU G 526 47.60 10.10 -0.58
C LEU G 526 47.44 9.06 -1.67
N TYR G 527 48.00 9.32 -2.85
CA TYR G 527 47.86 8.36 -3.95
C TYR G 527 48.68 7.10 -3.75
N ASN G 528 49.66 7.13 -2.84
CA ASN G 528 50.56 6.00 -2.62
C ASN G 528 50.38 5.42 -1.21
N THR G 529 49.14 5.27 -0.77
CA THR G 529 48.87 4.67 0.52
C THR G 529 48.64 3.17 0.36
N ARG G 530 48.94 2.43 1.43
CA ARG G 530 48.70 1.00 1.48
C ARG G 530 47.66 0.60 2.51
N HIS G 531 47.27 1.52 3.39
CA HIS G 531 46.30 1.24 4.45
C HIS G 531 44.93 1.73 3.97
N GLY G 532 44.03 0.78 3.72
CA GLY G 532 42.69 1.12 3.30
C GLY G 532 42.07 0.01 2.47
N PRO G 533 40.86 0.24 1.98
CA PRO G 533 40.20 -0.76 1.14
C PRO G 533 40.94 -0.97 -0.17
N SER G 534 40.82 -2.19 -0.69
CA SER G 534 41.50 -2.55 -1.93
C SER G 534 40.92 -1.79 -3.11
N ASN G 535 41.78 -1.49 -4.09
CA ASN G 535 41.40 -0.76 -5.28
C ASN G 535 42.13 -1.34 -6.48
N THR G 536 41.81 -0.82 -7.66
CA THR G 536 42.39 -1.29 -8.91
C THR G 536 43.26 -0.22 -9.59
N LEU G 537 43.78 0.73 -8.81
CA LEU G 537 44.57 1.81 -9.40
C LEU G 537 45.90 1.29 -9.94
N TYR G 538 46.52 0.34 -9.24
CA TYR G 538 47.83 -0.17 -9.66
C TYR G 538 47.73 -0.87 -11.01
N HIS G 539 46.66 -1.62 -11.24
CA HIS G 539 46.47 -2.26 -12.54
C HIS G 539 46.30 -1.22 -13.64
N LEU G 540 45.57 -0.13 -13.36
CA LEU G 540 45.41 0.93 -14.34
C LEU G 540 46.74 1.60 -14.65
N VAL G 541 47.56 1.85 -13.63
CA VAL G 541 48.87 2.47 -13.86
C VAL G 541 49.78 1.53 -14.63
N ARG G 542 49.66 0.21 -14.40
CA ARG G 542 50.39 -0.74 -15.22
C ARG G 542 49.90 -0.68 -16.67
N ASP G 543 48.59 -0.60 -16.88
CA ASP G 543 48.03 -0.59 -18.23
C ASP G 543 48.50 0.64 -19.02
N VAL G 544 48.37 1.83 -18.43
CA VAL G 544 48.93 3.01 -19.07
C VAL G 544 50.45 2.99 -18.90
N LYS G 545 51.13 3.83 -19.69
CA LYS G 545 52.59 3.95 -19.68
C LYS G 545 53.24 2.59 -19.95
N LYS G 546 53.01 2.10 -21.16
CA LYS G 546 53.55 0.84 -21.67
C LYS G 546 53.02 -0.34 -20.85
N GLY G 547 53.57 -1.53 -21.10
CA GLY G 547 53.10 -2.72 -20.42
C GLY G 547 53.93 -3.19 -19.24
N ASN G 548 55.08 -2.58 -19.00
CA ASN G 548 55.97 -3.01 -17.92
C ASN G 548 56.13 -1.90 -16.90
N LEU G 549 56.29 -2.31 -15.64
CA LEU G 549 56.44 -1.37 -14.53
C LEU G 549 57.20 -2.06 -13.41
N PRO G 550 58.22 -1.41 -12.84
CA PRO G 550 58.94 -2.02 -11.72
C PRO G 550 58.04 -2.13 -10.49
N PRO G 551 58.30 -3.09 -9.61
CA PRO G 551 57.46 -3.22 -8.40
C PRO G 551 57.58 -2.01 -7.47
N ASP G 552 58.79 -1.55 -7.20
CA ASP G 552 59.01 -0.39 -6.33
C ASP G 552 58.89 0.86 -7.19
N TYR G 553 57.67 1.39 -7.28
CA TYR G 553 57.37 2.54 -8.12
C TYR G 553 56.50 3.52 -7.36
N ARG G 554 56.79 4.81 -7.51
CA ARG G 554 56.01 5.88 -6.92
C ARG G 554 55.09 6.46 -7.98
N ILE G 555 53.79 6.41 -7.74
CA ILE G 555 52.79 6.87 -8.69
C ILE G 555 52.76 8.39 -8.65
N SER G 556 53.39 9.03 -9.63
CA SER G 556 53.40 10.48 -9.70
C SER G 556 52.05 11.00 -10.21
N LEU G 557 51.82 12.28 -9.98
CA LEU G 557 50.57 12.90 -10.44
C LEU G 557 50.45 12.92 -11.96
N ILE G 558 51.57 12.90 -12.68
CA ILE G 558 51.52 12.84 -14.13
C ILE G 558 50.89 11.52 -14.59
N ASP G 559 51.24 10.41 -13.92
CA ASP G 559 50.64 9.13 -14.25
C ASP G 559 49.15 9.13 -13.97
N ILE G 560 48.73 9.80 -12.90
CA ILE G 560 47.31 9.91 -12.59
C ILE G 560 46.59 10.75 -13.65
N GLY G 561 47.25 11.82 -14.12
CA GLY G 561 46.68 12.57 -15.22
C GLY G 561 46.52 11.74 -16.47
N LEU G 562 47.52 10.92 -16.78
CA LEU G 562 47.44 10.05 -17.95
C LEU G 562 46.33 9.03 -17.81
N VAL G 563 46.17 8.44 -16.62
CA VAL G 563 45.11 7.45 -16.45
C VAL G 563 43.73 8.11 -16.47
N ILE G 564 43.63 9.36 -16.01
CA ILE G 564 42.36 10.08 -16.11
C ILE G 564 42.03 10.37 -17.57
N GLU G 565 43.01 10.79 -18.35
CA GLU G 565 42.78 10.99 -19.79
C GLU G 565 42.40 9.70 -20.48
N TYR G 566 42.98 8.57 -20.04
CA TYR G 566 42.62 7.28 -20.63
C TYR G 566 41.19 6.88 -20.26
N LEU G 567 40.78 7.13 -19.01
CA LEU G 567 39.46 6.70 -18.57
C LEU G 567 38.36 7.58 -19.16
N MET G 568 38.60 8.89 -19.28
CA MET G 568 37.53 9.79 -19.66
C MET G 568 37.15 9.64 -21.13
N GLY G 569 38.08 9.91 -22.04
CA GLY G 569 37.77 9.81 -23.45
C GLY G 569 38.92 10.31 -24.30
N GLY G 570 38.65 10.39 -25.61
CA GLY G 570 39.68 10.80 -26.54
C GLY G 570 40.06 12.26 -26.41
N ALA G 571 39.08 13.14 -26.23
CA ALA G 571 39.32 14.57 -26.25
C ALA G 571 39.71 15.16 -24.90
N TYR G 572 39.49 14.43 -23.81
CA TYR G 572 39.73 14.98 -22.49
C TYR G 572 41.22 15.18 -22.25
N ARG G 573 41.56 16.30 -21.60
CA ARG G 573 42.93 16.63 -21.25
C ARG G 573 42.97 17.10 -19.81
N CYS G 574 43.61 16.32 -18.94
CA CYS G 574 43.65 16.65 -17.52
C CYS G 574 44.60 17.81 -17.26
N ASN G 575 44.44 18.42 -16.08
CA ASN G 575 45.30 19.54 -15.71
C ASN G 575 46.71 19.11 -15.35
N TYR G 576 46.91 17.83 -14.99
CA TYR G 576 48.23 17.37 -14.60
C TYR G 576 49.18 17.32 -15.80
N THR G 577 48.67 16.93 -16.96
CA THR G 577 49.50 16.78 -18.14
C THR G 577 49.72 18.08 -18.91
N ARG G 578 49.12 19.18 -18.45
CA ARG G 578 49.37 20.47 -19.09
C ARG G 578 50.83 20.89 -18.87
N LYS G 579 51.33 21.74 -19.77
CA LYS G 579 52.74 22.12 -19.70
C LYS G 579 53.04 22.96 -18.47
N ARG G 580 52.08 23.75 -17.99
CA ARG G 580 52.32 24.57 -16.81
C ARG G 580 52.51 23.70 -15.57
N PHE G 581 51.63 22.72 -15.38
CA PHE G 581 51.78 21.83 -14.24
C PHE G 581 53.00 20.94 -14.38
N ARG G 582 53.33 20.52 -15.61
CA ARG G 582 54.54 19.72 -15.79
C ARG G 582 55.79 20.51 -15.44
N THR G 583 55.85 21.79 -15.84
CA THR G 583 57.00 22.62 -15.48
C THR G 583 57.03 22.91 -13.99
N LEU G 584 55.86 23.06 -13.35
CA LEU G 584 55.82 23.27 -11.91
C LEU G 584 56.22 22.01 -11.14
N TYR G 585 55.94 20.83 -11.69
CA TYR G 585 56.24 19.57 -11.03
C TYR G 585 57.65 19.07 -11.33
N HIS G 586 58.28 19.53 -12.41
CA HIS G 586 59.63 19.10 -12.71
C HIS G 586 60.63 19.60 -11.67
N ASN G 587 60.45 20.84 -11.19
CA ASN G 587 61.35 21.45 -10.23
C ASN G 587 60.83 21.35 -8.81
N LEU G 588 60.14 20.26 -8.47
CA LEU G 588 59.64 20.07 -7.12
C LEU G 588 60.01 18.68 -6.60
N ASN G 632 53.37 23.51 -4.33
CA ASN G 632 52.40 24.60 -4.22
C ASN G 632 51.06 24.07 -3.74
N HIS G 633 50.01 24.85 -3.94
CA HIS G 633 48.66 24.52 -3.49
C HIS G 633 47.73 24.41 -4.70
N PHE G 634 46.48 24.05 -4.41
CA PHE G 634 45.45 23.91 -5.43
C PHE G 634 44.35 24.92 -5.19
N PRO G 635 43.92 25.65 -6.23
CA PRO G 635 42.82 26.62 -6.03
C PRO G 635 41.51 25.96 -5.64
N PHE G 636 41.24 24.77 -6.16
CA PHE G 636 40.04 24.00 -5.83
C PHE G 636 40.51 22.66 -5.26
N PRO G 637 40.64 22.53 -3.93
CA PRO G 637 41.17 21.29 -3.39
C PRO G 637 40.21 20.12 -3.48
N PHE G 638 38.91 20.36 -3.29
CA PHE G 638 37.94 19.29 -3.37
C PHE G 638 37.79 18.74 -4.77
N HIS G 639 38.14 19.50 -5.80
CA HIS G 639 38.21 18.93 -7.15
C HIS G 639 39.23 17.79 -7.21
N GLU G 640 40.38 17.97 -6.58
CA GLU G 640 41.40 16.92 -6.57
C GLU G 640 41.01 15.78 -5.63
N LEU G 641 40.45 16.12 -4.45
CA LEU G 641 40.13 15.08 -3.49
C LEU G 641 38.98 14.21 -3.93
N MET G 642 38.00 14.77 -4.66
CA MET G 642 36.91 13.97 -5.21
C MET G 642 37.44 12.95 -6.20
N VAL G 643 38.35 13.36 -7.08
CA VAL G 643 38.91 12.43 -8.05
C VAL G 643 39.75 11.38 -7.35
N TRP G 644 40.49 11.77 -6.30
CA TRP G 644 41.24 10.79 -5.53
C TRP G 644 40.32 9.74 -4.92
N ALA G 645 39.24 10.18 -4.28
CA ALA G 645 38.34 9.24 -3.64
C ALA G 645 37.61 8.38 -4.67
N VAL G 646 37.36 8.90 -5.87
CA VAL G 646 36.73 8.10 -6.92
C VAL G 646 37.68 7.05 -7.44
N LEU G 647 38.94 7.42 -7.69
CA LEU G 647 39.89 6.48 -8.27
C LEU G 647 40.34 5.42 -7.29
N MET G 648 40.29 5.72 -5.98
CA MET G 648 40.65 4.75 -4.96
C MET G 648 39.47 3.90 -4.51
N LYS G 649 38.30 4.08 -5.13
CA LYS G 649 37.10 3.28 -4.85
C LYS G 649 36.68 3.41 -3.39
N ARG G 650 36.51 4.65 -2.93
CA ARG G 650 36.01 4.95 -1.59
C ARG G 650 34.75 5.79 -1.77
N GLN G 651 33.58 5.15 -1.67
CA GLN G 651 32.34 5.82 -2.03
C GLN G 651 31.91 6.83 -0.98
N LYS G 652 32.06 6.50 0.30
CA LYS G 652 31.66 7.44 1.35
C LYS G 652 32.51 8.70 1.30
N MET G 653 33.82 8.55 1.08
CA MET G 653 34.70 9.70 0.98
C MET G 653 34.36 10.55 -0.24
N ALA G 654 34.05 9.91 -1.36
CA ALA G 654 33.67 10.66 -2.56
C ALA G 654 32.38 11.42 -2.35
N LEU G 655 31.40 10.80 -1.71
CA LEU G 655 30.14 11.50 -1.45
C LEU G 655 30.33 12.64 -0.47
N PHE G 656 31.27 12.51 0.48
CA PHE G 656 31.54 13.63 1.37
C PHE G 656 32.23 14.77 0.63
N PHE G 657 33.20 14.46 -0.22
CA PHE G 657 33.92 15.51 -0.93
C PHE G 657 33.10 16.13 -2.05
N TRP G 658 32.03 15.47 -2.50
CA TRP G 658 31.23 16.00 -3.60
C TRP G 658 30.46 17.25 -3.16
N GLN G 659 29.88 17.24 -1.97
CA GLN G 659 29.01 18.33 -1.55
C GLN G 659 29.77 19.55 -1.04
N HIS G 660 31.09 19.48 -0.96
CA HIS G 660 31.92 20.61 -0.54
C HIS G 660 32.66 21.14 -1.75
N GLY G 661 32.56 22.44 -1.98
CA GLY G 661 33.22 23.08 -3.11
C GLY G 661 32.22 23.51 -4.16
N GLU G 662 32.78 24.06 -5.25
CA GLU G 662 31.98 24.54 -6.37
C GLU G 662 31.92 23.49 -7.48
N GLU G 663 31.03 23.73 -8.44
CA GLU G 663 30.85 22.87 -9.61
C GLU G 663 30.51 21.43 -9.19
N ALA G 664 29.38 21.30 -8.49
CA ALA G 664 28.98 19.99 -7.99
C ALA G 664 28.47 19.09 -9.11
N MET G 665 27.73 19.65 -10.06
CA MET G 665 27.15 18.83 -11.13
C MET G 665 28.23 18.30 -12.06
N ALA G 666 29.23 19.12 -12.36
CA ALA G 666 30.35 18.65 -13.17
C ALA G 666 31.10 17.53 -12.47
N LYS G 667 31.31 17.66 -11.16
CA LYS G 667 31.97 16.61 -10.40
C LYS G 667 31.14 15.33 -10.42
N ALA G 668 29.82 15.44 -10.31
CA ALA G 668 28.97 14.25 -10.37
C ALA G 668 29.07 13.56 -11.72
N LEU G 669 29.04 14.33 -12.81
CA LEU G 669 29.10 13.73 -14.14
C LEU G 669 30.45 13.10 -14.41
N VAL G 670 31.54 13.77 -14.00
CA VAL G 670 32.88 13.22 -14.18
C VAL G 670 33.05 11.96 -13.35
N ALA G 671 32.51 11.95 -12.13
CA ALA G 671 32.60 10.76 -11.30
C ALA G 671 31.82 9.60 -11.89
N CYS G 672 30.64 9.87 -12.46
CA CYS G 672 29.87 8.82 -13.11
C CYS G 672 30.65 8.23 -14.28
N LYS G 673 31.25 9.08 -15.11
CA LYS G 673 32.03 8.57 -16.25
C LYS G 673 33.25 7.78 -15.78
N LEU G 674 33.96 8.28 -14.77
CA LEU G 674 35.14 7.57 -14.28
C LEU G 674 34.78 6.22 -13.70
N CYS G 675 33.70 6.14 -12.93
CA CYS G 675 33.29 4.87 -12.35
C CYS G 675 32.86 3.89 -13.43
N LYS G 676 32.15 4.37 -14.46
CA LYS G 676 31.77 3.49 -15.56
C LYS G 676 32.98 2.95 -16.30
N ALA G 677 33.97 3.83 -16.57
CA ALA G 677 35.17 3.38 -17.26
C ALA G 677 35.97 2.40 -16.42
N MET G 678 36.07 2.63 -15.11
CA MET G 678 36.78 1.71 -14.23
C MET G 678 36.07 0.37 -14.16
N ALA G 679 34.73 0.37 -14.13
CA ALA G 679 33.99 -0.88 -14.15
C ALA G 679 34.24 -1.65 -15.44
N HIS G 680 34.23 -0.96 -16.57
CA HIS G 680 34.49 -1.64 -17.85
C HIS G 680 35.90 -2.22 -17.89
N GLU G 681 36.89 -1.46 -17.42
CA GLU G 681 38.26 -1.97 -17.41
C GLU G 681 38.42 -3.16 -16.48
N ALA G 682 37.78 -3.12 -15.31
CA ALA G 682 37.86 -4.24 -14.38
C ALA G 682 37.18 -5.47 -14.94
N SER G 683 36.04 -5.30 -15.61
CA SER G 683 35.36 -6.44 -16.22
C SER G 683 36.18 -7.02 -17.37
N GLU G 684 36.86 -6.17 -18.13
CA GLU G 684 37.65 -6.66 -19.25
C GLU G 684 38.88 -7.43 -18.80
N ASN G 685 39.41 -7.11 -17.62
CA ASN G 685 40.60 -7.77 -17.09
C ASN G 685 40.27 -8.91 -16.15
N ASP G 686 39.14 -9.59 -16.36
CA ASP G 686 38.67 -10.77 -15.61
C ASP G 686 38.91 -10.62 -14.11
N MET G 687 38.26 -9.62 -13.53
CA MET G 687 38.33 -9.39 -12.09
C MET G 687 37.42 -10.39 -11.37
N VAL G 688 37.17 -10.15 -10.08
CA VAL G 688 36.37 -11.06 -9.27
C VAL G 688 34.89 -10.83 -9.54
N ASP G 689 34.58 -9.88 -10.41
CA ASP G 689 33.24 -9.50 -10.88
C ASP G 689 32.38 -8.88 -9.80
N ASP G 690 32.86 -8.78 -8.56
CA ASP G 690 32.20 -7.97 -7.55
C ASP G 690 32.66 -6.52 -7.60
N ILE G 691 33.92 -6.31 -8.00
CA ILE G 691 34.43 -4.96 -8.19
C ILE G 691 33.65 -4.25 -9.29
N SER G 692 33.34 -4.95 -10.37
CA SER G 692 32.56 -4.35 -11.46
C SER G 692 31.17 -3.96 -10.99
N GLN G 693 30.52 -4.80 -10.19
CA GLN G 693 29.20 -4.45 -9.68
C GLN G 693 29.26 -3.26 -8.74
N GLU G 694 30.28 -3.22 -7.87
CA GLU G 694 30.42 -2.08 -6.97
C GLU G 694 30.66 -0.79 -7.75
N LEU G 695 31.51 -0.84 -8.77
CA LEU G 695 31.78 0.37 -9.55
C LEU G 695 30.56 0.80 -10.35
N ASN G 696 29.78 -0.15 -10.86
CA ASN G 696 28.54 0.22 -11.56
C ASN G 696 27.53 0.83 -10.60
N HIS G 697 27.46 0.33 -9.37
CA HIS G 697 26.56 0.94 -8.39
C HIS G 697 27.01 2.36 -8.03
N ASN G 698 28.33 2.56 -7.93
CA ASN G 698 28.83 3.91 -7.68
C ASN G 698 28.49 4.85 -8.83
N SER G 699 28.64 4.38 -10.07
CA SER G 699 28.28 5.18 -11.23
C SER G 699 26.81 5.54 -11.24
N ARG G 700 25.95 4.57 -10.90
CA ARG G 700 24.51 4.85 -10.84
C ARG G 700 24.19 5.86 -9.75
N ASP G 701 24.85 5.76 -8.59
CA ASP G 701 24.62 6.71 -7.51
C ASP G 701 25.00 8.12 -7.93
N PHE G 702 26.16 8.27 -8.59
CA PHE G 702 26.57 9.60 -9.02
C PHE G 702 25.66 10.16 -10.10
N GLY G 703 25.20 9.30 -11.02
CA GLY G 703 24.25 9.76 -12.01
C GLY G 703 22.94 10.23 -11.41
N GLN G 704 22.44 9.49 -10.41
CA GLN G 704 21.22 9.92 -9.74
C GLN G 704 21.42 11.23 -9.00
N LEU G 705 22.59 11.42 -8.40
CA LEU G 705 22.88 12.69 -7.75
C LEU G 705 22.85 13.84 -8.74
N ALA G 706 23.46 13.65 -9.92
CA ALA G 706 23.46 14.69 -10.93
C ALA G 706 22.05 15.01 -11.40
N VAL G 707 21.22 13.97 -11.62
CA VAL G 707 19.85 14.20 -12.09
C VAL G 707 19.05 14.95 -11.05
N GLU G 708 19.18 14.56 -9.77
CA GLU G 708 18.42 15.24 -8.72
C GLU G 708 18.87 16.69 -8.55
N LEU G 709 20.18 16.95 -8.66
CA LEU G 709 20.65 18.33 -8.58
C LEU G 709 20.13 19.16 -9.73
N LEU G 710 20.10 18.59 -10.94
CA LEU G 710 19.54 19.32 -12.08
C LEU G 710 18.05 19.59 -11.88
N ASP G 711 17.32 18.61 -11.32
CA ASP G 711 15.91 18.80 -11.06
C ASP G 711 15.68 19.94 -10.08
N GLN G 712 16.44 19.98 -8.99
CA GLN G 712 16.30 21.06 -8.02
C GLN G 712 16.65 22.41 -8.64
N SER G 713 17.74 22.46 -9.43
CA SER G 713 18.15 23.71 -10.03
C SER G 713 17.11 24.24 -11.01
N TYR G 714 16.53 23.36 -11.83
CA TYR G 714 15.50 23.80 -12.76
C TYR G 714 14.23 24.20 -12.04
N LYS G 715 13.90 23.51 -10.94
CA LYS G 715 12.72 23.88 -10.17
C LYS G 715 12.87 25.24 -9.52
N GLN G 716 14.10 25.60 -9.11
CA GLN G 716 14.30 26.91 -8.48
C GLN G 716 14.26 28.02 -9.51
N ASP G 717 15.18 28.01 -10.48
CA ASP G 717 15.25 29.03 -11.51
C ASP G 717 15.53 28.36 -12.85
N GLU G 718 14.90 28.86 -13.91
CA GLU G 718 15.01 28.25 -15.22
C GLU G 718 16.20 28.77 -16.00
N GLN G 719 16.34 30.09 -16.11
CA GLN G 719 17.40 30.67 -16.93
C GLN G 719 18.78 30.36 -16.36
N LEU G 720 18.94 30.44 -15.04
CA LEU G 720 20.22 30.10 -14.44
C LEU G 720 20.51 28.61 -14.55
N ALA G 721 19.48 27.76 -14.51
CA ALA G 721 19.69 26.33 -14.73
C ALA G 721 20.18 26.05 -16.14
N MET G 722 19.59 26.73 -17.14
CA MET G 722 20.06 26.54 -18.51
C MET G 722 21.43 27.17 -18.73
N LYS G 723 21.78 28.19 -17.95
CA LYS G 723 23.14 28.73 -18.00
C LYS G 723 24.14 27.83 -17.29
N LEU G 724 23.67 26.98 -16.39
CA LEU G 724 24.54 26.07 -15.67
C LEU G 724 25.00 24.90 -16.54
N LEU G 725 24.22 24.53 -17.54
CA LEU G 725 24.51 23.40 -18.40
C LEU G 725 25.30 23.77 -19.65
N THR G 726 25.62 25.05 -19.85
CA THR G 726 26.26 25.46 -21.09
C THR G 726 27.52 26.30 -20.92
N TYR G 727 27.87 26.71 -19.70
CA TYR G 727 29.07 27.50 -19.54
C TYR G 727 30.30 26.60 -19.56
N GLU G 728 31.37 27.10 -20.17
CA GLU G 728 32.59 26.32 -20.33
C GLU G 728 33.24 26.04 -18.98
N LEU G 729 33.69 24.81 -18.80
CA LEU G 729 34.31 24.37 -17.56
C LEU G 729 35.83 24.42 -17.74
N LYS G 730 36.47 25.42 -17.15
CA LYS G 730 37.91 25.57 -17.31
C LYS G 730 38.68 24.42 -16.67
N ASN G 731 38.24 23.96 -15.50
CA ASN G 731 38.94 22.91 -14.78
C ASN G 731 38.65 21.52 -15.31
N TRP G 732 37.66 21.37 -16.19
CA TRP G 732 37.28 20.06 -16.69
C TRP G 732 37.45 19.98 -18.20
N SER G 733 38.59 20.46 -18.70
CA SER G 733 39.01 20.29 -20.08
C SER G 733 38.09 20.98 -21.07
N ASN G 734 37.50 22.11 -20.67
CA ASN G 734 36.70 22.96 -21.54
C ASN G 734 35.55 22.18 -22.19
N ALA G 735 34.68 21.66 -21.33
CA ALA G 735 33.54 20.87 -21.79
C ALA G 735 32.35 21.19 -20.91
N THR G 736 31.22 21.54 -21.54
CA THR G 736 30.03 21.88 -20.79
C THR G 736 29.44 20.63 -20.13
N CYS G 737 28.44 20.84 -19.27
CA CYS G 737 27.81 19.71 -18.60
C CYS G 737 27.06 18.81 -19.58
N LEU G 738 26.56 19.37 -20.68
CA LEU G 738 25.92 18.55 -21.70
C LEU G 738 26.91 17.59 -22.33
N GLN G 739 28.12 18.05 -22.63
CA GLN G 739 29.12 17.17 -23.23
C GLN G 739 29.53 16.06 -22.29
N LEU G 740 29.69 16.38 -20.99
CA LEU G 740 30.04 15.36 -20.02
C LEU G 740 28.90 14.35 -19.85
N ALA G 741 27.65 14.83 -19.86
CA ALA G 741 26.52 13.92 -19.68
C ALA G 741 26.33 13.03 -20.90
N VAL G 742 26.60 13.54 -22.09
CA VAL G 742 26.53 12.72 -23.30
C VAL G 742 27.66 11.71 -23.33
N ALA G 743 28.88 12.13 -22.95
CA ALA G 743 30.01 11.22 -22.95
C ALA G 743 29.82 10.09 -21.94
N ALA G 744 29.05 10.32 -20.89
CA ALA G 744 28.74 9.30 -19.91
C ALA G 744 27.52 8.47 -20.31
N LYS G 745 26.93 8.74 -21.47
CA LYS G 745 25.73 8.05 -21.95
C LYS G 745 24.61 8.09 -20.92
N HIS G 746 24.43 9.26 -20.31
CA HIS G 746 23.43 9.45 -19.27
C HIS G 746 22.13 9.85 -19.93
N ARG G 747 21.29 8.85 -20.21
CA ARG G 747 20.04 9.11 -20.91
C ARG G 747 19.03 9.85 -20.03
N ASP G 748 19.06 9.62 -18.72
CA ASP G 748 18.10 10.25 -17.84
C ASP G 748 18.40 11.73 -17.59
N PHE G 749 19.58 12.21 -17.99
CA PHE G 749 19.95 13.60 -17.84
C PHE G 749 19.58 14.42 -19.07
N ILE G 750 19.86 13.90 -20.26
CA ILE G 750 19.48 14.59 -21.50
C ILE G 750 17.97 14.54 -21.72
N ALA G 751 17.28 13.56 -21.14
CA ALA G 751 15.84 13.48 -21.28
C ALA G 751 15.09 14.36 -20.30
N HIS G 752 15.79 15.08 -19.42
CA HIS G 752 15.13 15.97 -18.49
C HIS G 752 14.53 17.16 -19.23
N THR G 753 13.57 17.83 -18.58
CA THR G 753 12.87 18.93 -19.21
C THR G 753 13.80 20.09 -19.51
N CYS G 754 14.70 20.42 -18.59
CA CYS G 754 15.62 21.54 -18.79
C CYS G 754 16.56 21.29 -19.96
N SER G 755 17.10 20.07 -20.06
CA SER G 755 17.97 19.74 -21.18
C SER G 755 17.22 19.80 -22.49
N GLN G 756 15.95 19.37 -22.50
CA GLN G 756 15.16 19.41 -23.71
C GLN G 756 14.86 20.85 -24.14
N MET G 757 14.56 21.73 -23.19
CA MET G 757 14.36 23.14 -23.52
C MET G 757 15.65 23.77 -24.05
N LEU G 758 16.78 23.43 -23.44
CA LEU G 758 18.06 23.94 -23.92
C LEU G 758 18.35 23.45 -25.34
N LEU G 759 18.07 22.18 -25.61
CA LEU G 759 18.27 21.65 -26.95
C LEU G 759 17.33 22.31 -27.96
N THR G 760 16.09 22.59 -27.56
CA THR G 760 15.18 23.30 -28.44
C THR G 760 15.69 24.70 -28.76
N ASP G 761 16.22 25.40 -27.75
CA ASP G 761 16.77 26.73 -27.99
C ASP G 761 17.98 26.67 -28.91
N MET G 762 18.84 25.67 -28.74
CA MET G 762 19.99 25.52 -29.63
C MET G 762 19.56 25.12 -31.03
N TRP G 763 18.44 24.40 -31.15
CA TRP G 763 17.95 23.96 -32.45
C TRP G 763 17.32 25.11 -33.23
N MET G 764 16.56 25.97 -32.54
CA MET G 764 15.88 27.07 -33.21
C MET G 764 16.84 28.15 -33.69
N GLY G 765 18.09 28.14 -33.25
CA GLY G 765 19.05 29.11 -33.75
C GLY G 765 18.83 30.47 -33.12
N ARG G 766 18.90 31.51 -33.95
CA ARG G 766 18.72 32.90 -33.53
C ARG G 766 17.36 33.44 -33.94
N LEU G 767 16.32 32.61 -33.89
CA LEU G 767 14.97 33.03 -34.21
C LEU G 767 14.08 32.88 -32.98
N ARG G 768 13.06 33.73 -32.90
CA ARG G 768 12.21 33.78 -31.71
C ARG G 768 10.89 33.05 -31.87
N MET G 769 10.52 32.65 -33.09
CA MET G 769 9.21 32.06 -33.31
C MET G 769 9.12 30.69 -32.65
N ARG G 770 8.03 30.45 -31.92
CA ARG G 770 7.81 29.17 -31.26
C ARG G 770 6.39 28.62 -31.43
N LYS G 771 5.44 29.41 -31.93
CA LYS G 771 4.05 28.96 -31.99
C LYS G 771 3.84 28.00 -33.16
N ASN G 772 4.07 28.47 -34.39
CA ASN G 772 3.86 27.66 -35.59
C ASN G 772 5.09 27.83 -36.49
N SER G 773 6.09 26.99 -36.27
CA SER G 773 7.31 26.99 -37.05
C SER G 773 7.23 25.94 -38.15
N GLY G 774 8.32 25.80 -38.89
CA GLY G 774 8.37 24.83 -39.97
C GLY G 774 7.88 25.40 -41.29
N LEU G 775 6.60 25.79 -41.33
CA LEU G 775 6.05 26.39 -42.54
C LEU G 775 6.72 27.73 -42.83
N LYS G 776 7.00 28.51 -41.79
CA LYS G 776 7.68 29.79 -41.99
C LYS G 776 9.10 29.59 -42.48
N VAL G 777 9.78 28.55 -42.01
CA VAL G 777 11.13 28.25 -42.49
C VAL G 777 11.11 27.85 -43.95
N ILE G 778 10.14 27.03 -44.35
CA ILE G 778 10.00 26.65 -45.76
C ILE G 778 9.70 27.86 -46.62
N LEU G 779 8.84 28.75 -46.13
CA LEU G 779 8.54 29.99 -46.86
C LEU G 779 9.79 30.85 -47.01
N GLY G 780 10.60 30.94 -45.96
CA GLY G 780 11.83 31.71 -46.06
C GLY G 780 12.84 31.10 -47.02
N ILE G 781 12.93 29.77 -47.04
CA ILE G 781 13.87 29.11 -47.94
C ILE G 781 13.43 29.27 -49.39
N LEU G 782 12.13 29.03 -49.66
CA LEU G 782 11.63 29.11 -51.03
C LEU G 782 11.49 30.54 -51.51
N LEU G 783 11.12 31.47 -50.61
CA LEU G 783 10.95 32.88 -50.96
C LEU G 783 11.95 33.71 -50.18
N PRO G 784 13.09 34.05 -50.75
CA PRO G 784 14.12 34.81 -50.02
C PRO G 784 13.64 36.16 -49.52
N PRO G 785 12.73 36.93 -50.28
CA PRO G 785 12.19 38.18 -49.72
C PRO G 785 11.12 37.98 -48.65
N SER G 786 11.39 37.06 -47.72
CA SER G 786 10.59 36.90 -46.53
C SER G 786 11.43 36.68 -45.29
N ILE G 787 12.75 36.61 -45.43
CA ILE G 787 13.63 36.45 -44.27
C ILE G 787 13.59 37.69 -43.39
N LEU G 788 13.57 38.88 -44.00
CA LEU G 788 13.50 40.12 -43.25
C LEU G 788 12.06 40.44 -42.87
N SER G 789 11.36 39.46 -42.30
CA SER G 789 10.03 39.67 -41.76
C SER G 789 9.83 38.88 -40.47
N LEU G 790 10.86 38.20 -39.97
CA LEU G 790 10.78 37.39 -38.77
C LEU G 790 11.52 38.08 -37.63
N GLU G 791 11.07 37.80 -36.41
CA GLU G 791 11.72 38.34 -35.23
C GLU G 791 12.98 37.54 -34.91
N PHE G 792 14.04 38.24 -34.52
CA PHE G 792 15.35 37.64 -34.27
C PHE G 792 15.81 37.97 -32.87
N LYS G 793 16.42 36.99 -32.21
CA LYS G 793 17.00 37.22 -30.88
C LYS G 793 18.21 38.13 -30.97
N ASN G 794 18.39 38.93 -29.93
CA ASN G 794 19.50 39.88 -29.88
C ASN G 794 20.83 39.17 -29.62
N GLY G 861 21.22 42.73 -43.82
CA GLY G 861 22.49 42.19 -44.25
C GLY G 861 22.94 41.00 -43.43
N ARG G 862 23.22 41.24 -42.15
CA ARG G 862 23.64 40.17 -41.25
C ARG G 862 22.48 39.26 -40.88
N LYS G 863 21.24 39.71 -41.09
CA LYS G 863 20.07 38.89 -40.76
C LYS G 863 20.02 37.63 -41.63
N ILE G 864 20.44 37.73 -42.89
CA ILE G 864 20.47 36.55 -43.76
C ILE G 864 21.44 35.51 -43.21
N TYR G 865 22.62 35.95 -42.79
CA TYR G 865 23.61 35.02 -42.26
C TYR G 865 23.13 34.36 -40.97
N GLU G 866 22.44 35.13 -40.12
CA GLU G 866 21.89 34.54 -38.90
C GLU G 866 20.76 33.57 -39.20
N PHE G 867 19.96 33.84 -40.23
CA PHE G 867 18.88 32.93 -40.59
C PHE G 867 19.41 31.62 -41.15
N TYR G 868 20.34 31.70 -42.12
CA TYR G 868 20.76 30.51 -42.83
C TYR G 868 21.69 29.61 -42.02
N ASN G 869 22.20 30.07 -40.88
CA ASN G 869 23.07 29.25 -40.05
C ASN G 869 22.34 28.58 -38.90
N ALA G 870 21.03 28.76 -38.80
CA ALA G 870 20.27 28.02 -37.79
C ALA G 870 20.22 26.55 -38.17
N PRO G 871 20.25 25.63 -37.19
CA PRO G 871 20.13 24.21 -37.52
C PRO G 871 18.83 23.85 -38.20
N ILE G 872 17.73 24.50 -37.84
CA ILE G 872 16.43 24.13 -38.40
C ILE G 872 16.36 24.50 -39.89
N VAL G 873 16.95 25.63 -40.26
CA VAL G 873 16.96 26.04 -41.66
C VAL G 873 17.81 25.08 -42.48
N LYS G 874 18.97 24.68 -41.95
CA LYS G 874 19.78 23.68 -42.64
C LYS G 874 19.03 22.37 -42.80
N PHE G 875 18.30 21.95 -41.76
CA PHE G 875 17.55 20.71 -41.83
C PHE G 875 16.48 20.77 -42.91
N TRP G 876 15.75 21.88 -42.98
CA TRP G 876 14.70 21.99 -44.00
C TRP G 876 15.29 22.10 -45.41
N PHE G 877 16.43 22.77 -45.56
CA PHE G 877 17.11 22.80 -46.84
C PHE G 877 17.51 21.40 -47.29
N TYR G 878 18.09 20.61 -46.37
CA TYR G 878 18.46 19.24 -46.69
C TYR G 878 17.24 18.40 -47.02
N THR G 879 16.15 18.59 -46.29
CA THR G 879 14.93 17.83 -46.55
C THR G 879 14.38 18.11 -47.94
N LEU G 880 14.32 19.39 -48.32
CA LEU G 880 13.80 19.74 -49.65
C LEU G 880 14.71 19.21 -50.75
N ALA G 881 16.03 19.28 -50.54
CA ALA G 881 16.94 18.72 -51.53
C ALA G 881 16.77 17.22 -51.67
N TYR G 882 16.57 16.52 -50.56
CA TYR G 882 16.39 15.07 -50.62
C TYR G 882 15.08 14.71 -51.32
N ILE G 883 14.02 15.49 -51.07
CA ILE G 883 12.76 15.24 -51.75
C ILE G 883 12.91 15.43 -53.26
N GLY G 884 13.59 16.50 -53.68
CA GLY G 884 13.82 16.70 -55.10
C GLY G 884 14.65 15.60 -55.72
N TYR G 885 15.67 15.13 -55.00
CA TYR G 885 16.50 14.03 -55.49
C TYR G 885 15.69 12.75 -55.65
N LEU G 886 14.82 12.45 -54.68
CA LEU G 886 13.96 11.28 -54.80
C LEU G 886 13.03 11.38 -55.99
N MET G 887 12.48 12.58 -56.23
CA MET G 887 11.63 12.79 -57.39
C MET G 887 12.38 12.52 -58.68
N LEU G 888 13.61 13.03 -58.80
CA LEU G 888 14.39 12.82 -60.01
C LEU G 888 14.76 11.35 -60.19
N PHE G 889 15.09 10.67 -59.09
CA PHE G 889 15.41 9.23 -59.18
C PHE G 889 14.21 8.44 -59.68
N ASN G 890 13.02 8.74 -59.14
CA ASN G 890 11.83 8.04 -59.60
C ASN G 890 11.57 8.33 -61.08
N TYR G 891 11.75 9.57 -61.51
CA TYR G 891 11.55 9.88 -62.92
C TYR G 891 12.51 9.09 -63.81
N ILE G 892 13.79 9.03 -63.43
CA ILE G 892 14.74 8.38 -64.31
C ILE G 892 14.60 6.86 -64.30
N VAL G 893 14.05 6.27 -63.24
CA VAL G 893 13.86 4.82 -63.28
C VAL G 893 12.52 4.43 -63.93
N LEU G 894 11.50 5.27 -63.83
CA LEU G 894 10.19 4.91 -64.38
C LEU G 894 10.16 4.99 -65.90
N VAL G 895 10.75 6.05 -66.47
CA VAL G 895 10.69 6.26 -67.92
C VAL G 895 11.87 5.60 -68.61
N LYS G 896 11.77 5.45 -69.93
CA LYS G 896 12.78 4.75 -70.71
C LYS G 896 14.11 5.48 -70.69
N MET G 897 15.19 4.72 -70.50
CA MET G 897 16.54 5.27 -70.47
C MET G 897 17.21 5.11 -71.83
N GLU G 898 17.90 6.15 -72.26
CA GLU G 898 18.56 6.16 -73.56
C GLU G 898 20.00 5.68 -73.42
N ARG G 899 20.79 5.85 -74.48
CA ARG G 899 22.18 5.39 -74.45
C ARG G 899 23.03 6.22 -73.49
N TRP G 900 22.80 7.53 -73.43
CA TRP G 900 23.55 8.40 -72.55
C TRP G 900 22.62 9.02 -71.51
N PRO G 901 23.14 9.33 -70.32
CA PRO G 901 22.29 9.89 -69.27
C PRO G 901 21.68 11.23 -69.66
N SER G 902 20.45 11.46 -69.23
CA SER G 902 19.76 12.72 -69.47
C SER G 902 20.14 13.72 -68.38
N THR G 903 19.49 14.89 -68.38
CA THR G 903 19.81 15.91 -67.39
C THR G 903 19.46 15.45 -65.98
N GLN G 904 18.28 14.84 -65.81
CA GLN G 904 17.87 14.37 -64.49
C GLN G 904 18.80 13.28 -63.98
N GLU G 905 19.24 12.39 -64.87
CA GLU G 905 20.18 11.35 -64.47
C GLU G 905 21.52 11.96 -64.04
N TRP G 906 21.97 13.00 -64.74
CA TRP G 906 23.21 13.66 -64.34
C TRP G 906 23.05 14.35 -62.99
N ILE G 907 21.87 14.92 -62.71
CA ILE G 907 21.66 15.52 -61.40
C ILE G 907 21.68 14.46 -60.30
N VAL G 908 21.07 13.30 -60.55
CA VAL G 908 21.08 12.23 -59.57
C VAL G 908 22.51 11.74 -59.33
N ILE G 909 23.28 11.57 -60.41
CA ILE G 909 24.67 11.13 -60.29
C ILE G 909 25.49 12.15 -59.49
N SER G 910 25.28 13.44 -59.77
CA SER G 910 25.99 14.48 -59.02
C SER G 910 25.62 14.46 -57.55
N TYR G 911 24.34 14.22 -57.24
CA TYR G 911 23.92 14.12 -55.84
C TYR G 911 24.65 12.98 -55.14
N ILE G 912 24.69 11.81 -55.78
CA ILE G 912 25.35 10.66 -55.17
C ILE G 912 26.84 10.93 -54.98
N PHE G 913 27.48 11.50 -55.99
CA PHE G 913 28.91 11.79 -55.90
C PHE G 913 29.23 12.79 -54.80
N THR G 914 28.44 13.87 -54.71
CA THR G 914 28.70 14.86 -53.67
C THR G 914 28.37 14.31 -52.29
N LEU G 915 27.37 13.43 -52.17
CA LEU G 915 27.10 12.80 -50.89
C LEU G 915 28.28 11.91 -50.47
N GLY G 916 28.86 11.18 -51.42
CA GLY G 916 30.04 10.40 -51.10
C GLY G 916 31.22 11.26 -50.66
N ILE G 917 31.41 12.39 -51.34
CA ILE G 917 32.47 13.32 -50.95
C ILE G 917 32.22 13.86 -49.54
N GLU G 918 30.97 14.16 -49.22
CA GLU G 918 30.63 14.64 -47.89
C GLU G 918 30.89 13.57 -46.83
N LYS G 919 30.57 12.31 -47.16
CA LYS G 919 30.86 11.23 -46.22
C LYS G 919 32.36 11.08 -45.98
N MET G 920 33.16 11.20 -47.05
CA MET G 920 34.61 11.13 -46.89
C MET G 920 35.13 12.27 -46.03
N ARG G 921 34.60 13.48 -46.25
CA ARG G 921 35.00 14.62 -45.43
C ARG G 921 34.62 14.42 -43.97
N GLU G 922 33.44 13.87 -43.72
CA GLU G 922 33.00 13.62 -42.34
C GLU G 922 33.89 12.58 -41.67
N ILE G 923 34.30 11.55 -42.41
CA ILE G 923 35.24 10.57 -41.87
C ILE G 923 36.58 11.22 -41.54
N LEU G 924 37.08 12.06 -42.46
CA LEU G 924 38.41 12.64 -42.29
C LEU G 924 38.48 13.60 -41.11
N MET G 925 37.38 14.27 -40.79
CA MET G 925 37.36 15.25 -39.69
C MET G 925 36.71 14.69 -38.43
N SER G 926 36.95 13.41 -38.15
CA SER G 926 36.37 12.76 -36.98
C SER G 926 37.17 13.14 -35.73
N GLU G 927 36.84 12.50 -34.61
CA GLU G 927 37.46 12.81 -33.32
C GLU G 927 38.86 12.21 -33.14
N PRO G 928 39.10 10.92 -33.42
CA PRO G 928 40.45 10.37 -33.20
C PRO G 928 41.45 10.92 -34.21
N GLY G 929 42.72 10.61 -33.95
CA GLY G 929 43.80 11.05 -34.80
C GLY G 929 44.35 10.01 -35.76
N LYS G 930 43.88 8.77 -35.68
CA LYS G 930 44.35 7.70 -36.57
C LYS G 930 43.30 7.42 -37.63
N LEU G 931 43.76 7.20 -38.86
CA LEU G 931 42.85 6.98 -39.98
C LEU G 931 42.00 5.74 -39.78
N LEU G 932 42.62 4.63 -39.35
CA LEU G 932 41.87 3.40 -39.13
C LEU G 932 41.02 3.47 -37.87
N GLN G 933 41.39 4.30 -36.90
CA GLN G 933 40.56 4.46 -35.71
C GLN G 933 39.32 5.29 -36.01
N LYS G 934 39.44 6.29 -36.89
CA LYS G 934 38.30 7.10 -37.24
C LYS G 934 37.27 6.31 -38.05
N VAL G 935 37.72 5.39 -38.90
CA VAL G 935 36.80 4.58 -39.68
C VAL G 935 35.99 3.67 -38.76
N LYS G 936 36.63 3.08 -37.75
CA LYS G 936 35.93 2.20 -36.83
C LYS G 936 34.87 2.95 -36.03
N VAL G 937 35.18 4.17 -35.59
CA VAL G 937 34.19 4.94 -34.83
C VAL G 937 33.13 5.54 -35.73
N TRP G 938 33.40 5.70 -37.02
CA TRP G 938 32.37 6.14 -37.95
C TRP G 938 31.42 5.00 -38.30
N LEU G 939 31.95 3.78 -38.42
CA LEU G 939 31.12 2.62 -38.75
C LEU G 939 30.48 2.04 -37.50
N GLN G 940 29.84 2.88 -36.70
CA GLN G 940 29.09 2.44 -35.52
C GLN G 940 27.59 2.51 -35.74
N GLU G 941 27.10 3.65 -36.24
CA GLU G 941 25.69 3.76 -36.61
C GLU G 941 25.44 2.96 -37.88
N TYR G 942 24.33 2.22 -37.89
CA TYR G 942 24.01 1.37 -39.04
C TYR G 942 23.66 2.19 -40.27
N TRP G 943 23.19 3.42 -40.08
CA TRP G 943 22.86 4.27 -41.23
C TRP G 943 24.09 4.57 -42.07
N ASN G 944 25.23 4.81 -41.42
CA ASN G 944 26.46 5.08 -42.18
C ASN G 944 26.90 3.88 -42.99
N VAL G 945 26.84 2.68 -42.40
CA VAL G 945 27.22 1.46 -43.12
C VAL G 945 26.29 1.23 -44.31
N THR G 946 24.98 1.39 -44.09
CA THR G 946 24.03 1.20 -45.18
C THR G 946 24.22 2.25 -46.27
N ASP G 947 24.54 3.49 -45.90
CA ASP G 947 24.82 4.52 -46.89
C ASP G 947 26.04 4.18 -47.71
N LEU G 948 27.10 3.68 -47.07
CA LEU G 948 28.30 3.29 -47.79
C LEU G 948 28.00 2.17 -48.78
N ILE G 949 27.25 1.15 -48.33
CA ILE G 949 26.90 0.04 -49.21
C ILE G 949 26.05 0.53 -50.38
N ALA G 950 25.09 1.41 -50.12
CA ALA G 950 24.22 1.90 -51.17
C ALA G 950 24.97 2.75 -52.19
N ILE G 951 25.89 3.59 -51.73
CA ILE G 951 26.67 4.40 -52.66
C ILE G 951 27.57 3.52 -53.52
N LEU G 952 28.18 2.49 -52.92
CA LEU G 952 29.00 1.57 -53.70
C LEU G 952 28.16 0.83 -54.74
N LEU G 953 26.97 0.37 -54.34
CA LEU G 953 26.09 -0.33 -55.28
C LEU G 953 25.63 0.58 -56.40
N PHE G 954 25.34 1.84 -56.09
CA PHE G 954 24.95 2.79 -57.13
C PHE G 954 26.09 3.05 -58.10
N SER G 955 27.33 3.13 -57.58
CA SER G 955 28.47 3.31 -58.46
C SER G 955 28.64 2.11 -59.38
N VAL G 956 28.47 0.90 -58.85
CA VAL G 956 28.56 -0.30 -59.68
C VAL G 956 27.48 -0.30 -60.76
N GLY G 957 26.25 0.07 -60.38
CA GLY G 957 25.17 0.11 -61.34
C GLY G 957 25.38 1.16 -62.42
N MET G 958 25.95 2.30 -62.04
CA MET G 958 26.26 3.33 -63.04
C MET G 958 27.36 2.87 -63.97
N ILE G 959 28.37 2.17 -63.44
CA ILE G 959 29.44 1.64 -64.28
C ILE G 959 28.88 0.66 -65.30
N LEU G 960 28.00 -0.25 -64.85
CA LEU G 960 27.37 -1.17 -65.78
C LEU G 960 26.39 -0.48 -66.73
N ARG G 961 25.87 0.69 -66.35
CA ARG G 961 24.84 1.33 -67.15
C ARG G 961 25.40 1.92 -68.44
N LEU G 962 26.62 2.43 -68.42
CA LEU G 962 27.24 3.06 -69.59
C LEU G 962 27.94 2.03 -70.48
N GLN G 963 27.23 0.98 -70.86
CA GLN G 963 27.81 -0.10 -71.65
C GLN G 963 26.76 -0.52 -72.68
N ASP G 964 26.94 -1.70 -73.27
CA ASP G 964 26.01 -2.21 -74.27
C ASP G 964 24.69 -2.63 -73.61
N GLN G 965 23.78 -3.17 -74.43
CA GLN G 965 22.41 -3.39 -73.99
C GLN G 965 22.27 -4.34 -72.80
N PRO G 966 22.91 -5.52 -72.75
CA PRO G 966 22.72 -6.37 -71.56
C PRO G 966 23.27 -5.76 -70.28
N PHE G 967 24.47 -5.18 -70.33
CA PHE G 967 25.00 -4.51 -69.16
C PHE G 967 24.19 -3.27 -68.81
N ARG G 968 23.62 -2.58 -69.81
CA ARG G 968 22.76 -1.45 -69.53
C ARG G 968 21.50 -1.90 -68.79
N SER G 969 20.93 -3.04 -69.20
CA SER G 969 19.76 -3.57 -68.50
C SER G 969 20.12 -3.98 -67.08
N ASP G 970 21.30 -4.57 -66.89
CA ASP G 970 21.72 -4.93 -65.54
C ASP G 970 21.91 -3.70 -64.66
N GLY G 971 22.50 -2.64 -65.21
CA GLY G 971 22.63 -1.40 -64.46
C GLY G 971 21.30 -0.77 -64.13
N ARG G 972 20.34 -0.84 -65.06
CA ARG G 972 19.01 -0.33 -64.77
C ARG G 972 18.35 -1.13 -63.66
N VAL G 973 18.53 -2.44 -63.66
CA VAL G 973 17.97 -3.28 -62.59
C VAL G 973 18.61 -2.94 -61.25
N ILE G 974 19.91 -2.65 -61.25
CA ILE G 974 20.55 -2.22 -60.01
C ILE G 974 19.99 -0.88 -59.54
N TYR G 975 19.68 0.02 -60.47
CA TYR G 975 19.00 1.26 -60.12
C TYR G 975 17.64 0.97 -59.46
N CYS G 976 16.87 0.06 -60.05
CA CYS G 976 15.54 -0.26 -59.55
C CYS G 976 15.61 -0.90 -58.17
N VAL G 977 16.66 -1.68 -57.90
CA VAL G 977 16.87 -2.20 -56.56
C VAL G 977 17.28 -1.08 -55.60
N ASN G 978 18.12 -0.16 -56.08
CA ASN G 978 18.71 0.84 -55.20
C ASN G 978 17.70 1.91 -54.79
N ILE G 979 16.66 2.13 -55.58
CA ILE G 979 15.67 3.14 -55.22
C ILE G 979 14.93 2.77 -53.93
N ILE G 980 14.87 1.48 -53.60
CA ILE G 980 14.17 1.05 -52.39
C ILE G 980 14.85 1.59 -51.15
N TYR G 981 16.18 1.56 -51.11
CA TYR G 981 16.89 2.06 -49.93
C TYR G 981 16.69 3.55 -49.75
N TRP G 982 16.72 4.32 -50.85
CA TRP G 982 16.53 5.76 -50.73
C TRP G 982 15.11 6.11 -50.36
N TYR G 983 14.15 5.24 -50.71
CA TYR G 983 12.79 5.44 -50.21
C TYR G 983 12.71 5.14 -48.71
N ILE G 984 13.37 4.07 -48.27
CA ILE G 984 13.35 3.70 -46.85
C ILE G 984 14.02 4.76 -45.99
N ARG G 985 15.07 5.41 -46.52
CA ARG G 985 15.81 6.40 -45.74
C ARG G 985 15.00 7.65 -45.42
N LEU G 986 13.77 7.78 -45.89
CA LEU G 986 12.91 8.88 -45.46
C LEU G 986 12.52 8.76 -43.99
N LEU G 987 12.64 7.56 -43.40
CA LEU G 987 12.35 7.42 -41.99
C LEU G 987 13.37 8.16 -41.13
N ASP G 988 14.60 8.28 -41.61
CA ASP G 988 15.59 9.10 -40.92
C ASP G 988 15.16 10.57 -40.88
N ILE G 989 14.60 11.07 -41.98
CA ILE G 989 14.03 12.42 -41.98
C ILE G 989 12.84 12.49 -41.04
N PHE G 990 12.00 11.46 -41.04
CA PHE G 990 10.81 11.46 -40.18
C PHE G 990 11.18 11.44 -38.71
N GLY G 991 12.37 10.94 -38.38
CA GLY G 991 12.77 10.80 -36.99
C GLY G 991 12.88 12.11 -36.23
N VAL G 992 12.91 13.24 -36.94
CA VAL G 992 12.94 14.53 -36.26
C VAL G 992 11.60 14.82 -35.58
N ASN G 993 10.50 14.32 -36.14
CA ASN G 993 9.18 14.54 -35.56
C ASN G 993 9.08 13.88 -34.20
N LYS G 994 8.28 14.49 -33.32
CA LYS G 994 8.16 14.00 -31.96
C LYS G 994 7.47 12.66 -31.88
N TYR G 995 6.50 12.40 -32.75
CA TYR G 995 5.70 11.19 -32.69
C TYR G 995 6.12 10.13 -33.69
N LEU G 996 6.82 10.51 -34.76
CA LEU G 996 7.25 9.55 -35.77
C LEU G 996 8.64 8.99 -35.53
N GLY G 997 9.32 9.40 -34.47
CA GLY G 997 10.60 8.85 -34.12
C GLY G 997 10.50 7.60 -33.24
N PRO G 998 9.83 7.75 -32.09
CA PRO G 998 9.58 6.57 -31.25
C PRO G 998 8.85 5.45 -31.96
N TYR G 999 7.94 5.75 -32.88
CA TYR G 999 7.26 4.69 -33.62
C TYR G 999 8.24 3.92 -34.49
N VAL G 1000 9.16 4.61 -35.14
CA VAL G 1000 10.15 3.92 -35.98
C VAL G 1000 11.07 3.05 -35.11
N MET G 1001 11.45 3.55 -33.94
CA MET G 1001 12.31 2.74 -33.08
C MET G 1001 11.55 1.53 -32.50
N MET G 1002 10.26 1.70 -32.20
CA MET G 1002 9.44 0.57 -31.79
C MET G 1002 9.36 -0.48 -32.90
N ILE G 1003 9.23 -0.03 -34.14
CA ILE G 1003 9.24 -0.95 -35.28
C ILE G 1003 10.56 -1.71 -35.32
N GLY G 1004 11.67 -1.00 -35.09
CA GLY G 1004 12.97 -1.65 -35.09
C GLY G 1004 13.08 -2.75 -34.04
N LYS G 1005 12.51 -2.52 -32.86
CA LYS G 1005 12.56 -3.57 -31.83
C LYS G 1005 11.59 -4.72 -32.12
N MET G 1006 10.40 -4.40 -32.63
CA MET G 1006 9.43 -5.44 -32.93
C MET G 1006 9.90 -6.35 -34.07
N MET G 1007 10.77 -5.88 -34.96
CA MET G 1007 11.33 -6.78 -35.98
C MET G 1007 12.14 -7.90 -35.33
N ILE G 1008 12.96 -7.55 -34.34
CA ILE G 1008 13.72 -8.57 -33.62
C ILE G 1008 12.78 -9.51 -32.87
N ASP G 1009 11.69 -8.96 -32.34
CA ASP G 1009 10.70 -9.83 -31.69
C ASP G 1009 10.00 -10.76 -32.68
N MET G 1010 9.86 -10.33 -33.95
CA MET G 1010 9.10 -11.05 -34.96
C MET G 1010 9.91 -12.14 -35.67
N MET G 1011 11.24 -12.01 -35.69
CA MET G 1011 12.09 -12.94 -36.42
C MET G 1011 11.86 -14.40 -36.00
N TYR G 1012 11.67 -14.65 -34.70
CA TYR G 1012 11.50 -16.01 -34.22
C TYR G 1012 10.22 -16.66 -34.74
N PHE G 1013 9.12 -15.92 -34.72
CA PHE G 1013 7.88 -16.46 -35.26
C PHE G 1013 7.97 -16.62 -36.77
N VAL G 1014 8.75 -15.78 -37.43
CA VAL G 1014 9.00 -16.00 -38.86
C VAL G 1014 9.71 -17.33 -39.08
N ILE G 1015 10.67 -17.65 -38.21
CA ILE G 1015 11.38 -18.94 -38.33
C ILE G 1015 10.41 -20.10 -38.17
N ILE G 1016 9.56 -20.05 -37.13
CA ILE G 1016 8.64 -21.16 -36.87
C ILE G 1016 7.64 -21.31 -38.02
N MET G 1017 7.09 -20.19 -38.50
CA MET G 1017 6.17 -20.24 -39.63
C MET G 1017 6.84 -20.78 -40.87
N LEU G 1018 8.13 -20.46 -41.07
CA LEU G 1018 8.86 -20.99 -42.21
C LEU G 1018 8.99 -22.51 -42.11
N VAL G 1019 9.23 -23.02 -40.90
CA VAL G 1019 9.28 -24.47 -40.71
C VAL G 1019 7.95 -25.11 -41.11
N VAL G 1020 6.85 -24.55 -40.62
CA VAL G 1020 5.53 -25.12 -40.94
C VAL G 1020 5.24 -25.03 -42.43
N LEU G 1021 5.59 -23.90 -43.05
CA LEU G 1021 5.34 -23.69 -44.48
C LEU G 1021 6.10 -24.71 -45.32
N MET G 1022 7.39 -24.91 -45.01
CA MET G 1022 8.17 -25.91 -45.74
C MET G 1022 7.58 -27.30 -45.54
N SER G 1023 7.14 -27.60 -44.31
CA SER G 1023 6.57 -28.91 -44.03
C SER G 1023 5.34 -29.18 -44.90
N PHE G 1024 4.47 -28.18 -45.05
CA PHE G 1024 3.30 -28.38 -45.92
C PHE G 1024 3.69 -28.46 -47.39
N GLY G 1025 4.56 -27.55 -47.83
CA GLY G 1025 4.86 -27.44 -49.25
C GLY G 1025 5.55 -28.66 -49.82
N VAL G 1026 6.52 -29.20 -49.08
CA VAL G 1026 7.26 -30.37 -49.56
C VAL G 1026 6.31 -31.55 -49.77
N ALA G 1027 5.43 -31.78 -48.79
CA ALA G 1027 4.49 -32.89 -48.89
C ALA G 1027 3.50 -32.70 -50.03
N ARG G 1028 2.97 -31.48 -50.20
CA ARG G 1028 2.03 -31.24 -51.29
C ARG G 1028 2.69 -31.49 -52.65
N GLN G 1029 3.88 -30.92 -52.85
CA GLN G 1029 4.58 -31.07 -54.13
C GLN G 1029 4.95 -32.53 -54.38
N ALA G 1030 5.35 -33.25 -53.33
CA ALA G 1030 5.71 -34.65 -53.50
C ALA G 1030 4.50 -35.51 -53.84
N ILE G 1031 3.36 -35.25 -53.20
CA ILE G 1031 2.18 -36.07 -53.43
C ILE G 1031 1.60 -35.80 -54.83
N LEU G 1032 1.48 -34.53 -55.20
CA LEU G 1032 0.78 -34.22 -56.44
C LEU G 1032 1.63 -34.39 -57.69
N PHE G 1033 2.95 -34.46 -57.58
CA PHE G 1033 3.84 -34.52 -58.74
C PHE G 1033 4.90 -35.58 -58.52
N PRO G 1034 4.60 -36.85 -58.82
CA PRO G 1034 5.54 -37.95 -58.56
C PRO G 1034 6.42 -38.34 -59.74
N ASN G 1035 6.40 -37.61 -60.84
CA ASN G 1035 7.15 -37.94 -62.05
C ASN G 1035 7.98 -36.75 -62.51
N GLU G 1036 8.70 -36.13 -61.58
CA GLU G 1036 9.47 -34.93 -61.86
C GLU G 1036 10.96 -35.24 -61.85
N GLU G 1037 11.65 -34.82 -62.90
CA GLU G 1037 13.10 -34.88 -62.92
C GLU G 1037 13.65 -33.82 -61.96
N PRO G 1038 14.87 -34.02 -61.43
CA PRO G 1038 15.43 -33.02 -60.52
C PRO G 1038 15.77 -31.71 -61.20
N SER G 1039 15.00 -30.68 -60.91
CA SER G 1039 15.24 -29.34 -61.44
C SER G 1039 15.06 -28.33 -60.32
N TRP G 1040 15.66 -27.15 -60.49
CA TRP G 1040 15.60 -26.13 -59.46
C TRP G 1040 14.20 -25.57 -59.25
N LYS G 1041 13.26 -25.85 -60.16
CA LYS G 1041 11.87 -25.48 -59.93
C LYS G 1041 11.25 -26.24 -58.76
N LEU G 1042 11.82 -27.39 -58.39
CA LEU G 1042 11.34 -28.12 -57.22
C LEU G 1042 11.55 -27.32 -55.94
N ALA G 1043 12.63 -26.57 -55.85
CA ALA G 1043 12.89 -25.73 -54.67
C ALA G 1043 12.06 -24.45 -54.68
N LYS G 1044 11.42 -24.11 -55.80
CA LYS G 1044 10.59 -22.93 -55.88
C LYS G 1044 9.13 -23.23 -55.58
N ASN G 1045 8.64 -24.39 -56.03
CA ASN G 1045 7.26 -24.78 -55.78
C ASN G 1045 6.98 -25.00 -54.29
N ILE G 1046 8.01 -25.27 -53.49
CA ILE G 1046 7.82 -25.48 -52.06
C ILE G 1046 7.45 -24.17 -51.36
N PHE G 1047 8.14 -23.08 -51.70
CA PHE G 1047 8.01 -21.84 -50.96
C PHE G 1047 6.97 -20.90 -51.55
N TYR G 1048 6.75 -20.94 -52.86
CA TYR G 1048 5.93 -19.94 -53.55
C TYR G 1048 4.48 -19.92 -53.08
N MET G 1049 3.75 -20.98 -53.39
CA MET G 1049 2.31 -20.99 -53.18
C MET G 1049 1.92 -21.19 -51.72
N PRO G 1050 2.59 -22.04 -50.93
CA PRO G 1050 2.30 -22.04 -49.49
C PRO G 1050 2.52 -20.68 -48.83
N TYR G 1051 3.44 -19.86 -49.34
CA TYR G 1051 3.60 -18.52 -48.80
C TYR G 1051 2.49 -17.58 -49.26
N TRP G 1052 2.09 -17.67 -50.54
CA TRP G 1052 1.06 -16.76 -51.01
C TRP G 1052 -0.31 -17.10 -50.43
N MET G 1053 -0.53 -18.36 -50.05
CA MET G 1053 -1.87 -18.77 -49.64
C MET G 1053 -2.25 -18.28 -48.25
N ILE G 1054 -1.29 -17.78 -47.46
CA ILE G 1054 -1.62 -17.30 -46.13
C ILE G 1054 -1.79 -15.78 -46.16
N TYR G 1055 -1.91 -15.21 -47.36
CA TYR G 1055 -2.15 -13.78 -47.52
C TYR G 1055 -3.39 -13.49 -48.34
N GLY G 1056 -4.22 -14.49 -48.62
CA GLY G 1056 -5.46 -14.24 -49.33
C GLY G 1056 -5.47 -14.74 -50.76
N GLU G 1057 -4.70 -15.79 -51.03
CA GLU G 1057 -4.66 -16.45 -52.33
C GLU G 1057 -4.84 -17.95 -52.15
N VAL G 1058 -5.90 -18.34 -51.44
CA VAL G 1058 -6.06 -19.69 -50.91
C VAL G 1058 -6.87 -20.51 -51.91
N PHE G 1059 -6.79 -20.09 -53.18
CA PHE G 1059 -7.58 -20.69 -54.25
C PHE G 1059 -7.42 -22.20 -54.33
N ALA G 1060 -8.54 -22.90 -54.39
CA ALA G 1060 -8.54 -24.30 -54.74
C ALA G 1060 -8.47 -24.46 -56.25
N ASP G 1061 -8.28 -25.71 -56.69
CA ASP G 1061 -8.10 -26.12 -58.08
C ASP G 1061 -6.74 -25.66 -58.62
N GLN G 1062 -6.02 -24.87 -57.84
CA GLN G 1062 -4.58 -24.70 -57.97
C GLN G 1062 -3.86 -25.62 -57.01
N ILE G 1063 -4.26 -25.60 -55.76
CA ILE G 1063 -4.05 -26.72 -54.84
C ILE G 1063 -5.31 -27.57 -54.90
N ASP G 1064 -5.17 -28.86 -54.62
CA ASP G 1064 -6.26 -29.83 -54.69
C ASP G 1064 -6.96 -29.83 -56.04
N PRO G 1065 -6.23 -30.15 -57.12
CA PRO G 1065 -6.84 -30.06 -58.46
C PRO G 1065 -7.91 -31.13 -58.63
N PRO G 1066 -8.94 -30.85 -59.43
CA PRO G 1066 -9.98 -31.86 -59.68
C PRO G 1066 -9.45 -32.96 -60.60
N CYS G 1067 -9.44 -34.18 -60.09
CA CYS G 1067 -8.97 -35.31 -60.86
C CYS G 1067 -9.49 -36.62 -60.29
N GLN G 1080 -13.10 -38.26 -68.99
CA GLN G 1080 -13.20 -36.81 -68.90
C GLN G 1080 -12.05 -36.22 -68.09
N LEU G 1081 -12.13 -36.39 -66.77
CA LEU G 1081 -11.08 -35.89 -65.90
C LEU G 1081 -9.84 -36.78 -65.98
N PRO G 1082 -8.64 -36.20 -65.84
CA PRO G 1082 -7.44 -37.01 -65.75
C PRO G 1082 -7.46 -37.85 -64.49
N PRO G 1083 -6.76 -38.99 -64.49
CA PRO G 1083 -6.80 -39.88 -63.30
C PRO G 1083 -6.24 -39.19 -62.07
N CYS G 1084 -6.86 -39.47 -60.93
CA CYS G 1084 -6.42 -38.89 -59.67
C CYS G 1084 -5.14 -39.57 -59.20
N LYS G 1085 -4.24 -38.77 -58.63
CA LYS G 1085 -2.99 -39.31 -58.13
C LYS G 1085 -3.24 -40.18 -56.91
N THR G 1086 -2.36 -41.16 -56.70
CA THR G 1086 -2.51 -42.08 -55.59
C THR G 1086 -2.31 -41.34 -54.28
N GLY G 1087 -3.34 -41.32 -53.45
CA GLY G 1087 -3.28 -40.62 -52.18
C GLY G 1087 -3.45 -39.12 -52.26
N ALA G 1088 -3.93 -38.60 -53.38
CA ALA G 1088 -4.11 -37.14 -53.52
C ALA G 1088 -5.45 -36.68 -52.98
N TRP G 1089 -5.76 -37.13 -51.76
CA TRP G 1089 -6.83 -36.57 -50.97
C TRP G 1089 -6.32 -36.03 -49.65
N ILE G 1090 -5.07 -36.30 -49.31
CA ILE G 1090 -4.48 -35.78 -48.08
C ILE G 1090 -4.23 -34.29 -48.18
N VAL G 1091 -4.11 -33.75 -49.39
CA VAL G 1091 -3.72 -32.35 -49.55
C VAL G 1091 -4.76 -31.39 -48.96
N PRO G 1092 -6.07 -31.52 -49.22
CA PRO G 1092 -7.03 -30.65 -48.52
C PRO G 1092 -7.03 -30.85 -47.01
N ALA G 1093 -6.73 -32.04 -46.51
CA ALA G 1093 -6.65 -32.25 -45.08
C ALA G 1093 -5.42 -31.62 -44.46
N ILE G 1094 -4.29 -31.60 -45.18
CA ILE G 1094 -3.10 -30.94 -44.67
C ILE G 1094 -3.27 -29.44 -44.70
N MET G 1095 -3.87 -28.89 -45.77
CA MET G 1095 -4.17 -27.46 -45.79
C MET G 1095 -5.53 -27.18 -45.15
N ALA G 1096 -5.75 -27.76 -43.98
CA ALA G 1096 -6.85 -27.37 -43.12
C ALA G 1096 -6.25 -27.20 -41.73
N CYS G 1097 -5.17 -27.95 -41.48
CA CYS G 1097 -4.33 -27.78 -40.31
C CYS G 1097 -3.27 -26.71 -40.53
N TYR G 1098 -2.74 -26.61 -41.75
CA TYR G 1098 -1.73 -25.61 -42.05
C TYR G 1098 -2.29 -24.20 -41.90
N LEU G 1099 -3.48 -23.95 -42.44
CA LEU G 1099 -4.10 -22.64 -42.32
C LEU G 1099 -4.48 -22.34 -40.87
N LEU G 1100 -4.95 -23.35 -40.14
CA LEU G 1100 -5.32 -23.15 -38.74
C LEU G 1100 -4.10 -22.80 -37.90
N VAL G 1101 -2.97 -23.45 -38.16
CA VAL G 1101 -1.75 -23.13 -37.42
C VAL G 1101 -1.21 -21.76 -37.81
N ALA G 1102 -1.18 -21.45 -39.11
CA ALA G 1102 -0.53 -20.24 -39.56
C ALA G 1102 -1.35 -18.99 -39.31
N ASN G 1103 -2.69 -19.08 -39.36
CA ASN G 1103 -3.53 -17.90 -39.32
C ASN G 1103 -4.37 -17.75 -38.06
N ILE G 1104 -4.37 -18.74 -37.17
CA ILE G 1104 -5.19 -18.64 -35.97
C ILE G 1104 -4.31 -18.74 -34.74
N LEU G 1105 -3.21 -19.48 -34.83
CA LEU G 1105 -2.37 -19.74 -33.66
C LEU G 1105 -1.15 -18.82 -33.62
N LEU G 1106 -0.31 -18.87 -34.66
CA LEU G 1106 0.95 -18.14 -34.60
C LEU G 1106 0.74 -16.64 -34.70
N VAL G 1107 -0.17 -16.19 -35.57
CA VAL G 1107 -0.38 -14.75 -35.71
C VAL G 1107 -1.04 -14.16 -34.47
N ASN G 1108 -1.95 -14.90 -33.84
CA ASN G 1108 -2.58 -14.41 -32.61
C ASN G 1108 -1.59 -14.41 -31.45
N LEU G 1109 -0.71 -15.41 -31.39
CA LEU G 1109 0.34 -15.39 -30.38
C LEU G 1109 1.29 -14.23 -30.60
N LEU G 1110 1.61 -13.92 -31.86
CA LEU G 1110 2.46 -12.77 -32.14
C LEU G 1110 1.77 -11.47 -31.76
N ILE G 1111 0.46 -11.37 -32.00
CA ILE G 1111 -0.29 -10.20 -31.55
C ILE G 1111 -0.21 -10.05 -30.04
N ALA G 1112 -0.37 -11.16 -29.31
CA ALA G 1112 -0.28 -11.11 -27.85
C ALA G 1112 1.12 -10.69 -27.41
N VAL G 1113 2.16 -11.18 -28.08
CA VAL G 1113 3.53 -10.81 -27.73
C VAL G 1113 3.76 -9.32 -27.95
N PHE G 1114 3.31 -8.80 -29.08
CA PHE G 1114 3.42 -7.36 -29.34
C PHE G 1114 2.62 -6.56 -28.33
N ASN G 1115 1.49 -7.09 -27.89
CA ASN G 1115 0.61 -6.37 -26.98
C ASN G 1115 1.21 -6.27 -25.58
N ASN G 1116 1.75 -7.38 -25.07
CA ASN G 1116 2.20 -7.40 -23.69
C ASN G 1116 3.60 -6.84 -23.49
N THR G 1117 4.34 -6.55 -24.56
CA THR G 1117 5.67 -5.97 -24.48
C THR G 1117 5.72 -4.63 -25.20
N PHE G 1118 4.71 -3.78 -24.97
CA PHE G 1118 4.62 -2.49 -25.63
C PHE G 1118 4.93 -1.31 -24.72
N PHE G 1119 4.59 -1.40 -23.44
CA PHE G 1119 4.83 -0.28 -22.53
C PHE G 1119 6.31 -0.04 -22.33
N GLU G 1120 7.08 -1.11 -22.08
CA GLU G 1120 8.51 -0.97 -21.88
C GLU G 1120 9.20 -0.48 -23.14
N VAL G 1121 8.82 -1.03 -24.29
CA VAL G 1121 9.42 -0.61 -25.56
C VAL G 1121 9.10 0.86 -25.83
N LYS G 1122 7.86 1.28 -25.53
CA LYS G 1122 7.47 2.67 -25.75
C LYS G 1122 8.29 3.61 -24.87
N SER G 1123 8.43 3.29 -23.59
CA SER G 1123 9.19 4.17 -22.69
C SER G 1123 10.66 4.23 -23.08
N ILE G 1124 11.25 3.08 -23.41
CA ILE G 1124 12.65 3.04 -23.83
C ILE G 1124 12.85 3.86 -25.10
N SER G 1125 11.92 3.73 -26.05
CA SER G 1125 12.04 4.47 -27.30
C SER G 1125 11.93 5.97 -27.06
N ASN G 1126 11.03 6.40 -26.18
CA ASN G 1126 10.93 7.82 -25.87
C ASN G 1126 12.23 8.34 -25.26
N GLN G 1127 12.81 7.60 -24.32
CA GLN G 1127 14.05 8.05 -23.68
C GLN G 1127 15.19 8.11 -24.69
N VAL G 1128 15.31 7.09 -25.55
CA VAL G 1128 16.42 7.04 -26.49
C VAL G 1128 16.28 8.14 -27.54
N TRP G 1129 15.06 8.42 -28.00
CA TRP G 1129 14.86 9.51 -28.96
C TRP G 1129 15.20 10.86 -28.33
N LYS G 1130 14.77 11.08 -27.09
CA LYS G 1130 15.10 12.33 -26.43
C LYS G 1130 16.59 12.45 -26.16
N PHE G 1131 17.30 11.33 -26.04
CA PHE G 1131 18.75 11.38 -25.95
C PHE G 1131 19.38 11.73 -27.29
N GLN G 1132 18.94 11.10 -28.37
CA GLN G 1132 19.55 11.28 -29.68
C GLN G 1132 19.22 12.62 -30.32
N ARG G 1133 18.27 13.36 -29.76
CA ARG G 1133 18.04 14.73 -30.21
C ARG G 1133 19.32 15.56 -30.15
N TYR G 1134 20.16 15.32 -29.13
CA TYR G 1134 21.42 16.06 -29.02
C TYR G 1134 22.33 15.79 -30.19
N GLN G 1135 22.48 14.52 -30.57
CA GLN G 1135 23.33 14.18 -31.70
C GLN G 1135 22.78 14.76 -32.99
N LEU G 1136 21.47 14.75 -33.17
CA LEU G 1136 20.87 15.38 -34.34
C LEU G 1136 21.20 16.86 -34.41
N ILE G 1137 21.01 17.56 -33.30
CA ILE G 1137 21.25 19.00 -33.28
C ILE G 1137 22.71 19.32 -33.52
N MET G 1138 23.61 18.54 -32.92
CA MET G 1138 25.04 18.79 -33.11
C MET G 1138 25.47 18.52 -34.55
N THR G 1139 25.01 17.41 -35.14
CA THR G 1139 25.42 17.10 -36.50
C THR G 1139 24.79 18.05 -37.51
N PHE G 1140 23.69 18.71 -37.19
CA PHE G 1140 23.19 19.75 -38.09
C PHE G 1140 23.75 21.13 -37.78
N HIS G 1141 24.34 21.32 -36.60
CA HIS G 1141 25.09 22.55 -36.37
C HIS G 1141 26.44 22.51 -37.05
N GLU G 1142 27.07 21.33 -37.11
CA GLU G 1142 28.39 21.22 -37.72
C GLU G 1142 28.34 21.25 -39.24
N ARG G 1143 27.22 20.83 -39.84
CA ARG G 1143 27.18 20.63 -41.28
C ARG G 1143 27.25 21.94 -42.05
N PRO G 1144 27.72 21.91 -43.29
CA PRO G 1144 27.73 23.13 -44.12
C PRO G 1144 26.31 23.60 -44.42
N VAL G 1145 26.23 24.84 -44.89
CA VAL G 1145 24.93 25.46 -45.15
C VAL G 1145 24.33 25.00 -46.47
N LEU G 1146 25.14 24.48 -47.39
CA LEU G 1146 24.47 24.13 -48.64
C LEU G 1146 24.10 22.65 -48.68
N PRO G 1147 22.97 22.32 -49.28
CA PRO G 1147 22.54 20.93 -49.37
C PRO G 1147 23.44 20.13 -50.29
N PRO G 1148 23.40 18.80 -50.22
CA PRO G 1148 24.38 17.95 -50.94
C PRO G 1148 24.44 18.17 -52.45
N PRO G 1149 23.32 18.39 -53.16
CA PRO G 1149 23.46 18.55 -54.62
C PRO G 1149 24.36 19.71 -55.04
N LEU G 1150 24.41 20.77 -54.25
CA LEU G 1150 25.26 21.92 -54.54
C LEU G 1150 26.19 22.21 -53.37
N ILE G 1151 26.57 21.17 -52.61
CA ILE G 1151 27.51 21.32 -51.52
C ILE G 1151 28.95 21.37 -52.00
N ILE G 1152 29.19 21.08 -53.28
CA ILE G 1152 30.56 21.11 -53.81
C ILE G 1152 31.15 22.51 -53.74
N PHE G 1153 30.30 23.53 -53.75
CA PHE G 1153 30.79 24.90 -53.57
C PHE G 1153 31.37 25.11 -52.18
N SER G 1154 30.72 24.56 -51.15
CA SER G 1154 31.23 24.71 -49.79
C SER G 1154 32.51 23.93 -49.57
N HIS G 1155 32.66 22.79 -50.25
CA HIS G 1155 33.91 22.04 -50.14
C HIS G 1155 35.07 22.81 -50.77
N MET G 1156 34.82 23.49 -51.90
CA MET G 1156 35.85 24.31 -52.52
C MET G 1156 36.19 25.52 -51.65
N THR G 1157 35.23 26.04 -50.90
CA THR G 1157 35.51 27.11 -49.95
C THR G 1157 36.44 26.62 -48.84
N MET G 1158 36.23 25.39 -48.37
CA MET G 1158 37.11 24.82 -47.35
C MET G 1158 38.52 24.63 -47.87
N ILE G 1159 38.68 24.39 -49.18
CA ILE G 1159 40.00 24.29 -49.77
C ILE G 1159 40.74 25.62 -49.67
N PHE G 1160 40.05 26.73 -49.94
CA PHE G 1160 40.66 28.05 -49.84
C PHE G 1160 41.03 28.37 -48.40
N GLN G 1161 40.15 28.03 -47.45
CA GLN G 1161 40.44 28.26 -46.04
C GLN G 1161 41.49 27.31 -45.49
N HIS G 1162 41.81 26.23 -46.21
CA HIS G 1162 42.86 25.32 -45.75
C HIS G 1162 44.22 25.99 -45.78
N VAL G 1163 44.49 26.80 -46.82
CA VAL G 1163 45.76 27.52 -46.92
C VAL G 1163 45.72 28.88 -46.25
N CYS G 1164 44.59 29.25 -45.65
CA CYS G 1164 44.48 30.54 -44.96
C CYS G 1164 44.88 30.41 -43.49
N ARG G 1177 33.27 28.39 -31.12
CA ARG G 1177 31.86 28.15 -30.85
C ARG G 1177 31.29 29.16 -29.86
N ASP G 1178 30.87 30.32 -30.37
CA ASP G 1178 30.25 31.33 -29.51
C ASP G 1178 28.97 30.80 -28.89
N TYR G 1179 28.16 30.11 -29.67
CA TYR G 1179 27.03 29.36 -29.15
C TYR G 1179 26.77 28.18 -30.08
N GLY G 1180 26.01 27.21 -29.57
CA GLY G 1180 25.80 25.94 -30.24
C GLY G 1180 26.49 24.79 -29.52
N LEU G 1181 27.63 25.06 -28.89
CA LEU G 1181 28.24 24.13 -27.96
C LEU G 1181 28.35 24.70 -26.55
N LYS G 1182 28.95 25.88 -26.40
CA LYS G 1182 29.31 26.43 -25.10
C LYS G 1182 28.70 27.83 -24.95
N LEU G 1183 28.99 28.45 -23.81
CA LEU G 1183 28.49 29.80 -23.52
C LEU G 1183 29.48 30.44 -22.55
N PHE G 1184 30.36 31.28 -23.08
CA PHE G 1184 31.40 31.89 -22.27
C PHE G 1184 30.85 33.07 -21.47
N ILE G 1185 31.23 33.14 -20.19
CA ILE G 1185 30.74 34.18 -19.30
C ILE G 1185 31.92 34.77 -18.54
N THR G 1186 31.69 35.95 -17.97
CA THR G 1186 32.72 36.69 -17.25
C THR G 1186 32.90 36.11 -15.85
N ASP G 1187 33.72 36.77 -15.03
CA ASP G 1187 33.99 36.28 -13.69
C ASP G 1187 32.84 36.56 -12.73
N ASP G 1188 32.17 37.71 -12.88
CA ASP G 1188 31.03 38.01 -12.02
C ASP G 1188 29.87 37.06 -12.29
N GLU G 1189 29.59 36.77 -13.56
CA GLU G 1189 28.57 35.79 -13.89
C GLU G 1189 28.96 34.40 -13.41
N LEU G 1190 30.25 34.06 -13.48
CA LEU G 1190 30.71 32.78 -12.97
C LEU G 1190 30.48 32.67 -11.47
N LYS G 1191 30.78 33.74 -10.73
CA LYS G 1191 30.55 33.72 -9.29
C LYS G 1191 29.07 33.63 -8.97
N LYS G 1192 28.23 34.33 -9.75
CA LYS G 1192 26.79 34.23 -9.54
C LYS G 1192 26.29 32.81 -9.78
N VAL G 1193 26.78 32.16 -10.83
CA VAL G 1193 26.40 30.78 -11.12
C VAL G 1193 26.85 29.86 -9.99
N HIS G 1194 28.07 30.06 -9.49
CA HIS G 1194 28.56 29.24 -8.39
C HIS G 1194 27.71 29.40 -7.13
N ASP G 1195 27.33 30.64 -6.81
CA ASP G 1195 26.49 30.87 -5.64
C ASP G 1195 25.12 30.24 -5.82
N PHE G 1196 24.55 30.34 -7.03
CA PHE G 1196 23.27 29.71 -7.30
C PHE G 1196 23.34 28.21 -7.14
N GLU G 1197 24.41 27.59 -7.63
CA GLU G 1197 24.56 26.14 -7.52
C GLU G 1197 24.73 25.71 -6.07
N GLU G 1198 25.50 26.47 -5.28
CA GLU G 1198 25.66 26.15 -3.87
C GLU G 1198 24.34 26.26 -3.12
N GLN G 1199 23.56 27.30 -3.41
CA GLN G 1199 22.24 27.42 -2.80
C GLN G 1199 21.35 26.25 -3.17
N CYS G 1200 21.38 25.84 -4.44
CA CYS G 1200 20.55 24.72 -4.89
C CYS G 1200 20.94 23.42 -4.20
N ILE G 1201 22.24 23.15 -4.07
CA ILE G 1201 22.65 21.88 -3.47
C ILE G 1201 22.35 21.88 -1.97
N GLU G 1202 22.52 23.02 -1.29
CA GLU G 1202 22.14 23.08 0.11
C GLU G 1202 20.65 22.87 0.30
N GLU G 1203 19.83 23.49 -0.56
CA GLU G 1203 18.39 23.29 -0.48
C GLU G 1203 18.01 21.84 -0.75
N TYR G 1204 18.71 21.20 -1.69
CA TYR G 1204 18.44 19.79 -2.01
C TYR G 1204 18.70 18.90 -0.80
N PHE G 1205 19.86 19.08 -0.15
CA PHE G 1205 20.17 18.25 1.01
C PHE G 1205 19.21 18.52 2.16
N ARG G 1206 18.86 19.79 2.39
CA ARG G 1206 17.94 20.13 3.46
C ARG G 1206 16.56 19.53 3.23
N GLU G 1207 16.05 19.62 2.01
CA GLU G 1207 14.75 19.06 1.68
C GLU G 1207 14.77 17.54 1.80
N LYS G 1208 15.86 16.89 1.36
CA LYS G 1208 15.97 15.45 1.49
C LYS G 1208 15.95 15.01 2.96
N ASP G 1209 16.69 15.72 3.81
CA ASP G 1209 16.70 15.38 5.24
C ASP G 1209 15.32 15.61 5.86
N ASP G 1210 14.64 16.69 5.47
CA ASP G 1210 13.31 16.95 5.99
C ASP G 1210 12.31 15.88 5.55
N ARG G 1211 12.42 15.41 4.31
CA ARG G 1211 11.56 14.30 3.87
C ARG G 1211 11.86 13.03 4.65
N PHE G 1212 13.13 12.75 4.90
CA PHE G 1212 13.48 11.52 5.61
C PHE G 1212 13.00 11.56 7.06
N ASN G 1213 13.13 12.71 7.73
CA ASN G 1213 12.78 12.78 9.14
C ASN G 1213 11.28 12.67 9.39
N SER G 1214 10.44 13.02 8.42
CA SER G 1214 9.00 13.04 8.61
C SER G 1214 8.30 11.84 8.00
N SER G 1215 9.04 10.83 7.57
CA SER G 1215 8.42 9.61 7.07
C SER G 1215 7.80 8.83 8.22
N ASN G 1216 6.84 7.97 7.88
CA ASN G 1216 6.16 7.19 8.90
C ASN G 1216 7.09 6.16 9.54
N ASP G 1217 7.98 5.57 8.74
CA ASP G 1217 8.89 4.55 9.28
C ASP G 1217 9.83 5.15 10.32
N GLU G 1218 10.40 6.32 10.02
CA GLU G 1218 11.31 6.96 10.96
C GLU G 1218 10.58 7.40 12.23
N ARG G 1219 9.36 7.93 12.07
CA ARG G 1219 8.58 8.32 13.24
C ARG G 1219 8.26 7.12 14.11
N ILE G 1220 7.89 5.99 13.50
CA ILE G 1220 7.59 4.78 14.26
C ILE G 1220 8.84 4.29 14.99
N ARG G 1221 9.99 4.29 14.31
CA ARG G 1221 11.22 3.81 14.93
C ARG G 1221 11.61 4.67 16.12
N VAL G 1222 11.59 5.99 15.94
CA VAL G 1222 11.96 6.91 17.01
C VAL G 1222 10.99 6.80 18.18
N THR G 1223 9.69 6.69 17.88
CA THR G 1223 8.69 6.55 18.93
C THR G 1223 8.90 5.26 19.71
N SER G 1224 9.21 4.16 19.01
CA SER G 1224 9.44 2.89 19.70
C SER G 1224 10.65 2.97 20.61
N GLU G 1225 11.76 3.56 20.13
CA GLU G 1225 12.95 3.67 20.96
C GLU G 1225 12.70 4.54 22.19
N ARG G 1226 12.02 5.68 21.99
CA ARG G 1226 11.75 6.56 23.12
C ARG G 1226 10.78 5.93 24.11
N VAL G 1227 9.82 5.14 23.62
CA VAL G 1227 8.91 4.44 24.51
C VAL G 1227 9.65 3.40 25.33
N GLU G 1228 10.59 2.68 24.70
CA GLU G 1228 11.37 1.69 25.43
C GLU G 1228 12.20 2.35 26.52
N ASN G 1229 12.87 3.45 26.19
CA ASN G 1229 13.68 4.15 27.19
C ASN G 1229 12.82 4.73 28.30
N MET G 1230 11.65 5.27 27.95
CA MET G 1230 10.74 5.81 28.95
C MET G 1230 10.22 4.72 29.87
N SER G 1231 9.93 3.55 29.32
CA SER G 1231 9.49 2.43 30.15
C SER G 1231 10.57 2.00 31.12
N MET G 1232 11.82 1.92 30.64
CA MET G 1232 12.93 1.59 31.54
C MET G 1232 13.06 2.63 32.66
N ARG G 1233 12.99 3.92 32.31
CA ARG G 1233 13.14 4.96 33.30
C ARG G 1233 12.00 4.94 34.31
N LEU G 1234 10.77 4.72 33.86
CA LEU G 1234 9.63 4.70 34.77
C LEU G 1234 9.68 3.48 35.67
N GLU G 1235 10.15 2.33 35.15
CA GLU G 1235 10.33 1.17 35.99
C GLU G 1235 11.39 1.42 37.06
N GLU G 1236 12.47 2.11 36.69
CA GLU G 1236 13.48 2.47 37.68
C GLU G 1236 12.91 3.41 38.74
N VAL G 1237 12.09 4.37 38.32
CA VAL G 1237 11.49 5.32 39.27
C VAL G 1237 10.54 4.58 40.22
N ASN G 1238 9.71 3.69 39.68
CA ASN G 1238 8.77 2.95 40.52
C ASN G 1238 9.49 2.01 41.49
N GLU G 1239 10.58 1.39 41.03
CA GLU G 1239 11.36 0.53 41.92
C GLU G 1239 12.03 1.32 43.02
N ARG G 1240 12.38 2.58 42.76
CA ARG G 1240 13.11 3.43 43.71
C ARG G 1240 12.07 4.29 44.44
N GLU G 1241 11.59 3.79 45.57
CA GLU G 1241 10.66 4.51 46.41
C GLU G 1241 11.14 4.48 47.85
N HIS G 1242 11.03 5.62 48.54
CA HIS G 1242 11.46 5.75 49.92
C HIS G 1242 10.32 5.64 50.91
N SER G 1243 9.11 5.33 50.46
CA SER G 1243 7.95 5.25 51.34
C SER G 1243 7.23 3.92 51.18
N UNK H 1 55.01 -29.46 12.80
CA UNK H 1 54.84 -28.04 12.54
C UNK H 1 55.69 -27.19 13.48
N UNK H 2 55.36 -25.91 13.60
CA UNK H 2 56.09 -25.00 14.46
C UNK H 2 55.54 -25.04 15.89
N UNK H 3 54.46 -25.79 16.08
CA UNK H 3 53.82 -25.90 17.39
C UNK H 3 54.67 -26.73 18.34
N UNK H 4 55.59 -27.51 17.80
CA UNK H 4 56.51 -28.29 18.61
C UNK H 4 57.74 -27.44 18.93
N UNK H 5 57.51 -26.32 19.63
CA UNK H 5 58.57 -25.39 19.99
C UNK H 5 58.52 -25.04 21.46
N UNK H 6 57.75 -25.80 22.24
CA UNK H 6 57.65 -25.59 23.68
C UNK H 6 57.83 -26.90 24.43
N UNK H 7 57.30 -26.96 25.65
CA UNK H 7 57.43 -28.16 26.48
C UNK H 7 56.24 -28.33 27.41
N UNK H 8 56.30 -29.37 28.24
CA UNK H 8 55.25 -29.63 29.23
C UNK H 8 55.88 -29.88 30.60
N UNK H 9 55.12 -30.49 31.50
CA UNK H 9 55.62 -30.78 32.84
C UNK H 9 54.89 -31.96 33.47
N UNK H 10 55.63 -33.05 33.70
CA UNK H 10 55.07 -34.24 34.33
C UNK H 10 55.77 -34.53 35.66
N UNK H 11 54.99 -34.93 36.66
CA UNK H 11 55.55 -35.23 37.98
C UNK H 11 56.36 -36.52 37.97
N UNK H 12 57.67 -36.39 38.14
CA UNK H 12 58.56 -37.55 38.15
C UNK H 12 58.54 -38.23 39.52
N UNK H 13 59.70 -38.30 40.15
CA UNK H 13 59.83 -38.93 41.47
C UNK H 13 59.14 -38.11 42.54
N UNK H 14 57.89 -38.46 42.84
CA UNK H 14 57.11 -37.73 43.84
C UNK H 14 56.65 -38.64 44.96
N UNK H 15 56.56 -38.08 46.17
CA UNK H 15 56.11 -38.83 47.34
C UNK H 15 55.49 -37.89 48.36
N UNK H 16 54.20 -38.06 48.62
CA UNK H 16 53.49 -37.19 49.55
C UNK H 16 52.36 -37.93 50.26
N UNK H 17 51.45 -37.16 50.85
CA UNK H 17 50.29 -37.68 51.57
C UNK H 17 50.69 -38.66 52.68
#